data_7V1X
#
_entry.id   7V1X
#
_cell.length_a   98.439
_cell.length_b   156.304
_cell.length_c   100.744
_cell.angle_alpha   90.000
_cell.angle_beta   110.090
_cell.angle_gamma   90.000
#
_symmetry.space_group_name_H-M   'P 1 21 1'
#
loop_
_entity.id
_entity.type
_entity.pdbx_description
1 polymer 'Difructose dianhydride I synthase/hydrolase'
2 non-polymer 'CALCIUM ION'
3 non-polymer beta-D-fructofuranose
4 water water
#
_entity_poly.entity_id   1
_entity_poly.type   'polypeptide(L)'
_entity_poly.pdbx_seq_one_letter_code
;MSEITGLFKDLTKVKHARNGRLASWDQRGKNQDYWEIPAGESITLGEIEGPGCITHMWMTSSCRKVVAPSILDPELNASA
APVMEIHPALGVIWDAYDPFYYRKALIKITWDDQDTPSVLVPFGDFFCIGNSYPGNFSSLPFNVSLKPEEAGKFGAPCSV
SCYFPMPFNKKAKIEIVNDNELPFILYFNIDYEMYGEPLPEDTAYFHAAWHRENPCNGWGPELQVNSPEVNNVTNFKGEN
NYTVLDVEGTGHYVGCNLTVKHFQGSWWGEGNDMFFIDGEEYPSLNGTGTEDYFNHAWGMQRNAYPFFGTIVHEGDTDGF
QVSYRWHITDPVRFEKHLKVTIEHGHANQLSDDWSSTAYWYQILPTASRITIAPVEDRLPVVPQLPERKLVLPQLTEEQQ
AARDTYQKRWKDYEPRRDTQFRIKEDKARRESKLNTEFAKKLRDAFDAEREQLEHHHHHH
;
_entity_poly.pdbx_strand_id   A,B,C,D,E,F
#
loop_
_chem_comp.id
_chem_comp.type
_chem_comp.name
_chem_comp.formula
CA non-polymer 'CALCIUM ION' 'Ca 2'
FRU D-saccharide, beta linking beta-D-fructofuranose 'C6 H12 O6'
#
# COMPACT_ATOMS: atom_id res chain seq x y z
N GLU A 3 -41.94 3.30 -22.59
CA GLU A 3 -41.03 3.98 -23.61
C GLU A 3 -39.65 4.36 -23.01
N ILE A 4 -39.57 4.72 -21.73
CA ILE A 4 -38.24 4.81 -21.03
C ILE A 4 -37.76 3.37 -20.89
N THR A 5 -36.50 3.07 -21.21
CA THR A 5 -35.92 1.68 -21.13
C THR A 5 -34.72 1.63 -20.16
N GLY A 6 -34.30 0.41 -19.83
CA GLY A 6 -33.09 0.18 -19.02
C GLY A 6 -33.38 0.05 -17.54
N LEU A 7 -32.36 -0.32 -16.79
CA LEU A 7 -32.54 -0.76 -15.37
C LEU A 7 -33.05 0.36 -14.47
N PHE A 8 -33.00 1.65 -14.86
CA PHE A 8 -33.55 2.76 -14.05
C PHE A 8 -35.01 3.11 -14.41
N LYS A 9 -35.63 2.41 -15.37
CA LYS A 9 -36.88 2.92 -15.98
C LYS A 9 -37.99 3.04 -14.94
N ASP A 10 -38.05 2.15 -13.96
CA ASP A 10 -39.17 2.15 -12.98
C ASP A 10 -39.11 3.41 -12.10
N LEU A 11 -37.99 4.14 -12.03
CA LEU A 11 -37.94 5.42 -11.27
C LEU A 11 -38.82 6.48 -11.95
N THR A 12 -39.22 6.29 -13.21
CA THR A 12 -39.97 7.30 -13.99
C THR A 12 -41.49 7.05 -13.97
N LYS A 13 -41.98 6.09 -13.19
CA LYS A 13 -43.45 5.93 -13.06
C LYS A 13 -43.76 5.78 -11.59
N VAL A 14 -44.86 6.38 -11.16
CA VAL A 14 -45.28 6.35 -9.74
C VAL A 14 -46.04 5.04 -9.51
N LYS A 15 -45.96 4.56 -8.28
CA LYS A 15 -46.68 3.36 -7.83
C LYS A 15 -47.46 3.72 -6.58
N HIS A 16 -48.73 3.36 -6.55
CA HIS A 16 -49.60 3.61 -5.36
C HIS A 16 -49.34 2.51 -4.33
N ALA A 17 -48.16 2.53 -3.72
CA ALA A 17 -47.72 1.58 -2.68
C ALA A 17 -47.20 2.38 -1.49
N ARG A 18 -47.35 1.83 -0.32
CA ARG A 18 -47.08 2.52 0.94
C ARG A 18 -45.84 1.86 1.55
N ASN A 19 -44.84 2.67 1.84
CA ASN A 19 -43.65 2.23 2.58
C ASN A 19 -43.97 1.89 4.05
N GLY A 20 -43.29 0.87 4.53
CA GLY A 20 -43.21 0.51 5.93
C GLY A 20 -41.78 0.15 6.29
N ARG A 21 -41.44 0.16 7.56
CA ARG A 21 -40.11 -0.29 8.00
C ARG A 21 -40.23 -0.98 9.36
N LEU A 22 -39.66 -2.18 9.47
CA LEU A 22 -39.39 -2.77 10.79
C LEU A 22 -38.00 -2.34 11.20
N ALA A 23 -37.86 -1.75 12.37
CA ALA A 23 -36.52 -1.36 12.85
C ALA A 23 -36.39 -1.60 14.35
N SER A 24 -35.13 -1.59 14.80
CA SER A 24 -34.78 -1.71 16.23
C SER A 24 -34.82 -0.33 16.87
N TRP A 25 -35.52 0.64 16.26
CA TRP A 25 -35.56 2.02 16.77
C TRP A 25 -36.06 2.04 18.22
N ASP A 26 -35.49 2.94 19.00
CA ASP A 26 -35.72 3.02 20.46
C ASP A 26 -37.12 3.59 20.69
N GLN A 27 -38.07 2.76 21.11
CA GLN A 27 -39.48 3.19 21.20
C GLN A 27 -39.69 3.92 22.52
N ARG A 28 -38.63 4.15 23.28
CA ARG A 28 -38.63 5.11 24.40
C ARG A 28 -38.31 6.51 23.83
N GLY A 29 -37.87 6.60 22.58
CA GLY A 29 -37.46 7.86 21.92
C GLY A 29 -36.03 8.21 22.26
N LYS A 30 -35.27 7.29 22.87
CA LYS A 30 -33.93 7.58 23.38
C LYS A 30 -32.93 7.03 22.33
N ASN A 31 -31.70 6.78 22.72
CA ASN A 31 -30.62 6.43 21.76
C ASN A 31 -30.14 4.99 21.94
N GLN A 32 -31.00 4.07 22.36
CA GLN A 32 -30.72 2.62 22.28
C GLN A 32 -31.51 2.04 21.14
N ASP A 33 -31.14 2.37 19.89
CA ASP A 33 -31.88 2.00 18.66
C ASP A 33 -31.49 0.57 18.22
N TYR A 34 -31.31 -0.33 19.18
CA TYR A 34 -30.90 -1.73 18.97
C TYR A 34 -31.71 -2.58 19.95
N TRP A 35 -31.78 -3.87 19.65
CA TRP A 35 -32.39 -4.89 20.52
C TRP A 35 -31.30 -5.75 21.10
N GLU A 36 -31.34 -5.96 22.40
CA GLU A 36 -30.53 -7.01 23.06
C GLU A 36 -31.33 -8.29 22.88
N ILE A 37 -30.90 -9.09 21.90
CA ILE A 37 -31.55 -10.39 21.57
C ILE A 37 -31.20 -11.34 22.69
N PRO A 38 -32.18 -11.87 23.45
CA PRO A 38 -31.86 -12.73 24.60
C PRO A 38 -31.20 -14.07 24.22
N ALA A 39 -30.38 -14.62 25.12
CA ALA A 39 -29.79 -15.98 24.97
C ALA A 39 -30.90 -17.04 24.88
N GLY A 40 -30.77 -17.98 23.96
CA GLY A 40 -31.57 -19.21 23.97
C GLY A 40 -33.02 -18.90 23.70
N GLU A 41 -33.29 -17.85 22.95
CA GLU A 41 -34.67 -17.39 22.64
C GLU A 41 -34.78 -17.10 21.17
N SER A 42 -36.01 -17.17 20.67
CA SER A 42 -36.39 -16.57 19.38
C SER A 42 -37.06 -15.24 19.67
N ILE A 43 -36.90 -14.29 18.77
CA ILE A 43 -37.59 -12.97 18.87
C ILE A 43 -38.05 -12.58 17.47
N THR A 44 -39.28 -12.08 17.38
CA THR A 44 -39.85 -11.60 16.10
C THR A 44 -39.42 -10.16 15.81
N LEU A 45 -38.64 -9.93 14.75
CA LEU A 45 -38.33 -8.55 14.30
C LEU A 45 -39.62 -7.85 13.87
N GLY A 46 -40.53 -8.57 13.19
CA GLY A 46 -41.86 -8.04 12.93
C GLY A 46 -42.64 -9.03 12.12
N GLU A 47 -43.97 -8.89 12.17
CA GLU A 47 -44.90 -9.58 11.25
C GLU A 47 -45.64 -8.50 10.47
N ILE A 48 -45.65 -8.65 9.17
CA ILE A 48 -46.32 -7.71 8.23
C ILE A 48 -47.43 -8.45 7.49
N GLU A 49 -48.62 -7.85 7.39
CA GLU A 49 -49.71 -8.41 6.55
C GLU A 49 -49.48 -7.97 5.13
N GLY A 50 -49.52 -8.95 4.24
CA GLY A 50 -49.44 -8.75 2.79
C GLY A 50 -50.74 -8.13 2.30
N PRO A 51 -50.85 -7.83 0.99
CA PRO A 51 -49.74 -8.03 0.06
C PRO A 51 -48.64 -6.96 0.18
N GLY A 52 -47.41 -7.38 -0.04
CA GLY A 52 -46.29 -6.43 0.02
C GLY A 52 -45.01 -7.05 -0.48
N CYS A 53 -43.90 -6.36 -0.25
CA CYS A 53 -42.58 -6.84 -0.72
C CYS A 53 -41.48 -6.24 0.14
N ILE A 54 -40.61 -7.07 0.70
CA ILE A 54 -39.39 -6.54 1.40
C ILE A 54 -38.51 -6.02 0.28
N THR A 55 -37.94 -4.81 0.44
CA THR A 55 -37.11 -4.17 -0.60
C THR A 55 -35.65 -4.04 -0.12
N HIS A 56 -35.44 -4.03 1.18
CA HIS A 56 -34.10 -3.71 1.69
C HIS A 56 -34.00 -4.12 3.14
N MET A 57 -32.91 -4.78 3.46
CA MET A 57 -32.56 -5.02 4.87
C MET A 57 -31.16 -4.49 5.12
N TRP A 58 -30.98 -3.82 6.24
CA TRP A 58 -29.68 -3.42 6.79
C TRP A 58 -29.64 -3.96 8.20
N MET A 59 -28.52 -4.53 8.65
CA MET A 59 -28.35 -4.88 10.08
C MET A 59 -26.91 -4.62 10.48
N THR A 60 -26.70 -4.44 11.79
CA THR A 60 -25.38 -4.72 12.36
C THR A 60 -25.60 -5.34 13.72
N SER A 61 -24.54 -5.82 14.31
CA SER A 61 -24.62 -6.59 15.56
C SER A 61 -23.33 -6.54 16.35
N SER A 62 -23.42 -6.90 17.61
CA SER A 62 -22.26 -7.05 18.52
C SER A 62 -22.59 -8.15 19.52
N CYS A 63 -21.60 -8.95 19.89
CA CYS A 63 -21.80 -9.96 20.95
C CYS A 63 -20.52 -9.99 21.79
N ARG A 64 -20.57 -9.32 22.93
CA ARG A 64 -19.42 -9.26 23.86
C ARG A 64 -19.74 -10.15 25.07
N LYS A 65 -18.68 -10.72 25.63
CA LYS A 65 -18.74 -11.51 26.88
C LYS A 65 -18.01 -10.69 27.93
N VAL A 66 -18.64 -10.46 29.08
CA VAL A 66 -17.97 -9.76 30.19
C VAL A 66 -17.02 -10.77 30.83
N VAL A 67 -15.72 -10.48 30.88
CA VAL A 67 -14.72 -11.50 31.36
C VAL A 67 -13.89 -10.94 32.51
N ALA A 68 -14.01 -9.67 32.81
CA ALA A 68 -13.23 -9.02 33.90
C ALA A 68 -14.07 -7.92 34.53
N PRO A 69 -13.78 -7.55 35.81
CA PRO A 69 -14.45 -6.44 36.47
C PRO A 69 -14.04 -5.11 35.79
N SER A 70 -14.95 -4.14 35.72
CA SER A 70 -14.68 -2.82 35.10
C SER A 70 -14.68 -1.73 36.16
N ILE A 71 -13.88 -0.67 35.98
CA ILE A 71 -13.97 0.53 36.83
C ILE A 71 -14.95 1.51 36.22
N LEU A 72 -15.57 1.18 35.09
CA LEU A 72 -16.71 1.96 34.54
C LEU A 72 -17.93 1.59 35.35
N ASP A 73 -18.63 2.60 35.89
CA ASP A 73 -19.94 2.37 36.52
C ASP A 73 -20.85 1.60 35.55
N PRO A 74 -21.28 0.37 35.87
CA PRO A 74 -22.07 -0.41 34.91
C PRO A 74 -23.49 0.08 34.58
N GLU A 75 -24.16 0.70 35.54
CA GLU A 75 -25.51 1.28 35.36
C GLU A 75 -25.40 2.49 34.42
N LEU A 76 -24.47 3.40 34.67
CA LEU A 76 -24.22 4.54 33.75
C LEU A 76 -23.75 4.00 32.40
N ASN A 77 -22.90 2.97 32.40
CA ASN A 77 -22.29 2.42 31.16
C ASN A 77 -23.42 1.93 30.24
N ALA A 78 -24.51 1.41 30.79
CA ALA A 78 -25.65 0.85 29.99
C ALA A 78 -26.25 1.93 29.09
N SER A 79 -26.08 3.21 29.47
CA SER A 79 -26.71 4.37 28.77
C SER A 79 -25.71 5.11 27.88
N ALA A 80 -24.42 4.76 27.95
CA ALA A 80 -23.38 5.31 27.07
C ALA A 80 -23.50 4.66 25.69
N ALA A 81 -22.39 4.61 24.97
CA ALA A 81 -22.37 3.90 23.69
C ALA A 81 -22.67 2.43 23.99
N PRO A 82 -23.22 1.69 23.01
CA PRO A 82 -23.65 0.33 23.23
C PRO A 82 -22.53 -0.72 23.38
N VAL A 83 -21.36 -0.43 22.80
CA VAL A 83 -20.22 -1.38 22.74
C VAL A 83 -18.96 -0.65 23.22
N MET A 84 -18.32 -1.21 24.24
CA MET A 84 -17.07 -0.64 24.81
C MET A 84 -15.88 -1.12 23.99
N GLU A 85 -15.55 -0.34 22.97
CA GLU A 85 -14.37 -0.54 22.06
C GLU A 85 -13.15 0.01 22.79
N ILE A 86 -12.76 -0.69 23.84
CA ILE A 86 -11.67 -0.27 24.76
C ILE A 86 -10.73 -1.46 24.87
N HIS A 87 -9.47 -1.24 24.53
CA HIS A 87 -8.47 -2.33 24.52
C HIS A 87 -8.25 -2.85 25.95
N PRO A 88 -8.25 -4.19 26.16
CA PRO A 88 -8.04 -4.77 27.48
C PRO A 88 -6.72 -4.35 28.15
N ALA A 89 -5.75 -3.87 27.38
CA ALA A 89 -4.43 -3.43 27.93
C ALA A 89 -4.60 -2.20 28.82
N LEU A 90 -5.73 -1.52 28.77
CA LEU A 90 -5.91 -0.29 29.56
C LEU A 90 -6.27 -0.65 31.01
N GLY A 91 -6.74 -1.88 31.29
CA GLY A 91 -6.96 -2.36 32.67
C GLY A 91 -8.28 -1.90 33.28
N VAL A 92 -9.19 -1.35 32.48
CA VAL A 92 -10.39 -0.64 33.01
C VAL A 92 -11.67 -1.39 32.70
N ILE A 93 -11.64 -2.30 31.75
CA ILE A 93 -12.85 -3.01 31.29
C ILE A 93 -12.40 -4.17 30.39
N TRP A 94 -13.17 -5.25 30.33
CA TRP A 94 -12.91 -6.33 29.35
C TRP A 94 -14.22 -6.98 28.93
N ASP A 95 -14.75 -6.49 27.81
CA ASP A 95 -15.89 -7.09 27.11
C ASP A 95 -15.27 -7.83 25.90
N ALA A 96 -15.05 -9.13 26.02
CA ALA A 96 -14.35 -9.93 24.99
C ALA A 96 -15.33 -10.18 23.84
N TYR A 97 -14.81 -10.40 22.65
CA TYR A 97 -15.61 -10.74 21.45
C TYR A 97 -16.04 -12.19 21.52
N ASP A 98 -17.31 -12.44 21.24
CA ASP A 98 -17.80 -13.84 21.14
C ASP A 98 -17.57 -14.27 19.71
N PRO A 99 -16.74 -15.30 19.46
CA PRO A 99 -16.25 -15.50 18.09
C PRO A 99 -17.29 -16.05 17.11
N PHE A 100 -18.24 -16.86 17.57
CA PHE A 100 -19.08 -17.70 16.66
C PHE A 100 -20.54 -17.27 16.72
N TYR A 101 -20.87 -16.10 17.25
CA TYR A 101 -22.29 -15.69 17.42
C TYR A 101 -23.02 -15.64 16.08
N TYR A 102 -22.31 -15.36 14.99
CA TYR A 102 -22.89 -15.34 13.62
C TYR A 102 -23.44 -16.72 13.21
N ARG A 103 -22.88 -17.81 13.72
CA ARG A 103 -23.34 -19.19 13.44
C ARG A 103 -24.31 -19.70 14.53
N LYS A 104 -24.25 -19.13 15.75
CA LYS A 104 -25.15 -19.47 16.86
C LYS A 104 -26.55 -18.89 16.67
N ALA A 105 -26.74 -17.81 15.92
CA ALA A 105 -28.04 -17.13 15.69
C ALA A 105 -28.44 -17.43 14.26
N LEU A 106 -29.73 -17.62 14.04
CA LEU A 106 -30.35 -17.86 12.74
C LEU A 106 -31.25 -16.70 12.42
N ILE A 107 -31.40 -16.43 11.14
CA ILE A 107 -32.50 -15.57 10.62
C ILE A 107 -33.52 -16.53 10.03
N LYS A 108 -34.78 -16.30 10.38
CA LYS A 108 -35.87 -17.22 10.04
C LYS A 108 -37.00 -16.38 9.43
N ILE A 109 -37.41 -16.68 8.19
CA ILE A 109 -38.51 -15.89 7.55
C ILE A 109 -39.56 -16.89 7.08
N THR A 110 -40.80 -16.59 7.40
CA THR A 110 -41.96 -17.44 7.08
C THR A 110 -42.92 -16.59 6.27
N TRP A 111 -43.38 -17.09 5.14
CA TRP A 111 -44.32 -16.37 4.27
C TRP A 111 -45.72 -16.98 4.41
N ASP A 112 -46.75 -16.14 4.33
CA ASP A 112 -48.18 -16.54 4.19
C ASP A 112 -48.59 -17.60 5.22
N ASP A 113 -48.03 -17.56 6.42
CA ASP A 113 -48.40 -18.48 7.54
C ASP A 113 -48.23 -19.93 7.09
N GLN A 114 -47.22 -20.24 6.26
CA GLN A 114 -46.87 -21.63 5.93
C GLN A 114 -46.35 -22.36 7.16
N ASP A 115 -46.46 -23.68 7.13
CA ASP A 115 -46.03 -24.56 8.25
C ASP A 115 -44.52 -24.84 8.15
N THR A 116 -43.79 -24.06 7.35
CA THR A 116 -42.30 -24.06 7.35
C THR A 116 -41.83 -22.63 7.12
N PRO A 117 -40.68 -22.23 7.70
CA PRO A 117 -40.01 -21.02 7.19
C PRO A 117 -39.55 -21.27 5.74
N SER A 118 -39.40 -20.20 4.97
CA SER A 118 -38.82 -20.23 3.61
C SER A 118 -37.37 -19.77 3.67
N VAL A 119 -36.96 -19.15 4.78
CA VAL A 119 -35.53 -18.78 5.00
C VAL A 119 -35.18 -19.30 6.38
N LEU A 120 -34.15 -20.13 6.49
CA LEU A 120 -33.64 -20.55 7.81
C LEU A 120 -32.14 -20.74 7.64
N VAL A 121 -31.38 -19.70 8.02
CA VAL A 121 -29.95 -19.62 7.68
C VAL A 121 -29.26 -19.02 8.89
N PRO A 122 -28.05 -19.44 9.25
CA PRO A 122 -27.33 -18.72 10.31
C PRO A 122 -27.31 -17.24 9.90
N PHE A 123 -27.39 -16.40 10.91
CA PHE A 123 -27.45 -14.93 10.79
C PHE A 123 -26.31 -14.43 9.89
N GLY A 124 -25.08 -14.84 10.19
CA GLY A 124 -23.91 -14.41 9.40
C GLY A 124 -24.03 -14.89 7.96
N ASP A 125 -24.24 -16.19 7.77
CA ASP A 125 -24.17 -16.81 6.41
C ASP A 125 -25.23 -16.17 5.51
N PHE A 126 -26.39 -15.86 6.05
CA PHE A 126 -27.48 -15.31 5.23
C PHE A 126 -26.99 -14.00 4.57
N PHE A 127 -26.26 -13.23 5.35
CA PHE A 127 -25.68 -11.92 4.95
C PHE A 127 -24.24 -12.08 4.43
N CYS A 128 -23.88 -13.28 3.96
CA CYS A 128 -22.58 -13.49 3.28
C CYS A 128 -21.41 -13.23 4.23
N ILE A 129 -21.59 -13.59 5.49
CA ILE A 129 -20.48 -13.77 6.46
C ILE A 129 -20.40 -15.29 6.62
N GLY A 130 -19.35 -15.88 6.05
CA GLY A 130 -19.10 -17.32 6.22
C GLY A 130 -18.21 -17.56 7.39
N ASN A 131 -18.37 -18.72 8.02
CA ASN A 131 -17.42 -19.17 9.06
C ASN A 131 -17.40 -18.19 10.23
N SER A 132 -18.49 -17.45 10.49
CA SER A 132 -18.53 -16.41 11.55
C SER A 132 -17.32 -15.47 11.45
N TYR A 133 -16.85 -15.19 10.23
CA TYR A 133 -15.58 -14.46 9.98
C TYR A 133 -15.80 -13.47 8.85
N PRO A 134 -16.33 -12.25 9.15
CA PRO A 134 -16.62 -11.28 8.10
C PRO A 134 -15.41 -10.95 7.20
N GLY A 135 -15.75 -10.69 5.96
CA GLY A 135 -14.89 -10.02 4.98
C GLY A 135 -15.61 -8.85 4.34
N ASN A 136 -14.88 -7.79 4.05
CA ASN A 136 -15.41 -6.55 3.42
C ASN A 136 -15.71 -6.85 1.96
N PHE A 137 -16.91 -6.62 1.46
CA PHE A 137 -17.14 -6.75 0.00
C PHE A 137 -18.44 -6.11 -0.42
N SER A 138 -18.56 -5.90 -1.73
CA SER A 138 -19.83 -5.44 -2.33
C SER A 138 -20.18 -6.36 -3.46
N SER A 139 -21.46 -6.61 -3.61
CA SER A 139 -22.02 -7.28 -4.81
C SER A 139 -23.35 -6.59 -5.08
N LEU A 140 -24.06 -6.96 -6.11
CA LEU A 140 -25.31 -6.23 -6.43
C LEU A 140 -26.35 -6.49 -5.33
N PRO A 141 -26.65 -7.74 -4.87
CA PRO A 141 -27.69 -7.93 -3.87
C PRO A 141 -27.27 -7.91 -2.40
N PHE A 142 -26.00 -8.15 -2.10
CA PHE A 142 -25.48 -8.21 -0.72
C PHE A 142 -24.18 -7.44 -0.61
N ASN A 143 -24.00 -6.82 0.54
CA ASN A 143 -22.78 -6.03 0.85
C ASN A 143 -22.46 -6.19 2.33
N VAL A 144 -21.15 -6.18 2.60
CA VAL A 144 -20.63 -6.09 3.97
C VAL A 144 -19.66 -4.91 4.02
N SER A 145 -19.89 -4.02 4.98
CA SER A 145 -18.95 -2.92 5.26
C SER A 145 -18.25 -3.21 6.58
N LEU A 146 -16.99 -3.62 6.50
CA LEU A 146 -16.19 -4.06 7.64
C LEU A 146 -15.00 -3.09 7.80
N LYS A 147 -14.85 -2.53 8.98
CA LYS A 147 -13.69 -1.67 9.31
C LYS A 147 -12.43 -2.50 9.29
N PRO A 148 -11.33 -2.00 8.70
CA PRO A 148 -10.06 -2.72 8.77
C PRO A 148 -9.56 -2.98 10.20
N GLU A 149 -9.90 -2.13 11.15
CA GLU A 149 -9.54 -2.24 12.60
C GLU A 149 -10.17 -3.52 13.18
N GLU A 150 -11.34 -3.92 12.68
CA GLU A 150 -12.13 -5.09 13.17
C GLU A 150 -11.86 -6.34 12.33
N ALA A 151 -11.33 -6.19 11.10
CA ALA A 151 -11.23 -7.28 10.11
C ALA A 151 -10.19 -8.32 10.54
N GLY A 152 -10.29 -9.52 10.02
CA GLY A 152 -9.27 -10.56 10.29
C GLY A 152 -9.57 -11.28 11.59
N LYS A 153 -10.80 -11.22 12.11
CA LYS A 153 -11.10 -11.99 13.34
C LYS A 153 -12.52 -12.56 13.33
N PHE A 154 -12.70 -13.64 14.07
CA PHE A 154 -14.04 -14.26 14.21
C PHE A 154 -14.94 -13.28 14.94
N GLY A 155 -16.16 -13.16 14.46
CA GLY A 155 -17.23 -12.40 15.16
C GLY A 155 -17.04 -10.88 15.08
N ALA A 156 -16.22 -10.39 14.16
CA ALA A 156 -16.00 -8.94 13.93
C ALA A 156 -17.35 -8.30 13.63
N PRO A 157 -17.61 -7.12 14.21
CA PRO A 157 -18.79 -6.35 13.87
C PRO A 157 -18.64 -5.77 12.45
N CYS A 158 -19.75 -5.68 11.74
CA CYS A 158 -19.80 -5.10 10.39
C CYS A 158 -21.24 -4.78 9.99
N SER A 159 -21.43 -3.98 8.94
CA SER A 159 -22.78 -3.64 8.44
C SER A 159 -23.09 -4.64 7.34
N VAL A 160 -24.29 -5.18 7.35
CA VAL A 160 -24.78 -6.10 6.30
C VAL A 160 -26.00 -5.46 5.62
N SER A 161 -26.15 -5.72 4.34
CA SER A 161 -27.30 -5.20 3.57
C SER A 161 -27.67 -6.23 2.50
N CYS A 162 -28.97 -6.39 2.33
CA CYS A 162 -29.63 -7.28 1.35
C CYS A 162 -30.63 -6.49 0.52
N TYR A 163 -30.56 -6.59 -0.80
CA TYR A 163 -31.46 -5.93 -1.77
C TYR A 163 -32.25 -6.99 -2.56
N PHE A 164 -32.12 -8.28 -2.27
CA PHE A 164 -33.02 -9.27 -2.95
C PHE A 164 -34.46 -8.93 -2.53
N PRO A 165 -35.39 -8.79 -3.50
CA PRO A 165 -36.78 -8.49 -3.17
C PRO A 165 -37.46 -9.74 -2.61
N MET A 166 -38.35 -9.57 -1.64
CA MET A 166 -39.04 -10.72 -1.02
C MET A 166 -40.55 -10.41 -1.03
N PRO A 167 -41.26 -10.83 -2.08
CA PRO A 167 -42.68 -10.53 -2.15
C PRO A 167 -43.48 -11.49 -1.26
N PHE A 168 -44.68 -11.07 -0.86
CA PHE A 168 -45.59 -11.90 -0.03
C PHE A 168 -47.02 -11.41 -0.22
N ASN A 169 -47.91 -12.34 -0.55
CA ASN A 169 -49.33 -11.95 -0.76
C ASN A 169 -50.04 -11.84 0.57
N LYS A 170 -49.69 -12.63 1.57
CA LYS A 170 -50.53 -12.65 2.79
C LYS A 170 -49.77 -12.27 4.04
N LYS A 171 -48.53 -12.75 4.22
CA LYS A 171 -47.84 -12.49 5.51
C LYS A 171 -46.32 -12.66 5.35
N ALA A 172 -45.59 -11.89 6.13
CA ALA A 172 -44.13 -11.98 6.32
C ALA A 172 -43.92 -12.03 7.82
N LYS A 173 -43.18 -13.02 8.30
CA LYS A 173 -42.76 -13.07 9.71
C LYS A 173 -41.25 -13.23 9.71
N ILE A 174 -40.54 -12.27 10.28
CA ILE A 174 -39.07 -12.29 10.33
C ILE A 174 -38.63 -12.44 11.76
N GLU A 175 -37.80 -13.43 12.05
CA GLU A 175 -37.36 -13.79 13.42
C GLU A 175 -35.86 -13.93 13.45
N ILE A 176 -35.28 -13.68 14.61
CA ILE A 176 -33.95 -14.19 14.96
C ILE A 176 -34.11 -15.34 15.97
N VAL A 177 -33.38 -16.43 15.72
CA VAL A 177 -33.34 -17.60 16.63
C VAL A 177 -31.97 -17.55 17.24
N ASN A 178 -31.88 -17.17 18.52
CA ASN A 178 -30.56 -17.04 19.17
C ASN A 178 -30.27 -18.34 19.95
N ASP A 179 -29.47 -19.22 19.37
CA ASP A 179 -29.05 -20.48 20.05
C ASP A 179 -27.80 -20.25 20.89
N ASN A 180 -27.31 -19.03 21.03
CA ASN A 180 -26.11 -18.71 21.83
C ASN A 180 -26.46 -18.74 23.32
N GLU A 181 -25.53 -19.12 24.21
CA GLU A 181 -25.64 -18.94 25.70
C GLU A 181 -25.61 -17.44 26.04
N LEU A 182 -25.17 -16.60 25.11
CA LEU A 182 -25.08 -15.14 25.30
C LEU A 182 -26.13 -14.42 24.47
N PRO A 183 -26.66 -13.30 25.03
CA PRO A 183 -27.44 -12.37 24.24
C PRO A 183 -26.51 -11.65 23.25
N PHE A 184 -27.09 -10.99 22.27
CA PHE A 184 -26.29 -10.12 21.38
C PHE A 184 -27.11 -8.89 20.98
N ILE A 185 -26.39 -7.80 20.69
CA ILE A 185 -26.96 -6.53 20.16
C ILE A 185 -27.31 -6.70 18.68
N LEU A 186 -28.53 -6.37 18.29
CA LEU A 186 -28.91 -6.33 16.88
C LEU A 186 -29.54 -4.99 16.57
N TYR A 187 -28.96 -4.31 15.61
CA TYR A 187 -29.57 -3.13 14.94
C TYR A 187 -30.14 -3.67 13.64
N PHE A 188 -31.31 -3.20 13.25
CA PHE A 188 -31.88 -3.56 11.94
C PHE A 188 -32.81 -2.47 11.42
N ASN A 189 -32.87 -2.38 10.09
CA ASN A 189 -33.84 -1.56 9.33
C ASN A 189 -34.30 -2.45 8.17
N ILE A 190 -35.55 -2.89 8.18
CA ILE A 190 -36.15 -3.78 7.15
C ILE A 190 -37.23 -2.98 6.42
N ASP A 191 -36.95 -2.59 5.19
CA ASP A 191 -37.84 -1.73 4.41
C ASP A 191 -38.73 -2.61 3.55
N TYR A 192 -39.97 -2.19 3.40
CA TYR A 192 -40.93 -2.92 2.56
C TYR A 192 -41.92 -1.94 1.98
N GLU A 193 -42.68 -2.39 0.99
CA GLU A 193 -43.83 -1.60 0.50
C GLU A 193 -45.06 -2.51 0.54
N MET A 194 -46.20 -1.89 0.83
CA MET A 194 -47.51 -2.59 0.89
C MET A 194 -48.26 -2.23 -0.38
N TYR A 195 -49.00 -3.19 -0.92
CA TYR A 195 -49.75 -3.03 -2.18
C TYR A 195 -51.26 -3.04 -1.93
N GLY A 196 -51.98 -2.39 -2.86
CA GLY A 196 -53.44 -2.14 -2.77
C GLY A 196 -54.23 -3.26 -3.45
N GLU A 197 -53.55 -4.19 -4.09
CA GLU A 197 -54.13 -5.40 -4.75
C GLU A 197 -53.18 -6.58 -4.58
N PRO A 198 -53.70 -7.83 -4.65
CA PRO A 198 -52.84 -9.01 -4.59
C PRO A 198 -51.78 -9.03 -5.71
N LEU A 199 -50.63 -9.62 -5.43
CA LEU A 199 -49.64 -9.95 -6.49
C LEU A 199 -50.22 -11.13 -7.26
N PRO A 200 -49.82 -11.38 -8.53
CA PRO A 200 -50.28 -12.58 -9.24
C PRO A 200 -49.94 -13.84 -8.44
N GLU A 201 -50.70 -14.95 -8.49
CA GLU A 201 -50.41 -16.14 -7.60
C GLU A 201 -49.15 -16.91 -8.06
N ASP A 202 -48.77 -16.81 -9.35
CA ASP A 202 -47.46 -17.26 -9.92
C ASP A 202 -46.27 -16.35 -9.53
N THR A 203 -46.42 -15.52 -8.49
CA THR A 203 -45.32 -14.73 -7.91
C THR A 203 -44.37 -15.70 -7.21
N ALA A 204 -43.06 -15.54 -7.45
CA ALA A 204 -42.02 -16.38 -6.84
C ALA A 204 -41.52 -15.72 -5.54
N TYR A 205 -41.47 -16.49 -4.47
CA TYR A 205 -41.16 -16.03 -3.10
C TYR A 205 -39.70 -16.41 -2.85
N PHE A 206 -39.02 -15.55 -2.12
CA PHE A 206 -37.60 -15.69 -1.78
C PHE A 206 -37.42 -16.77 -0.71
N HIS A 207 -36.45 -17.62 -0.97
CA HIS A 207 -36.09 -18.74 -0.10
C HIS A 207 -34.59 -18.80 0.11
N ALA A 208 -34.15 -19.35 1.23
CA ALA A 208 -32.72 -19.58 1.48
C ALA A 208 -32.56 -20.67 2.54
N ALA A 209 -31.54 -21.50 2.37
CA ALA A 209 -31.31 -22.70 3.19
C ALA A 209 -29.81 -22.90 3.31
N TRP A 210 -29.42 -23.46 4.45
CA TRP A 210 -28.00 -23.65 4.77
C TRP A 210 -27.67 -25.13 4.94
N HIS A 211 -26.45 -25.50 4.59
CA HIS A 211 -25.98 -26.89 4.62
C HIS A 211 -24.50 -26.93 4.98
N ARG A 212 -24.07 -28.00 5.60
CA ARG A 212 -22.65 -28.24 5.88
C ARG A 212 -22.36 -29.73 5.81
N GLU A 213 -21.23 -30.06 5.20
CA GLU A 213 -20.66 -31.43 5.14
C GLU A 213 -19.27 -31.26 5.77
N ASN A 214 -19.13 -31.71 7.01
CA ASN A 214 -17.87 -31.53 7.76
C ASN A 214 -17.60 -32.80 8.58
N PRO A 215 -16.72 -33.73 8.14
CA PRO A 215 -16.00 -33.63 6.87
C PRO A 215 -16.87 -34.10 5.70
N CYS A 216 -16.61 -33.60 4.50
CA CYS A 216 -17.07 -34.25 3.26
C CYS A 216 -16.56 -35.70 3.23
N ASN A 217 -17.26 -36.61 2.57
CA ASN A 217 -16.91 -38.06 2.62
C ASN A 217 -15.97 -38.38 1.46
N GLY A 218 -14.74 -37.88 1.50
CA GLY A 218 -13.80 -38.07 0.39
C GLY A 218 -13.23 -39.48 0.34
N TRP A 219 -12.96 -39.97 -0.87
CA TRP A 219 -12.30 -41.28 -1.11
C TRP A 219 -10.78 -41.17 -1.01
N GLY A 220 -10.22 -39.96 -1.16
CA GLY A 220 -8.74 -39.81 -1.23
C GLY A 220 -8.20 -38.58 -0.50
N PRO A 221 -8.62 -38.28 0.74
CA PRO A 221 -8.13 -37.07 1.41
C PRO A 221 -6.63 -37.06 1.58
N GLU A 222 -5.99 -38.24 1.62
CA GLU A 222 -4.53 -38.27 1.86
C GLU A 222 -3.74 -38.36 0.54
N LEU A 223 -4.40 -38.43 -0.60
CA LEU A 223 -3.72 -38.40 -1.93
C LEU A 223 -3.55 -36.95 -2.29
N GLN A 224 -2.39 -36.62 -2.84
CA GLN A 224 -2.13 -35.24 -3.33
C GLN A 224 -3.17 -34.86 -4.39
N VAL A 225 -3.83 -33.73 -4.19
CA VAL A 225 -4.67 -33.10 -5.24
C VAL A 225 -3.87 -32.93 -6.53
N ASN A 226 -4.52 -33.21 -7.65
CA ASN A 226 -4.03 -33.07 -9.03
C ASN A 226 -2.90 -34.07 -9.27
N SER A 227 -2.70 -35.05 -8.41
CA SER A 227 -1.86 -36.22 -8.78
C SER A 227 -2.54 -36.95 -9.95
N PRO A 228 -1.79 -37.59 -10.86
CA PRO A 228 -2.41 -38.31 -11.97
C PRO A 228 -3.45 -39.33 -11.51
N GLU A 229 -3.24 -39.94 -10.34
CA GLU A 229 -4.11 -41.04 -9.85
C GLU A 229 -5.47 -40.44 -9.52
N VAL A 230 -5.45 -39.29 -8.86
CA VAL A 230 -6.71 -38.55 -8.56
C VAL A 230 -7.39 -38.17 -9.85
N ASN A 231 -6.67 -37.54 -10.78
CA ASN A 231 -7.28 -36.86 -11.93
C ASN A 231 -7.88 -37.84 -12.90
N ASN A 232 -7.51 -39.12 -12.81
CA ASN A 232 -8.00 -40.15 -13.77
C ASN A 232 -9.15 -40.95 -13.16
N VAL A 233 -9.61 -40.62 -11.96
CA VAL A 233 -10.88 -41.17 -11.40
C VAL A 233 -12.06 -40.46 -12.06
N THR A 234 -13.12 -41.20 -12.37
CA THR A 234 -14.29 -40.71 -13.14
C THR A 234 -15.44 -40.42 -12.18
N ASN A 235 -16.27 -39.44 -12.53
CA ASN A 235 -17.50 -39.10 -11.79
C ASN A 235 -18.45 -38.44 -12.75
N PHE A 236 -19.41 -39.18 -13.31
CA PHE A 236 -20.44 -38.62 -14.20
C PHE A 236 -21.70 -38.24 -13.41
N LYS A 237 -22.18 -39.17 -12.60
CA LYS A 237 -23.54 -39.04 -12.02
C LYS A 237 -23.55 -38.15 -10.78
N GLY A 238 -22.42 -37.98 -10.10
CA GLY A 238 -22.31 -37.05 -8.97
C GLY A 238 -23.13 -37.46 -7.76
N GLU A 239 -23.41 -38.76 -7.54
CA GLU A 239 -24.22 -39.18 -6.35
C GLU A 239 -23.60 -38.64 -5.05
N ASN A 240 -22.26 -38.57 -4.91
CA ASN A 240 -21.59 -38.18 -3.65
C ASN A 240 -21.13 -36.70 -3.67
N ASN A 241 -21.58 -35.92 -4.63
CA ASN A 241 -21.25 -34.48 -4.75
C ASN A 241 -21.76 -33.76 -3.51
N TYR A 242 -21.08 -32.68 -3.13
CA TYR A 242 -21.60 -31.75 -2.11
C TYR A 242 -22.90 -31.17 -2.65
N THR A 243 -23.96 -31.11 -1.82
CA THR A 243 -25.31 -30.66 -2.22
C THR A 243 -25.54 -29.26 -1.68
N VAL A 244 -25.60 -28.29 -2.57
CA VAL A 244 -25.94 -26.87 -2.27
C VAL A 244 -27.45 -26.73 -2.06
N LEU A 245 -28.24 -27.39 -2.91
CA LEU A 245 -29.71 -27.21 -2.90
C LEU A 245 -30.35 -28.45 -3.53
N ASP A 246 -31.42 -28.92 -2.93
CA ASP A 246 -32.15 -30.12 -3.44
C ASP A 246 -33.61 -29.86 -3.15
N VAL A 247 -34.35 -29.35 -4.12
CA VAL A 247 -35.68 -28.74 -3.81
C VAL A 247 -36.67 -29.11 -4.90
N GLU A 248 -37.87 -29.48 -4.44
CA GLU A 248 -39.04 -29.78 -5.28
C GLU A 248 -39.87 -28.49 -5.41
N GLY A 249 -40.25 -28.14 -6.62
CA GLY A 249 -41.17 -27.03 -6.91
C GLY A 249 -40.95 -26.42 -8.25
N THR A 250 -41.42 -25.20 -8.43
CA THR A 250 -41.31 -24.41 -9.69
C THR A 250 -40.66 -23.08 -9.35
N GLY A 251 -39.48 -22.80 -9.89
CA GLY A 251 -38.76 -21.60 -9.43
C GLY A 251 -37.44 -21.44 -10.15
N HIS A 252 -36.51 -20.72 -9.51
CA HIS A 252 -35.16 -20.54 -10.09
C HIS A 252 -34.17 -20.24 -8.95
N TYR A 253 -33.01 -20.87 -9.05
CA TYR A 253 -31.87 -20.68 -8.16
C TYR A 253 -31.16 -19.38 -8.58
N VAL A 254 -30.83 -18.55 -7.60
CA VAL A 254 -30.16 -17.24 -7.88
C VAL A 254 -28.79 -17.20 -7.21
N GLY A 255 -28.31 -18.31 -6.64
CA GLY A 255 -26.90 -18.37 -6.22
C GLY A 255 -26.66 -18.82 -4.81
N CYS A 256 -25.41 -18.66 -4.40
CA CYS A 256 -24.94 -19.23 -3.13
C CYS A 256 -23.75 -18.46 -2.59
N ASN A 257 -23.53 -18.65 -1.32
CA ASN A 257 -22.19 -18.47 -0.73
C ASN A 257 -21.70 -19.85 -0.31
N LEU A 258 -20.40 -20.02 -0.29
CA LEU A 258 -19.73 -21.30 0.04
C LEU A 258 -18.51 -20.96 0.92
N THR A 259 -18.45 -21.58 2.10
CA THR A 259 -17.32 -21.53 3.04
C THR A 259 -16.59 -22.85 2.99
N VAL A 260 -15.31 -22.84 2.65
CA VAL A 260 -14.48 -24.07 2.62
C VAL A 260 -13.33 -23.87 3.58
N LYS A 261 -13.19 -24.79 4.52
CA LYS A 261 -11.93 -24.96 5.28
C LYS A 261 -11.18 -26.15 4.69
N HIS A 262 -10.00 -25.90 4.13
CA HIS A 262 -9.20 -26.92 3.39
C HIS A 262 -8.09 -27.44 4.30
N PHE A 263 -7.94 -28.76 4.41
CA PHE A 263 -7.03 -29.45 5.36
C PHE A 263 -5.68 -29.77 4.70
N GLN A 264 -5.63 -30.13 3.42
CA GLN A 264 -4.41 -30.70 2.78
C GLN A 264 -3.31 -29.62 2.57
N GLY A 265 -3.65 -28.37 2.31
CA GLY A 265 -2.65 -27.34 1.99
C GLY A 265 -2.25 -27.38 0.52
N SER A 266 -3.16 -27.84 -0.34
CA SER A 266 -2.91 -27.81 -1.80
C SER A 266 -3.98 -26.91 -2.43
N TRP A 267 -5.04 -27.50 -2.97
CA TRP A 267 -6.15 -26.75 -3.58
C TRP A 267 -7.45 -27.53 -3.40
N TRP A 268 -8.50 -26.85 -2.95
CA TRP A 268 -9.77 -27.49 -2.52
C TRP A 268 -10.76 -27.49 -3.68
N GLY A 269 -10.43 -26.89 -4.84
CA GLY A 269 -11.44 -26.39 -5.77
C GLY A 269 -11.47 -27.02 -7.15
N GLU A 270 -10.98 -28.24 -7.32
CA GLU A 270 -10.99 -28.90 -8.66
C GLU A 270 -12.39 -29.41 -9.01
N GLY A 271 -13.28 -29.46 -8.03
CA GLY A 271 -14.61 -30.08 -8.23
C GLY A 271 -15.50 -29.27 -9.12
N ASN A 272 -16.25 -29.94 -9.98
CA ASN A 272 -17.18 -29.29 -10.93
C ASN A 272 -18.53 -29.06 -10.28
N ASP A 273 -19.16 -27.93 -10.59
CA ASP A 273 -20.61 -27.75 -10.37
C ASP A 273 -21.36 -28.67 -11.33
N MET A 274 -22.37 -29.36 -10.81
CA MET A 274 -23.26 -30.24 -11.61
C MET A 274 -24.69 -29.97 -11.14
N PHE A 275 -25.50 -29.49 -12.06
CA PHE A 275 -26.91 -29.12 -11.85
C PHE A 275 -27.76 -30.23 -12.45
N PHE A 276 -28.74 -30.70 -11.66
CA PHE A 276 -29.73 -31.68 -12.12
C PHE A 276 -31.09 -31.01 -12.11
N ILE A 277 -31.64 -30.84 -13.28
CA ILE A 277 -32.91 -30.13 -13.49
C ILE A 277 -34.04 -31.14 -13.70
N ASP A 278 -35.13 -30.96 -12.96
CA ASP A 278 -36.41 -31.66 -13.15
C ASP A 278 -36.20 -33.18 -13.09
N GLY A 279 -35.35 -33.67 -12.19
CA GLY A 279 -35.29 -35.09 -11.83
C GLY A 279 -34.41 -35.91 -12.77
N GLU A 280 -33.69 -35.28 -13.69
CA GLU A 280 -32.75 -35.95 -14.62
C GLU A 280 -31.71 -36.74 -13.84
N GLU A 281 -31.41 -37.92 -14.36
CA GLU A 281 -30.48 -38.87 -13.72
C GLU A 281 -29.06 -38.31 -13.78
N TYR A 282 -28.66 -37.85 -14.96
CA TYR A 282 -27.32 -37.27 -15.21
C TYR A 282 -27.45 -35.77 -15.31
N PRO A 283 -26.46 -34.98 -14.80
CA PRO A 283 -26.62 -33.54 -14.78
C PRO A 283 -26.58 -32.98 -16.20
N SER A 284 -27.48 -32.05 -16.52
CA SER A 284 -27.54 -31.42 -17.84
C SER A 284 -26.60 -30.21 -17.91
N LEU A 285 -26.31 -29.59 -16.76
CA LEU A 285 -25.34 -28.47 -16.66
C LEU A 285 -24.10 -29.00 -15.96
N ASN A 286 -23.01 -29.14 -16.73
CA ASN A 286 -21.72 -29.60 -16.24
C ASN A 286 -20.74 -28.42 -16.22
N GLY A 287 -20.13 -28.17 -15.06
CA GLY A 287 -19.08 -27.14 -14.93
C GLY A 287 -17.70 -27.74 -15.11
N THR A 288 -16.66 -27.06 -14.64
CA THR A 288 -15.25 -27.39 -14.95
C THR A 288 -14.41 -27.39 -13.66
N GLY A 289 -14.85 -26.67 -12.65
CA GLY A 289 -14.08 -26.47 -11.43
C GLY A 289 -14.80 -25.56 -10.47
N THR A 290 -14.37 -25.49 -9.23
CA THR A 290 -15.16 -24.74 -8.22
C THR A 290 -14.89 -23.23 -8.36
N GLU A 291 -13.63 -22.79 -8.50
CA GLU A 291 -13.35 -21.35 -8.75
C GLU A 291 -13.99 -21.02 -10.08
N ASP A 292 -14.01 -21.98 -11.02
CA ASP A 292 -14.62 -21.68 -12.33
C ASP A 292 -16.10 -21.36 -12.13
N TYR A 293 -16.79 -22.13 -11.30
CA TYR A 293 -18.20 -21.83 -10.94
C TYR A 293 -18.29 -20.41 -10.39
N PHE A 294 -17.38 -20.02 -9.47
CA PHE A 294 -17.33 -18.63 -8.93
C PHE A 294 -16.75 -17.62 -9.92
N ASN A 295 -16.52 -18.01 -11.20
CA ASN A 295 -16.09 -17.11 -12.29
C ASN A 295 -14.71 -16.50 -11.96
N HIS A 296 -13.90 -17.18 -11.17
CA HIS A 296 -12.43 -16.91 -11.05
C HIS A 296 -11.71 -17.97 -11.88
N ALA A 297 -10.39 -18.02 -11.81
CA ALA A 297 -9.61 -19.04 -12.54
C ALA A 297 -8.26 -19.23 -11.89
N TRP A 298 -7.74 -20.47 -11.89
CA TRP A 298 -6.38 -20.79 -11.41
C TRP A 298 -6.34 -20.40 -9.93
N GLY A 299 -7.34 -20.85 -9.19
CA GLY A 299 -7.52 -20.38 -7.82
C GLY A 299 -8.59 -19.30 -7.69
N MET A 300 -8.90 -18.94 -6.45
CA MET A 300 -9.74 -17.75 -6.22
C MET A 300 -8.82 -16.52 -6.16
N GLN A 301 -9.34 -15.38 -6.62
CA GLN A 301 -8.65 -14.06 -6.51
C GLN A 301 -9.30 -13.15 -5.45
N ARG A 302 -8.55 -12.17 -4.94
CA ARG A 302 -9.08 -11.12 -4.02
C ARG A 302 -9.89 -10.12 -4.83
N ASN A 303 -10.95 -10.58 -5.48
CA ASN A 303 -11.91 -9.74 -6.22
C ASN A 303 -13.33 -10.07 -5.72
N ALA A 304 -14.18 -9.06 -5.61
CA ALA A 304 -15.62 -9.22 -5.30
C ALA A 304 -16.35 -8.32 -6.30
N TYR A 305 -17.01 -8.94 -7.28
CA TYR A 305 -17.66 -8.29 -8.44
C TYR A 305 -19.18 -8.41 -8.26
N PRO A 306 -19.97 -7.68 -9.07
CA PRO A 306 -21.41 -7.63 -8.85
C PRO A 306 -22.06 -9.02 -8.75
N PHE A 307 -21.57 -10.01 -9.50
CA PHE A 307 -22.25 -11.33 -9.60
C PHE A 307 -21.43 -12.48 -9.01
N PHE A 308 -20.24 -12.23 -8.52
CA PHE A 308 -19.40 -13.35 -8.04
C PHE A 308 -18.13 -12.83 -7.36
N GLY A 309 -17.56 -13.66 -6.52
CA GLY A 309 -16.18 -13.47 -6.10
C GLY A 309 -15.91 -14.00 -4.72
N THR A 310 -14.90 -13.39 -4.13
CA THR A 310 -14.28 -13.77 -2.85
C THR A 310 -14.78 -12.79 -1.80
N ILE A 311 -15.23 -13.31 -0.69
CA ILE A 311 -15.57 -12.52 0.51
C ILE A 311 -14.39 -12.59 1.47
N VAL A 312 -13.90 -13.79 1.75
CA VAL A 312 -12.70 -14.02 2.57
C VAL A 312 -11.77 -14.91 1.74
N HIS A 313 -10.54 -14.46 1.55
CA HIS A 313 -9.52 -15.17 0.72
C HIS A 313 -8.69 -16.10 1.59
N GLU A 314 -8.52 -17.35 1.15
CA GLU A 314 -7.69 -18.36 1.84
C GLU A 314 -6.29 -17.80 2.17
N GLY A 315 -5.71 -16.96 1.32
CA GLY A 315 -4.37 -16.37 1.54
C GLY A 315 -4.31 -15.47 2.77
N ASP A 316 -5.45 -15.03 3.31
CA ASP A 316 -5.55 -14.10 4.46
C ASP A 316 -5.97 -14.85 5.73
N THR A 317 -6.25 -16.16 5.65
CA THR A 317 -6.77 -16.91 6.83
C THR A 317 -5.92 -18.17 7.08
N ASP A 318 -6.32 -18.89 8.10
CA ASP A 318 -5.81 -20.23 8.44
C ASP A 318 -6.61 -21.27 7.65
N GLY A 319 -6.47 -21.24 6.33
CA GLY A 319 -6.96 -22.32 5.44
C GLY A 319 -8.44 -22.24 5.06
N PHE A 320 -9.14 -21.09 5.20
CA PHE A 320 -10.54 -21.08 4.75
C PHE A 320 -10.85 -19.90 3.82
N GLN A 321 -11.80 -20.17 2.95
CA GLN A 321 -12.25 -19.29 1.86
C GLN A 321 -13.78 -19.16 1.99
N VAL A 322 -14.31 -17.96 1.71
CA VAL A 322 -15.76 -17.71 1.56
C VAL A 322 -15.97 -17.05 0.21
N SER A 323 -16.79 -17.67 -0.63
CA SER A 323 -17.00 -17.21 -2.02
C SER A 323 -18.52 -17.04 -2.27
N TYR A 324 -18.90 -16.42 -3.36
CA TYR A 324 -20.32 -16.26 -3.74
C TYR A 324 -20.45 -16.17 -5.25
N ARG A 325 -21.63 -16.56 -5.72
CA ARG A 325 -22.06 -16.28 -7.11
C ARG A 325 -23.55 -16.01 -7.07
N TRP A 326 -23.96 -14.96 -7.78
CA TRP A 326 -25.38 -14.59 -7.98
C TRP A 326 -25.73 -14.85 -9.44
N HIS A 327 -26.80 -15.59 -9.63
CA HIS A 327 -27.42 -15.85 -10.94
C HIS A 327 -28.65 -14.95 -11.04
N ILE A 328 -28.44 -13.65 -11.28
CA ILE A 328 -29.52 -12.63 -11.31
C ILE A 328 -30.07 -12.50 -12.73
N THR A 329 -29.21 -12.33 -13.72
CA THR A 329 -29.62 -12.27 -15.14
C THR A 329 -29.54 -13.68 -15.76
N ASP A 330 -28.87 -14.65 -15.10
CA ASP A 330 -28.61 -16.03 -15.61
C ASP A 330 -29.10 -17.05 -14.59
N PRO A 331 -30.34 -16.92 -14.09
CA PRO A 331 -30.82 -17.83 -13.05
C PRO A 331 -30.93 -19.27 -13.56
N VAL A 332 -30.88 -20.24 -12.65
CA VAL A 332 -31.04 -21.66 -13.04
C VAL A 332 -32.49 -22.03 -12.71
N ARG A 333 -33.27 -22.19 -13.75
CA ARG A 333 -34.73 -22.42 -13.61
C ARG A 333 -35.00 -23.91 -13.46
N PHE A 334 -36.13 -24.20 -12.80
CA PHE A 334 -36.71 -25.55 -12.73
C PHE A 334 -38.24 -25.46 -12.74
N GLU A 335 -38.86 -26.46 -13.36
CA GLU A 335 -40.34 -26.66 -13.43
C GLU A 335 -40.79 -27.59 -12.31
N LYS A 336 -39.99 -28.59 -11.93
CA LYS A 336 -40.41 -29.60 -10.92
C LYS A 336 -39.38 -29.78 -9.82
N HIS A 337 -38.10 -29.65 -10.13
CA HIS A 337 -37.05 -30.05 -9.15
C HIS A 337 -35.70 -29.47 -9.57
N LEU A 338 -34.89 -29.08 -8.59
CA LEU A 338 -33.48 -28.69 -8.86
C LEU A 338 -32.58 -29.29 -7.81
N LYS A 339 -31.53 -29.95 -8.26
CA LYS A 339 -30.37 -30.28 -7.39
C LYS A 339 -29.16 -29.47 -7.87
N VAL A 340 -28.62 -28.62 -7.01
CA VAL A 340 -27.36 -27.88 -7.27
C VAL A 340 -26.28 -28.62 -6.49
N THR A 341 -25.26 -29.12 -7.19
CA THR A 341 -24.17 -29.88 -6.55
C THR A 341 -22.82 -29.36 -7.04
N ILE A 342 -21.81 -29.65 -6.23
CA ILE A 342 -20.39 -29.41 -6.57
C ILE A 342 -19.62 -30.61 -6.10
N GLU A 343 -18.75 -31.13 -6.93
CA GLU A 343 -17.86 -32.23 -6.48
C GLU A 343 -16.96 -31.62 -5.40
N HIS A 344 -16.79 -32.30 -4.27
CA HIS A 344 -15.92 -31.83 -3.16
C HIS A 344 -14.47 -32.31 -3.44
N GLY A 345 -13.77 -31.52 -4.24
CA GLY A 345 -12.53 -31.97 -4.90
C GLY A 345 -12.91 -32.72 -6.15
N HIS A 346 -11.97 -32.95 -7.02
CA HIS A 346 -12.23 -33.75 -8.22
C HIS A 346 -12.85 -35.10 -7.79
N ALA A 347 -13.96 -35.44 -8.40
CA ALA A 347 -14.63 -36.73 -8.19
C ALA A 347 -14.81 -36.98 -6.69
N ASN A 348 -15.02 -35.95 -5.89
CA ASN A 348 -15.30 -36.11 -4.45
C ASN A 348 -14.11 -36.70 -3.70
N GLN A 349 -12.90 -36.36 -4.13
CA GLN A 349 -11.66 -36.85 -3.53
C GLN A 349 -11.60 -36.42 -2.06
N LEU A 350 -11.92 -35.14 -1.83
CA LEU A 350 -11.45 -34.49 -0.59
C LEU A 350 -12.48 -34.62 0.55
N SER A 351 -12.01 -34.35 1.78
CA SER A 351 -12.77 -34.50 3.03
C SER A 351 -12.69 -33.21 3.83
N ASP A 352 -12.84 -32.09 3.12
CA ASP A 352 -12.76 -30.73 3.73
C ASP A 352 -14.08 -30.40 4.41
N ASP A 353 -14.12 -29.22 5.03
CA ASP A 353 -15.31 -28.67 5.74
C ASP A 353 -15.97 -27.66 4.82
N TRP A 354 -17.09 -28.05 4.22
CA TRP A 354 -17.84 -27.22 3.27
C TRP A 354 -19.14 -26.81 3.95
N SER A 355 -19.50 -25.55 3.82
CA SER A 355 -20.89 -25.13 4.19
C SER A 355 -21.33 -24.07 3.21
N SER A 356 -22.65 -23.95 2.98
CA SER A 356 -23.21 -23.10 1.93
C SER A 356 -24.56 -22.53 2.33
N THR A 357 -24.87 -21.37 1.77
CA THR A 357 -26.22 -20.80 1.79
C THR A 357 -26.74 -20.84 0.36
N ALA A 358 -27.86 -21.50 0.08
CA ALA A 358 -28.48 -21.50 -1.24
C ALA A 358 -29.62 -20.49 -1.22
N TYR A 359 -29.75 -19.72 -2.28
CA TYR A 359 -30.82 -18.71 -2.42
C TYR A 359 -31.64 -19.01 -3.66
N TRP A 360 -32.95 -19.03 -3.53
CA TRP A 360 -33.78 -19.31 -4.73
C TRP A 360 -35.14 -18.66 -4.56
N TYR A 361 -35.88 -18.59 -5.65
CA TYR A 361 -37.27 -18.10 -5.65
C TYR A 361 -38.14 -19.24 -6.13
N GLN A 362 -39.34 -19.38 -5.59
CA GLN A 362 -40.25 -20.44 -6.07
C GLN A 362 -41.67 -19.98 -5.78
N ILE A 363 -42.59 -20.48 -6.59
CA ILE A 363 -44.02 -20.31 -6.25
C ILE A 363 -44.32 -21.18 -5.03
N LEU A 364 -45.28 -20.73 -4.23
CA LEU A 364 -45.73 -21.52 -3.07
C LEU A 364 -46.56 -22.68 -3.62
N PRO A 365 -46.65 -23.80 -2.89
CA PRO A 365 -46.04 -23.92 -1.56
C PRO A 365 -44.56 -24.32 -1.48
N THR A 366 -43.90 -23.96 -0.39
CA THR A 366 -42.63 -24.61 0.02
C THR A 366 -43.00 -26.07 0.34
N ALA A 367 -42.48 -27.01 -0.44
CA ALA A 367 -42.95 -28.43 -0.45
C ALA A 367 -42.54 -29.13 0.84
N SER A 368 -41.27 -28.98 1.19
CA SER A 368 -40.58 -29.71 2.26
C SER A 368 -40.08 -28.69 3.29
N ARG A 369 -40.15 -29.05 4.56
CA ARG A 369 -39.68 -28.21 5.69
C ARG A 369 -38.21 -27.87 5.42
N ILE A 370 -37.86 -26.60 5.53
CA ILE A 370 -36.43 -26.22 5.53
C ILE A 370 -35.90 -26.46 6.94
N THR A 371 -34.85 -27.25 7.04
CA THR A 371 -34.29 -27.64 8.34
C THR A 371 -32.89 -27.07 8.44
N ILE A 372 -32.37 -27.11 9.64
CA ILE A 372 -30.98 -26.66 9.85
C ILE A 372 -30.29 -27.57 10.84
N ALA A 373 -28.99 -27.76 10.62
CA ALA A 373 -28.14 -28.55 11.53
C ALA A 373 -28.20 -27.85 12.87
N PRO A 374 -28.15 -28.60 13.97
CA PRO A 374 -28.15 -27.99 15.29
C PRO A 374 -26.83 -27.22 15.53
N VAL A 375 -26.87 -26.38 16.54
CA VAL A 375 -25.83 -25.35 16.79
C VAL A 375 -24.46 -26.00 16.94
N GLU A 376 -24.34 -27.17 17.59
CA GLU A 376 -23.04 -27.85 17.79
C GLU A 376 -22.43 -28.23 16.44
N ASP A 377 -23.20 -28.28 15.36
CA ASP A 377 -22.74 -28.70 14.03
C ASP A 377 -22.46 -27.46 13.15
N ARG A 378 -22.64 -26.25 13.68
CA ARG A 378 -22.56 -25.01 12.89
C ARG A 378 -21.26 -24.26 13.22
N LEU A 379 -20.44 -24.76 14.14
CA LEU A 379 -19.31 -23.95 14.63
C LEU A 379 -18.10 -24.13 13.73
N PRO A 380 -17.36 -23.03 13.41
CA PRO A 380 -16.13 -23.15 12.65
C PRO A 380 -15.18 -24.14 13.32
N VAL A 381 -14.41 -24.82 12.49
CA VAL A 381 -13.30 -25.72 12.91
C VAL A 381 -12.08 -24.86 13.12
N VAL A 382 -11.60 -24.78 14.34
CA VAL A 382 -10.44 -23.92 14.68
C VAL A 382 -9.41 -24.77 15.41
N PRO A 383 -8.11 -24.52 15.19
CA PRO A 383 -7.08 -25.18 15.99
C PRO A 383 -7.20 -24.66 17.43
N GLN A 384 -6.83 -25.51 18.38
CA GLN A 384 -6.93 -25.24 19.83
C GLN A 384 -5.52 -25.30 20.42
N LEU A 385 -5.20 -24.37 21.31
CA LEU A 385 -3.95 -24.43 22.11
C LEU A 385 -3.99 -25.63 23.04
N PRO A 386 -2.82 -26.28 23.27
CA PRO A 386 -2.73 -27.38 24.22
C PRO A 386 -3.08 -26.87 25.62
N GLU A 387 -3.41 -27.78 26.53
CA GLU A 387 -3.91 -27.40 27.87
C GLU A 387 -2.74 -26.73 28.61
N ARG A 388 -2.96 -25.54 29.12
CA ARG A 388 -1.92 -24.74 29.82
C ARG A 388 -2.33 -24.85 31.28
N LYS A 389 -2.03 -25.99 31.88
CA LYS A 389 -2.36 -26.30 33.30
C LYS A 389 -1.40 -25.50 34.16
N LEU A 390 -1.65 -24.20 34.27
CA LEU A 390 -0.82 -23.28 35.06
C LEU A 390 -0.93 -23.65 36.55
N VAL A 391 0.16 -23.41 37.27
CA VAL A 391 0.20 -23.52 38.75
C VAL A 391 0.69 -22.17 39.26
N LEU A 392 -0.01 -21.63 40.24
CA LEU A 392 0.44 -20.39 40.90
C LEU A 392 1.73 -20.67 41.65
N PRO A 393 2.67 -19.71 41.64
CA PRO A 393 3.82 -19.78 42.52
C PRO A 393 3.36 -19.50 43.96
N GLN A 394 4.26 -19.74 44.90
CA GLN A 394 4.09 -19.26 46.30
C GLN A 394 3.81 -17.76 46.23
N LEU A 395 2.69 -17.32 46.75
CA LEU A 395 2.26 -15.92 46.64
C LEU A 395 2.74 -15.17 47.88
N THR A 396 3.19 -13.92 47.72
CA THR A 396 3.39 -12.97 48.83
C THR A 396 1.98 -12.65 49.35
N GLU A 397 1.88 -12.14 50.57
CA GLU A 397 0.58 -11.67 51.13
C GLU A 397 0.01 -10.59 50.22
N GLU A 398 0.84 -9.71 49.70
CA GLU A 398 0.42 -8.62 48.78
C GLU A 398 -0.23 -9.19 47.50
N GLN A 399 0.38 -10.20 46.87
CA GLN A 399 -0.12 -10.84 45.63
C GLN A 399 -1.43 -11.54 45.97
N GLN A 400 -1.51 -12.20 47.14
CA GLN A 400 -2.78 -12.85 47.57
C GLN A 400 -3.86 -11.79 47.74
N ALA A 401 -3.56 -10.67 48.38
CA ALA A 401 -4.51 -9.56 48.63
C ALA A 401 -4.96 -8.98 47.28
N ALA A 402 -4.04 -8.85 46.29
CA ALA A 402 -4.39 -8.35 44.93
C ALA A 402 -5.42 -9.30 44.34
N ARG A 403 -5.17 -10.60 44.43
CA ARG A 403 -6.08 -11.60 43.82
C ARG A 403 -7.43 -11.48 44.56
N ASP A 404 -7.40 -11.39 45.89
CA ASP A 404 -8.66 -11.36 46.68
C ASP A 404 -9.51 -10.13 46.28
N THR A 405 -8.88 -8.97 46.18
CA THR A 405 -9.53 -7.67 45.89
C THR A 405 -10.14 -7.75 44.48
N TYR A 406 -9.38 -8.28 43.55
CA TYR A 406 -9.85 -8.44 42.15
C TYR A 406 -11.07 -9.37 42.14
N GLN A 407 -11.00 -10.52 42.82
CA GLN A 407 -12.11 -11.51 42.83
C GLN A 407 -13.35 -10.87 43.46
N LYS A 408 -13.17 -10.08 44.50
CA LYS A 408 -14.31 -9.40 45.20
C LYS A 408 -14.96 -8.39 44.25
N ARG A 409 -14.14 -7.62 43.53
CA ARG A 409 -14.60 -6.65 42.49
C ARG A 409 -15.43 -7.40 41.44
N TRP A 410 -14.94 -8.55 40.97
CA TRP A 410 -15.62 -9.39 39.94
C TRP A 410 -16.95 -9.91 40.51
N LYS A 411 -16.98 -10.33 41.78
CA LYS A 411 -18.20 -10.96 42.37
C LYS A 411 -19.29 -9.89 42.40
N ASP A 412 -18.89 -8.66 42.70
CA ASP A 412 -19.80 -7.49 42.73
C ASP A 412 -20.22 -7.09 41.31
N TYR A 413 -19.28 -7.07 40.36
CA TYR A 413 -19.46 -6.39 39.05
C TYR A 413 -20.34 -7.23 38.11
N GLU A 414 -20.08 -8.53 38.01
CA GLU A 414 -20.69 -9.38 36.95
C GLU A 414 -22.20 -9.34 37.05
N PRO A 415 -22.81 -9.48 38.26
CA PRO A 415 -24.26 -9.45 38.39
C PRO A 415 -24.87 -8.10 38.00
N ARG A 416 -24.14 -7.02 38.25
CA ARG A 416 -24.58 -5.66 37.87
C ARG A 416 -24.67 -5.60 36.35
N ARG A 417 -23.69 -6.16 35.62
CA ARG A 417 -23.76 -6.18 34.14
C ARG A 417 -24.91 -7.08 33.71
N ASP A 418 -25.06 -8.24 34.33
CA ASP A 418 -26.18 -9.18 34.04
C ASP A 418 -27.51 -8.45 34.16
N THR A 419 -27.69 -7.64 35.18
CA THR A 419 -28.96 -6.89 35.38
C THR A 419 -29.23 -5.96 34.19
N GLN A 420 -28.21 -5.24 33.72
CA GLN A 420 -28.39 -4.30 32.60
C GLN A 420 -28.74 -5.08 31.32
N PHE A 421 -28.15 -6.26 31.09
CA PHE A 421 -28.51 -7.10 29.92
C PHE A 421 -30.00 -7.45 30.00
N ARG A 422 -30.46 -7.89 31.18
CA ARG A 422 -31.86 -8.36 31.39
C ARG A 422 -32.82 -7.21 31.07
N ILE A 423 -32.53 -5.99 31.50
CA ILE A 423 -33.39 -4.81 31.20
C ILE A 423 -33.46 -4.60 29.69
N LYS A 424 -32.34 -4.66 29.00
CA LYS A 424 -32.34 -4.44 27.53
C LYS A 424 -33.08 -5.56 26.84
N GLU A 425 -32.94 -6.78 27.33
CA GLU A 425 -33.73 -7.91 26.77
C GLU A 425 -35.22 -7.65 26.92
N ASP A 426 -35.63 -7.12 28.06
CA ASP A 426 -37.06 -6.74 28.26
C ASP A 426 -37.49 -5.73 27.21
N LYS A 427 -36.63 -4.75 26.89
CA LYS A 427 -36.99 -3.75 25.85
C LYS A 427 -37.21 -4.44 24.50
N ALA A 428 -36.31 -5.35 24.15
CA ALA A 428 -36.38 -6.04 22.84
C ALA A 428 -37.72 -6.77 22.77
N ARG A 429 -38.11 -7.48 23.83
CA ARG A 429 -39.33 -8.30 23.76
C ARG A 429 -40.55 -7.36 23.61
N ARG A 430 -40.50 -6.22 24.29
CA ARG A 430 -41.57 -5.18 24.25
C ARG A 430 -41.66 -4.59 22.84
N GLU A 431 -40.52 -4.24 22.24
CA GLU A 431 -40.47 -3.56 20.92
C GLU A 431 -40.84 -4.58 19.86
N SER A 432 -40.56 -5.87 20.07
CA SER A 432 -41.02 -6.93 19.13
C SER A 432 -42.53 -6.78 18.95
N LYS A 433 -43.27 -6.76 20.06
CA LYS A 433 -44.75 -6.67 19.96
C LYS A 433 -45.14 -5.33 19.33
N LEU A 434 -44.49 -4.24 19.73
CA LEU A 434 -44.85 -2.89 19.21
C LEU A 434 -44.61 -2.87 17.70
N ASN A 435 -43.53 -3.52 17.20
CA ASN A 435 -43.24 -3.44 15.75
C ASN A 435 -44.42 -4.03 14.97
N THR A 436 -44.91 -5.16 15.43
CA THR A 436 -46.00 -5.86 14.70
C THR A 436 -47.30 -5.05 14.86
N GLU A 437 -47.55 -4.51 16.06
CA GLU A 437 -48.80 -3.71 16.25
C GLU A 437 -48.77 -2.51 15.29
N PHE A 438 -47.62 -1.83 15.19
CA PHE A 438 -47.50 -0.62 14.34
C PHE A 438 -47.65 -1.05 12.87
N ALA A 439 -47.02 -2.17 12.46
CA ALA A 439 -47.13 -2.62 11.05
C ALA A 439 -48.60 -2.88 10.71
N LYS A 440 -49.36 -3.40 11.67
CA LYS A 440 -50.80 -3.69 11.47
C LYS A 440 -51.59 -2.37 11.34
N LYS A 441 -51.35 -1.41 12.23
CA LYS A 441 -52.04 -0.08 12.18
C LYS A 441 -51.71 0.59 10.84
N LEU A 442 -50.47 0.45 10.34
CA LEU A 442 -50.08 1.04 9.04
C LEU A 442 -50.82 0.32 7.91
N ARG A 443 -50.86 -1.00 7.93
CA ARG A 443 -51.58 -1.80 6.90
C ARG A 443 -53.03 -1.28 6.79
N ASP A 444 -53.68 -1.16 7.95
CA ASP A 444 -55.15 -0.92 8.04
C ASP A 444 -55.44 0.51 7.60
N ALA A 445 -54.62 1.47 8.03
CA ALA A 445 -54.69 2.88 7.59
C ALA A 445 -54.50 2.96 6.07
N PHE A 446 -53.50 2.26 5.51
CA PHE A 446 -53.30 2.23 4.04
C PHE A 446 -54.55 1.66 3.35
N ASP A 447 -55.07 0.52 3.80
CA ASP A 447 -56.21 -0.18 3.14
C ASP A 447 -57.49 0.68 3.21
N ALA A 448 -57.70 1.40 4.32
CA ALA A 448 -58.83 2.37 4.49
C ALA A 448 -58.75 3.50 3.45
N GLU A 449 -57.62 4.21 3.34
CA GLU A 449 -57.37 5.33 2.38
C GLU A 449 -57.95 5.03 0.97
N GLU B 3 -39.67 -14.83 -23.57
CA GLU B 3 -39.32 -13.41 -23.41
C GLU B 3 -38.00 -13.28 -22.62
N ILE B 4 -37.17 -12.34 -23.02
CA ILE B 4 -35.88 -12.08 -22.35
C ILE B 4 -36.20 -11.36 -21.04
N THR B 5 -35.57 -11.75 -19.94
CA THR B 5 -35.75 -11.12 -18.61
C THR B 5 -34.44 -10.56 -18.05
N GLY B 6 -34.53 -9.80 -16.95
CA GLY B 6 -33.36 -9.29 -16.21
C GLY B 6 -32.97 -7.91 -16.68
N LEU B 7 -32.01 -7.29 -15.98
CA LEU B 7 -31.71 -5.83 -16.10
C LEU B 7 -31.08 -5.48 -17.45
N PHE B 8 -30.59 -6.41 -18.28
CA PHE B 8 -30.11 -6.10 -19.64
C PHE B 8 -31.18 -6.30 -20.71
N LYS B 9 -32.39 -6.70 -20.32
CA LYS B 9 -33.40 -7.18 -21.30
C LYS B 9 -33.71 -6.12 -22.37
N ASP B 10 -33.69 -4.84 -22.04
CA ASP B 10 -34.12 -3.80 -23.03
C ASP B 10 -33.07 -3.64 -24.14
N LEU B 11 -31.87 -4.21 -23.99
CA LEU B 11 -30.89 -4.21 -25.10
C LEU B 11 -31.36 -5.14 -26.20
N THR B 12 -32.31 -6.02 -25.93
CA THR B 12 -32.71 -7.06 -26.93
C THR B 12 -33.91 -6.61 -27.75
N LYS B 13 -34.36 -5.36 -27.61
CA LYS B 13 -35.53 -4.85 -28.38
C LYS B 13 -35.18 -3.48 -28.93
N VAL B 14 -35.51 -3.22 -30.18
CA VAL B 14 -35.20 -1.91 -30.81
C VAL B 14 -36.27 -0.93 -30.33
N LYS B 15 -35.90 0.34 -30.19
CA LYS B 15 -36.78 1.46 -29.82
C LYS B 15 -36.62 2.53 -30.90
N HIS B 16 -37.73 3.07 -31.40
CA HIS B 16 -37.72 4.10 -32.49
C HIS B 16 -37.61 5.48 -31.82
N ALA B 17 -36.44 5.74 -31.27
CA ALA B 17 -36.08 7.00 -30.61
C ALA B 17 -34.76 7.53 -31.19
N ARG B 18 -34.59 8.83 -31.22
CA ARG B 18 -33.47 9.52 -31.91
C ARG B 18 -32.53 10.10 -30.84
N ASN B 19 -31.26 9.70 -30.82
CA ASN B 19 -30.30 10.31 -29.85
C ASN B 19 -30.04 11.77 -30.17
N GLY B 20 -29.81 12.57 -29.13
CA GLY B 20 -29.21 13.90 -29.27
C GLY B 20 -28.23 14.11 -28.15
N ARG B 21 -27.43 15.16 -28.24
CA ARG B 21 -26.42 15.44 -27.21
C ARG B 21 -26.19 16.94 -27.14
N LEU B 22 -26.31 17.47 -25.95
CA LEU B 22 -25.84 18.84 -25.61
C LEU B 22 -24.39 18.70 -25.18
N ALA B 23 -23.49 19.41 -25.84
CA ALA B 23 -22.08 19.36 -25.44
C ALA B 23 -21.39 20.70 -25.63
N SER B 24 -20.27 20.82 -24.92
CA SER B 24 -19.38 21.99 -24.90
C SER B 24 -18.44 21.90 -26.10
N TRP B 25 -18.76 21.09 -27.10
CA TRP B 25 -17.88 20.85 -28.25
C TRP B 25 -17.54 22.18 -28.95
N ASP B 26 -16.30 22.27 -29.44
CA ASP B 26 -15.76 23.51 -30.02
C ASP B 26 -16.44 23.71 -31.37
N GLN B 27 -17.35 24.67 -31.46
CA GLN B 27 -18.17 24.79 -32.70
C GLN B 27 -17.39 25.64 -33.72
N ARG B 28 -16.12 25.96 -33.42
CA ARG B 28 -15.16 26.39 -34.46
C ARG B 28 -14.47 25.19 -35.09
N GLY B 29 -14.74 23.98 -34.61
CA GLY B 29 -14.12 22.74 -35.12
C GLY B 29 -12.75 22.53 -34.54
N LYS B 30 -12.37 23.36 -33.56
CA LYS B 30 -11.00 23.36 -33.02
C LYS B 30 -10.96 22.55 -31.71
N ASN B 31 -9.97 22.77 -30.83
CA ASN B 31 -9.75 21.90 -29.65
C ASN B 31 -10.03 22.67 -28.35
N GLN B 32 -10.98 23.61 -28.36
CA GLN B 32 -11.48 24.24 -27.12
C GLN B 32 -12.88 23.71 -26.90
N ASP B 33 -12.97 22.42 -26.59
CA ASP B 33 -14.25 21.69 -26.45
C ASP B 33 -14.83 21.87 -25.04
N TYR B 34 -14.67 23.07 -24.50
CA TYR B 34 -15.19 23.50 -23.17
C TYR B 34 -15.81 24.88 -23.33
N TRP B 35 -16.60 25.26 -22.35
CA TRP B 35 -17.11 26.65 -22.24
C TRP B 35 -16.44 27.33 -21.05
N GLU B 36 -16.02 28.58 -21.27
CA GLU B 36 -15.59 29.46 -20.17
C GLU B 36 -16.85 30.13 -19.64
N ILE B 37 -17.41 29.57 -18.58
CA ILE B 37 -18.67 30.09 -17.94
C ILE B 37 -18.36 31.44 -17.31
N PRO B 38 -19.03 32.54 -17.72
CA PRO B 38 -18.65 33.86 -17.24
C PRO B 38 -19.01 34.03 -15.75
N ALA B 39 -18.23 34.86 -15.06
CA ALA B 39 -18.53 35.30 -13.67
C ALA B 39 -19.91 35.95 -13.57
N GLY B 40 -20.64 35.63 -12.50
CA GLY B 40 -21.89 36.31 -12.12
C GLY B 40 -22.95 36.25 -13.20
N GLU B 41 -22.98 35.19 -13.99
CA GLU B 41 -23.98 35.01 -15.07
C GLU B 41 -24.59 33.61 -15.02
N SER B 42 -25.78 33.46 -15.58
CA SER B 42 -26.39 32.17 -15.95
C SER B 42 -26.12 31.91 -17.42
N ILE B 43 -25.85 30.66 -17.75
CA ILE B 43 -25.70 30.25 -19.17
C ILE B 43 -26.52 28.98 -19.37
N THR B 44 -27.20 28.92 -20.50
CA THR B 44 -27.98 27.74 -20.94
C THR B 44 -27.07 26.73 -21.65
N LEU B 45 -26.88 25.55 -21.06
CA LEU B 45 -26.19 24.42 -21.72
C LEU B 45 -27.07 23.99 -22.91
N GLY B 46 -28.38 24.12 -22.78
CA GLY B 46 -29.27 23.83 -23.91
C GLY B 46 -30.70 23.74 -23.46
N GLU B 47 -31.60 23.99 -24.42
CA GLU B 47 -33.03 23.70 -24.30
C GLU B 47 -33.33 22.61 -25.31
N ILE B 48 -34.07 21.61 -24.87
CA ILE B 48 -34.49 20.49 -25.74
C ILE B 48 -36.01 20.48 -25.72
N GLU B 49 -36.62 20.33 -26.88
CA GLU B 49 -38.09 20.09 -26.94
C GLU B 49 -38.38 18.61 -26.76
N GLY B 50 -39.38 18.32 -25.93
CA GLY B 50 -39.86 16.99 -25.60
C GLY B 50 -40.78 16.53 -26.72
N PRO B 51 -41.26 15.29 -26.70
CA PRO B 51 -40.96 14.35 -25.63
C PRO B 51 -39.60 13.66 -25.76
N GLY B 52 -38.94 13.43 -24.62
CA GLY B 52 -37.62 12.80 -24.63
C GLY B 52 -37.19 12.48 -23.22
N CYS B 53 -35.93 12.06 -23.07
CA CYS B 53 -35.40 11.73 -21.73
C CYS B 53 -33.88 11.95 -21.71
N ILE B 54 -33.37 12.63 -20.69
CA ILE B 54 -31.90 12.67 -20.46
C ILE B 54 -31.49 11.30 -19.96
N THR B 55 -30.47 10.73 -20.59
CA THR B 55 -30.00 9.36 -20.26
C THR B 55 -28.63 9.38 -19.60
N HIS B 56 -27.84 10.43 -19.75
CA HIS B 56 -26.44 10.39 -19.23
C HIS B 56 -25.91 11.79 -19.22
N MET B 57 -25.23 12.17 -18.15
CA MET B 57 -24.48 13.44 -18.12
C MET B 57 -23.05 13.10 -17.70
N TRP B 58 -22.09 13.68 -18.41
CA TRP B 58 -20.68 13.73 -18.00
C TRP B 58 -20.27 15.18 -17.98
N MET B 59 -19.54 15.63 -16.96
CA MET B 59 -18.88 16.94 -16.95
C MET B 59 -17.50 16.86 -16.31
N THR B 60 -16.67 17.84 -16.61
CA THR B 60 -15.50 18.17 -15.79
C THR B 60 -15.35 19.67 -15.85
N SER B 61 -14.52 20.20 -14.97
CA SER B 61 -14.41 21.65 -14.78
C SER B 61 -13.04 22.00 -14.21
N SER B 62 -12.73 23.28 -14.29
CA SER B 62 -11.51 23.86 -13.68
C SER B 62 -11.83 25.31 -13.38
N CYS B 63 -11.34 25.82 -12.25
CA CYS B 63 -11.48 27.24 -11.89
C CYS B 63 -10.16 27.69 -11.29
N ARG B 64 -9.34 28.32 -12.12
CA ARG B 64 -8.04 28.87 -11.69
C ARG B 64 -8.20 30.39 -11.60
N LYS B 65 -7.48 30.96 -10.66
CA LYS B 65 -7.30 32.41 -10.44
C LYS B 65 -5.87 32.75 -10.84
N VAL B 66 -5.72 33.74 -11.69
CA VAL B 66 -4.33 34.16 -12.08
C VAL B 66 -3.82 34.98 -10.91
N VAL B 67 -2.69 34.59 -10.31
CA VAL B 67 -2.20 35.23 -9.06
C VAL B 67 -0.79 35.80 -9.24
N ALA B 68 -0.13 35.53 -10.34
CA ALA B 68 1.25 35.97 -10.56
C ALA B 68 1.48 36.11 -12.07
N PRO B 69 2.43 36.96 -12.48
CA PRO B 69 2.73 37.11 -13.90
C PRO B 69 3.46 35.87 -14.40
N SER B 70 3.34 35.62 -15.70
CA SER B 70 3.88 34.40 -16.32
C SER B 70 4.87 34.78 -17.41
N ILE B 71 5.87 33.95 -17.65
CA ILE B 71 6.74 34.08 -18.84
C ILE B 71 6.18 33.26 -20.00
N LEU B 72 5.01 32.64 -19.85
CA LEU B 72 4.30 32.04 -21.01
C LEU B 72 3.58 33.17 -21.73
N ASP B 73 3.79 33.28 -23.05
CA ASP B 73 3.02 34.23 -23.89
C ASP B 73 1.53 33.98 -23.69
N PRO B 74 0.78 34.96 -23.17
CA PRO B 74 -0.64 34.74 -22.79
C PRO B 74 -1.61 34.53 -23.97
N GLU B 75 -1.35 35.19 -25.10
CA GLU B 75 -2.15 35.01 -26.34
C GLU B 75 -1.98 33.58 -26.84
N LEU B 76 -0.75 33.13 -26.98
CA LEU B 76 -0.47 31.74 -27.44
C LEU B 76 -0.94 30.73 -26.40
N ASN B 77 -0.76 31.05 -25.12
CA ASN B 77 -1.15 30.14 -24.00
C ASN B 77 -2.65 29.82 -24.09
N ALA B 78 -3.50 30.76 -24.58
CA ALA B 78 -4.97 30.56 -24.61
C ALA B 78 -5.32 29.38 -25.52
N SER B 79 -4.48 29.05 -26.49
CA SER B 79 -4.75 28.04 -27.55
C SER B 79 -4.00 26.75 -27.24
N ALA B 80 -3.19 26.71 -26.19
CA ALA B 80 -2.52 25.48 -25.71
C ALA B 80 -3.52 24.68 -24.87
N ALA B 81 -3.05 23.78 -24.01
CA ALA B 81 -4.01 23.06 -23.13
C ALA B 81 -4.77 24.07 -22.29
N PRO B 82 -5.98 23.72 -21.84
CA PRO B 82 -6.89 24.65 -21.16
C PRO B 82 -6.43 25.03 -19.75
N VAL B 83 -5.69 24.15 -19.10
CA VAL B 83 -5.31 24.37 -17.66
C VAL B 83 -3.82 24.20 -17.53
N MET B 84 -3.15 25.21 -16.96
CA MET B 84 -1.70 25.17 -16.78
C MET B 84 -1.39 24.44 -15.47
N GLU B 85 -1.33 23.12 -15.56
CA GLU B 85 -0.98 22.22 -14.45
C GLU B 85 0.50 22.35 -14.21
N ILE B 86 0.95 23.49 -13.73
CA ILE B 86 2.41 23.76 -13.58
C ILE B 86 2.66 24.18 -12.14
N HIS B 87 3.62 23.54 -11.49
CA HIS B 87 3.90 23.79 -10.07
C HIS B 87 4.39 25.23 -9.95
N PRO B 88 3.86 26.00 -8.97
CA PRO B 88 4.34 27.36 -8.69
C PRO B 88 5.83 27.45 -8.39
N ALA B 89 6.44 26.40 -7.84
CA ALA B 89 7.87 26.34 -7.52
C ALA B 89 8.72 26.58 -8.78
N LEU B 90 8.20 26.41 -9.99
CA LEU B 90 9.02 26.57 -11.21
C LEU B 90 9.26 28.04 -11.56
N GLY B 91 8.47 28.96 -10.99
CA GLY B 91 8.63 30.40 -11.17
C GLY B 91 8.20 30.96 -12.50
N VAL B 92 7.39 30.24 -13.28
CA VAL B 92 7.08 30.62 -14.67
C VAL B 92 5.61 30.99 -14.89
N ILE B 93 4.71 30.59 -13.97
CA ILE B 93 3.25 30.84 -14.08
C ILE B 93 2.65 30.60 -12.70
N TRP B 94 1.49 31.16 -12.41
CA TRP B 94 0.77 30.77 -11.18
C TRP B 94 -0.70 31.01 -11.36
N ASP B 95 -1.39 29.96 -11.79
CA ASP B 95 -2.86 29.86 -11.91
C ASP B 95 -3.29 29.08 -10.66
N ALA B 96 -3.75 29.77 -9.61
CA ALA B 96 -4.06 29.12 -8.32
C ALA B 96 -5.41 28.41 -8.45
N TYR B 97 -5.67 27.46 -7.58
CA TYR B 97 -6.97 26.75 -7.57
C TYR B 97 -7.99 27.63 -6.84
N ASP B 98 -9.17 27.83 -7.45
CA ASP B 98 -10.32 28.46 -6.72
C ASP B 98 -10.95 27.38 -5.85
N PRO B 99 -10.96 27.50 -4.49
CA PRO B 99 -11.34 26.36 -3.67
C PRO B 99 -12.83 25.99 -3.68
N PHE B 100 -13.70 27.00 -3.78
CA PHE B 100 -15.13 26.80 -3.50
C PHE B 100 -16.01 26.94 -4.73
N TYR B 101 -15.45 26.83 -5.95
CA TYR B 101 -16.22 27.10 -7.18
C TYR B 101 -17.36 26.08 -7.36
N TYR B 102 -17.21 24.90 -6.78
CA TYR B 102 -18.24 23.83 -6.85
C TYR B 102 -19.50 24.25 -6.06
N ARG B 103 -19.37 25.13 -5.06
CA ARG B 103 -20.50 25.67 -4.27
C ARG B 103 -20.99 27.00 -4.85
N LYS B 104 -20.12 27.72 -5.56
CA LYS B 104 -20.46 29.07 -6.09
C LYS B 104 -21.26 28.90 -7.35
N ALA B 105 -21.08 27.82 -8.09
CA ALA B 105 -21.88 27.56 -9.30
C ALA B 105 -23.03 26.62 -8.96
N LEU B 106 -24.16 26.78 -9.64
CA LEU B 106 -25.33 25.89 -9.53
C LEU B 106 -25.65 25.25 -10.86
N ILE B 107 -26.24 24.08 -10.80
CA ILE B 107 -26.91 23.48 -11.98
C ILE B 107 -28.40 23.68 -11.73
N LYS B 108 -29.11 24.07 -12.78
CA LYS B 108 -30.53 24.43 -12.66
C LYS B 108 -31.25 23.78 -13.80
N ILE B 109 -32.28 23.01 -13.53
CA ILE B 109 -33.03 22.38 -14.65
C ILE B 109 -34.51 22.69 -14.47
N THR B 110 -35.15 23.16 -15.54
CA THR B 110 -36.59 23.50 -15.56
C THR B 110 -37.23 22.58 -16.60
N TRP B 111 -38.30 21.90 -16.24
CA TRP B 111 -39.05 21.01 -17.16
C TRP B 111 -40.31 21.73 -17.65
N ASP B 112 -40.67 21.43 -18.91
CA ASP B 112 -41.99 21.68 -19.53
C ASP B 112 -42.39 23.16 -19.31
N ASP B 113 -41.44 24.08 -19.34
CA ASP B 113 -41.72 25.53 -19.26
C ASP B 113 -42.47 25.88 -17.98
N GLN B 114 -42.24 25.16 -16.89
CA GLN B 114 -42.79 25.57 -15.58
C GLN B 114 -42.10 26.87 -15.13
N ASP B 115 -42.68 27.54 -14.15
CA ASP B 115 -42.27 28.89 -13.67
C ASP B 115 -41.32 28.72 -12.48
N THR B 116 -40.96 27.49 -12.14
CA THR B 116 -40.03 27.23 -11.04
C THR B 116 -39.11 26.10 -11.52
N PRO B 117 -37.86 26.03 -11.03
CA PRO B 117 -36.99 24.91 -11.43
C PRO B 117 -37.36 23.62 -10.69
N SER B 118 -36.95 22.46 -11.26
CA SER B 118 -37.13 21.13 -10.64
C SER B 118 -35.78 20.63 -10.08
N VAL B 119 -34.65 21.13 -10.62
CA VAL B 119 -33.30 20.90 -10.06
C VAL B 119 -32.70 22.29 -9.80
N LEU B 120 -32.27 22.53 -8.58
CA LEU B 120 -31.49 23.75 -8.28
C LEU B 120 -30.52 23.37 -7.19
N VAL B 121 -29.29 23.01 -7.57
CA VAL B 121 -28.33 22.38 -6.62
C VAL B 121 -26.97 22.96 -6.94
N PRO B 122 -26.07 23.17 -5.95
CA PRO B 122 -24.70 23.52 -6.31
C PRO B 122 -24.12 22.46 -7.26
N PHE B 123 -23.31 22.92 -8.22
CA PHE B 123 -22.76 22.12 -9.34
C PHE B 123 -22.04 20.91 -8.74
N GLY B 124 -21.21 21.14 -7.73
CA GLY B 124 -20.48 20.03 -7.08
C GLY B 124 -21.44 19.05 -6.41
N ASP B 125 -22.33 19.56 -5.55
CA ASP B 125 -23.19 18.67 -4.70
C ASP B 125 -24.09 17.84 -5.60
N PHE B 126 -24.58 18.44 -6.68
CA PHE B 126 -25.42 17.70 -7.63
C PHE B 126 -24.71 16.40 -8.04
N PHE B 127 -23.46 16.53 -8.40
CA PHE B 127 -22.58 15.45 -8.86
C PHE B 127 -21.86 14.76 -7.71
N CYS B 128 -22.36 14.87 -6.48
CA CYS B 128 -21.82 14.16 -5.32
C CYS B 128 -20.39 14.58 -5.01
N ILE B 129 -20.08 15.83 -5.27
CA ILE B 129 -18.94 16.53 -4.65
C ILE B 129 -19.53 17.36 -3.54
N GLY B 130 -19.24 17.00 -2.31
CA GLY B 130 -19.74 17.73 -1.12
C GLY B 130 -18.64 18.63 -0.64
N ASN B 131 -19.00 19.77 -0.04
CA ASN B 131 -18.03 20.68 0.63
C ASN B 131 -17.01 21.23 -0.37
N SER B 132 -17.36 21.26 -1.66
CA SER B 132 -16.45 21.68 -2.75
C SER B 132 -15.13 20.90 -2.65
N TYR B 133 -15.19 19.64 -2.24
CA TYR B 133 -14.02 18.81 -1.95
C TYR B 133 -14.20 17.41 -2.51
N PRO B 134 -13.77 17.17 -3.76
CA PRO B 134 -14.08 15.89 -4.39
C PRO B 134 -13.45 14.67 -3.67
N GLY B 135 -14.16 13.54 -3.80
CA GLY B 135 -13.73 12.19 -3.41
C GLY B 135 -13.96 11.23 -4.58
N ASN B 136 -12.97 10.41 -4.88
CA ASN B 136 -13.10 9.36 -5.91
C ASN B 136 -14.14 8.31 -5.47
N PHE B 137 -15.16 8.01 -6.27
CA PHE B 137 -16.05 6.89 -5.91
C PHE B 137 -16.87 6.51 -7.12
N SER B 138 -17.46 5.33 -7.06
CA SER B 138 -18.49 4.90 -8.03
C SER B 138 -19.72 4.38 -7.28
N SER B 139 -20.88 4.64 -7.86
CA SER B 139 -22.17 4.10 -7.42
C SER B 139 -22.97 3.81 -8.68
N LEU B 140 -24.16 3.27 -8.55
CA LEU B 140 -24.90 2.93 -9.77
C LEU B 140 -25.31 4.19 -10.52
N PRO B 141 -25.90 5.24 -9.92
CA PRO B 141 -26.27 6.43 -10.70
C PRO B 141 -25.27 7.57 -10.84
N PHE B 142 -24.31 7.66 -9.93
CA PHE B 142 -23.33 8.78 -9.88
C PHE B 142 -21.92 8.23 -9.69
N ASN B 143 -20.98 8.87 -10.37
CA ASN B 143 -19.54 8.50 -10.25
C ASN B 143 -18.67 9.74 -10.31
N VAL B 144 -17.56 9.66 -9.58
CA VAL B 144 -16.49 10.68 -9.66
C VAL B 144 -15.18 9.95 -9.92
N SER B 145 -14.48 10.38 -10.95
CA SER B 145 -13.11 9.92 -11.29
C SER B 145 -12.11 11.02 -10.96
N LEU B 146 -11.46 10.90 -9.83
CA LEU B 146 -10.53 11.92 -9.28
C LEU B 146 -9.12 11.35 -9.23
N LYS B 147 -8.18 12.05 -9.83
CA LYS B 147 -6.75 11.64 -9.87
C LYS B 147 -6.17 11.73 -8.47
N PRO B 148 -5.39 10.74 -7.98
CA PRO B 148 -4.78 10.82 -6.65
C PRO B 148 -3.91 12.06 -6.47
N GLU B 149 -3.27 12.53 -7.53
CA GLU B 149 -2.42 13.75 -7.52
C GLU B 149 -3.27 14.99 -7.23
N GLU B 150 -4.56 14.97 -7.58
CA GLU B 150 -5.47 16.13 -7.36
C GLU B 150 -6.23 16.01 -6.04
N ALA B 151 -6.36 14.81 -5.45
CA ALA B 151 -7.31 14.49 -4.36
C ALA B 151 -6.84 15.14 -3.06
N GLY B 152 -7.75 15.38 -2.12
CA GLY B 152 -7.35 15.89 -0.80
C GLY B 152 -7.27 17.39 -0.85
N LYS B 153 -7.94 18.04 -1.77
CA LYS B 153 -7.95 19.52 -1.74
C LYS B 153 -9.28 20.08 -2.24
N PHE B 154 -9.60 21.25 -1.77
CA PHE B 154 -10.80 22.00 -2.22
C PHE B 154 -10.64 22.35 -3.68
N GLY B 155 -11.69 22.13 -4.46
CA GLY B 155 -11.74 22.60 -5.85
C GLY B 155 -10.93 21.71 -6.79
N ALA B 156 -10.64 20.45 -6.41
CA ALA B 156 -9.85 19.56 -7.28
C ALA B 156 -10.65 19.27 -8.53
N PRO B 157 -10.01 19.24 -9.71
CA PRO B 157 -10.69 18.81 -10.94
C PRO B 157 -10.99 17.32 -10.82
N CYS B 158 -12.08 16.89 -11.44
CA CYS B 158 -12.40 15.46 -11.48
C CYS B 158 -13.51 15.28 -12.50
N SER B 159 -13.75 14.05 -12.91
CA SER B 159 -14.82 13.73 -13.87
C SER B 159 -16.10 13.36 -13.09
N VAL B 160 -17.25 13.84 -13.53
CA VAL B 160 -18.55 13.57 -12.84
C VAL B 160 -19.48 12.95 -13.90
N SER B 161 -20.30 11.99 -13.48
CA SER B 161 -21.26 11.32 -14.39
C SER B 161 -22.53 10.99 -13.60
N CYS B 162 -23.64 11.17 -14.28
CA CYS B 162 -25.00 10.93 -13.73
C CYS B 162 -25.75 10.06 -14.74
N TYR B 163 -26.33 8.97 -14.24
CA TYR B 163 -27.13 8.04 -15.07
C TYR B 163 -28.60 8.00 -14.61
N PHE B 164 -29.01 8.86 -13.67
CA PHE B 164 -30.44 9.02 -13.34
C PHE B 164 -31.17 9.51 -14.59
N PRO B 165 -32.21 8.79 -15.06
CA PRO B 165 -32.94 9.24 -16.24
C PRO B 165 -33.82 10.44 -15.88
N MET B 166 -34.00 11.35 -16.84
CA MET B 166 -34.77 12.60 -16.62
C MET B 166 -35.73 12.77 -17.78
N PRO B 167 -36.94 12.18 -17.69
CA PRO B 167 -37.94 12.28 -18.77
C PRO B 167 -38.59 13.66 -18.78
N PHE B 168 -39.03 14.09 -19.96
CA PHE B 168 -39.73 15.37 -20.15
C PHE B 168 -40.64 15.27 -21.39
N ASN B 169 -41.91 15.59 -21.22
CA ASN B 169 -42.89 15.51 -22.34
C ASN B 169 -42.81 16.73 -23.24
N LYS B 170 -42.47 17.91 -22.72
CA LYS B 170 -42.57 19.18 -23.48
C LYS B 170 -41.20 19.90 -23.57
N LYS B 171 -40.42 19.99 -22.51
CA LYS B 171 -39.18 20.80 -22.59
C LYS B 171 -38.22 20.40 -21.46
N ALA B 172 -36.94 20.59 -21.73
CA ALA B 172 -35.85 20.59 -20.75
C ALA B 172 -35.04 21.85 -20.95
N LYS B 173 -34.78 22.59 -19.89
CA LYS B 173 -33.85 23.74 -19.96
C LYS B 173 -32.81 23.50 -18.88
N ILE B 174 -31.57 23.28 -19.29
CA ILE B 174 -30.43 23.00 -18.38
C ILE B 174 -29.52 24.24 -18.37
N GLU B 175 -29.22 24.76 -17.19
CA GLU B 175 -28.46 26.03 -17.04
C GLU B 175 -27.44 25.82 -15.96
N ILE B 176 -26.36 26.57 -16.09
CA ILE B 176 -25.40 26.79 -14.99
C ILE B 176 -25.54 28.23 -14.54
N VAL B 177 -25.63 28.42 -13.22
CA VAL B 177 -25.77 29.75 -12.60
C VAL B 177 -24.45 29.96 -11.87
N ASN B 178 -23.62 30.85 -12.37
CA ASN B 178 -22.27 31.03 -11.79
C ASN B 178 -22.27 32.22 -10.87
N ASP B 179 -22.38 31.99 -9.56
CA ASP B 179 -22.39 33.11 -8.57
C ASP B 179 -20.95 33.45 -8.18
N ASN B 180 -19.96 32.85 -8.83
CA ASN B 180 -18.54 33.13 -8.58
C ASN B 180 -18.19 34.52 -9.15
N GLU B 181 -17.29 35.24 -8.49
CA GLU B 181 -16.61 36.41 -9.10
C GLU B 181 -15.66 35.99 -10.22
N LEU B 182 -15.24 34.72 -10.28
CA LEU B 182 -14.42 34.18 -11.38
C LEU B 182 -15.26 33.39 -12.37
N PRO B 183 -14.85 33.38 -13.65
CA PRO B 183 -15.37 32.44 -14.62
C PRO B 183 -14.79 31.06 -14.28
N PHE B 184 -15.33 30.01 -14.87
CA PHE B 184 -14.74 28.65 -14.75
C PHE B 184 -14.98 27.88 -16.05
N ILE B 185 -14.07 26.93 -16.29
CA ILE B 185 -14.13 26.04 -17.47
C ILE B 185 -15.10 24.91 -17.15
N LEU B 186 -16.00 24.61 -18.06
CA LEU B 186 -16.92 23.48 -17.95
C LEU B 186 -16.91 22.73 -19.27
N TYR B 187 -16.54 21.45 -19.20
CA TYR B 187 -16.76 20.44 -20.26
C TYR B 187 -18.06 19.74 -19.93
N PHE B 188 -18.89 19.45 -20.91
CA PHE B 188 -20.06 18.59 -20.67
C PHE B 188 -20.46 17.83 -21.93
N ASN B 189 -21.05 16.66 -21.69
CA ASN B 189 -21.74 15.79 -22.67
C ASN B 189 -23.03 15.38 -21.98
N ILE B 190 -24.16 15.92 -22.44
CA ILE B 190 -25.50 15.57 -21.91
C ILE B 190 -26.25 14.83 -23.00
N ASP B 191 -26.48 13.54 -22.78
CA ASP B 191 -27.04 12.60 -23.77
C ASP B 191 -28.52 12.48 -23.52
N TYR B 192 -29.30 12.43 -24.58
CA TYR B 192 -30.75 12.23 -24.42
C TYR B 192 -31.23 11.45 -25.61
N GLU B 193 -32.49 11.05 -25.54
CA GLU B 193 -33.20 10.51 -26.71
C GLU B 193 -34.52 11.26 -26.85
N MET B 194 -34.99 11.35 -28.08
CA MET B 194 -36.29 11.97 -28.40
C MET B 194 -37.27 10.88 -28.82
N TYR B 195 -38.53 11.01 -28.41
CA TYR B 195 -39.64 10.05 -28.66
C TYR B 195 -40.62 10.60 -29.70
N GLY B 196 -41.23 9.71 -30.49
CA GLY B 196 -42.16 10.03 -31.58
C GLY B 196 -43.57 10.23 -31.02
N GLU B 197 -43.78 9.91 -29.74
CA GLU B 197 -45.08 10.06 -29.03
C GLU B 197 -44.81 10.64 -27.65
N PRO B 198 -45.85 11.23 -27.01
CA PRO B 198 -45.73 11.66 -25.61
C PRO B 198 -45.53 10.50 -24.62
N LEU B 199 -44.86 10.76 -23.50
CA LEU B 199 -44.77 9.77 -22.40
C LEU B 199 -46.13 9.79 -21.71
N PRO B 200 -46.52 8.76 -20.92
CA PRO B 200 -47.71 8.89 -20.07
C PRO B 200 -47.67 10.23 -19.29
N GLU B 201 -48.79 10.97 -19.16
CA GLU B 201 -48.83 12.33 -18.53
C GLU B 201 -48.47 12.21 -17.04
N ASP B 202 -48.70 11.04 -16.42
CA ASP B 202 -48.32 10.72 -15.03
C ASP B 202 -46.85 10.19 -14.96
N THR B 203 -46.02 10.38 -15.99
CA THR B 203 -44.58 10.08 -15.90
C THR B 203 -43.99 10.88 -14.73
N ALA B 204 -43.07 10.31 -13.95
CA ALA B 204 -42.41 11.02 -12.83
C ALA B 204 -41.11 11.67 -13.34
N TYR B 205 -40.96 12.96 -13.04
CA TYR B 205 -39.85 13.82 -13.53
C TYR B 205 -38.81 13.94 -12.41
N PHE B 206 -37.56 14.00 -12.82
CA PHE B 206 -36.37 14.08 -11.93
C PHE B 206 -36.32 15.46 -11.27
N HIS B 207 -36.14 15.46 -9.96
CA HIS B 207 -36.02 16.68 -9.15
C HIS B 207 -34.82 16.57 -8.23
N ALA B 208 -34.25 17.71 -7.88
CA ALA B 208 -33.22 17.73 -6.84
C ALA B 208 -33.13 19.07 -6.20
N ALA B 209 -32.80 19.07 -4.92
CA ALA B 209 -32.76 20.32 -4.13
C ALA B 209 -31.69 20.24 -3.08
N TRP B 210 -31.22 21.37 -2.65
CA TRP B 210 -30.08 21.43 -1.73
C TRP B 210 -30.45 22.20 -0.48
N HIS B 211 -29.94 21.76 0.67
CA HIS B 211 -30.24 22.39 1.97
C HIS B 211 -28.97 22.46 2.81
N ARG B 212 -28.95 23.39 3.74
CA ARG B 212 -27.85 23.47 4.73
C ARG B 212 -28.41 24.06 6.02
N GLU B 213 -27.93 23.51 7.14
CA GLU B 213 -28.15 24.04 8.49
C GLU B 213 -26.76 24.18 9.10
N ASN B 214 -26.32 25.42 9.23
CA ASN B 214 -24.96 25.70 9.68
C ASN B 214 -24.98 26.96 10.52
N PRO B 215 -25.01 26.86 11.85
CA PRO B 215 -25.03 25.57 12.55
C PRO B 215 -26.42 24.96 12.67
N CYS B 216 -26.47 23.64 12.84
CA CYS B 216 -27.67 22.96 13.38
C CYS B 216 -27.99 23.61 14.73
N ASN B 217 -29.25 23.80 15.07
CA ASN B 217 -29.66 24.37 16.39
C ASN B 217 -29.68 23.26 17.47
N GLY B 218 -28.52 22.75 17.85
CA GLY B 218 -28.39 21.73 18.90
C GLY B 218 -28.71 22.24 20.29
N TRP B 219 -29.26 21.37 21.15
CA TRP B 219 -29.50 21.71 22.58
C TRP B 219 -28.28 21.45 23.43
N GLY B 220 -27.32 20.65 22.93
CA GLY B 220 -26.23 20.15 23.79
C GLY B 220 -24.91 19.96 23.03
N PRO B 221 -24.45 20.97 22.26
CA PRO B 221 -23.21 20.80 21.48
C PRO B 221 -21.98 20.67 22.36
N GLU B 222 -22.04 21.18 23.59
CA GLU B 222 -20.88 21.14 24.53
C GLU B 222 -20.93 19.87 25.39
N LEU B 223 -22.00 19.08 25.34
CA LEU B 223 -22.09 17.80 26.09
C LEU B 223 -21.46 16.70 25.23
N GLN B 224 -20.67 15.81 25.85
CA GLN B 224 -20.04 14.68 25.15
C GLN B 224 -21.14 13.83 24.50
N VAL B 225 -20.97 13.56 23.24
CA VAL B 225 -21.80 12.60 22.48
C VAL B 225 -21.75 11.25 23.21
N ASN B 226 -22.93 10.66 23.39
CA ASN B 226 -23.13 9.30 23.95
C ASN B 226 -22.85 9.29 25.44
N SER B 227 -22.73 10.44 26.07
CA SER B 227 -22.84 10.53 27.54
C SER B 227 -24.23 10.02 27.95
N PRO B 228 -24.35 9.38 29.14
CA PRO B 228 -25.66 8.90 29.62
C PRO B 228 -26.70 10.02 29.61
N GLU B 229 -26.32 11.25 29.92
CA GLU B 229 -27.29 12.38 29.94
C GLU B 229 -27.84 12.64 28.53
N VAL B 230 -27.00 12.64 27.50
CA VAL B 230 -27.48 12.89 26.11
C VAL B 230 -28.38 11.75 25.67
N ASN B 231 -27.97 10.51 25.92
CA ASN B 231 -28.67 9.32 25.37
C ASN B 231 -30.04 9.12 26.01
N ASN B 232 -30.29 9.71 27.17
CA ASN B 232 -31.58 9.53 27.89
C ASN B 232 -32.56 10.66 27.57
N VAL B 233 -32.19 11.64 26.73
CA VAL B 233 -33.14 12.61 26.13
C VAL B 233 -33.98 11.91 25.07
N THR B 234 -35.27 12.24 25.06
CA THR B 234 -36.27 11.64 24.14
C THR B 234 -36.53 12.56 22.95
N ASN B 235 -36.86 11.96 21.81
CA ASN B 235 -37.33 12.66 20.60
C ASN B 235 -38.14 11.68 19.76
N PHE B 236 -39.47 11.81 19.78
CA PHE B 236 -40.39 11.02 18.95
C PHE B 236 -40.76 11.79 17.67
N LYS B 237 -41.18 13.05 17.81
CA LYS B 237 -41.90 13.77 16.72
C LYS B 237 -40.91 14.43 15.75
N GLY B 238 -39.66 14.65 16.16
CA GLY B 238 -38.60 15.10 15.25
C GLY B 238 -38.83 16.50 14.70
N GLU B 239 -39.54 17.37 15.44
CA GLU B 239 -39.86 18.74 14.96
C GLU B 239 -38.57 19.49 14.60
N ASN B 240 -37.48 19.26 15.32
CA ASN B 240 -36.22 20.02 15.13
C ASN B 240 -35.16 19.19 14.40
N ASN B 241 -35.56 18.07 13.77
CA ASN B 241 -34.61 17.22 13.00
C ASN B 241 -34.09 18.03 11.82
N TYR B 242 -32.91 17.65 11.33
CA TYR B 242 -32.38 18.19 10.06
C TYR B 242 -33.34 17.75 8.94
N THR B 243 -33.72 18.67 8.07
CA THR B 243 -34.67 18.40 6.97
C THR B 243 -33.94 18.19 5.65
N VAL B 244 -33.92 16.95 5.17
CA VAL B 244 -33.28 16.61 3.87
C VAL B 244 -34.21 17.08 2.75
N LEU B 245 -35.50 16.82 2.93
CA LEU B 245 -36.51 17.04 1.87
C LEU B 245 -37.85 17.33 2.53
N ASP B 246 -38.56 18.34 2.03
CA ASP B 246 -39.95 18.64 2.46
C ASP B 246 -40.72 19.00 1.20
N VAL B 247 -41.51 18.07 0.66
CA VAL B 247 -42.03 18.30 -0.71
C VAL B 247 -43.49 17.84 -0.76
N GLU B 248 -44.28 18.62 -1.49
CA GLU B 248 -45.68 18.33 -1.80
C GLU B 248 -45.74 17.76 -3.21
N GLY B 249 -46.44 16.65 -3.36
CA GLY B 249 -46.73 16.02 -4.65
C GLY B 249 -46.94 14.52 -4.55
N THR B 250 -46.93 13.88 -5.71
CA THR B 250 -47.00 12.42 -5.85
C THR B 250 -45.67 11.95 -6.46
N GLY B 251 -44.96 11.06 -5.78
CA GLY B 251 -43.70 10.57 -6.38
C GLY B 251 -42.93 9.70 -5.43
N HIS B 252 -41.60 9.75 -5.52
CA HIS B 252 -40.76 8.93 -4.63
C HIS B 252 -39.36 9.52 -4.51
N TYR B 253 -38.87 9.51 -3.28
CA TYR B 253 -37.51 9.92 -2.90
C TYR B 253 -36.54 8.80 -3.27
N VAL B 254 -35.46 9.14 -3.95
CA VAL B 254 -34.45 8.15 -4.42
C VAL B 254 -33.09 8.40 -3.78
N GLY B 255 -33.00 9.25 -2.77
CA GLY B 255 -31.80 9.31 -1.94
C GLY B 255 -31.20 10.69 -1.85
N CYS B 256 -29.98 10.72 -1.33
CA CYS B 256 -29.35 11.97 -0.90
C CYS B 256 -27.84 11.83 -0.87
N ASN B 257 -27.19 12.96 -0.93
CA ASN B 257 -25.84 13.06 -0.35
C ASN B 257 -25.90 13.99 0.85
N LEU B 258 -24.95 13.82 1.74
CA LEU B 258 -24.92 14.56 3.02
C LEU B 258 -23.48 14.91 3.31
N THR B 259 -23.24 16.18 3.48
CA THR B 259 -21.94 16.73 3.91
C THR B 259 -22.04 17.18 5.37
N VAL B 260 -21.19 16.62 6.23
CA VAL B 260 -21.20 17.00 7.66
C VAL B 260 -19.80 17.45 7.99
N LYS B 261 -19.67 18.67 8.49
CA LYS B 261 -18.49 19.12 9.26
C LYS B 261 -18.83 19.06 10.74
N HIS B 262 -18.07 18.24 11.46
CA HIS B 262 -18.29 17.89 12.87
C HIS B 262 -17.31 18.68 13.71
N PHE B 263 -17.79 19.35 14.76
CA PHE B 263 -16.92 20.25 15.56
C PHE B 263 -16.36 19.62 16.83
N GLN B 264 -17.05 18.68 17.46
CA GLN B 264 -16.74 18.23 18.85
C GLN B 264 -15.51 17.31 18.83
N GLY B 265 -15.31 16.58 17.75
CA GLY B 265 -14.23 15.58 17.71
C GLY B 265 -14.65 14.28 18.36
N SER B 266 -15.91 13.91 18.29
CA SER B 266 -16.39 12.61 18.83
C SER B 266 -17.06 11.87 17.67
N TRP B 267 -18.38 11.93 17.60
CA TRP B 267 -19.15 11.27 16.53
C TRP B 267 -20.39 12.10 16.23
N TRP B 268 -20.69 12.30 14.95
CA TRP B 268 -21.73 13.25 14.52
C TRP B 268 -23.01 12.49 14.18
N GLY B 269 -22.98 11.15 14.24
CA GLY B 269 -23.94 10.31 13.49
C GLY B 269 -24.90 9.48 14.33
N GLU B 270 -25.23 9.85 15.57
CA GLU B 270 -26.18 9.00 16.36
C GLU B 270 -27.63 9.24 15.89
N GLY B 271 -27.92 10.30 15.15
CA GLY B 271 -29.28 10.73 14.87
C GLY B 271 -29.96 9.81 13.89
N ASN B 272 -31.23 9.55 14.16
CA ASN B 272 -32.06 8.62 13.38
C ASN B 272 -32.63 9.35 12.17
N ASP B 273 -32.62 8.70 11.01
CA ASP B 273 -33.57 9.04 9.92
C ASP B 273 -35.01 8.83 10.41
N MET B 274 -35.86 9.78 10.07
CA MET B 274 -37.31 9.76 10.38
C MET B 274 -38.01 10.31 9.16
N PHE B 275 -38.82 9.47 8.55
CA PHE B 275 -39.63 9.79 7.36
C PHE B 275 -41.08 9.98 7.76
N PHE B 276 -41.63 11.08 7.30
CA PHE B 276 -43.05 11.46 7.48
C PHE B 276 -43.72 11.44 6.12
N ILE B 277 -44.59 10.47 5.94
CA ILE B 277 -45.30 10.25 4.65
C ILE B 277 -46.73 10.82 4.71
N ASP B 278 -47.08 11.63 3.73
CA ASP B 278 -48.44 12.12 3.43
C ASP B 278 -49.01 12.84 4.65
N GLY B 279 -48.20 13.64 5.36
CA GLY B 279 -48.67 14.53 6.43
C GLY B 279 -48.89 13.87 7.76
N GLU B 280 -48.48 12.61 7.98
CA GLU B 280 -48.60 11.98 9.31
C GLU B 280 -47.81 12.82 10.31
N GLU B 281 -48.28 12.88 11.54
CA GLU B 281 -47.72 13.74 12.61
C GLU B 281 -46.42 13.13 13.16
N TYR B 282 -46.43 11.83 13.43
CA TYR B 282 -45.27 11.03 13.91
C TYR B 282 -44.72 10.28 12.71
N PRO B 283 -43.38 10.10 12.60
CA PRO B 283 -42.82 9.43 11.43
C PRO B 283 -43.20 7.94 11.35
N SER B 284 -43.64 7.45 10.20
CA SER B 284 -43.96 6.00 10.06
C SER B 284 -42.67 5.20 9.82
N LEU B 285 -41.62 5.79 9.24
CA LEU B 285 -40.33 5.08 9.06
C LEU B 285 -39.33 5.66 10.06
N ASN B 286 -38.92 4.82 11.01
CA ASN B 286 -37.95 5.19 12.06
C ASN B 286 -36.65 4.41 11.84
N GLY B 287 -35.55 5.10 11.77
CA GLY B 287 -34.22 4.46 11.65
C GLY B 287 -33.53 4.48 12.97
N THR B 288 -32.23 4.25 12.96
CA THR B 288 -31.50 3.92 14.17
C THR B 288 -30.27 4.80 14.35
N GLY B 289 -29.76 5.37 13.28
CA GLY B 289 -28.49 6.12 13.38
C GLY B 289 -28.14 6.67 12.01
N THR B 290 -27.21 7.59 11.92
CA THR B 290 -27.00 8.25 10.60
C THR B 290 -26.11 7.37 9.70
N GLU B 291 -25.07 6.74 10.23
CA GLU B 291 -24.27 5.79 9.41
C GLU B 291 -25.20 4.62 9.06
N ASP B 292 -26.11 4.28 9.97
CA ASP B 292 -27.06 3.15 9.74
C ASP B 292 -27.93 3.48 8.53
N TYR B 293 -28.45 4.70 8.45
CA TYR B 293 -29.20 5.18 7.27
C TYR B 293 -28.33 5.01 6.01
N PHE B 294 -27.08 5.39 6.07
CA PHE B 294 -26.11 5.18 4.94
C PHE B 294 -25.61 3.73 4.81
N ASN B 295 -26.10 2.81 5.65
CA ASN B 295 -25.88 1.35 5.56
C ASN B 295 -24.43 0.99 5.89
N HIS B 296 -23.73 1.83 6.66
CA HIS B 296 -22.47 1.46 7.36
C HIS B 296 -22.82 1.19 8.83
N ALA B 297 -21.85 0.98 9.69
CA ALA B 297 -22.15 0.62 11.10
C ALA B 297 -20.93 0.94 11.92
N TRP B 298 -21.12 1.46 13.12
CA TRP B 298 -20.03 1.79 14.06
C TRP B 298 -19.12 2.82 13.39
N GLY B 299 -19.75 3.86 12.88
CA GLY B 299 -19.09 4.90 12.09
C GLY B 299 -19.27 4.67 10.60
N MET B 300 -18.75 5.58 9.79
CA MET B 300 -18.69 5.42 8.32
C MET B 300 -17.37 4.70 8.01
N GLN B 301 -17.39 3.85 7.00
CA GLN B 301 -16.21 3.15 6.44
C GLN B 301 -15.77 3.81 5.13
N ARG B 302 -14.53 3.53 4.71
CA ARG B 302 -14.02 3.94 3.38
C ARG B 302 -14.47 2.93 2.32
N ASN B 303 -15.77 2.86 2.14
CA ASN B 303 -16.43 2.02 1.13
C ASN B 303 -17.41 2.88 0.37
N ALA B 304 -17.52 2.61 -0.92
CA ALA B 304 -18.51 3.26 -1.80
C ALA B 304 -19.12 2.17 -2.67
N TYR B 305 -20.36 1.82 -2.38
CA TYR B 305 -21.04 0.64 -2.96
C TYR B 305 -22.12 1.16 -3.89
N PRO B 306 -22.76 0.27 -4.68
CA PRO B 306 -23.71 0.73 -5.70
C PRO B 306 -24.86 1.61 -5.19
N PHE B 307 -25.38 1.33 -3.98
CA PHE B 307 -26.53 2.08 -3.41
C PHE B 307 -26.14 2.95 -2.21
N PHE B 308 -24.91 2.93 -1.73
CA PHE B 308 -24.57 3.75 -0.54
C PHE B 308 -23.09 3.80 -0.28
N GLY B 309 -22.71 4.80 0.47
CA GLY B 309 -21.44 4.77 1.21
C GLY B 309 -20.83 6.12 1.38
N THR B 310 -19.49 6.11 1.40
CA THR B 310 -18.64 7.27 1.70
C THR B 310 -18.04 7.77 0.39
N ILE B 311 -18.12 9.08 0.17
CA ILE B 311 -17.41 9.81 -0.91
C ILE B 311 -16.13 10.44 -0.35
N VAL B 312 -16.23 11.08 0.80
CA VAL B 312 -15.06 11.69 1.49
C VAL B 312 -15.13 11.28 2.95
N HIS B 313 -14.09 10.63 3.46
CA HIS B 313 -14.12 10.05 4.81
C HIS B 313 -13.53 11.07 5.76
N GLU B 314 -14.15 11.22 6.92
CA GLU B 314 -13.71 12.16 7.99
C GLU B 314 -12.26 11.86 8.40
N GLY B 315 -11.85 10.60 8.38
CA GLY B 315 -10.48 10.22 8.76
C GLY B 315 -9.43 10.77 7.80
N ASP B 316 -9.83 11.31 6.63
CA ASP B 316 -8.90 11.81 5.59
C ASP B 316 -8.94 13.33 5.56
N THR B 317 -9.79 13.97 6.36
CA THR B 317 -10.03 15.42 6.28
C THR B 317 -9.88 16.03 7.66
N ASP B 318 -10.01 17.33 7.67
CA ASP B 318 -10.14 18.17 8.89
C ASP B 318 -11.62 18.19 9.33
N GLY B 319 -12.18 17.04 9.72
CA GLY B 319 -13.47 16.95 10.43
C GLY B 319 -14.70 16.87 9.54
N PHE B 320 -14.59 16.54 8.26
CA PHE B 320 -15.82 16.47 7.45
C PHE B 320 -15.90 15.18 6.66
N GLN B 321 -17.14 14.84 6.42
CA GLN B 321 -17.59 13.58 5.81
C GLN B 321 -18.60 13.91 4.73
N VAL B 322 -18.53 13.23 3.58
CA VAL B 322 -19.51 13.31 2.49
C VAL B 322 -20.02 11.87 2.24
N SER B 323 -21.32 11.63 2.39
CA SER B 323 -21.94 10.27 2.37
C SER B 323 -23.08 10.26 1.35
N TYR B 324 -23.51 9.08 0.95
CA TYR B 324 -24.65 9.02 0.01
C TYR B 324 -25.44 7.73 0.25
N ARG B 325 -26.69 7.80 -0.12
CA ARG B 325 -27.54 6.60 -0.23
C ARG B 325 -28.51 6.82 -1.38
N TRP B 326 -28.65 5.80 -2.22
CA TRP B 326 -29.62 5.72 -3.33
C TRP B 326 -30.69 4.70 -2.98
N HIS B 327 -31.93 5.12 -3.06
CA HIS B 327 -33.12 4.23 -2.93
C HIS B 327 -33.66 3.94 -4.32
N ILE B 328 -32.94 3.13 -5.07
CA ILE B 328 -33.28 2.86 -6.49
C ILE B 328 -34.29 1.71 -6.56
N THR B 329 -34.02 0.61 -5.86
CA THR B 329 -34.95 -0.53 -5.83
C THR B 329 -35.85 -0.41 -4.61
N ASP B 330 -35.50 0.45 -3.64
CA ASP B 330 -36.26 0.63 -2.39
C ASP B 330 -36.66 2.10 -2.19
N PRO B 331 -37.27 2.75 -3.20
CA PRO B 331 -37.64 4.16 -3.10
C PRO B 331 -38.68 4.41 -1.99
N VAL B 332 -38.73 5.65 -1.49
CA VAL B 332 -39.66 6.07 -0.42
C VAL B 332 -40.76 6.85 -1.13
N ARG B 333 -41.91 6.19 -1.28
CA ARG B 333 -43.01 6.72 -2.09
C ARG B 333 -43.91 7.62 -1.25
N PHE B 334 -44.59 8.52 -1.93
CA PHE B 334 -45.57 9.41 -1.28
C PHE B 334 -46.63 9.74 -2.32
N GLU B 335 -47.85 9.94 -1.83
CA GLU B 335 -49.04 10.30 -2.63
C GLU B 335 -49.28 11.80 -2.55
N LYS B 336 -48.93 12.43 -1.43
CA LYS B 336 -49.32 13.85 -1.20
C LYS B 336 -48.13 14.66 -0.71
N HIS B 337 -47.29 14.06 0.12
CA HIS B 337 -46.23 14.84 0.81
C HIS B 337 -45.18 13.89 1.36
N LEU B 338 -43.93 14.34 1.37
CA LEU B 338 -42.84 13.61 2.06
C LEU B 338 -41.97 14.61 2.79
N LYS B 339 -41.65 14.31 4.03
CA LYS B 339 -40.58 14.97 4.80
C LYS B 339 -39.54 13.92 5.17
N VAL B 340 -38.33 14.11 4.67
CA VAL B 340 -37.18 13.23 4.93
C VAL B 340 -36.33 13.98 5.94
N THR B 341 -36.14 13.43 7.14
CA THR B 341 -35.41 14.14 8.22
C THR B 341 -34.39 13.18 8.81
N ILE B 342 -33.39 13.73 9.51
CA ILE B 342 -32.42 12.98 10.33
C ILE B 342 -32.18 13.84 11.56
N GLU B 343 -32.22 13.25 12.74
CA GLU B 343 -31.81 13.94 13.97
C GLU B 343 -30.38 14.39 13.77
N HIS B 344 -30.07 15.63 14.11
CA HIS B 344 -28.68 16.12 13.99
C HIS B 344 -27.99 15.82 15.33
N GLY B 345 -27.34 14.66 15.39
CA GLY B 345 -27.00 13.99 16.65
C GLY B 345 -28.24 13.40 17.27
N HIS B 346 -28.05 12.54 18.28
CA HIS B 346 -29.19 11.98 19.03
C HIS B 346 -30.11 13.11 19.51
N ALA B 347 -31.39 13.01 19.22
CA ALA B 347 -32.40 13.99 19.71
C ALA B 347 -31.95 15.43 19.40
N ASN B 348 -31.21 15.64 18.31
CA ASN B 348 -30.80 16.97 17.80
C ASN B 348 -29.89 17.65 18.81
N GLN B 349 -29.03 16.87 19.46
CA GLN B 349 -28.04 17.36 20.43
C GLN B 349 -27.07 18.38 19.78
N LEU B 350 -26.65 18.13 18.55
CA LEU B 350 -25.40 18.71 18.03
C LEU B 350 -25.71 19.97 17.20
N SER B 351 -24.69 20.79 17.00
CA SER B 351 -24.75 22.08 16.27
C SER B 351 -23.72 22.07 15.13
N ASP B 352 -23.61 20.94 14.47
CA ASP B 352 -22.64 20.75 13.37
C ASP B 352 -23.11 21.47 12.09
N ASP B 353 -22.26 21.42 11.05
CA ASP B 353 -22.57 22.00 9.73
C ASP B 353 -23.02 20.86 8.81
N TRP B 354 -24.31 20.83 8.51
CA TRP B 354 -24.96 19.82 7.65
C TRP B 354 -25.47 20.48 6.37
N SER B 355 -25.14 19.88 5.24
CA SER B 355 -25.74 20.20 3.95
C SER B 355 -26.00 18.93 3.18
N SER B 356 -26.98 18.97 2.32
CA SER B 356 -27.55 17.76 1.70
C SER B 356 -28.11 18.11 0.35
N THR B 357 -28.00 17.16 -0.57
CA THR B 357 -28.73 17.14 -1.83
C THR B 357 -29.78 16.04 -1.72
N ALA B 358 -31.03 16.36 -1.97
CA ALA B 358 -32.12 15.38 -1.99
C ALA B 358 -32.51 15.17 -3.46
N TYR B 359 -32.77 13.93 -3.83
CA TYR B 359 -33.13 13.56 -5.21
C TYR B 359 -34.44 12.81 -5.13
N TRP B 360 -35.39 13.20 -5.98
CA TRP B 360 -36.70 12.51 -6.02
C TRP B 360 -37.28 12.62 -7.42
N TYR B 361 -38.28 11.79 -7.68
CA TYR B 361 -39.08 11.84 -8.91
C TYR B 361 -40.50 12.19 -8.48
N GLN B 362 -41.19 12.98 -9.29
CA GLN B 362 -42.61 13.31 -8.98
C GLN B 362 -43.31 13.62 -10.29
N ILE B 363 -44.62 13.36 -10.33
CA ILE B 363 -45.47 13.85 -11.45
C ILE B 363 -45.52 15.37 -11.37
N LEU B 364 -45.73 15.99 -12.53
CA LEU B 364 -45.92 17.45 -12.64
C LEU B 364 -47.39 17.75 -12.28
N PRO B 365 -47.72 19.00 -11.96
CA PRO B 365 -46.74 20.09 -11.82
C PRO B 365 -45.92 19.98 -10.52
N THR B 366 -44.76 20.64 -10.53
CA THR B 366 -43.91 20.86 -9.34
C THR B 366 -44.60 21.88 -8.46
N ALA B 367 -45.24 21.46 -7.35
CA ALA B 367 -46.05 22.37 -6.51
C ALA B 367 -45.15 23.07 -5.49
N SER B 368 -44.00 22.49 -5.12
CA SER B 368 -43.10 23.05 -4.09
C SER B 368 -42.11 23.93 -4.83
N ARG B 369 -41.96 25.17 -4.39
CA ARG B 369 -41.00 26.11 -4.99
C ARG B 369 -39.62 25.73 -4.45
N ILE B 370 -38.72 25.31 -5.32
CA ILE B 370 -37.34 24.92 -4.93
C ILE B 370 -36.51 26.19 -4.88
N THR B 371 -35.99 26.46 -3.71
CA THR B 371 -35.18 27.63 -3.40
C THR B 371 -33.75 27.17 -3.12
N ILE B 372 -32.81 28.10 -3.19
CA ILE B 372 -31.45 27.80 -2.67
C ILE B 372 -30.95 28.98 -1.86
N ALA B 373 -30.18 28.65 -0.85
CA ALA B 373 -29.47 29.61 0.00
C ALA B 373 -28.57 30.42 -0.93
N PRO B 374 -28.39 31.70 -0.60
CA PRO B 374 -27.49 32.55 -1.38
C PRO B 374 -26.04 32.08 -1.20
N VAL B 375 -25.16 32.56 -2.09
CA VAL B 375 -23.79 32.00 -2.25
C VAL B 375 -23.02 32.16 -0.95
N GLU B 376 -23.17 33.26 -0.22
CA GLU B 376 -22.38 33.46 1.03
C GLU B 376 -22.73 32.37 2.07
N ASP B 377 -23.87 31.69 1.92
CA ASP B 377 -24.35 30.63 2.86
C ASP B 377 -23.98 29.23 2.36
N ARG B 378 -23.27 29.10 1.24
CA ARG B 378 -22.94 27.80 0.63
C ARG B 378 -21.47 27.46 0.75
N LEU B 379 -20.66 28.31 1.37
CA LEU B 379 -19.21 28.10 1.40
C LEU B 379 -18.83 27.19 2.55
N PRO B 380 -17.89 26.27 2.31
CA PRO B 380 -17.38 25.46 3.39
C PRO B 380 -16.82 26.29 4.54
N VAL B 381 -16.97 25.74 5.74
CA VAL B 381 -16.36 26.29 6.95
C VAL B 381 -14.94 25.78 7.02
N VAL B 382 -13.97 26.69 6.93
CA VAL B 382 -12.54 26.31 6.98
C VAL B 382 -11.88 27.16 8.03
N PRO B 383 -10.84 26.63 8.70
CA PRO B 383 -10.04 27.43 9.61
C PRO B 383 -9.18 28.37 8.77
N GLN B 384 -8.78 29.48 9.37
CA GLN B 384 -8.09 30.61 8.71
C GLN B 384 -6.82 30.90 9.49
N LEU B 385 -5.71 31.11 8.80
CA LEU B 385 -4.46 31.52 9.45
C LEU B 385 -4.66 32.87 10.11
N PRO B 386 -4.04 33.15 11.28
CA PRO B 386 -4.11 34.48 11.88
C PRO B 386 -3.48 35.47 10.90
N GLU B 387 -3.89 36.73 10.97
CA GLU B 387 -3.31 37.81 10.13
C GLU B 387 -1.83 37.91 10.51
N ARG B 388 -0.96 37.98 9.51
CA ARG B 388 0.48 38.18 9.75
C ARG B 388 0.82 39.47 9.02
N LYS B 389 0.81 40.56 9.78
CA LYS B 389 1.17 41.92 9.31
C LYS B 389 2.69 41.95 9.19
N LEU B 390 3.21 41.50 8.04
CA LEU B 390 4.67 41.51 7.69
C LEU B 390 5.13 42.96 7.56
N VAL B 391 6.27 43.29 8.17
CA VAL B 391 6.98 44.58 7.95
C VAL B 391 8.16 44.29 7.02
N LEU B 392 8.26 44.93 5.86
CA LEU B 392 9.44 44.75 4.97
C LEU B 392 10.71 45.16 5.72
N PRO B 393 11.84 44.43 5.55
CA PRO B 393 13.11 44.95 6.03
C PRO B 393 13.50 46.14 5.13
N GLN B 394 14.58 46.81 5.51
CA GLN B 394 15.25 47.83 4.67
C GLN B 394 15.67 47.14 3.37
N LEU B 395 15.22 47.62 2.23
CA LEU B 395 15.49 46.99 0.93
C LEU B 395 16.81 47.52 0.36
N THR B 396 17.58 46.64 -0.28
CA THR B 396 18.68 47.06 -1.17
C THR B 396 18.06 47.65 -2.44
N GLU B 397 18.81 48.44 -3.19
CA GLU B 397 18.35 48.92 -4.51
C GLU B 397 17.91 47.72 -5.37
N GLU B 398 18.69 46.62 -5.37
CA GLU B 398 18.47 45.39 -6.16
C GLU B 398 17.12 44.74 -5.81
N GLN B 399 16.79 44.68 -4.53
CA GLN B 399 15.53 44.09 -4.02
C GLN B 399 14.38 45.01 -4.39
N GLN B 400 14.56 46.32 -4.28
CA GLN B 400 13.50 47.28 -4.71
C GLN B 400 13.27 47.11 -6.21
N ALA B 401 14.34 47.00 -7.02
CA ALA B 401 14.22 46.87 -8.48
C ALA B 401 13.49 45.54 -8.82
N ALA B 402 13.83 44.43 -8.13
CA ALA B 402 13.20 43.12 -8.38
C ALA B 402 11.70 43.28 -8.14
N ARG B 403 11.34 43.89 -7.03
CA ARG B 403 9.91 44.09 -6.66
C ARG B 403 9.21 44.93 -7.71
N ASP B 404 9.83 46.03 -8.14
CA ASP B 404 9.22 46.93 -9.15
C ASP B 404 9.08 46.20 -10.49
N THR B 405 10.11 45.47 -10.92
CA THR B 405 10.13 44.78 -12.21
C THR B 405 9.01 43.75 -12.22
N TYR B 406 8.90 43.00 -11.14
CA TYR B 406 7.85 41.97 -10.98
C TYR B 406 6.48 42.63 -11.00
N GLN B 407 6.31 43.68 -10.21
CA GLN B 407 5.03 44.47 -10.23
C GLN B 407 4.72 44.97 -11.64
N LYS B 408 5.72 45.43 -12.41
CA LYS B 408 5.47 45.86 -13.82
C LYS B 408 5.03 44.69 -14.68
N ARG B 409 5.66 43.52 -14.55
CA ARG B 409 5.22 42.34 -15.34
C ARG B 409 3.77 42.05 -15.00
N TRP B 410 3.42 42.10 -13.72
CA TRP B 410 2.05 41.78 -13.24
C TRP B 410 1.06 42.79 -13.83
N LYS B 411 1.43 44.08 -13.86
CA LYS B 411 0.53 45.14 -14.36
C LYS B 411 0.26 44.88 -15.85
N ASP B 412 1.25 44.41 -16.62
CA ASP B 412 1.13 44.15 -18.06
C ASP B 412 0.37 42.82 -18.31
N TYR B 413 0.67 41.81 -17.52
CA TYR B 413 0.26 40.40 -17.79
C TYR B 413 -1.23 40.22 -17.44
N GLU B 414 -1.65 40.69 -16.26
CA GLU B 414 -3.03 40.33 -15.80
C GLU B 414 -4.07 40.74 -16.85
N PRO B 415 -4.06 41.98 -17.39
CA PRO B 415 -5.07 42.38 -18.36
C PRO B 415 -5.01 41.55 -19.65
N ARG B 416 -3.83 41.05 -20.05
CA ARG B 416 -3.71 40.20 -21.26
C ARG B 416 -4.37 38.85 -20.98
N ARG B 417 -4.27 38.31 -19.76
CA ARG B 417 -5.04 37.08 -19.41
C ARG B 417 -6.55 37.42 -19.41
N ASP B 418 -6.93 38.55 -18.80
CA ASP B 418 -8.34 39.02 -18.75
C ASP B 418 -8.88 39.03 -20.18
N THR B 419 -8.16 39.61 -21.14
CA THR B 419 -8.61 39.64 -22.56
C THR B 419 -8.93 38.24 -23.08
N GLN B 420 -8.05 37.27 -22.82
CA GLN B 420 -8.27 35.88 -23.30
C GLN B 420 -9.49 35.25 -22.61
N PHE B 421 -9.72 35.46 -21.31
CA PHE B 421 -10.95 34.95 -20.64
C PHE B 421 -12.18 35.54 -21.33
N ARG B 422 -12.16 36.83 -21.66
CA ARG B 422 -13.38 37.49 -22.22
C ARG B 422 -13.68 36.88 -23.60
N ILE B 423 -12.64 36.57 -24.41
CA ILE B 423 -12.81 35.88 -25.71
C ILE B 423 -13.49 34.51 -25.49
N LYS B 424 -13.03 33.72 -24.54
CA LYS B 424 -13.61 32.37 -24.30
C LYS B 424 -15.06 32.53 -23.81
N GLU B 425 -15.32 33.51 -22.95
CA GLU B 425 -16.71 33.76 -22.46
C GLU B 425 -17.63 34.07 -23.64
N ASP B 426 -17.18 34.90 -24.58
CA ASP B 426 -17.98 35.17 -25.81
C ASP B 426 -18.30 33.87 -26.57
N LYS B 427 -17.33 32.97 -26.70
CA LYS B 427 -17.50 31.67 -27.35
C LYS B 427 -18.59 30.89 -26.58
N ALA B 428 -18.57 30.89 -25.27
CA ALA B 428 -19.57 30.12 -24.44
C ALA B 428 -20.98 30.65 -24.73
N ARG B 429 -21.12 31.98 -24.73
CA ARG B 429 -22.44 32.64 -24.97
C ARG B 429 -22.89 32.32 -26.41
N ARG B 430 -21.96 32.30 -27.37
CA ARG B 430 -22.25 31.95 -28.79
C ARG B 430 -22.72 30.49 -28.89
N GLU B 431 -22.02 29.55 -28.24
CA GLU B 431 -22.30 28.11 -28.37
C GLU B 431 -23.58 27.75 -27.62
N SER B 432 -23.91 28.47 -26.54
CA SER B 432 -25.20 28.30 -25.82
C SER B 432 -26.34 28.43 -26.83
N LYS B 433 -26.34 29.50 -27.62
CA LYS B 433 -27.40 29.70 -28.65
C LYS B 433 -27.34 28.56 -29.66
N LEU B 434 -26.16 28.22 -30.19
CA LEU B 434 -26.05 27.19 -31.27
C LEU B 434 -26.56 25.85 -30.76
N ASN B 435 -26.29 25.51 -29.49
CA ASN B 435 -26.73 24.22 -28.88
C ASN B 435 -28.26 24.09 -28.98
N THR B 436 -28.96 25.15 -28.62
CA THR B 436 -30.45 25.15 -28.56
C THR B 436 -30.92 25.09 -30.02
N GLU B 437 -30.29 25.86 -30.91
CA GLU B 437 -30.69 25.88 -32.34
C GLU B 437 -30.53 24.49 -32.95
N PHE B 438 -29.40 23.83 -32.71
CA PHE B 438 -29.16 22.50 -33.32
C PHE B 438 -30.17 21.50 -32.75
N ALA B 439 -30.45 21.60 -31.45
CA ALA B 439 -31.35 20.68 -30.74
C ALA B 439 -32.74 20.83 -31.37
N LYS B 440 -33.13 22.04 -31.78
CA LYS B 440 -34.44 22.29 -32.42
C LYS B 440 -34.43 21.71 -33.83
N LYS B 441 -33.35 21.89 -34.56
CA LYS B 441 -33.22 21.34 -35.94
C LYS B 441 -33.33 19.82 -35.85
N LEU B 442 -32.66 19.21 -34.87
CA LEU B 442 -32.65 17.73 -34.73
C LEU B 442 -34.07 17.24 -34.42
N ARG B 443 -34.72 17.91 -33.47
CA ARG B 443 -36.15 17.67 -33.08
C ARG B 443 -37.05 17.70 -34.32
N ASP B 444 -36.94 18.76 -35.13
CA ASP B 444 -37.87 19.02 -36.26
C ASP B 444 -37.59 18.02 -37.39
N ALA B 445 -36.31 17.74 -37.66
CA ALA B 445 -35.89 16.72 -38.65
C ALA B 445 -36.40 15.34 -38.21
N PHE B 446 -36.29 14.98 -36.92
CA PHE B 446 -36.74 13.65 -36.42
C PHE B 446 -38.25 13.53 -36.61
N ASP B 447 -38.97 14.57 -36.21
CA ASP B 447 -40.46 14.64 -36.23
C ASP B 447 -40.97 14.63 -37.68
N ALA B 448 -40.27 15.22 -38.64
CA ALA B 448 -40.66 15.19 -40.08
C ALA B 448 -40.56 13.75 -40.63
N GLU B 449 -39.44 13.03 -40.37
CA GLU B 449 -39.14 11.66 -40.89
C GLU B 449 -40.31 10.69 -40.63
N GLU C 3 38.03 6.13 29.25
CA GLU C 3 37.81 7.10 28.15
C GLU C 3 36.62 6.64 27.28
N ILE C 4 36.24 7.44 26.29
CA ILE C 4 34.97 7.27 25.53
C ILE C 4 35.22 6.18 24.49
N THR C 5 34.25 5.28 24.29
CA THR C 5 34.35 4.21 23.26
C THR C 5 33.11 4.18 22.36
N GLY C 6 33.22 3.38 21.30
CA GLY C 6 32.16 3.22 20.29
C GLY C 6 32.26 4.19 19.14
N LEU C 7 31.39 3.98 18.16
CA LEU C 7 31.49 4.61 16.83
C LEU C 7 31.27 6.13 16.92
N PHE C 8 30.70 6.69 18.01
CA PHE C 8 30.54 8.16 18.15
C PHE C 8 31.73 8.80 18.89
N LYS C 9 32.74 8.05 19.30
CA LYS C 9 33.72 8.58 20.30
C LYS C 9 34.47 9.82 19.77
N ASP C 10 34.73 9.90 18.48
CA ASP C 10 35.55 10.99 17.87
C ASP C 10 34.81 12.32 18.00
N LEU C 11 33.48 12.32 18.19
CA LEU C 11 32.76 13.58 18.43
C LEU C 11 33.19 14.24 19.75
N THR C 12 33.84 13.51 20.66
CA THR C 12 34.10 13.96 22.05
C THR C 12 35.52 14.50 22.19
N LYS C 13 36.25 14.68 21.09
CA LYS C 13 37.59 15.29 21.09
C LYS C 13 37.71 16.25 19.90
N VAL C 14 38.33 17.39 20.13
CA VAL C 14 38.50 18.43 19.09
C VAL C 14 39.70 18.04 18.25
N LYS C 15 39.67 18.39 16.98
CA LYS C 15 40.76 18.21 16.02
C LYS C 15 41.06 19.58 15.44
N HIS C 16 42.34 19.93 15.27
CA HIS C 16 42.74 21.26 14.73
C HIS C 16 42.85 21.12 13.22
N ALA C 17 41.72 20.90 12.56
CA ALA C 17 41.61 20.73 11.09
C ALA C 17 40.60 21.76 10.59
N ARG C 18 40.79 22.27 9.38
CA ARG C 18 40.00 23.36 8.81
C ARG C 18 39.10 22.78 7.71
N ASN C 19 37.81 23.02 7.85
CA ASN C 19 36.82 22.61 6.83
C ASN C 19 37.01 23.42 5.55
N GLY C 20 36.80 22.77 4.40
CA GLY C 20 36.60 23.45 3.13
C GLY C 20 35.48 22.77 2.37
N ARG C 21 35.03 23.40 1.30
CA ARG C 21 33.98 22.77 0.48
C ARG C 21 34.09 23.24 -0.95
N LEU C 22 34.08 22.29 -1.87
CA LEU C 22 33.92 22.62 -3.30
C LEU C 22 32.44 22.54 -3.58
N ALA C 23 31.83 23.58 -4.12
CA ALA C 23 30.40 23.55 -4.48
C ALA C 23 30.13 24.29 -5.79
N SER C 24 28.95 24.01 -6.37
CA SER C 24 28.46 24.61 -7.60
C SER C 24 27.76 25.93 -7.24
N TRP C 25 28.05 26.51 -6.08
CA TRP C 25 27.37 27.72 -5.57
C TRP C 25 27.54 28.84 -6.59
N ASP C 26 26.48 29.65 -6.71
CA ASP C 26 26.41 30.76 -7.68
C ASP C 26 27.38 31.85 -7.21
N GLN C 27 28.50 32.01 -7.91
CA GLN C 27 29.56 32.96 -7.47
C GLN C 27 29.20 34.38 -7.94
N ARG C 28 28.08 34.55 -8.63
CA ARG C 28 27.44 35.89 -8.82
C ARG C 28 26.57 36.24 -7.59
N GLY C 29 26.40 35.33 -6.66
CA GLY C 29 25.57 35.52 -5.46
C GLY C 29 24.09 35.28 -5.71
N LYS C 30 23.73 34.76 -6.88
CA LYS C 30 22.33 34.61 -7.34
C LYS C 30 21.88 33.17 -7.11
N ASN C 31 20.84 32.71 -7.80
CA ASN C 31 20.21 31.41 -7.47
C ASN C 31 20.41 30.39 -8.57
N GLN C 32 21.53 30.46 -9.33
CA GLN C 32 21.98 29.38 -10.23
C GLN C 32 23.13 28.64 -9.55
N ASP C 33 22.81 27.91 -8.49
CA ASP C 33 23.84 27.26 -7.64
C ASP C 33 24.22 25.90 -8.23
N TYR C 34 24.25 25.81 -9.55
CA TYR C 34 24.62 24.59 -10.32
C TYR C 34 25.53 24.98 -11.45
N TRP C 35 26.26 24.01 -11.98
CA TRP C 35 27.07 24.14 -13.21
C TRP C 35 26.40 23.43 -14.40
N GLU C 36 26.30 24.15 -15.53
CA GLU C 36 25.98 23.53 -16.83
C GLU C 36 27.26 22.90 -17.41
N ILE C 37 27.45 21.62 -17.17
CA ILE C 37 28.67 20.89 -17.63
C ILE C 37 28.62 20.80 -19.15
N PRO C 38 29.61 21.35 -19.88
CA PRO C 38 29.53 21.36 -21.34
C PRO C 38 29.58 19.97 -21.97
N ALA C 39 28.95 19.84 -23.13
CA ALA C 39 29.03 18.64 -23.98
C ALA C 39 30.47 18.41 -24.44
N GLY C 40 30.95 17.17 -24.34
CA GLY C 40 32.23 16.71 -24.90
C GLY C 40 33.40 17.39 -24.23
N GLU C 41 33.30 17.70 -22.94
CA GLU C 41 34.37 18.44 -22.24
C GLU C 41 34.59 17.80 -20.90
N SER C 42 35.78 18.02 -20.35
CA SER C 42 36.04 17.75 -18.93
C SER C 42 35.99 19.07 -18.19
N ILE C 43 35.61 19.04 -16.93
CA ILE C 43 35.58 20.25 -16.09
C ILE C 43 36.05 19.85 -14.69
N THR C 44 36.85 20.71 -14.08
CA THR C 44 37.39 20.47 -12.73
C THR C 44 36.45 21.05 -11.69
N LEU C 45 35.82 20.19 -10.88
CA LEU C 45 34.98 20.66 -9.73
C LEU C 45 35.88 21.43 -8.77
N GLY C 46 37.14 21.02 -8.65
CA GLY C 46 38.11 21.69 -7.76
C GLY C 46 39.39 20.92 -7.64
N GLU C 47 40.50 21.62 -7.39
CA GLU C 47 41.76 20.99 -6.94
C GLU C 47 41.98 21.52 -5.54
N ILE C 48 42.35 20.65 -4.62
CA ILE C 48 42.65 20.99 -3.22
C ILE C 48 44.08 20.55 -2.94
N GLU C 49 44.86 21.39 -2.27
CA GLU C 49 46.20 21.03 -1.77
C GLU C 49 46.06 20.28 -0.46
N GLY C 50 46.72 19.14 -0.37
CA GLY C 50 46.81 18.38 0.89
C GLY C 50 47.77 19.07 1.87
N PRO C 51 47.95 18.49 3.06
CA PRO C 51 47.23 17.27 3.44
C PRO C 51 45.75 17.53 3.84
N GLY C 52 44.87 16.59 3.51
CA GLY C 52 43.44 16.74 3.79
C GLY C 52 42.68 15.44 3.60
N CYS C 53 41.36 15.49 3.72
CA CYS C 53 40.53 14.28 3.54
C CYS C 53 39.16 14.72 3.03
N ILE C 54 38.68 14.10 1.97
CA ILE C 54 37.26 14.31 1.57
C ILE C 54 36.39 13.57 2.58
N THR C 55 35.38 14.23 3.12
CA THR C 55 34.54 13.62 4.15
C THR C 55 33.11 13.35 3.67
N HIS C 56 32.64 14.08 2.67
CA HIS C 56 31.24 13.99 2.21
C HIS C 56 31.12 14.54 0.80
N MET C 57 30.40 13.84 -0.05
CA MET C 57 29.97 14.41 -1.33
C MET C 57 28.45 14.29 -1.43
N TRP C 58 27.80 15.37 -1.85
CA TRP C 58 26.39 15.36 -2.26
C TRP C 58 26.34 15.86 -3.69
N MET C 59 25.51 15.27 -4.54
CA MET C 59 25.29 15.86 -5.88
C MET C 59 23.84 15.64 -6.30
N THR C 60 23.40 16.41 -7.30
CA THR C 60 22.22 16.04 -8.10
C THR C 60 22.43 16.56 -9.50
N SER C 61 21.60 16.13 -10.43
CA SER C 61 21.86 16.44 -11.84
C SER C 61 20.56 16.39 -12.62
N SER C 62 20.58 17.02 -13.78
CA SER C 62 19.50 16.94 -14.76
C SER C 62 20.11 17.02 -16.16
N CYS C 63 19.54 16.33 -17.13
CA CYS C 63 19.99 16.38 -18.54
C CYS C 63 18.75 16.28 -19.42
N ARG C 64 18.30 17.43 -19.92
CA ARG C 64 17.11 17.54 -20.78
C ARG C 64 17.61 17.92 -22.18
N LYS C 65 16.90 17.46 -23.18
CA LYS C 65 17.10 17.85 -24.59
C LYS C 65 15.87 18.66 -25.03
N VAL C 66 16.09 19.81 -25.62
CA VAL C 66 14.98 20.67 -26.10
C VAL C 66 14.50 19.99 -27.38
N VAL C 67 13.25 19.55 -27.42
CA VAL C 67 12.74 18.78 -28.59
C VAL C 67 11.57 19.50 -29.25
N ALA C 68 11.05 20.57 -28.68
CA ALA C 68 9.89 21.31 -29.27
C ALA C 68 10.03 22.78 -28.93
N PRO C 69 9.39 23.66 -29.72
CA PRO C 69 9.40 25.08 -29.43
C PRO C 69 8.56 25.34 -28.16
N SER C 70 8.92 26.34 -27.37
CA SER C 70 8.17 26.70 -26.16
C SER C 70 7.49 28.07 -26.34
N ILE C 71 6.40 28.31 -25.62
CA ILE C 71 5.80 29.67 -25.52
C ILE C 71 6.35 30.35 -24.28
N LEU C 72 7.23 29.68 -23.53
CA LEU C 72 7.97 30.35 -22.41
C LEU C 72 9.11 31.17 -23.03
N ASP C 73 9.16 32.46 -22.72
CA ASP C 73 10.28 33.34 -23.12
C ASP C 73 11.61 32.70 -22.72
N PRO C 74 12.47 32.30 -23.69
CA PRO C 74 13.65 31.49 -23.36
C PRO C 74 14.74 32.23 -22.58
N GLU C 75 14.82 33.54 -22.73
CA GLU C 75 15.80 34.36 -21.98
C GLU C 75 15.35 34.44 -20.53
N LEU C 76 14.10 34.78 -20.28
CA LEU C 76 13.62 34.89 -18.88
C LEU C 76 13.62 33.48 -18.25
N ASN C 77 13.28 32.45 -19.02
CA ASN C 77 13.16 31.07 -18.53
C ASN C 77 14.51 30.58 -17.99
N ALA C 78 15.63 31.07 -18.52
CA ALA C 78 17.00 30.69 -18.12
C ALA C 78 17.23 31.08 -16.66
N SER C 79 16.52 32.11 -16.16
CA SER C 79 16.67 32.65 -14.78
C SER C 79 15.60 32.11 -13.82
N ALA C 80 14.62 31.33 -14.29
CA ALA C 80 13.56 30.74 -13.41
C ALA C 80 14.15 29.50 -12.77
N ALA C 81 13.33 28.55 -12.34
CA ALA C 81 13.83 27.25 -11.86
C ALA C 81 14.68 26.63 -12.96
N PRO C 82 15.69 25.83 -12.56
CA PRO C 82 16.65 25.24 -13.50
C PRO C 82 16.08 24.23 -14.49
N VAL C 83 15.00 23.57 -14.08
CA VAL C 83 14.43 22.42 -14.83
C VAL C 83 12.91 22.60 -14.96
N MET C 84 12.45 22.57 -16.19
CA MET C 84 11.03 22.74 -16.55
C MET C 84 10.35 21.37 -16.43
N GLU C 85 9.99 21.05 -15.19
CA GLU C 85 9.18 19.87 -14.79
C GLU C 85 7.75 20.12 -15.21
N ILE C 86 7.51 20.08 -16.53
CA ILE C 86 6.23 20.48 -17.15
C ILE C 86 5.86 19.38 -18.13
N HIS C 87 4.68 18.82 -17.97
CA HIS C 87 4.24 17.68 -18.78
C HIS C 87 4.09 18.13 -20.22
N PRO C 88 4.63 17.36 -21.19
CA PRO C 88 4.47 17.68 -22.61
C PRO C 88 3.02 17.77 -23.09
N ALA C 89 2.06 17.18 -22.40
CA ALA C 89 0.65 17.20 -22.82
C ALA C 89 0.09 18.61 -22.66
N LEU C 90 0.80 19.54 -21.99
CA LEU C 90 0.24 20.92 -21.88
C LEU C 90 0.48 21.77 -23.13
N GLY C 91 1.37 21.32 -24.04
CA GLY C 91 1.61 21.98 -25.33
C GLY C 91 2.41 23.25 -25.22
N VAL C 92 3.14 23.50 -24.12
CA VAL C 92 3.80 24.82 -23.89
C VAL C 92 5.32 24.77 -23.91
N ILE C 93 5.90 23.58 -23.74
CA ILE C 93 7.35 23.35 -23.67
C ILE C 93 7.58 21.84 -23.77
N TRP C 94 8.76 21.45 -24.23
CA TRP C 94 9.14 20.04 -24.18
C TRP C 94 10.65 19.94 -24.04
N ASP C 95 11.08 19.81 -22.81
CA ASP C 95 12.47 19.48 -22.46
C ASP C 95 12.45 17.98 -22.09
N ALA C 96 12.88 17.12 -23.02
CA ALA C 96 12.80 15.65 -22.88
C ALA C 96 13.97 15.19 -22.02
N TYR C 97 13.81 14.08 -21.32
CA TYR C 97 14.87 13.51 -20.49
C TYR C 97 15.88 12.79 -21.39
N ASP C 98 17.15 13.05 -21.16
CA ASP C 98 18.24 12.27 -21.78
C ASP C 98 18.42 11.00 -20.96
N PRO C 99 18.18 9.82 -21.54
CA PRO C 99 18.10 8.62 -20.69
C PRO C 99 19.43 8.10 -20.13
N PHE C 100 20.58 8.28 -20.82
CA PHE C 100 21.83 7.55 -20.49
C PHE C 100 22.92 8.51 -20.01
N TYR C 101 22.57 9.74 -19.65
CA TYR C 101 23.62 10.74 -19.25
C TYR C 101 24.48 10.25 -18.06
N TYR C 102 23.94 9.41 -17.19
CA TYR C 102 24.69 8.88 -16.03
C TYR C 102 25.84 7.97 -16.47
N ARG C 103 25.74 7.40 -17.67
CA ARG C 103 26.79 6.54 -18.26
C ARG C 103 27.69 7.35 -19.20
N LYS C 104 27.19 8.45 -19.75
CA LYS C 104 27.95 9.28 -20.71
C LYS C 104 28.93 10.19 -19.98
N ALA C 105 28.70 10.53 -18.71
CA ALA C 105 29.59 11.36 -17.89
C ALA C 105 30.34 10.45 -16.96
N LEU C 106 31.58 10.79 -16.65
CA LEU C 106 32.41 10.09 -15.66
C LEU C 106 32.75 11.06 -14.54
N ILE C 107 32.95 10.50 -13.37
CA ILE C 107 33.66 11.19 -12.28
C ILE C 107 35.09 10.68 -12.25
N LYS C 108 36.04 11.61 -12.10
CA LYS C 108 37.47 11.31 -12.26
C LYS C 108 38.18 12.00 -11.11
N ILE C 109 38.87 11.24 -10.27
CA ILE C 109 39.61 11.84 -9.13
C ILE C 109 41.06 11.39 -9.24
N THR C 110 41.98 12.33 -9.02
CA THR C 110 43.43 12.12 -9.14
C THR C 110 44.02 12.63 -7.82
N TRP C 111 44.76 11.79 -7.13
CA TRP C 111 45.48 12.09 -5.89
C TRP C 111 46.96 12.40 -6.19
N ASP C 112 47.48 13.38 -5.45
CA ASP C 112 48.94 13.65 -5.29
C ASP C 112 49.60 13.75 -6.68
N ASP C 113 48.90 14.34 -7.65
CA ASP C 113 49.46 14.59 -9.02
C ASP C 113 49.99 13.29 -9.66
N GLN C 114 49.36 12.14 -9.39
CA GLN C 114 49.76 10.87 -10.05
C GLN C 114 49.42 10.96 -11.53
N ASP C 115 50.08 10.13 -12.32
CA ASP C 115 49.92 10.06 -13.79
C ASP C 115 48.73 9.16 -14.14
N THR C 116 47.92 8.78 -13.16
CA THR C 116 46.60 8.14 -13.42
C THR C 116 45.61 8.67 -12.41
N PRO C 117 44.33 8.77 -12.79
CA PRO C 117 43.28 8.94 -11.77
C PRO C 117 43.27 7.68 -10.89
N SER C 118 42.75 7.81 -9.67
CA SER C 118 42.48 6.71 -8.73
C SER C 118 40.98 6.36 -8.76
N VAL C 119 40.15 7.29 -9.22
CA VAL C 119 38.70 7.05 -9.46
C VAL C 119 38.43 7.42 -10.90
N LEU C 120 37.83 6.54 -11.66
CA LEU C 120 37.41 6.84 -13.03
C LEU C 120 36.22 5.92 -13.25
N VAL C 121 35.03 6.43 -12.94
CA VAL C 121 33.77 5.63 -12.94
C VAL C 121 32.71 6.50 -13.62
N PRO C 122 31.75 5.93 -14.39
CA PRO C 122 30.61 6.70 -14.86
C PRO C 122 29.94 7.34 -13.63
N PHE C 123 29.45 8.56 -13.82
CA PHE C 123 28.91 9.45 -12.78
C PHE C 123 27.83 8.69 -11.99
N GLY C 124 26.90 8.07 -12.72
CA GLY C 124 25.82 7.30 -12.10
C GLY C 124 26.39 6.17 -11.27
N ASP C 125 27.23 5.35 -11.87
CA ASP C 125 27.62 4.07 -11.24
C ASP C 125 28.43 4.36 -9.97
N PHE C 126 29.25 5.41 -10.02
CA PHE C 126 30.03 5.78 -8.82
C PHE C 126 29.09 5.96 -7.63
N PHE C 127 27.98 6.68 -7.87
CA PHE C 127 26.96 7.02 -6.85
C PHE C 127 25.87 5.93 -6.79
N CYS C 128 26.20 4.71 -7.20
CA CYS C 128 25.28 3.54 -7.04
C CYS C 128 23.98 3.77 -7.80
N ILE C 129 24.10 4.43 -8.95
CA ILE C 129 23.05 4.40 -10.00
C ILE C 129 23.62 3.48 -11.07
N GLY C 130 23.05 2.27 -11.19
CA GLY C 130 23.47 1.38 -12.26
C GLY C 130 22.56 1.52 -13.44
N ASN C 131 23.10 1.23 -14.60
CA ASN C 131 22.31 1.12 -15.85
C ASN C 131 21.68 2.48 -16.17
N SER C 132 22.25 3.60 -15.72
CA SER C 132 21.68 4.95 -15.87
C SER C 132 20.19 4.95 -15.44
N TYR C 133 19.85 4.19 -14.39
CA TYR C 133 18.47 3.97 -13.94
C TYR C 133 18.41 3.97 -12.41
N PRO C 134 18.19 5.15 -11.80
CA PRO C 134 18.22 5.26 -10.34
C PRO C 134 17.21 4.37 -9.64
N GLY C 135 17.60 3.93 -8.47
CA GLY C 135 16.74 3.34 -7.45
C GLY C 135 16.95 4.02 -6.11
N ASN C 136 15.86 4.22 -5.39
CA ASN C 136 15.86 4.82 -4.04
C ASN C 136 16.46 3.84 -3.04
N PHE C 137 17.50 4.23 -2.28
CA PHE C 137 18.00 3.33 -1.22
C PHE C 137 18.95 4.08 -0.31
N SER C 138 19.18 3.48 0.85
CA SER C 138 20.20 3.99 1.78
C SER C 138 21.16 2.86 2.10
N SER C 139 22.41 3.20 2.37
CA SER C 139 23.37 2.25 2.95
C SER C 139 24.30 3.12 3.82
N LEU C 140 25.24 2.53 4.51
CA LEU C 140 26.15 3.37 5.34
C LEU C 140 26.96 4.36 4.50
N PRO C 141 27.68 4.00 3.42
CA PRO C 141 28.50 4.97 2.70
C PRO C 141 27.84 5.71 1.54
N PHE C 142 26.80 5.13 0.93
CA PHE C 142 26.14 5.73 -0.25
C PHE C 142 24.62 5.74 -0.06
N ASN C 143 23.98 6.77 -0.57
CA ASN C 143 22.52 6.93 -0.52
C ASN C 143 22.04 7.57 -1.82
N VAL C 144 20.85 7.15 -2.23
CA VAL C 144 20.11 7.81 -3.32
C VAL C 144 18.74 8.16 -2.80
N SER C 145 18.34 9.40 -2.99
CA SER C 145 16.97 9.87 -2.64
C SER C 145 16.29 10.24 -3.94
N LEU C 146 15.40 9.37 -4.33
CA LEU C 146 14.73 9.45 -5.63
C LEU C 146 13.24 9.57 -5.37
N LYS C 147 12.62 10.59 -5.94
CA LYS C 147 11.17 10.79 -5.82
C LYS C 147 10.43 9.70 -6.56
N PRO C 148 9.34 9.18 -5.99
CA PRO C 148 8.47 8.25 -6.71
C PRO C 148 7.91 8.74 -8.06
N GLU C 149 7.69 10.04 -8.22
CA GLU C 149 7.20 10.69 -9.48
C GLU C 149 8.27 10.56 -10.58
N GLU C 150 9.53 10.48 -10.20
CA GLU C 150 10.66 10.36 -11.15
C GLU C 150 11.11 8.89 -11.32
N ALA C 151 10.83 7.98 -10.38
CA ALA C 151 11.43 6.62 -10.31
C ALA C 151 10.89 5.75 -11.45
N GLY C 152 11.64 4.74 -11.85
CA GLY C 152 11.19 3.79 -12.88
C GLY C 152 11.48 4.29 -14.27
N LYS C 153 12.44 5.20 -14.45
CA LYS C 153 12.87 5.52 -15.82
C LYS C 153 14.36 5.81 -15.90
N PHE C 154 14.89 5.67 -17.10
CA PHE C 154 16.31 5.99 -17.36
C PHE C 154 16.50 7.49 -17.17
N GLY C 155 17.58 7.86 -16.48
CA GLY C 155 18.04 9.25 -16.37
C GLY C 155 17.20 10.05 -15.39
N ALA C 156 16.47 9.39 -14.50
CA ALA C 156 15.64 10.07 -13.49
C ALA C 156 16.56 10.92 -12.62
N PRO C 157 16.16 12.16 -12.30
CA PRO C 157 16.92 12.98 -11.37
C PRO C 157 16.75 12.44 -9.94
N CYS C 158 17.77 12.62 -9.14
CA CYS C 158 17.82 12.07 -7.76
C CYS C 158 19.02 12.68 -7.05
N SER C 159 19.03 12.61 -5.73
CA SER C 159 20.12 13.12 -4.90
C SER C 159 21.06 11.95 -4.63
N VAL C 160 22.35 12.17 -4.73
CA VAL C 160 23.35 11.12 -4.39
C VAL C 160 24.26 11.66 -3.30
N SER C 161 24.72 10.78 -2.43
CA SER C 161 25.65 11.17 -1.36
C SER C 161 26.64 10.04 -1.12
N CYS C 162 27.86 10.42 -0.75
CA CYS C 162 28.99 9.49 -0.56
C CYS C 162 29.69 9.87 0.74
N TYR C 163 29.79 8.94 1.68
CA TYR C 163 30.47 9.20 2.98
C TYR C 163 31.78 8.40 3.10
N PHE C 164 32.22 7.70 2.05
CA PHE C 164 33.57 7.10 2.09
C PHE C 164 34.61 8.21 2.26
N PRO C 165 35.52 8.12 3.24
CA PRO C 165 36.58 9.12 3.39
C PRO C 165 37.66 8.95 2.32
N MET C 166 38.18 10.08 1.83
CA MET C 166 39.22 10.04 0.77
C MET C 166 40.38 10.90 1.26
N PRO C 167 41.36 10.31 1.95
CA PRO C 167 42.54 11.06 2.41
C PRO C 167 43.52 11.35 1.26
N PHE C 168 44.29 12.44 1.39
CA PHE C 168 45.33 12.79 0.39
C PHE C 168 46.39 13.67 1.06
N ASN C 169 47.66 13.27 0.97
CA ASN C 169 48.73 14.07 1.61
C ASN C 169 49.08 15.30 0.79
N LYS C 170 48.92 15.28 -0.54
CA LYS C 170 49.51 16.34 -1.40
C LYS C 170 48.47 17.00 -2.27
N LYS C 171 47.54 16.26 -2.90
CA LYS C 171 46.63 16.91 -3.86
C LYS C 171 45.39 16.03 -4.12
N ALA C 172 44.25 16.70 -4.32
CA ALA C 172 42.98 16.12 -4.78
C ALA C 172 42.53 16.91 -6.01
N LYS C 173 42.25 16.22 -7.11
CA LYS C 173 41.67 16.87 -8.28
C LYS C 173 40.43 16.07 -8.68
N ILE C 174 39.28 16.70 -8.55
CA ILE C 174 37.97 16.11 -8.88
C ILE C 174 37.47 16.71 -10.18
N GLU C 175 37.11 15.83 -11.11
CA GLU C 175 36.65 16.27 -12.45
C GLU C 175 35.41 15.50 -12.80
N ILE C 176 34.67 16.07 -13.74
CA ILE C 176 33.62 15.38 -14.50
C ILE C 176 34.08 15.37 -15.95
N VAL C 177 34.00 14.19 -16.57
CA VAL C 177 34.31 14.00 -18.01
C VAL C 177 32.96 13.78 -18.68
N ASN C 178 32.49 14.75 -19.44
CA ASN C 178 31.18 14.65 -20.10
C ASN C 178 31.37 14.20 -21.55
N ASP C 179 31.18 12.91 -21.83
CA ASP C 179 31.23 12.32 -23.19
C ASP C 179 29.87 12.43 -23.90
N ASN C 180 28.89 13.08 -23.29
CA ASN C 180 27.56 13.30 -23.88
C ASN C 180 27.66 14.37 -24.99
N GLU C 181 26.89 14.24 -26.05
CA GLU C 181 26.63 15.33 -27.03
C GLU C 181 25.82 16.47 -26.39
N LEU C 182 25.19 16.25 -25.23
CA LEU C 182 24.41 17.28 -24.48
C LEU C 182 25.19 17.72 -23.26
N PRO C 183 25.05 18.99 -22.88
CA PRO C 183 25.48 19.42 -21.55
C PRO C 183 24.51 18.85 -20.52
N PHE C 184 24.89 18.90 -19.25
CA PHE C 184 23.93 18.55 -18.18
C PHE C 184 24.18 19.46 -16.99
N ILE C 185 23.13 19.61 -16.20
CA ILE C 185 23.18 20.40 -14.94
C ILE C 185 23.78 19.52 -13.87
N LEU C 186 24.72 20.07 -13.07
CA LEU C 186 25.29 19.38 -11.93
C LEU C 186 25.32 20.31 -10.74
N TYR C 187 24.63 19.90 -9.68
CA TYR C 187 24.75 20.54 -8.35
C TYR C 187 25.73 19.70 -7.58
N PHE C 188 26.65 20.31 -6.81
CA PHE C 188 27.50 19.50 -5.92
C PHE C 188 27.93 20.28 -4.69
N ASN C 189 28.12 19.53 -3.61
CA ASN C 189 28.71 19.98 -2.34
C ASN C 189 29.74 18.91 -1.97
N ILE C 190 31.04 19.20 -2.07
CA ILE C 190 32.15 18.26 -1.73
C ILE C 190 32.85 18.81 -0.49
N ASP C 191 32.64 18.18 0.64
CA ASP C 191 33.19 18.67 1.92
C ASP C 191 34.50 17.96 2.22
N TYR C 192 35.43 18.68 2.86
CA TYR C 192 36.72 18.09 3.18
C TYR C 192 37.25 18.79 4.40
N GLU C 193 38.31 18.25 4.97
CA GLU C 193 39.03 18.96 6.04
C GLU C 193 40.51 19.00 5.67
N MET C 194 41.22 20.04 6.12
CA MET C 194 42.66 20.26 5.84
C MET C 194 43.39 20.08 7.17
N TYR C 195 44.55 19.40 7.15
CA TYR C 195 45.37 19.11 8.35
C TYR C 195 46.64 19.96 8.37
N GLY C 196 47.19 20.15 9.56
CA GLY C 196 48.35 21.03 9.80
C GLY C 196 49.64 20.25 9.82
N GLU C 197 49.57 18.94 9.58
CA GLU C 197 50.74 18.03 9.44
C GLU C 197 50.40 16.92 8.46
N PRO C 198 51.41 16.24 7.87
CA PRO C 198 51.15 15.14 6.93
C PRO C 198 50.41 13.96 7.59
N LEU C 199 49.64 13.22 6.80
CA LEU C 199 49.06 11.92 7.19
C LEU C 199 50.18 10.87 7.21
N PRO C 200 50.10 9.79 8.00
CA PRO C 200 51.12 8.74 7.93
C PRO C 200 51.27 8.19 6.50
N GLU C 201 52.45 7.66 6.13
CA GLU C 201 52.74 7.32 4.70
C GLU C 201 52.11 5.96 4.30
N ASP C 202 51.76 5.10 5.27
CA ASP C 202 50.91 3.89 5.07
C ASP C 202 49.40 4.26 5.01
N THR C 203 49.07 5.55 4.76
CA THR C 203 47.66 6.02 4.62
C THR C 203 47.18 5.42 3.29
N ALA C 204 46.02 4.77 3.33
CA ALA C 204 45.38 4.16 2.15
C ALA C 204 44.42 5.17 1.53
N TYR C 205 44.55 5.37 0.23
CA TYR C 205 43.79 6.34 -0.58
C TYR C 205 42.64 5.58 -1.24
N PHE C 206 41.53 6.27 -1.39
CA PHE C 206 40.29 5.74 -2.01
C PHE C 206 40.49 5.59 -3.51
N HIS C 207 40.03 4.47 -4.06
CA HIS C 207 40.10 4.13 -5.49
C HIS C 207 38.77 3.57 -5.90
N ALA C 208 38.40 3.74 -7.17
CA ALA C 208 37.22 3.07 -7.73
C ALA C 208 37.41 2.95 -9.23
N ALA C 209 36.98 1.83 -9.76
CA ALA C 209 37.10 1.52 -11.19
C ALA C 209 35.85 0.80 -11.66
N TRP C 210 35.59 0.92 -12.94
CA TRP C 210 34.36 0.40 -13.55
C TRP C 210 34.73 -0.59 -14.64
N HIS C 211 33.91 -1.61 -14.80
CA HIS C 211 34.15 -2.68 -15.79
C HIS C 211 32.81 -3.15 -16.32
N ARG C 212 32.84 -3.70 -17.54
CA ARG C 212 31.65 -4.30 -18.15
C ARG C 212 32.06 -5.46 -19.05
N GLU C 213 31.30 -6.56 -19.00
CA GLU C 213 31.40 -7.69 -19.94
C GLU C 213 30.01 -7.78 -20.55
N ASN C 214 29.89 -7.41 -21.82
CA ASN C 214 28.57 -7.45 -22.50
C ASN C 214 28.75 -7.85 -23.95
N PRO C 215 28.53 -9.12 -24.31
CA PRO C 215 28.06 -10.14 -23.37
C PRO C 215 29.21 -10.80 -22.60
N CYS C 216 28.94 -11.29 -21.41
CA CYS C 216 29.82 -12.31 -20.79
C CYS C 216 30.02 -13.44 -21.82
N ASN C 217 31.16 -14.12 -21.76
CA ASN C 217 31.52 -15.17 -22.74
C ASN C 217 31.02 -16.53 -22.22
N GLY C 218 29.71 -16.72 -22.14
CA GLY C 218 29.14 -17.96 -21.59
C GLY C 218 29.31 -19.18 -22.50
N TRP C 219 29.49 -20.36 -21.88
CA TRP C 219 29.59 -21.64 -22.62
C TRP C 219 28.20 -22.22 -22.90
N GLY C 220 27.17 -21.81 -22.13
CA GLY C 220 25.83 -22.40 -22.33
C GLY C 220 24.70 -21.42 -22.07
N PRO C 221 24.69 -20.28 -22.78
CA PRO C 221 23.62 -19.29 -22.60
C PRO C 221 22.27 -19.86 -23.00
N GLU C 222 22.25 -20.86 -23.92
CA GLU C 222 20.95 -21.41 -24.41
C GLU C 222 20.51 -22.59 -23.53
N LEU C 223 21.28 -23.00 -22.53
CA LEU C 223 20.89 -24.12 -21.64
C LEU C 223 20.14 -23.48 -20.47
N GLN C 224 19.09 -24.14 -20.04
CA GLN C 224 18.29 -23.72 -18.87
C GLN C 224 19.23 -23.68 -17.65
N VAL C 225 19.29 -22.52 -17.00
CA VAL C 225 19.91 -22.36 -15.65
C VAL C 225 19.39 -23.46 -14.71
N ASN C 226 20.32 -24.07 -13.96
CA ASN C 226 20.04 -25.05 -12.89
C ASN C 226 19.54 -26.38 -13.50
N SER C 227 19.65 -26.56 -14.80
CA SER C 227 19.48 -27.90 -15.39
C SER C 227 20.61 -28.77 -14.81
N PRO C 228 20.37 -30.08 -14.64
CA PRO C 228 21.44 -31.00 -14.21
C PRO C 228 22.74 -30.85 -15.03
N GLU C 229 22.65 -30.70 -16.34
CA GLU C 229 23.84 -30.59 -17.25
C GLU C 229 24.71 -29.39 -16.83
N VAL C 230 24.07 -28.25 -16.57
CA VAL C 230 24.79 -27.02 -16.19
C VAL C 230 25.40 -27.26 -14.82
N ASN C 231 24.64 -27.83 -13.87
CA ASN C 231 25.08 -27.82 -12.45
C ASN C 231 26.23 -28.81 -12.23
N ASN C 232 26.44 -29.74 -13.16
CA ASN C 232 27.50 -30.77 -13.04
C ASN C 232 28.77 -30.33 -13.80
N VAL C 233 28.81 -29.14 -14.38
CA VAL C 233 30.09 -28.57 -14.91
C VAL C 233 30.91 -28.03 -13.74
N THR C 234 32.22 -28.28 -13.76
CA THR C 234 33.16 -27.88 -12.67
C THR C 234 33.84 -26.58 -13.05
N ASN C 235 34.19 -25.80 -12.03
CA ASN C 235 35.00 -24.59 -12.22
C ASN C 235 35.71 -24.28 -10.91
N PHE C 236 37.00 -24.59 -10.80
CA PHE C 236 37.80 -24.39 -9.56
C PHE C 236 38.58 -23.07 -9.69
N LYS C 237 39.24 -22.93 -10.84
CA LYS C 237 40.30 -21.91 -10.98
C LYS C 237 39.69 -20.58 -11.36
N GLY C 238 38.53 -20.58 -12.02
CA GLY C 238 37.78 -19.35 -12.34
C GLY C 238 38.51 -18.43 -13.29
N GLU C 239 39.31 -18.99 -14.21
CA GLU C 239 39.97 -18.23 -15.29
C GLU C 239 38.96 -17.38 -16.07
N ASN C 240 37.71 -17.83 -16.29
CA ASN C 240 36.75 -17.09 -17.14
C ASN C 240 35.71 -16.36 -16.28
N ASN C 241 35.95 -16.20 -14.99
CA ASN C 241 34.97 -15.54 -14.11
C ASN C 241 34.87 -14.07 -14.51
N TYR C 242 33.74 -13.43 -14.27
CA TYR C 242 33.62 -11.97 -14.40
C TYR C 242 34.61 -11.37 -13.40
N THR C 243 35.35 -10.34 -13.81
CA THR C 243 36.37 -9.68 -12.97
C THR C 243 35.86 -8.34 -12.46
N VAL C 244 35.60 -8.24 -11.17
CA VAL C 244 35.12 -7.00 -10.50
C VAL C 244 36.32 -6.08 -10.30
N LEU C 245 37.46 -6.68 -9.91
CA LEU C 245 38.69 -5.91 -9.60
C LEU C 245 39.91 -6.81 -9.85
N ASP C 246 40.97 -6.22 -10.40
CA ASP C 246 42.26 -6.93 -10.58
C ASP C 246 43.35 -5.87 -10.36
N VAL C 247 43.96 -5.84 -9.19
CA VAL C 247 44.79 -4.68 -8.79
C VAL C 247 46.03 -5.20 -8.05
N GLU C 248 47.16 -4.60 -8.39
CA GLU C 248 48.46 -4.82 -7.72
C GLU C 248 48.67 -3.67 -6.74
N GLY C 249 49.01 -3.98 -5.50
CA GLY C 249 49.34 -3.00 -4.45
C GLY C 249 49.11 -3.55 -3.06
N THR C 250 49.12 -2.67 -2.09
CA THR C 250 48.84 -3.01 -0.67
C THR C 250 47.61 -2.22 -0.25
N GLY C 251 46.56 -2.93 0.17
CA GLY C 251 45.31 -2.25 0.54
C GLY C 251 44.16 -3.21 0.85
N HIS C 252 42.94 -2.76 0.61
CA HIS C 252 41.76 -3.60 0.90
C HIS C 252 40.57 -3.16 0.07
N TYR C 253 39.86 -4.16 -0.42
CA TYR C 253 38.62 -4.00 -1.19
C TYR C 253 37.50 -3.73 -0.19
N VAL C 254 36.68 -2.74 -0.47
CA VAL C 254 35.57 -2.35 0.45
C VAL C 254 34.21 -2.50 -0.28
N GLY C 255 34.18 -3.13 -1.46
CA GLY C 255 32.90 -3.60 -2.01
C GLY C 255 32.63 -3.10 -3.42
N CYS C 256 31.42 -3.34 -3.88
CA CYS C 256 31.06 -3.06 -5.26
C CYS C 256 29.57 -2.71 -5.40
N ASN C 257 29.24 -2.24 -6.59
CA ASN C 257 27.88 -2.38 -7.14
C ASN C 257 27.99 -3.20 -8.42
N LEU C 258 26.90 -3.88 -8.74
CA LEU C 258 26.85 -4.80 -9.87
C LEU C 258 25.53 -4.54 -10.57
N THR C 259 25.60 -4.24 -11.85
CA THR C 259 24.41 -4.13 -12.72
C THR C 259 24.34 -5.34 -13.64
N VAL C 260 23.24 -6.09 -13.58
CA VAL C 260 23.12 -7.30 -14.43
C VAL C 260 21.84 -7.18 -15.25
N LYS C 261 21.97 -7.21 -16.55
CA LYS C 261 20.80 -7.40 -17.45
C LYS C 261 20.81 -8.85 -17.90
N HIS C 262 19.78 -9.60 -17.50
CA HIS C 262 19.65 -11.06 -17.68
C HIS C 262 18.74 -11.36 -18.87
N PHE C 263 19.17 -12.23 -19.77
CA PHE C 263 18.50 -12.44 -21.06
C PHE C 263 17.63 -13.68 -21.08
N GLN C 264 17.90 -14.76 -20.36
CA GLN C 264 17.10 -15.98 -20.66
C GLN C 264 15.79 -16.00 -19.86
N GLY C 265 15.61 -15.14 -18.85
CA GLY C 265 14.39 -15.10 -18.02
C GLY C 265 14.27 -16.25 -17.01
N SER C 266 15.40 -16.67 -16.44
CA SER C 266 15.46 -17.70 -15.39
C SER C 266 16.10 -17.04 -14.17
N TRP C 267 17.39 -17.28 -13.92
CA TRP C 267 18.10 -16.67 -12.78
C TRP C 267 19.55 -16.47 -13.16
N TRP C 268 20.10 -15.26 -12.95
CA TRP C 268 21.44 -14.87 -13.44
C TRP C 268 22.49 -15.15 -12.36
N GLY C 269 22.11 -15.59 -11.17
CA GLY C 269 22.92 -15.42 -9.95
C GLY C 269 23.47 -16.68 -9.30
N GLU C 270 23.67 -17.77 -10.04
CA GLU C 270 24.18 -19.01 -9.39
C GLU C 270 25.70 -18.90 -9.17
N GLY C 271 26.35 -17.96 -9.85
CA GLY C 271 27.82 -17.87 -9.86
C GLY C 271 28.35 -17.48 -8.49
N ASN C 272 29.47 -18.09 -8.13
CA ASN C 272 30.15 -17.87 -6.84
C ASN C 272 31.12 -16.71 -6.97
N ASP C 273 31.21 -15.90 -5.93
CA ASP C 273 32.37 -15.02 -5.73
C ASP C 273 33.59 -15.92 -5.53
N MET C 274 34.72 -15.50 -6.06
CA MET C 274 36.00 -16.20 -5.81
C MET C 274 37.06 -15.12 -5.73
N PHE C 275 37.71 -15.02 -4.59
CA PHE C 275 38.75 -14.01 -4.38
C PHE C 275 40.13 -14.66 -4.44
N PHE C 276 41.04 -13.99 -5.13
CA PHE C 276 42.44 -14.45 -5.29
C PHE C 276 43.33 -13.42 -4.63
N ILE C 277 43.93 -13.80 -3.51
CA ILE C 277 44.78 -12.89 -2.72
C ILE C 277 46.26 -13.18 -2.99
N ASP C 278 47.00 -12.12 -3.34
CA ASP C 278 48.49 -12.09 -3.34
C ASP C 278 49.01 -13.10 -4.37
N GLY C 279 48.32 -13.26 -5.50
CA GLY C 279 48.78 -14.03 -6.68
C GLY C 279 48.53 -15.54 -6.58
N GLU C 280 47.83 -16.04 -5.55
CA GLU C 280 47.46 -17.47 -5.46
C GLU C 280 46.75 -17.91 -6.75
N GLU C 281 47.00 -19.13 -7.17
CA GLU C 281 46.52 -19.68 -8.46
C GLU C 281 45.04 -20.04 -8.30
N TYR C 282 44.69 -20.60 -7.15
CA TYR C 282 43.31 -21.04 -6.80
C TYR C 282 42.79 -20.07 -5.75
N PRO C 283 41.48 -19.76 -5.79
CA PRO C 283 40.94 -18.77 -4.88
C PRO C 283 40.95 -19.27 -3.44
N SER C 284 41.42 -18.44 -2.51
CA SER C 284 41.39 -18.76 -1.07
C SER C 284 40.00 -18.46 -0.48
N LEU C 285 39.29 -17.47 -1.01
CA LEU C 285 37.91 -17.14 -0.54
C LEU C 285 36.93 -17.62 -1.61
N ASN C 286 36.19 -18.67 -1.30
CA ASN C 286 35.19 -19.23 -2.23
C ASN C 286 33.79 -18.95 -1.67
N GLY C 287 32.94 -18.31 -2.46
CA GLY C 287 31.53 -18.10 -2.11
C GLY C 287 30.64 -19.23 -2.65
N THR C 288 29.33 -18.99 -2.69
CA THR C 288 28.29 -20.02 -2.94
C THR C 288 27.30 -19.60 -4.03
N GLY C 289 27.18 -18.30 -4.28
CA GLY C 289 26.20 -17.75 -5.24
C GLY C 289 26.22 -16.24 -5.26
N THR C 290 25.62 -15.61 -6.25
CA THR C 290 25.80 -14.16 -6.48
C THR C 290 24.91 -13.38 -5.51
N GLU C 291 23.66 -13.79 -5.30
CA GLU C 291 22.83 -13.14 -4.26
C GLU C 291 23.48 -13.43 -2.91
N ASP C 292 24.09 -14.63 -2.74
CA ASP C 292 24.70 -14.99 -1.47
C ASP C 292 25.83 -14.00 -1.17
N TYR C 293 26.67 -13.70 -2.17
CA TYR C 293 27.73 -12.65 -2.04
C TYR C 293 27.06 -11.33 -1.55
N PHE C 294 25.93 -10.97 -2.15
CA PHE C 294 25.16 -9.74 -1.77
C PHE C 294 24.33 -9.93 -0.50
N ASN C 295 24.52 -11.06 0.20
CA ASN C 295 23.90 -11.41 1.51
C ASN C 295 22.37 -11.46 1.41
N HIS C 296 21.82 -11.74 0.24
CA HIS C 296 20.41 -12.15 0.09
C HIS C 296 20.40 -13.66 -0.07
N ALA C 297 19.25 -14.26 -0.36
CA ALA C 297 19.14 -15.71 -0.52
C ALA C 297 17.93 -16.06 -1.36
N TRP C 298 18.03 -17.07 -2.23
CA TRP C 298 16.91 -17.59 -3.06
C TRP C 298 16.45 -16.43 -3.97
N GLY C 299 17.43 -15.75 -4.56
CA GLY C 299 17.18 -14.53 -5.34
C GLY C 299 17.56 -13.29 -4.56
N MET C 300 17.45 -12.13 -5.21
CA MET C 300 17.62 -10.85 -4.52
C MET C 300 16.23 -10.42 -4.02
N GLN C 301 16.22 -9.79 -2.88
CA GLN C 301 15.00 -9.19 -2.29
C GLN C 301 15.01 -7.68 -2.53
N ARG C 302 13.83 -7.07 -2.37
CA ARG C 302 13.69 -5.61 -2.31
C ARG C 302 14.04 -5.07 -0.92
N ASN C 303 15.27 -5.24 -0.52
CA ASN C 303 15.88 -4.71 0.73
C ASN C 303 17.15 -3.98 0.37
N ALA C 304 17.47 -2.92 1.12
CA ALA C 304 18.74 -2.19 0.99
C ALA C 304 19.18 -1.89 2.41
N TYR C 305 20.16 -2.64 2.91
CA TYR C 305 20.62 -2.62 4.31
C TYR C 305 21.97 -1.92 4.34
N PRO C 306 22.48 -1.63 5.54
CA PRO C 306 23.65 -0.76 5.61
C PRO C 306 24.86 -1.26 4.82
N PHE C 307 25.06 -2.58 4.77
CA PHE C 307 26.27 -3.16 4.13
C PHE C 307 25.96 -3.88 2.81
N PHE C 308 24.69 -4.03 2.44
CA PHE C 308 24.38 -4.81 1.22
C PHE C 308 22.93 -4.64 0.82
N GLY C 309 22.66 -4.93 -0.43
CA GLY C 309 21.30 -5.21 -0.89
C GLY C 309 21.02 -4.80 -2.30
N THR C 310 19.75 -4.49 -2.55
CA THR C 310 19.22 -4.21 -3.90
C THR C 310 19.00 -2.70 -4.04
N ILE C 311 19.46 -2.15 -5.15
CA ILE C 311 19.21 -0.73 -5.50
C ILE C 311 18.05 -0.70 -6.49
N VAL C 312 18.14 -1.53 -7.52
CA VAL C 312 17.04 -1.72 -8.49
C VAL C 312 16.75 -3.22 -8.56
N HIS C 313 15.48 -3.59 -8.38
CA HIS C 313 15.07 -5.01 -8.37
C HIS C 313 14.58 -5.43 -9.75
N GLU C 314 15.03 -6.61 -10.18
CA GLU C 314 14.71 -7.19 -11.50
C GLU C 314 13.19 -7.26 -11.67
N GLY C 315 12.44 -7.47 -10.58
CA GLY C 315 10.97 -7.59 -10.61
C GLY C 315 10.29 -6.29 -11.00
N ASP C 316 11.00 -5.16 -10.93
CA ASP C 316 10.46 -3.81 -11.20
C ASP C 316 10.91 -3.33 -12.57
N THR C 317 11.73 -4.11 -13.28
CA THR C 317 12.34 -3.66 -14.55
C THR C 317 12.14 -4.68 -15.65
N ASP C 318 12.62 -4.32 -16.81
CA ASP C 318 12.73 -5.18 -18.00
C ASP C 318 14.04 -5.99 -17.91
N GLY C 319 14.18 -6.86 -16.91
CA GLY C 319 15.24 -7.88 -16.84
C GLY C 319 16.56 -7.39 -16.25
N PHE C 320 16.60 -6.28 -15.52
CA PHE C 320 17.89 -5.89 -14.91
C PHE C 320 17.78 -5.54 -13.42
N GLN C 321 18.91 -5.78 -12.77
CA GLN C 321 19.13 -5.71 -11.33
C GLN C 321 20.36 -4.85 -11.07
N VAL C 322 20.30 -4.05 -10.01
CA VAL C 322 21.48 -3.32 -9.50
C VAL C 322 21.62 -3.66 -8.04
N SER C 323 22.79 -4.13 -7.63
CA SER C 323 23.06 -4.63 -6.26
C SER C 323 24.35 -4.03 -5.72
N TYR C 324 24.51 -4.09 -4.42
CA TYR C 324 25.73 -3.56 -3.77
C TYR C 324 26.08 -4.42 -2.59
N ARG C 325 27.36 -4.48 -2.28
CA ARG C 325 27.85 -4.92 -0.98
C ARG C 325 29.01 -4.03 -0.55
N TRP C 326 29.03 -3.64 0.71
CA TRP C 326 30.14 -2.89 1.35
C TRP C 326 30.81 -3.80 2.37
N HIS C 327 32.13 -3.89 2.26
CA HIS C 327 33.00 -4.62 3.20
C HIS C 327 33.68 -3.56 4.05
N ILE C 328 32.92 -2.92 4.96
CA ILE C 328 33.46 -1.82 5.80
C ILE C 328 34.11 -2.40 7.07
N THR C 329 33.46 -3.33 7.77
CA THR C 329 34.05 -3.93 8.99
C THR C 329 34.75 -5.24 8.60
N ASP C 330 34.51 -5.74 7.39
CA ASP C 330 35.02 -7.05 6.90
C ASP C 330 35.71 -6.85 5.55
N PRO C 331 36.65 -5.89 5.44
CA PRO C 331 37.30 -5.63 4.17
C PRO C 331 38.17 -6.82 3.72
N VAL C 332 38.35 -6.96 2.41
CA VAL C 332 39.22 -8.02 1.85
C VAL C 332 40.61 -7.41 1.61
N ARG C 333 41.56 -7.77 2.48
CA ARG C 333 42.91 -7.17 2.50
C ARG C 333 43.82 -7.91 1.52
N PHE C 334 44.85 -7.21 1.06
CA PHE C 334 45.89 -7.77 0.19
C PHE C 334 47.19 -7.02 0.45
N GLU C 335 48.31 -7.75 0.34
CA GLU C 335 49.67 -7.22 0.54
C GLU C 335 50.32 -6.92 -0.81
N LYS C 336 49.99 -7.65 -1.90
CA LYS C 336 50.65 -7.48 -3.21
C LYS C 336 49.61 -7.36 -4.32
N HIS C 337 48.50 -8.09 -4.20
CA HIS C 337 47.58 -8.24 -5.37
C HIS C 337 46.20 -8.73 -4.91
N LEU C 338 45.16 -8.26 -5.57
CA LEU C 338 43.81 -8.81 -5.32
C LEU C 338 43.11 -8.94 -6.67
N LYS C 339 42.51 -10.09 -6.87
CA LYS C 339 41.53 -10.30 -7.94
C LYS C 339 40.20 -10.69 -7.30
N VAL C 340 39.22 -9.84 -7.52
CA VAL C 340 37.83 -10.09 -7.05
C VAL C 340 37.05 -10.56 -8.27
N THR C 341 36.47 -11.76 -8.22
CA THR C 341 35.75 -12.35 -9.37
C THR C 341 34.42 -12.91 -8.91
N ILE C 342 33.52 -13.03 -9.87
CA ILE C 342 32.26 -13.77 -9.68
C ILE C 342 32.03 -14.61 -10.92
N GLU C 343 31.73 -15.89 -10.75
CA GLU C 343 31.31 -16.67 -11.93
C GLU C 343 30.08 -16.03 -12.55
N HIS C 344 30.02 -15.95 -13.88
CA HIS C 344 28.85 -15.32 -14.56
C HIS C 344 27.85 -16.43 -14.89
N GLY C 345 26.97 -16.73 -13.94
CA GLY C 345 26.21 -17.99 -13.89
C GLY C 345 27.14 -19.07 -13.37
N HIS C 346 26.58 -20.20 -12.98
CA HIS C 346 27.41 -21.33 -12.52
C HIS C 346 28.47 -21.63 -13.59
N ALA C 347 29.70 -21.69 -13.17
CA ALA C 347 30.81 -22.13 -14.07
C ALA C 347 30.78 -21.27 -15.32
N ASN C 348 30.35 -20.01 -15.21
CA ASN C 348 30.43 -19.02 -16.30
C ASN C 348 29.57 -19.52 -17.46
N GLN C 349 28.43 -20.15 -17.15
CA GLN C 349 27.44 -20.63 -18.12
C GLN C 349 26.89 -19.48 -19.00
N LEU C 350 26.61 -18.34 -18.37
CA LEU C 350 25.72 -17.32 -18.98
C LEU C 350 26.49 -16.25 -19.75
N SER C 351 25.76 -15.58 -20.64
CA SER C 351 26.26 -14.51 -21.55
C SER C 351 25.46 -13.22 -21.34
N ASP C 352 25.23 -12.87 -20.06
CA ASP C 352 24.41 -11.70 -19.72
C ASP C 352 25.27 -10.44 -19.82
N ASP C 353 24.67 -9.30 -19.53
CA ASP C 353 25.31 -7.96 -19.58
C ASP C 353 25.68 -7.58 -18.13
N TRP C 354 26.95 -7.68 -17.76
CA TRP C 354 27.38 -7.40 -16.38
C TRP C 354 28.20 -6.15 -16.39
N SER C 355 27.97 -5.26 -15.44
CA SER C 355 28.89 -4.14 -15.24
C SER C 355 28.99 -3.90 -13.77
N SER C 356 30.08 -3.27 -13.35
CA SER C 356 30.39 -3.18 -11.92
C SER C 356 31.25 -1.96 -11.62
N THR C 357 31.12 -1.48 -10.40
CA THR C 357 32.05 -0.51 -9.80
C THR C 357 32.70 -1.21 -8.62
N ALA C 358 34.03 -1.28 -8.61
CA ALA C 358 34.82 -1.81 -7.49
C ALA C 358 35.35 -0.60 -6.74
N TYR C 359 35.36 -0.71 -5.42
CA TYR C 359 35.87 0.34 -4.52
C TYR C 359 36.95 -0.32 -3.68
N TRP C 360 38.09 0.33 -3.55
CA TRP C 360 39.12 -0.17 -2.63
C TRP C 360 39.97 0.98 -2.09
N TYR C 361 40.74 0.70 -1.07
CA TYR C 361 41.74 1.65 -0.56
C TYR C 361 43.11 1.00 -0.77
N GLN C 362 44.14 1.79 -1.06
CA GLN C 362 45.52 1.24 -1.17
C GLN C 362 46.50 2.35 -0.88
N ILE C 363 47.66 1.96 -0.34
CA ILE C 363 48.80 2.90 -0.28
C ILE C 363 49.23 3.24 -1.71
N LEU C 364 49.74 4.45 -1.87
CA LEU C 364 50.29 4.90 -3.17
C LEU C 364 51.66 4.27 -3.32
N PRO C 365 52.15 4.09 -4.56
CA PRO C 365 51.44 4.51 -5.77
C PRO C 365 50.33 3.62 -6.34
N THR C 366 49.40 4.22 -7.08
CA THR C 366 48.50 3.54 -8.04
C THR C 366 49.40 2.97 -9.14
N ALA C 367 49.59 1.67 -9.19
CA ALA C 367 50.66 0.99 -9.97
C ALA C 367 50.24 0.93 -11.44
N SER C 368 48.95 0.76 -11.72
CA SER C 368 48.39 0.58 -13.07
C SER C 368 47.40 1.69 -13.37
N ARG C 369 47.32 2.10 -14.63
CA ARG C 369 46.39 3.16 -15.06
C ARG C 369 44.98 2.60 -14.87
N ILE C 370 44.09 3.37 -14.28
CA ILE C 370 42.67 2.98 -14.28
C ILE C 370 42.10 3.47 -15.58
N THR C 371 41.58 2.55 -16.37
CA THR C 371 41.01 2.85 -17.68
C THR C 371 39.51 2.65 -17.65
N ILE C 372 38.85 3.16 -18.68
CA ILE C 372 37.40 2.95 -18.84
C ILE C 372 37.07 2.67 -20.29
N ALA C 373 36.09 1.79 -20.47
CA ALA C 373 35.55 1.50 -21.80
C ALA C 373 35.03 2.81 -22.38
N PRO C 374 35.10 3.00 -23.70
CA PRO C 374 34.58 4.21 -24.33
C PRO C 374 33.04 4.27 -24.26
N VAL C 375 32.52 5.45 -24.53
CA VAL C 375 31.10 5.76 -24.23
C VAL C 375 30.18 4.80 -24.98
N GLU C 376 30.56 4.41 -26.20
CA GLU C 376 29.68 3.54 -27.03
C GLU C 376 29.53 2.16 -26.33
N ASP C 377 30.43 1.84 -25.39
CA ASP C 377 30.47 0.55 -24.69
C ASP C 377 29.81 0.64 -23.30
N ARG C 378 29.29 1.82 -22.92
CA ARG C 378 28.78 2.09 -21.54
C ARG C 378 27.26 2.25 -21.55
N LEU C 379 26.62 2.11 -22.71
CA LEU C 379 25.17 2.40 -22.83
C LEU C 379 24.35 1.18 -22.42
N PRO C 380 23.28 1.34 -21.61
CA PRO C 380 22.40 0.23 -21.29
C PRO C 380 21.92 -0.43 -22.59
N VAL C 381 21.68 -1.73 -22.51
CA VAL C 381 21.00 -2.52 -23.58
C VAL C 381 19.49 -2.37 -23.40
N VAL C 382 18.81 -1.77 -24.39
CA VAL C 382 17.36 -1.51 -24.26
C VAL C 382 16.71 -2.04 -25.52
N PRO C 383 15.50 -2.60 -25.45
CA PRO C 383 14.85 -3.07 -26.66
C PRO C 383 14.44 -1.80 -27.41
N GLN C 384 14.32 -1.88 -28.74
CA GLN C 384 13.97 -0.70 -29.58
C GLN C 384 12.73 -1.01 -30.42
N LEU C 385 11.90 0.02 -30.60
CA LEU C 385 10.66 -0.13 -31.43
C LEU C 385 11.08 -0.37 -32.88
N PRO C 386 10.33 -1.19 -33.64
CA PRO C 386 10.57 -1.35 -35.07
C PRO C 386 10.54 0.04 -35.72
N GLU C 387 11.30 0.24 -36.80
CA GLU C 387 11.31 1.58 -37.44
C GLU C 387 9.89 1.82 -37.95
N ARG C 388 9.41 3.04 -37.82
CA ARG C 388 7.98 3.37 -38.06
C ARG C 388 7.96 4.54 -39.02
N LYS C 389 8.15 4.23 -40.29
CA LYS C 389 8.29 5.22 -41.39
C LYS C 389 6.90 5.73 -41.73
N LEU C 390 6.45 6.75 -41.02
CA LEU C 390 5.12 7.36 -41.23
C LEU C 390 5.10 8.10 -42.56
N VAL C 391 3.96 8.08 -43.22
CA VAL C 391 3.66 8.93 -44.39
C VAL C 391 2.56 9.87 -43.97
N LEU C 392 2.67 11.13 -44.30
CA LEU C 392 1.62 12.10 -44.00
C LEU C 392 0.49 11.84 -44.98
N PRO C 393 -0.76 12.04 -44.55
CA PRO C 393 -1.89 12.00 -45.45
C PRO C 393 -1.80 13.24 -46.34
N GLN C 394 -2.63 13.28 -47.39
CA GLN C 394 -2.85 14.51 -48.16
C GLN C 394 -3.25 15.61 -47.18
N LEU C 395 -2.52 16.72 -47.08
CA LEU C 395 -2.75 17.78 -46.06
C LEU C 395 -3.76 18.84 -46.56
N THR C 396 -4.64 19.34 -45.70
CA THR C 396 -5.43 20.57 -45.98
C THR C 396 -4.47 21.76 -45.94
N GLU C 397 -4.85 22.89 -46.53
CA GLU C 397 -4.06 24.15 -46.44
C GLU C 397 -3.86 24.50 -44.97
N GLU C 398 -4.89 24.30 -44.16
CA GLU C 398 -4.85 24.61 -42.70
C GLU C 398 -3.79 23.74 -42.00
N GLN C 399 -3.75 22.44 -42.28
CA GLN C 399 -2.79 21.51 -41.63
C GLN C 399 -1.39 21.89 -42.06
N GLN C 400 -1.20 22.21 -43.35
CA GLN C 400 0.14 22.63 -43.85
C GLN C 400 0.57 23.93 -43.16
N ALA C 401 -0.34 24.89 -42.99
CA ALA C 401 -0.06 26.19 -42.33
C ALA C 401 0.31 25.95 -40.88
N ALA C 402 -0.37 25.01 -40.20
CA ALA C 402 -0.03 24.63 -38.80
C ALA C 402 1.40 24.06 -38.78
N ARG C 403 1.72 23.16 -39.68
CA ARG C 403 3.05 22.52 -39.72
C ARG C 403 4.09 23.59 -40.03
N ASP C 404 3.77 24.49 -40.98
CA ASP C 404 4.73 25.56 -41.37
C ASP C 404 4.96 26.50 -40.17
N THR C 405 3.90 26.90 -39.49
CA THR C 405 3.96 27.87 -38.36
C THR C 405 4.78 27.26 -37.23
N TYR C 406 4.58 25.97 -36.96
CA TYR C 406 5.27 25.26 -35.87
C TYR C 406 6.77 25.21 -36.19
N GLN C 407 7.12 24.81 -37.43
CA GLN C 407 8.53 24.72 -37.92
C GLN C 407 9.20 26.08 -37.74
N LYS C 408 8.51 27.16 -38.10
CA LYS C 408 9.03 28.54 -37.98
C LYS C 408 9.31 28.86 -36.51
N ARG C 409 8.36 28.54 -35.61
CA ARG C 409 8.59 28.77 -34.17
C ARG C 409 9.82 28.01 -33.74
N TRP C 410 9.93 26.74 -34.14
CA TRP C 410 11.11 25.89 -33.77
C TRP C 410 12.41 26.50 -34.29
N LYS C 411 12.44 26.96 -35.55
CA LYS C 411 13.67 27.58 -36.13
C LYS C 411 14.12 28.78 -35.29
N ASP C 412 13.19 29.61 -34.80
CA ASP C 412 13.50 30.78 -33.94
C ASP C 412 13.90 30.33 -32.53
N TYR C 413 13.16 29.37 -31.96
CA TYR C 413 13.26 29.02 -30.52
C TYR C 413 14.54 28.25 -30.19
N GLU C 414 14.90 27.22 -30.97
CA GLU C 414 16.06 26.35 -30.60
C GLU C 414 17.34 27.18 -30.40
N PRO C 415 17.73 28.07 -31.35
CA PRO C 415 18.96 28.84 -31.22
C PRO C 415 18.95 29.70 -29.95
N ARG C 416 17.77 30.17 -29.56
CA ARG C 416 17.60 31.00 -28.34
C ARG C 416 17.89 30.17 -27.11
N ARG C 417 17.47 28.91 -27.06
CA ARG C 417 17.82 28.05 -25.92
C ARG C 417 19.31 27.71 -26.00
N ASP C 418 19.85 27.47 -27.20
CA ASP C 418 21.28 27.12 -27.35
C ASP C 418 22.12 28.22 -26.69
N THR C 419 21.83 29.49 -26.97
CA THR C 419 22.55 30.67 -26.46
C THR C 419 22.55 30.60 -24.93
N GLN C 420 21.41 30.27 -24.33
CA GLN C 420 21.30 30.24 -22.86
C GLN C 420 22.16 29.09 -22.30
N PHE C 421 22.18 27.95 -22.96
CA PHE C 421 23.07 26.85 -22.51
C PHE C 421 24.53 27.35 -22.53
N ARG C 422 24.93 28.06 -23.60
CA ARG C 422 26.36 28.46 -23.76
C ARG C 422 26.72 29.44 -22.63
N ILE C 423 25.82 30.33 -22.26
CA ILE C 423 26.10 31.29 -21.14
C ILE C 423 26.36 30.48 -19.87
N LYS C 424 25.49 29.51 -19.57
CA LYS C 424 25.65 28.70 -18.33
C LYS C 424 26.93 27.87 -18.39
N GLU C 425 27.28 27.32 -19.54
CA GLU C 425 28.57 26.57 -19.71
C GLU C 425 29.71 27.52 -19.36
N ASP C 426 29.62 28.77 -19.82
CA ASP C 426 30.69 29.76 -19.54
C ASP C 426 30.79 29.96 -18.03
N LYS C 427 29.65 30.02 -17.33
CA LYS C 427 29.64 30.17 -15.84
C LYS C 427 30.39 29.00 -15.18
N ALA C 428 30.13 27.77 -15.62
CA ALA C 428 30.77 26.59 -15.01
C ALA C 428 32.31 26.67 -15.17
N ARG C 429 32.79 27.04 -16.37
CA ARG C 429 34.26 27.11 -16.65
C ARG C 429 34.88 28.21 -15.76
N ARG C 430 34.17 29.32 -15.58
CA ARG C 430 34.62 30.44 -14.73
C ARG C 430 34.66 29.97 -13.28
N GLU C 431 33.59 29.33 -12.79
CA GLU C 431 33.50 28.89 -11.38
C GLU C 431 34.45 27.73 -11.12
N SER C 432 34.73 26.89 -12.11
CA SER C 432 35.79 25.86 -11.99
C SER C 432 37.11 26.50 -11.50
N LYS C 433 37.54 27.57 -12.16
CA LYS C 433 38.83 28.22 -11.78
C LYS C 433 38.68 28.90 -10.41
N LEU C 434 37.54 29.56 -10.16
CA LEU C 434 37.32 30.25 -8.86
C LEU C 434 37.35 29.21 -7.73
N ASN C 435 36.78 28.02 -7.93
CA ASN C 435 36.76 27.01 -6.85
C ASN C 435 38.20 26.72 -6.39
N THR C 436 39.08 26.49 -7.36
CA THR C 436 40.48 26.07 -7.08
C THR C 436 41.19 27.25 -6.42
N GLU C 437 40.97 28.46 -6.94
CA GLU C 437 41.65 29.66 -6.41
C GLU C 437 41.23 29.80 -4.94
N PHE C 438 39.94 29.66 -4.63
CA PHE C 438 39.45 29.83 -3.25
C PHE C 438 40.04 28.71 -2.33
N ALA C 439 40.09 27.47 -2.78
CA ALA C 439 40.66 26.35 -1.96
C ALA C 439 42.16 26.60 -1.69
N LYS C 440 42.83 27.24 -2.63
CA LYS C 440 44.27 27.61 -2.45
C LYS C 440 44.37 28.73 -1.39
N LYS C 441 43.56 29.80 -1.47
CA LYS C 441 43.55 30.88 -0.45
C LYS C 441 43.24 30.30 0.94
N LEU C 442 42.23 29.45 1.02
CA LEU C 442 41.89 28.76 2.29
C LEU C 442 43.06 27.93 2.84
N ARG C 443 43.68 27.11 1.99
CA ARG C 443 44.87 26.30 2.36
C ARG C 443 45.94 27.24 2.98
N ASP C 444 46.26 28.31 2.26
CA ASP C 444 47.36 29.22 2.65
C ASP C 444 47.00 29.95 3.95
N ALA C 445 45.76 30.40 4.12
CA ALA C 445 45.33 31.15 5.32
C ALA C 445 45.37 30.19 6.51
N PHE C 446 44.87 28.96 6.34
CA PHE C 446 44.97 27.90 7.39
C PHE C 446 46.44 27.67 7.77
N ASP C 447 47.31 27.44 6.80
CA ASP C 447 48.75 27.11 7.04
C ASP C 447 49.44 28.28 7.76
N ALA C 448 49.19 29.53 7.36
CA ALA C 448 49.75 30.74 8.04
C ALA C 448 49.48 30.67 9.55
N GLU C 449 48.19 30.63 9.94
CA GLU C 449 47.66 30.55 11.32
C GLU C 449 48.72 30.04 12.32
N GLU D 3 -46.60 -5.54 -10.14
CA GLU D 3 -46.49 -4.44 -9.13
C GLU D 3 -45.11 -4.48 -8.47
N ILE D 4 -44.32 -5.55 -8.57
CA ILE D 4 -42.90 -5.45 -8.10
C ILE D 4 -42.16 -4.61 -9.16
N THR D 5 -41.32 -3.64 -8.76
CA THR D 5 -40.56 -2.76 -9.68
C THR D 5 -39.07 -2.83 -9.40
N GLY D 6 -38.27 -2.20 -10.27
CA GLY D 6 -36.80 -2.12 -10.14
C GLY D 6 -36.05 -3.29 -10.77
N LEU D 7 -34.74 -3.18 -10.74
CA LEU D 7 -33.86 -4.02 -11.58
C LEU D 7 -33.89 -5.49 -11.12
N PHE D 8 -34.40 -5.82 -9.93
CA PHE D 8 -34.45 -7.23 -9.48
C PHE D 8 -35.81 -7.85 -9.78
N LYS D 9 -36.73 -7.12 -10.40
CA LYS D 9 -38.15 -7.52 -10.40
C LYS D 9 -38.38 -8.88 -11.08
N ASP D 10 -37.60 -9.24 -12.11
CA ASP D 10 -37.88 -10.46 -12.88
C ASP D 10 -37.57 -11.68 -12.03
N LEU D 11 -36.84 -11.52 -10.92
CA LEU D 11 -36.58 -12.67 -10.03
C LEU D 11 -37.90 -13.10 -9.34
N THR D 12 -38.92 -12.24 -9.31
CA THR D 12 -40.17 -12.50 -8.55
C THR D 12 -41.24 -13.15 -9.44
N LYS D 13 -40.88 -13.52 -10.66
CA LYS D 13 -41.87 -14.15 -11.58
C LYS D 13 -41.20 -15.33 -12.26
N VAL D 14 -41.89 -16.46 -12.36
CA VAL D 14 -41.24 -17.67 -12.93
C VAL D 14 -41.37 -17.58 -14.44
N LYS D 15 -40.43 -18.19 -15.15
CA LYS D 15 -40.43 -18.28 -16.61
C LYS D 15 -40.31 -19.76 -17.01
N HIS D 16 -41.11 -20.17 -17.99
CA HIS D 16 -41.09 -21.57 -18.49
C HIS D 16 -40.00 -21.66 -19.57
N ALA D 17 -38.73 -21.60 -19.15
CA ALA D 17 -37.55 -21.67 -20.04
C ALA D 17 -36.60 -22.71 -19.45
N ARG D 18 -35.91 -23.47 -20.31
CA ARG D 18 -35.02 -24.57 -19.87
C ARG D 18 -33.57 -24.12 -20.00
N ASN D 19 -32.82 -24.22 -18.90
CA ASN D 19 -31.35 -23.95 -18.94
C ASN D 19 -30.60 -24.99 -19.77
N GLY D 20 -29.61 -24.52 -20.51
CA GLY D 20 -28.54 -25.35 -21.05
C GLY D 20 -27.18 -24.72 -20.84
N ARG D 21 -26.13 -25.53 -21.01
CA ARG D 21 -24.75 -25.00 -20.88
C ARG D 21 -23.82 -25.75 -21.85
N LEU D 22 -23.11 -24.99 -22.65
CA LEU D 22 -21.91 -25.52 -23.36
C LEU D 22 -20.71 -25.33 -22.44
N ALA D 23 -19.99 -26.39 -22.13
CA ALA D 23 -18.77 -26.27 -21.32
C ALA D 23 -17.70 -27.20 -21.87
N SER D 24 -16.46 -26.93 -21.47
CA SER D 24 -15.28 -27.77 -21.73
C SER D 24 -15.22 -28.91 -20.72
N TRP D 25 -16.34 -29.30 -20.09
CA TRP D 25 -16.28 -30.37 -19.08
C TRP D 25 -15.68 -31.64 -19.67
N ASP D 26 -14.95 -32.36 -18.84
CA ASP D 26 -14.25 -33.61 -19.22
C ASP D 26 -15.30 -34.68 -19.44
N GLN D 27 -15.60 -35.01 -20.70
CA GLN D 27 -16.67 -36.01 -21.01
C GLN D 27 -16.15 -37.44 -20.85
N ARG D 28 -14.93 -37.62 -20.36
CA ARG D 28 -14.46 -38.90 -19.77
C ARG D 28 -14.86 -38.95 -18.28
N GLY D 29 -15.38 -37.85 -17.71
CA GLY D 29 -15.75 -37.79 -16.27
C GLY D 29 -14.55 -37.54 -15.37
N LYS D 30 -13.41 -37.20 -15.96
CA LYS D 30 -12.11 -37.04 -15.26
C LYS D 30 -11.89 -35.54 -15.06
N ASN D 31 -10.66 -35.12 -14.76
CA ASN D 31 -10.37 -33.74 -14.31
C ASN D 31 -9.58 -32.99 -15.37
N GLN D 32 -9.79 -33.28 -16.65
CA GLN D 32 -9.34 -32.38 -17.74
C GLN D 32 -10.56 -31.62 -18.27
N ASP D 33 -11.10 -30.68 -17.51
CA ASP D 33 -12.36 -29.95 -17.86
C ASP D 33 -12.06 -28.75 -18.74
N TYR D 34 -11.11 -28.90 -19.65
CA TYR D 34 -10.66 -27.89 -20.61
C TYR D 34 -10.45 -28.60 -21.97
N TRP D 35 -10.37 -27.79 -23.00
CA TRP D 35 -10.04 -28.26 -24.38
C TRP D 35 -8.68 -27.74 -24.79
N GLU D 36 -7.83 -28.60 -25.33
CA GLU D 36 -6.60 -28.16 -26.04
C GLU D 36 -7.01 -27.77 -27.45
N ILE D 37 -7.16 -26.47 -27.71
CA ILE D 37 -7.63 -25.95 -29.03
C ILE D 37 -6.45 -26.14 -29.97
N PRO D 38 -6.60 -26.92 -31.08
CA PRO D 38 -5.46 -27.15 -31.96
C PRO D 38 -4.92 -25.90 -32.64
N ALA D 39 -3.63 -25.90 -32.92
CA ALA D 39 -2.91 -24.90 -33.74
C ALA D 39 -3.54 -24.88 -35.14
N GLY D 40 -3.80 -23.69 -35.69
CA GLY D 40 -4.27 -23.44 -37.05
C GLY D 40 -5.57 -24.14 -37.35
N GLU D 41 -6.48 -24.29 -36.39
CA GLU D 41 -7.81 -24.92 -36.63
C GLU D 41 -8.90 -24.02 -36.03
N SER D 42 -10.12 -24.11 -36.56
CA SER D 42 -11.37 -23.66 -35.89
C SER D 42 -11.95 -24.84 -35.11
N ILE D 43 -12.54 -24.57 -33.94
CA ILE D 43 -13.30 -25.58 -33.19
C ILE D 43 -14.61 -24.97 -32.70
N THR D 44 -15.70 -25.73 -32.83
CA THR D 44 -17.03 -25.29 -32.43
C THR D 44 -17.19 -25.60 -30.93
N LEU D 45 -17.35 -24.55 -30.13
CA LEU D 45 -17.67 -24.74 -28.69
C LEU D 45 -19.06 -25.36 -28.53
N GLY D 46 -19.97 -24.98 -29.40
CA GLY D 46 -21.24 -25.67 -29.59
C GLY D 46 -22.12 -24.94 -30.57
N GLU D 47 -23.11 -25.66 -31.11
CA GLU D 47 -24.28 -25.10 -31.83
C GLU D 47 -25.53 -25.41 -31.00
N ILE D 48 -26.40 -24.43 -30.88
CA ILE D 48 -27.63 -24.50 -30.08
C ILE D 48 -28.78 -24.15 -31.01
N GLU D 49 -29.79 -25.01 -31.07
CA GLU D 49 -31.03 -24.67 -31.81
C GLU D 49 -31.87 -23.71 -30.95
N GLY D 50 -32.30 -22.61 -31.58
CA GLY D 50 -33.21 -21.59 -31.04
C GLY D 50 -34.62 -22.14 -30.98
N PRO D 51 -35.58 -21.43 -30.36
CA PRO D 51 -35.31 -20.12 -29.77
C PRO D 51 -34.68 -20.20 -28.38
N GLY D 52 -33.81 -19.24 -28.09
CA GLY D 52 -33.19 -19.18 -26.75
C GLY D 52 -32.36 -17.93 -26.62
N CYS D 53 -31.51 -17.90 -25.58
CA CYS D 53 -30.69 -16.69 -25.33
C CYS D 53 -29.46 -17.09 -24.51
N ILE D 54 -28.30 -16.70 -25.00
CA ILE D 54 -27.07 -16.75 -24.17
C ILE D 54 -27.28 -15.76 -23.02
N THR D 55 -27.03 -16.21 -21.79
CA THR D 55 -27.15 -15.39 -20.57
C THR D 55 -25.81 -15.12 -19.91
N HIS D 56 -24.79 -15.93 -20.14
CA HIS D 56 -23.53 -15.80 -19.39
C HIS D 56 -22.44 -16.61 -20.07
N MET D 57 -21.27 -16.02 -20.19
CA MET D 57 -20.06 -16.76 -20.61
C MET D 57 -18.97 -16.51 -19.57
N TRP D 58 -18.29 -17.59 -19.21
CA TRP D 58 -17.05 -17.54 -18.42
C TRP D 58 -16.02 -18.39 -19.20
N MET D 59 -14.80 -17.90 -19.31
CA MET D 59 -13.68 -18.71 -19.86
C MET D 59 -12.40 -18.39 -19.11
N THR D 60 -11.42 -19.29 -19.18
CA THR D 60 -10.01 -18.98 -18.89
C THR D 60 -9.18 -19.78 -19.87
N SER D 61 -7.93 -19.41 -20.00
CA SER D 61 -7.06 -19.97 -21.07
C SER D 61 -5.60 -19.94 -20.62
N SER D 62 -4.79 -20.77 -21.27
CA SER D 62 -3.33 -20.85 -21.08
C SER D 62 -2.73 -21.23 -22.43
N CYS D 63 -1.66 -20.56 -22.80
CA CYS D 63 -0.88 -20.92 -24.01
C CYS D 63 0.62 -20.93 -23.62
N ARG D 64 1.17 -22.14 -23.46
CA ARG D 64 2.60 -22.33 -23.11
C ARG D 64 3.30 -22.96 -24.30
N LYS D 65 4.53 -22.54 -24.50
CA LYS D 65 5.43 -23.14 -25.50
C LYS D 65 6.50 -23.95 -24.76
N VAL D 66 6.67 -25.22 -25.11
CA VAL D 66 7.74 -26.06 -24.49
C VAL D 66 9.10 -25.60 -25.07
N VAL D 67 10.02 -25.10 -24.24
CA VAL D 67 11.30 -24.51 -24.73
C VAL D 67 12.53 -25.21 -24.15
N ALA D 68 12.38 -26.16 -23.22
CA ALA D 68 13.51 -26.88 -22.62
C ALA D 68 13.04 -28.28 -22.24
N PRO D 69 13.96 -29.26 -22.15
CA PRO D 69 13.60 -30.59 -21.68
C PRO D 69 13.24 -30.53 -20.20
N SER D 70 12.35 -31.42 -19.76
CA SER D 70 11.89 -31.47 -18.35
C SER D 70 12.30 -32.78 -17.71
N ILE D 71 12.57 -32.80 -16.41
CA ILE D 71 12.78 -34.06 -15.65
C ILE D 71 11.42 -34.56 -15.12
N LEU D 72 10.31 -33.88 -15.43
CA LEU D 72 8.96 -34.39 -15.14
C LEU D 72 8.59 -35.41 -16.21
N ASP D 73 8.25 -36.62 -15.83
CA ASP D 73 7.74 -37.67 -16.75
C ASP D 73 6.60 -37.08 -17.55
N PRO D 74 6.75 -36.91 -18.89
CA PRO D 74 5.76 -36.19 -19.69
C PRO D 74 4.40 -36.90 -19.87
N GLU D 75 4.39 -38.23 -19.84
CA GLU D 75 3.12 -38.99 -19.92
C GLU D 75 2.34 -38.76 -18.61
N LEU D 76 2.93 -39.00 -17.44
CA LEU D 76 2.26 -38.72 -16.14
C LEU D 76 1.93 -37.23 -16.06
N ASN D 77 2.84 -36.36 -16.48
CA ASN D 77 2.64 -34.90 -16.32
C ASN D 77 1.37 -34.45 -17.02
N ALA D 78 1.00 -35.10 -18.12
CA ALA D 78 -0.22 -34.74 -18.89
C ALA D 78 -1.47 -34.89 -18.03
N SER D 79 -1.46 -35.76 -17.01
CA SER D 79 -2.63 -36.05 -16.13
C SER D 79 -2.56 -35.30 -14.81
N ALA D 80 -1.51 -34.55 -14.54
CA ALA D 80 -1.44 -33.68 -13.35
C ALA D 80 -2.19 -32.38 -13.62
N ALA D 81 -1.89 -31.32 -12.86
CA ALA D 81 -2.51 -30.00 -13.16
C ALA D 81 -2.24 -29.64 -14.62
N PRO D 82 -3.10 -28.82 -15.25
CA PRO D 82 -2.94 -28.60 -16.68
C PRO D 82 -1.79 -27.67 -17.10
N VAL D 83 -1.39 -26.81 -16.18
CA VAL D 83 -0.35 -25.77 -16.44
C VAL D 83 0.75 -25.86 -15.40
N MET D 84 2.00 -25.99 -15.89
CA MET D 84 3.18 -26.16 -15.02
C MET D 84 3.68 -24.76 -14.63
N GLU D 85 3.06 -24.22 -13.58
CA GLU D 85 3.38 -22.93 -12.91
C GLU D 85 4.66 -23.11 -12.09
N ILE D 86 5.75 -23.41 -12.80
CA ILE D 86 7.06 -23.72 -12.18
C ILE D 86 8.08 -22.74 -12.77
N HIS D 87 8.80 -22.04 -11.89
CA HIS D 87 9.77 -21.01 -12.29
C HIS D 87 10.93 -21.68 -13.04
N PRO D 88 11.30 -21.16 -14.22
CA PRO D 88 12.45 -21.70 -14.97
C PRO D 88 13.77 -21.77 -14.19
N ALA D 89 13.95 -20.96 -13.14
CA ALA D 89 15.18 -20.99 -12.32
C ALA D 89 15.33 -22.31 -11.54
N LEU D 90 14.30 -23.17 -11.47
CA LEU D 90 14.42 -24.46 -10.75
C LEU D 90 15.16 -25.51 -11.58
N GLY D 91 15.23 -25.32 -12.90
CA GLY D 91 16.00 -26.19 -13.83
C GLY D 91 15.32 -27.52 -14.13
N VAL D 92 14.00 -27.62 -13.90
CA VAL D 92 13.30 -28.94 -13.99
C VAL D 92 12.30 -28.97 -15.15
N ILE D 93 11.90 -27.81 -15.66
CA ILE D 93 10.87 -27.71 -16.72
C ILE D 93 10.93 -26.29 -17.25
N TRP D 94 10.50 -26.10 -18.50
CA TRP D 94 10.31 -24.73 -19.04
C TRP D 94 9.22 -24.68 -20.10
N ASP D 95 8.03 -24.34 -19.64
CA ASP D 95 6.84 -24.06 -20.49
C ASP D 95 6.72 -22.53 -20.48
N ALA D 96 7.20 -21.89 -21.53
CA ALA D 96 7.29 -20.42 -21.63
C ALA D 96 5.89 -19.90 -21.96
N TYR D 97 5.58 -18.67 -21.60
CA TYR D 97 4.29 -18.03 -21.95
C TYR D 97 4.32 -17.57 -23.39
N ASP D 98 3.27 -17.89 -24.14
CA ASP D 98 3.06 -17.36 -25.50
C ASP D 98 2.44 -15.97 -25.37
N PRO D 99 3.13 -14.89 -25.79
CA PRO D 99 2.66 -13.56 -25.45
C PRO D 99 1.35 -13.10 -26.12
N PHE D 100 1.07 -13.54 -27.35
CA PHE D 100 0.08 -12.82 -28.21
C PHE D 100 -1.07 -13.76 -28.55
N TYR D 101 -1.23 -14.86 -27.82
CA TYR D 101 -2.25 -15.86 -28.20
C TYR D 101 -3.67 -15.26 -28.13
N TYR D 102 -3.90 -14.28 -27.26
CA TYR D 102 -5.20 -13.55 -27.18
C TYR D 102 -5.55 -12.80 -28.47
N ARG D 103 -4.55 -12.45 -29.29
CA ARG D 103 -4.76 -11.76 -30.60
C ARG D 103 -4.74 -12.77 -31.74
N LYS D 104 -4.08 -13.92 -31.54
CA LYS D 104 -3.94 -14.97 -32.58
C LYS D 104 -5.22 -15.80 -32.68
N ALA D 105 -5.98 -15.95 -31.58
CA ALA D 105 -7.25 -16.73 -31.55
C ALA D 105 -8.41 -15.73 -31.71
N LEU D 106 -9.46 -16.11 -32.42
CA LEU D 106 -10.70 -15.31 -32.53
C LEU D 106 -11.83 -16.06 -31.85
N ILE D 107 -12.81 -15.30 -31.36
CA ILE D 107 -14.17 -15.83 -31.07
C ILE D 107 -15.10 -15.37 -32.18
N LYS D 108 -15.91 -16.31 -32.64
CA LYS D 108 -16.78 -16.12 -33.81
C LYS D 108 -18.15 -16.71 -33.48
N ILE D 109 -19.18 -15.87 -33.60
CA ILE D 109 -20.56 -16.32 -33.31
C ILE D 109 -21.41 -16.02 -34.53
N THR D 110 -22.13 -17.04 -35.00
CA THR D 110 -23.05 -16.91 -36.15
C THR D 110 -24.47 -17.19 -35.65
N TRP D 111 -25.39 -16.32 -35.96
CA TRP D 111 -26.81 -16.48 -35.57
C TRP D 111 -27.64 -17.00 -36.76
N ASP D 112 -28.58 -17.88 -36.46
CA ASP D 112 -29.75 -18.21 -37.34
C ASP D 112 -29.23 -18.69 -38.70
N ASP D 113 -28.07 -19.35 -38.73
CA ASP D 113 -27.47 -19.92 -39.97
C ASP D 113 -27.28 -18.87 -41.06
N GLN D 114 -26.95 -17.63 -40.67
CA GLN D 114 -26.53 -16.59 -41.63
C GLN D 114 -25.21 -17.00 -42.29
N ASP D 115 -24.96 -16.44 -43.46
CA ASP D 115 -23.73 -16.69 -44.26
C ASP D 115 -22.61 -15.74 -43.82
N THR D 116 -22.82 -14.94 -42.76
CA THR D 116 -21.78 -14.05 -42.14
C THR D 116 -21.84 -14.22 -40.62
N PRO D 117 -20.71 -14.13 -39.92
CA PRO D 117 -20.75 -14.03 -38.45
C PRO D 117 -21.36 -12.69 -38.00
N SER D 118 -21.86 -12.65 -36.78
CA SER D 118 -22.34 -11.41 -36.11
C SER D 118 -21.33 -11.00 -35.04
N VAL D 119 -20.49 -11.94 -34.61
CA VAL D 119 -19.35 -11.68 -33.69
C VAL D 119 -18.09 -12.26 -34.33
N LEU D 120 -17.10 -11.41 -34.54
CA LEU D 120 -15.80 -11.87 -35.06
C LEU D 120 -14.74 -10.94 -34.47
N VAL D 121 -14.12 -11.37 -33.39
CA VAL D 121 -13.28 -10.51 -32.54
C VAL D 121 -12.14 -11.37 -32.02
N PRO D 122 -10.90 -10.83 -31.89
CA PRO D 122 -9.88 -11.59 -31.19
C PRO D 122 -10.45 -12.00 -29.83
N PHE D 123 -10.06 -13.18 -29.39
CA PHE D 123 -10.49 -13.84 -28.16
C PHE D 123 -10.27 -12.89 -26.98
N GLY D 124 -9.08 -12.32 -26.87
CA GLY D 124 -8.74 -11.39 -25.79
C GLY D 124 -9.64 -10.17 -25.84
N ASP D 125 -9.65 -9.47 -26.97
CA ASP D 125 -10.38 -8.19 -27.09
C ASP D 125 -11.85 -8.38 -26.79
N PHE D 126 -12.44 -9.49 -27.25
CA PHE D 126 -13.90 -9.70 -27.02
C PHE D 126 -14.20 -9.59 -25.54
N PHE D 127 -13.34 -10.21 -24.74
CA PHE D 127 -13.43 -10.24 -23.26
C PHE D 127 -12.63 -9.10 -22.61
N CYS D 128 -12.45 -7.97 -23.30
CA CYS D 128 -11.85 -6.73 -22.72
C CYS D 128 -10.46 -7.00 -22.18
N ILE D 129 -9.72 -7.85 -22.91
CA ILE D 129 -8.24 -7.99 -22.85
C ILE D 129 -7.73 -7.31 -24.12
N GLY D 130 -7.21 -6.09 -23.98
CA GLY D 130 -6.62 -5.34 -25.08
C GLY D 130 -5.15 -5.66 -25.22
N ASN D 131 -4.63 -5.60 -26.45
CA ASN D 131 -3.17 -5.68 -26.70
C ASN D 131 -2.62 -7.01 -26.21
N SER D 132 -3.43 -8.09 -26.16
CA SER D 132 -3.03 -9.38 -25.53
C SER D 132 -2.36 -9.20 -24.16
N TYR D 133 -2.86 -8.26 -23.36
CA TYR D 133 -2.26 -7.84 -22.07
C TYR D 133 -3.37 -7.56 -21.05
N PRO D 134 -3.78 -8.59 -20.30
CA PRO D 134 -4.86 -8.46 -19.33
C PRO D 134 -4.64 -7.39 -18.27
N GLY D 135 -5.76 -6.75 -17.88
CA GLY D 135 -5.87 -5.92 -16.66
C GLY D 135 -7.04 -6.39 -15.85
N ASN D 136 -6.88 -6.37 -14.55
CA ASN D 136 -7.91 -6.75 -13.57
C ASN D 136 -8.99 -5.65 -13.54
N PHE D 137 -10.24 -5.98 -13.83
CA PHE D 137 -11.32 -4.97 -13.67
C PHE D 137 -12.69 -5.64 -13.59
N SER D 138 -13.69 -4.87 -13.14
CA SER D 138 -15.10 -5.27 -13.21
C SER D 138 -15.90 -4.13 -13.83
N SER D 139 -16.90 -4.50 -14.62
CA SER D 139 -17.92 -3.55 -15.12
C SER D 139 -19.25 -4.31 -15.09
N LEU D 140 -20.36 -3.68 -15.46
CA LEU D 140 -21.62 -4.43 -15.36
C LEU D 140 -21.66 -5.60 -16.36
N PRO D 141 -21.28 -5.48 -17.66
CA PRO D 141 -21.37 -6.62 -18.57
C PRO D 141 -20.12 -7.50 -18.70
N PHE D 142 -18.95 -7.00 -18.31
CA PHE D 142 -17.68 -7.73 -18.57
C PHE D 142 -16.79 -7.64 -17.35
N ASN D 143 -16.10 -8.74 -17.03
CA ASN D 143 -15.14 -8.70 -15.92
C ASN D 143 -13.90 -9.48 -16.30
N VAL D 144 -12.79 -9.11 -15.69
CA VAL D 144 -11.56 -9.93 -15.74
C VAL D 144 -11.01 -10.05 -14.35
N SER D 145 -10.79 -11.27 -13.89
CA SER D 145 -10.14 -11.53 -12.59
C SER D 145 -8.73 -12.07 -12.90
N LEU D 146 -7.74 -11.23 -12.65
CA LEU D 146 -6.31 -11.43 -12.95
C LEU D 146 -5.53 -11.41 -11.64
N LYS D 147 -4.80 -12.48 -11.37
CA LYS D 147 -3.95 -12.60 -10.14
C LYS D 147 -2.85 -11.57 -10.29
N PRO D 148 -2.47 -10.87 -9.21
CA PRO D 148 -1.31 -9.97 -9.27
C PRO D 148 -0.01 -10.67 -9.66
N GLU D 149 0.13 -11.94 -9.29
CA GLU D 149 1.32 -12.77 -9.59
C GLU D 149 1.52 -12.85 -11.11
N GLU D 150 0.44 -12.74 -11.88
CA GLU D 150 0.40 -12.98 -13.34
C GLU D 150 0.34 -11.63 -14.06
N ALA D 151 -0.06 -10.56 -13.39
CA ALA D 151 -0.43 -9.28 -14.05
C ALA D 151 0.84 -8.61 -14.55
N GLY D 152 0.70 -7.74 -15.53
CA GLY D 152 1.81 -6.96 -16.07
C GLY D 152 2.59 -7.74 -17.08
N LYS D 153 1.96 -8.65 -17.81
CA LYS D 153 2.69 -9.40 -18.82
C LYS D 153 1.72 -9.78 -19.93
N PHE D 154 2.29 -9.77 -21.14
CA PHE D 154 1.56 -10.25 -22.32
C PHE D 154 1.15 -11.71 -22.07
N GLY D 155 -0.09 -12.01 -22.40
CA GLY D 155 -0.56 -13.41 -22.42
C GLY D 155 -0.76 -13.98 -21.03
N ALA D 156 -0.93 -13.12 -20.03
CA ALA D 156 -1.26 -13.59 -18.66
C ALA D 156 -2.59 -14.33 -18.69
N PRO D 157 -2.67 -15.44 -17.94
CA PRO D 157 -3.95 -16.10 -17.74
C PRO D 157 -4.80 -15.27 -16.79
N CYS D 158 -6.09 -15.33 -17.00
CA CYS D 158 -7.08 -14.61 -16.16
C CYS D 158 -8.45 -15.19 -16.45
N SER D 159 -9.43 -14.88 -15.62
CA SER D 159 -10.82 -15.33 -15.82
C SER D 159 -11.57 -14.22 -16.52
N VAL D 160 -12.35 -14.56 -17.52
CA VAL D 160 -13.15 -13.57 -18.26
C VAL D 160 -14.62 -13.96 -18.12
N SER D 161 -15.50 -12.98 -18.06
CA SER D 161 -16.95 -13.23 -17.97
C SER D 161 -17.69 -12.14 -18.72
N CYS D 162 -18.73 -12.56 -19.40
CA CYS D 162 -19.60 -11.72 -20.22
C CYS D 162 -21.06 -11.96 -19.82
N TYR D 163 -21.78 -10.91 -19.48
CA TYR D 163 -23.22 -10.95 -19.10
C TYR D 163 -24.11 -10.26 -20.13
N PHE D 164 -23.59 -9.80 -21.26
CA PHE D 164 -24.46 -9.27 -22.34
C PHE D 164 -25.36 -10.40 -22.81
N PRO D 165 -26.68 -10.21 -22.87
CA PRO D 165 -27.56 -11.27 -23.38
C PRO D 165 -27.47 -11.37 -24.90
N MET D 166 -27.60 -12.59 -25.44
CA MET D 166 -27.49 -12.84 -26.90
C MET D 166 -28.66 -13.71 -27.33
N PRO D 167 -29.78 -13.09 -27.72
CA PRO D 167 -30.95 -13.85 -28.10
C PRO D 167 -30.77 -14.42 -29.51
N PHE D 168 -31.48 -15.51 -29.82
CA PHE D 168 -31.47 -16.08 -31.16
C PHE D 168 -32.73 -16.92 -31.35
N ASN D 169 -33.44 -16.71 -32.45
CA ASN D 169 -34.71 -17.44 -32.73
C ASN D 169 -34.42 -18.83 -33.31
N LYS D 170 -33.35 -19.02 -34.07
CA LYS D 170 -33.16 -20.29 -34.86
C LYS D 170 -31.86 -21.01 -34.53
N LYS D 171 -30.71 -20.31 -34.37
CA LYS D 171 -29.46 -21.02 -34.14
C LYS D 171 -28.43 -20.06 -33.54
N ALA D 172 -27.57 -20.63 -32.72
CA ALA D 172 -26.32 -20.03 -32.22
C ALA D 172 -25.19 -20.99 -32.56
N LYS D 173 -24.17 -20.48 -33.22
CA LYS D 173 -22.95 -21.27 -33.47
C LYS D 173 -21.77 -20.49 -32.89
N ILE D 174 -21.09 -21.07 -31.91
CA ILE D 174 -19.95 -20.40 -31.23
C ILE D 174 -18.69 -21.19 -31.55
N GLU D 175 -17.70 -20.49 -32.13
CA GLU D 175 -16.42 -21.07 -32.59
C GLU D 175 -15.25 -20.28 -32.02
N ILE D 176 -14.15 -20.97 -31.83
CA ILE D 176 -12.80 -20.39 -31.67
C ILE D 176 -12.05 -20.63 -32.98
N VAL D 177 -11.48 -19.57 -33.54
CA VAL D 177 -10.57 -19.68 -34.71
C VAL D 177 -9.14 -19.48 -34.19
N ASN D 178 -8.33 -20.53 -34.13
CA ASN D 178 -6.98 -20.42 -33.54
C ASN D 178 -5.95 -20.26 -34.68
N ASP D 179 -5.60 -19.02 -35.02
CA ASP D 179 -4.59 -18.66 -36.05
C ASP D 179 -3.15 -18.74 -35.47
N ASN D 180 -2.99 -19.30 -34.28
CA ASN D 180 -1.68 -19.50 -33.62
C ASN D 180 -1.03 -20.78 -34.18
N GLU D 181 0.29 -20.80 -34.21
CA GLU D 181 1.12 -21.98 -34.54
C GLU D 181 1.09 -22.96 -33.39
N LEU D 182 0.70 -22.48 -32.20
CA LEU D 182 0.59 -23.26 -30.95
C LEU D 182 -0.87 -23.52 -30.66
N PRO D 183 -1.16 -24.70 -30.08
CA PRO D 183 -2.46 -24.93 -29.45
C PRO D 183 -2.51 -24.13 -28.14
N PHE D 184 -3.72 -24.00 -27.59
CA PHE D 184 -3.91 -23.35 -26.26
C PHE D 184 -5.07 -24.01 -25.53
N ILE D 185 -5.00 -23.93 -24.21
CA ILE D 185 -5.99 -24.50 -23.28
C ILE D 185 -7.11 -23.48 -23.16
N LEU D 186 -8.34 -23.93 -23.35
CA LEU D 186 -9.56 -23.13 -23.15
C LEU D 186 -10.49 -23.88 -22.19
N TYR D 187 -10.78 -23.24 -21.06
CA TYR D 187 -11.90 -23.61 -20.17
C TYR D 187 -13.06 -22.69 -20.55
N PHE D 188 -14.27 -23.21 -20.62
CA PHE D 188 -15.44 -22.35 -20.82
C PHE D 188 -16.70 -22.95 -20.19
N ASN D 189 -17.58 -22.05 -19.79
CA ASN D 189 -18.99 -22.34 -19.41
C ASN D 189 -19.80 -21.27 -20.11
N ILE D 190 -20.68 -21.66 -21.03
CA ILE D 190 -21.59 -20.76 -21.80
C ILE D 190 -23.01 -21.18 -21.48
N ASP D 191 -23.69 -20.37 -20.70
CA ASP D 191 -25.02 -20.63 -20.13
C ASP D 191 -26.05 -19.97 -21.04
N TYR D 192 -27.17 -20.66 -21.24
CA TYR D 192 -28.23 -20.16 -22.13
C TYR D 192 -29.56 -20.67 -21.61
N GLU D 193 -30.65 -20.11 -22.07
CA GLU D 193 -31.98 -20.70 -21.79
C GLU D 193 -32.68 -20.86 -23.14
N MET D 194 -33.51 -21.89 -23.21
CA MET D 194 -34.33 -22.24 -24.40
C MET D 194 -35.78 -21.87 -24.11
N TYR D 195 -36.48 -21.35 -25.13
CA TYR D 195 -37.88 -20.90 -25.02
C TYR D 195 -38.81 -21.86 -25.77
N GLY D 196 -40.05 -21.93 -25.32
CA GLY D 196 -41.14 -22.76 -25.87
C GLY D 196 -41.90 -22.03 -26.98
N GLU D 197 -41.47 -20.83 -27.36
CA GLU D 197 -42.11 -20.01 -28.41
C GLU D 197 -41.07 -19.09 -29.03
N PRO D 198 -41.31 -18.60 -30.27
CA PRO D 198 -40.38 -17.69 -30.92
C PRO D 198 -40.26 -16.38 -30.16
N LEU D 199 -39.09 -15.77 -30.26
CA LEU D 199 -38.86 -14.38 -29.85
C LEU D 199 -39.57 -13.49 -30.87
N PRO D 200 -40.01 -12.28 -30.48
CA PRO D 200 -40.62 -11.35 -31.43
C PRO D 200 -39.66 -10.99 -32.59
N GLU D 201 -40.23 -10.41 -33.65
CA GLU D 201 -39.55 -10.21 -34.96
C GLU D 201 -38.56 -9.05 -34.82
N ASP D 202 -38.88 -8.07 -33.99
CA ASP D 202 -38.00 -6.90 -33.68
C ASP D 202 -36.95 -7.26 -32.61
N THR D 203 -36.65 -8.54 -32.38
CA THR D 203 -35.65 -8.96 -31.36
C THR D 203 -34.29 -8.53 -31.90
N ALA D 204 -33.49 -7.84 -31.08
CA ALA D 204 -32.18 -7.34 -31.52
C ALA D 204 -31.11 -8.34 -31.08
N TYR D 205 -30.23 -8.71 -31.98
CA TYR D 205 -29.22 -9.78 -31.80
C TYR D 205 -27.87 -9.13 -31.54
N PHE D 206 -27.05 -9.79 -30.75
CA PHE D 206 -25.76 -9.27 -30.25
C PHE D 206 -24.69 -9.43 -31.34
N HIS D 207 -24.00 -8.33 -31.61
CA HIS D 207 -22.98 -8.18 -32.65
C HIS D 207 -21.70 -7.60 -32.02
N ALA D 208 -20.52 -8.02 -32.49
CA ALA D 208 -19.25 -7.35 -32.12
C ALA D 208 -18.23 -7.53 -33.26
N ALA D 209 -17.44 -6.48 -33.49
CA ALA D 209 -16.49 -6.39 -34.61
C ALA D 209 -15.25 -5.68 -34.08
N TRP D 210 -14.12 -6.01 -34.66
CA TRP D 210 -12.80 -5.47 -34.26
C TRP D 210 -12.16 -4.74 -35.42
N HIS D 211 -11.41 -3.71 -35.09
CA HIS D 211 -10.77 -2.82 -36.07
C HIS D 211 -9.43 -2.42 -35.51
N ARG D 212 -8.47 -2.11 -36.38
CA ARG D 212 -7.20 -1.50 -35.95
C ARG D 212 -6.75 -0.50 -37.02
N GLU D 213 -6.20 0.62 -36.61
CA GLU D 213 -5.49 1.60 -37.48
C GLU D 213 -4.09 1.71 -36.87
N ASN D 214 -3.09 1.18 -37.56
CA ASN D 214 -1.70 1.15 -37.05
C ASN D 214 -0.73 1.27 -38.21
N PRO D 215 -0.18 2.46 -38.49
CA PRO D 215 -0.47 3.69 -37.77
C PRO D 215 -1.76 4.38 -38.21
N CYS D 216 -2.42 5.15 -37.33
CA CYS D 216 -3.43 6.14 -37.73
C CYS D 216 -2.76 7.12 -38.72
N ASN D 217 -3.52 7.68 -39.66
CA ASN D 217 -2.95 8.57 -40.70
C ASN D 217 -2.87 10.02 -40.19
N GLY D 218 -2.01 10.30 -39.21
CA GLY D 218 -1.93 11.64 -38.60
C GLY D 218 -1.24 12.67 -39.49
N TRP D 219 -1.72 13.90 -39.46
CA TRP D 219 -1.15 15.03 -40.24
C TRP D 219 0.00 15.64 -39.45
N GLY D 220 0.07 15.37 -38.15
CA GLY D 220 1.07 16.06 -37.29
C GLY D 220 1.65 15.21 -36.18
N PRO D 221 2.14 13.99 -36.48
CA PRO D 221 2.64 13.09 -35.44
C PRO D 221 3.88 13.65 -34.72
N GLU D 222 4.64 14.51 -35.39
CA GLU D 222 5.89 15.07 -34.81
C GLU D 222 5.63 16.43 -34.19
N LEU D 223 4.43 17.00 -34.29
CA LEU D 223 4.08 18.29 -33.62
C LEU D 223 3.65 17.95 -32.19
N GLN D 224 4.08 18.74 -31.23
CA GLN D 224 3.65 18.59 -29.83
C GLN D 224 2.14 18.67 -29.73
N VAL D 225 1.55 17.61 -29.17
CA VAL D 225 0.14 17.63 -28.75
C VAL D 225 -0.14 18.89 -27.93
N ASN D 226 -1.27 19.55 -28.20
CA ASN D 226 -1.81 20.75 -27.52
C ASN D 226 -0.93 21.97 -27.76
N SER D 227 -0.04 21.94 -28.73
CA SER D 227 0.61 23.16 -29.24
C SER D 227 -0.48 24.04 -29.81
N PRO D 228 -0.31 25.36 -29.75
CA PRO D 228 -1.29 26.25 -30.39
C PRO D 228 -1.59 25.88 -31.86
N GLU D 229 -0.54 25.50 -32.60
CA GLU D 229 -0.67 25.19 -34.05
C GLU D 229 -1.61 24.02 -34.21
N VAL D 230 -1.41 22.97 -33.43
CA VAL D 230 -2.28 21.76 -33.49
C VAL D 230 -3.71 22.19 -33.17
N ASN D 231 -3.88 22.92 -32.09
CA ASN D 231 -5.22 23.12 -31.49
C ASN D 231 -6.09 24.05 -32.34
N ASN D 232 -5.48 24.82 -33.25
CA ASN D 232 -6.21 25.78 -34.12
C ASN D 232 -6.56 25.13 -35.46
N VAL D 233 -6.22 23.86 -35.68
CA VAL D 233 -6.72 23.10 -36.89
C VAL D 233 -8.17 22.72 -36.68
N THR D 234 -8.97 22.80 -37.74
CA THR D 234 -10.43 22.55 -37.62
C THR D 234 -10.74 21.18 -38.17
N ASN D 235 -11.73 20.55 -37.59
CA ASN D 235 -12.27 19.28 -38.12
C ASN D 235 -13.73 19.20 -37.71
N PHE D 236 -14.62 19.39 -38.69
CA PHE D 236 -16.07 19.25 -38.46
C PHE D 236 -16.59 17.93 -38.99
N LYS D 237 -16.17 17.56 -40.20
CA LYS D 237 -16.86 16.46 -40.93
C LYS D 237 -16.32 15.10 -40.48
N GLY D 238 -15.10 15.01 -39.96
CA GLY D 238 -14.51 13.80 -39.36
C GLY D 238 -14.22 12.69 -40.35
N GLU D 239 -13.91 13.04 -41.61
CA GLU D 239 -13.70 12.05 -42.71
C GLU D 239 -12.54 11.11 -42.36
N ASN D 240 -11.50 11.62 -41.69
CA ASN D 240 -10.28 10.86 -41.33
C ASN D 240 -10.31 10.40 -39.87
N ASN D 241 -11.43 10.54 -39.17
CA ASN D 241 -11.57 10.00 -37.79
C ASN D 241 -11.35 8.50 -37.76
N TYR D 242 -10.86 8.01 -36.63
CA TYR D 242 -10.78 6.55 -36.34
C TYR D 242 -12.20 6.03 -36.30
N THR D 243 -12.46 4.95 -37.03
CA THR D 243 -13.80 4.33 -37.13
C THR D 243 -13.93 3.14 -36.18
N VAL D 244 -14.68 3.30 -35.10
CA VAL D 244 -14.98 2.21 -34.14
C VAL D 244 -16.01 1.27 -34.77
N LEU D 245 -17.00 1.86 -35.44
CA LEU D 245 -18.12 1.04 -35.99
C LEU D 245 -18.66 1.75 -37.23
N ASP D 246 -19.02 0.97 -38.25
CA ASP D 246 -19.67 1.53 -39.45
C ASP D 246 -20.63 0.45 -39.93
N VAL D 247 -21.90 0.57 -39.59
CA VAL D 247 -22.81 -0.60 -39.73
C VAL D 247 -24.12 -0.10 -40.32
N GLU D 248 -24.65 -0.89 -41.26
CA GLU D 248 -26.03 -0.71 -41.79
C GLU D 248 -27.00 -1.64 -41.05
N GLY D 249 -28.12 -1.08 -40.61
CA GLY D 249 -29.27 -1.80 -40.04
C GLY D 249 -30.08 -0.96 -39.08
N THR D 250 -30.82 -1.64 -38.23
CA THR D 250 -31.70 -1.07 -37.20
C THR D 250 -31.27 -1.67 -35.86
N GLY D 251 -30.80 -0.82 -34.97
CA GLY D 251 -30.42 -1.37 -33.66
C GLY D 251 -29.81 -0.26 -32.83
N HIS D 252 -28.83 -0.63 -32.04
CA HIS D 252 -28.22 0.34 -31.10
C HIS D 252 -26.85 -0.19 -30.68
N TYR D 253 -25.95 0.78 -30.56
CA TYR D 253 -24.53 0.60 -30.18
C TYR D 253 -24.49 0.60 -28.67
N VAL D 254 -23.78 -0.34 -28.06
CA VAL D 254 -23.73 -0.48 -26.58
C VAL D 254 -22.31 -0.28 -26.04
N GLY D 255 -21.36 0.09 -26.89
CA GLY D 255 -20.06 0.60 -26.42
C GLY D 255 -18.90 -0.12 -27.03
N CYS D 256 -17.75 0.03 -26.39
CA CYS D 256 -16.49 -0.41 -27.04
C CYS D 256 -15.40 -0.56 -25.98
N ASN D 257 -14.35 -1.27 -26.34
CA ASN D 257 -13.05 -1.17 -25.66
C ASN D 257 -12.11 -0.62 -26.73
N LEU D 258 -11.06 0.02 -26.28
CA LEU D 258 -10.16 0.76 -27.18
C LEU D 258 -8.77 0.60 -26.59
N THR D 259 -7.89 0.05 -27.41
CA THR D 259 -6.48 -0.16 -27.08
C THR D 259 -5.70 0.92 -27.83
N VAL D 260 -4.99 1.75 -27.08
CA VAL D 260 -4.11 2.78 -27.71
C VAL D 260 -2.67 2.60 -27.27
N LYS D 261 -1.77 2.35 -28.24
CA LYS D 261 -0.31 2.51 -28.02
C LYS D 261 0.07 3.90 -28.53
N HIS D 262 0.56 4.73 -27.64
CA HIS D 262 0.88 6.16 -27.90
C HIS D 262 2.40 6.32 -28.04
N PHE D 263 2.88 6.99 -29.09
CA PHE D 263 4.31 7.02 -29.45
C PHE D 263 5.05 8.31 -29.03
N GLN D 264 4.42 9.49 -28.98
CA GLN D 264 5.29 10.69 -28.77
C GLN D 264 5.53 10.94 -27.27
N GLY D 265 4.77 10.33 -26.35
CA GLY D 265 4.94 10.55 -24.91
C GLY D 265 4.36 11.86 -24.39
N SER D 266 3.21 12.27 -24.90
CA SER D 266 2.48 13.44 -24.39
C SER D 266 1.10 12.95 -23.98
N TRP D 267 0.11 13.07 -24.85
CA TRP D 267 -1.27 12.64 -24.56
C TRP D 267 -1.93 12.25 -25.86
N TRP D 268 -2.58 11.10 -25.88
CA TRP D 268 -3.15 10.52 -27.12
C TRP D 268 -4.63 10.88 -27.27
N GLY D 269 -5.25 11.56 -26.32
CA GLY D 269 -6.72 11.50 -26.16
C GLY D 269 -7.47 12.80 -26.36
N GLU D 270 -6.94 13.77 -27.11
CA GLU D 270 -7.67 15.07 -27.29
C GLU D 270 -8.84 14.90 -28.28
N GLY D 271 -8.86 13.83 -29.03
CA GLY D 271 -9.82 13.58 -30.12
C GLY D 271 -11.25 13.40 -29.62
N ASN D 272 -12.19 14.04 -30.32
CA ASN D 272 -13.62 14.02 -29.95
C ASN D 272 -14.28 12.78 -30.54
N ASP D 273 -15.13 12.12 -29.77
CA ASP D 273 -16.12 11.18 -30.36
C ASP D 273 -17.08 12.00 -31.23
N MET D 274 -17.42 11.42 -32.37
CA MET D 274 -18.35 12.03 -33.35
C MET D 274 -19.18 10.87 -33.90
N PHE D 275 -20.47 10.90 -33.67
CA PHE D 275 -21.41 9.84 -34.08
C PHE D 275 -22.21 10.39 -35.24
N PHE D 276 -22.36 9.56 -36.26
CA PHE D 276 -23.12 9.88 -37.49
C PHE D 276 -24.28 8.89 -37.57
N ILE D 277 -25.49 9.39 -37.39
CA ILE D 277 -26.71 8.56 -37.32
C ILE D 277 -27.46 8.68 -38.65
N ASP D 278 -27.84 7.51 -39.19
CA ASP D 278 -28.80 7.38 -40.32
C ASP D 278 -28.31 8.22 -41.50
N GLY D 279 -27.02 8.15 -41.78
CA GLY D 279 -26.42 8.67 -43.01
C GLY D 279 -26.19 10.16 -43.00
N GLU D 280 -26.33 10.85 -41.86
CA GLU D 280 -26.15 12.33 -41.82
C GLU D 280 -24.70 12.63 -42.22
N GLU D 281 -24.51 13.76 -42.89
CA GLU D 281 -23.20 14.19 -43.45
C GLU D 281 -22.31 14.69 -42.30
N TYR D 282 -22.87 15.51 -41.43
CA TYR D 282 -22.15 16.09 -40.25
C TYR D 282 -22.61 15.33 -39.03
N PRO D 283 -21.73 15.05 -38.05
CA PRO D 283 -22.11 14.27 -36.87
C PRO D 283 -23.13 15.04 -36.03
N SER D 284 -24.22 14.38 -35.61
CA SER D 284 -25.25 14.99 -34.74
C SER D 284 -24.80 14.89 -33.28
N LEU D 285 -23.97 13.90 -32.90
CA LEU D 285 -23.45 13.79 -31.50
C LEU D 285 -21.97 14.18 -31.52
N ASN D 286 -21.65 15.31 -30.92
CA ASN D 286 -20.26 15.82 -30.86
C ASN D 286 -19.76 15.72 -29.43
N GLY D 287 -18.66 14.99 -29.23
CA GLY D 287 -17.97 14.90 -27.94
C GLY D 287 -16.94 16.00 -27.81
N THR D 288 -16.07 15.85 -26.83
CA THR D 288 -15.12 16.89 -26.38
C THR D 288 -13.70 16.35 -26.33
N GLY D 289 -13.54 15.03 -26.19
CA GLY D 289 -12.23 14.41 -26.01
C GLY D 289 -12.35 12.94 -25.74
N THR D 290 -11.25 12.21 -25.80
CA THR D 290 -11.32 10.73 -25.80
C THR D 290 -11.50 10.21 -24.38
N GLU D 291 -10.71 10.70 -23.41
CA GLU D 291 -11.00 10.31 -22.02
C GLU D 291 -12.40 10.79 -21.65
N ASP D 292 -12.86 11.91 -22.19
CA ASP D 292 -14.19 12.46 -21.93
C ASP D 292 -15.24 11.44 -22.37
N TYR D 293 -15.09 10.87 -23.55
CA TYR D 293 -15.98 9.81 -24.08
C TYR D 293 -15.95 8.65 -23.06
N PHE D 294 -14.78 8.28 -22.53
CA PHE D 294 -14.64 7.21 -21.51
C PHE D 294 -15.03 7.71 -20.10
N ASN D 295 -15.54 8.94 -19.97
CA ASN D 295 -16.12 9.54 -18.75
C ASN D 295 -15.06 9.76 -17.69
N HIS D 296 -13.80 9.81 -18.09
CA HIS D 296 -12.70 10.27 -17.22
C HIS D 296 -12.46 11.74 -17.55
N ALA D 297 -11.41 12.36 -17.01
CA ALA D 297 -11.11 13.77 -17.31
C ALA D 297 -9.65 14.06 -16.99
N TRP D 298 -9.02 14.91 -17.80
CA TRP D 298 -7.61 15.36 -17.60
C TRP D 298 -6.73 14.11 -17.63
N GLY D 299 -7.01 13.26 -18.61
CA GLY D 299 -6.39 11.95 -18.76
C GLY D 299 -7.28 10.83 -18.29
N MET D 300 -6.80 9.60 -18.43
CA MET D 300 -7.51 8.40 -17.95
C MET D 300 -7.02 8.19 -16.53
N GLN D 301 -7.89 7.74 -15.63
CA GLN D 301 -7.55 7.40 -14.24
C GLN D 301 -7.53 5.88 -14.05
N ARG D 302 -6.94 5.41 -12.97
CA ARG D 302 -6.96 3.96 -12.60
C ARG D 302 -8.30 3.67 -11.92
N ASN D 303 -9.39 3.81 -12.66
CA ASN D 303 -10.75 3.50 -12.19
C ASN D 303 -11.40 2.63 -13.25
N ALA D 304 -12.20 1.69 -12.80
CA ALA D 304 -13.06 0.82 -13.66
C ALA D 304 -14.43 0.73 -12.98
N TYR D 305 -15.40 1.40 -13.56
CA TYR D 305 -16.75 1.66 -13.00
C TYR D 305 -17.74 0.84 -13.81
N PRO D 306 -19.00 0.73 -13.37
CA PRO D 306 -19.93 -0.16 -14.06
C PRO D 306 -20.05 0.06 -15.57
N PHE D 307 -20.06 1.32 -16.02
CA PHE D 307 -20.33 1.68 -17.42
C PHE D 307 -19.08 2.23 -18.15
N PHE D 308 -17.92 2.37 -17.49
CA PHE D 308 -16.74 2.92 -18.16
C PHE D 308 -15.48 2.85 -17.29
N GLY D 309 -14.34 2.95 -17.96
CA GLY D 309 -13.08 3.25 -17.29
C GLY D 309 -11.89 2.64 -17.98
N THR D 310 -10.91 2.36 -17.16
CA THR D 310 -9.58 1.86 -17.52
C THR D 310 -9.49 0.38 -17.17
N ILE D 311 -8.96 -0.40 -18.13
CA ILE D 311 -8.62 -1.82 -17.96
C ILE D 311 -7.12 -1.93 -17.72
N VAL D 312 -6.33 -1.30 -18.59
CA VAL D 312 -4.85 -1.20 -18.46
C VAL D 312 -4.52 0.28 -18.59
N HIS D 313 -3.85 0.80 -17.56
CA HIS D 313 -3.44 2.23 -17.48
C HIS D 313 -2.07 2.41 -18.14
N GLU D 314 -1.95 3.43 -18.97
CA GLU D 314 -0.70 3.84 -19.67
C GLU D 314 0.43 4.00 -18.63
N GLY D 315 0.12 4.48 -17.42
CA GLY D 315 1.17 4.67 -16.39
C GLY D 315 1.75 3.36 -15.87
N ASP D 316 1.11 2.23 -16.11
CA ASP D 316 1.63 0.91 -15.68
C ASP D 316 2.31 0.16 -16.83
N THR D 317 2.37 0.72 -18.04
CA THR D 317 2.89 0.00 -19.22
C THR D 317 3.94 0.83 -19.93
N ASP D 318 4.46 0.22 -20.98
CA ASP D 318 5.28 0.84 -22.02
C ASP D 318 4.38 1.60 -23.01
N GLY D 319 3.55 2.57 -22.56
CA GLY D 319 2.85 3.58 -23.38
C GLY D 319 1.58 3.09 -24.05
N PHE D 320 0.95 2.04 -23.53
CA PHE D 320 -0.39 1.62 -23.99
C PHE D 320 -1.43 1.64 -22.87
N GLN D 321 -2.64 1.93 -23.31
CA GLN D 321 -3.87 2.12 -22.51
C GLN D 321 -4.96 1.23 -23.12
N VAL D 322 -5.75 0.61 -22.27
CA VAL D 322 -6.95 -0.14 -22.70
C VAL D 322 -8.12 0.46 -21.88
N SER D 323 -9.15 0.91 -22.55
CA SER D 323 -10.31 1.64 -21.99
C SER D 323 -11.63 1.01 -22.46
N TYR D 324 -12.74 1.35 -21.82
CA TYR D 324 -14.05 0.82 -22.22
C TYR D 324 -15.12 1.83 -21.85
N ARG D 325 -16.18 1.76 -22.62
CA ARG D 325 -17.44 2.43 -22.23
C ARG D 325 -18.60 1.55 -22.66
N TRP D 326 -19.58 1.40 -21.77
CA TRP D 326 -20.82 0.66 -22.08
C TRP D 326 -21.97 1.66 -22.09
N HIS D 327 -22.77 1.62 -23.14
CA HIS D 327 -24.01 2.41 -23.27
C HIS D 327 -25.16 1.45 -23.03
N ILE D 328 -25.40 1.07 -21.78
CA ILE D 328 -26.43 0.08 -21.40
C ILE D 328 -27.77 0.80 -21.19
N THR D 329 -27.77 1.87 -20.41
CA THR D 329 -29.01 2.68 -20.20
C THR D 329 -29.03 3.86 -21.16
N ASP D 330 -27.96 4.09 -21.92
CA ASP D 330 -27.88 5.27 -22.82
C ASP D 330 -27.37 4.81 -24.17
N PRO D 331 -28.01 3.79 -24.78
CA PRO D 331 -27.52 3.24 -26.04
C PRO D 331 -27.62 4.28 -27.17
N VAL D 332 -26.78 4.13 -28.19
CA VAL D 332 -26.81 5.04 -29.35
C VAL D 332 -27.58 4.30 -30.46
N ARG D 333 -28.80 4.73 -30.66
CA ARG D 333 -29.80 4.06 -31.54
C ARG D 333 -29.65 4.54 -32.97
N PHE D 334 -30.08 3.70 -33.91
CA PHE D 334 -30.01 4.00 -35.35
C PHE D 334 -31.10 3.20 -36.03
N GLU D 335 -31.74 3.83 -37.01
CA GLU D 335 -32.83 3.22 -37.80
C GLU D 335 -32.26 2.56 -39.07
N LYS D 336 -31.23 3.15 -39.67
CA LYS D 336 -30.67 2.75 -41.00
C LYS D 336 -29.16 2.54 -40.96
N HIS D 337 -28.42 3.34 -40.19
CA HIS D 337 -26.95 3.33 -40.31
C HIS D 337 -26.32 3.98 -39.08
N LEU D 338 -25.14 3.51 -38.68
CA LEU D 338 -24.43 4.20 -37.59
C LEU D 338 -22.93 4.19 -37.90
N LYS D 339 -22.31 5.36 -37.78
CA LYS D 339 -20.83 5.46 -37.81
C LYS D 339 -20.41 6.04 -36.46
N VAL D 340 -19.76 5.23 -35.64
CA VAL D 340 -19.10 5.66 -34.38
C VAL D 340 -17.65 6.00 -34.73
N THR D 341 -17.23 7.25 -34.49
CA THR D 341 -15.85 7.63 -34.81
C THR D 341 -15.25 8.37 -33.62
N ILE D 342 -13.93 8.45 -33.60
CA ILE D 342 -13.20 9.29 -32.61
C ILE D 342 -12.04 9.90 -33.38
N GLU D 343 -11.85 11.21 -33.29
CA GLU D 343 -10.62 11.86 -33.83
C GLU D 343 -9.41 11.18 -33.20
N HIS D 344 -8.39 10.84 -33.99
CA HIS D 344 -7.18 10.17 -33.46
C HIS D 344 -6.19 11.29 -33.14
N GLY D 345 -6.32 11.80 -31.92
CA GLY D 345 -5.79 13.11 -31.55
C GLY D 345 -6.69 14.21 -32.07
N HIS D 346 -6.45 15.42 -31.61
CA HIS D 346 -7.25 16.57 -32.06
C HIS D 346 -7.15 16.66 -33.58
N ALA D 347 -8.30 16.72 -34.24
CA ALA D 347 -8.38 16.83 -35.72
C ALA D 347 -7.51 15.77 -36.37
N ASN D 348 -7.39 14.57 -35.79
CA ASN D 348 -6.64 13.43 -36.39
C ASN D 348 -5.16 13.80 -36.58
N GLN D 349 -4.58 14.54 -35.63
CA GLN D 349 -3.16 14.91 -35.63
C GLN D 349 -2.26 13.69 -35.58
N LEU D 350 -2.61 12.69 -34.76
CA LEU D 350 -1.63 11.66 -34.34
C LEU D 350 -1.65 10.41 -35.23
N SER D 351 -0.60 9.61 -35.09
CA SER D 351 -0.33 8.39 -35.89
C SER D 351 -0.04 7.22 -34.95
N ASP D 352 -0.84 7.12 -33.90
CA ASP D 352 -0.70 6.08 -32.87
C ASP D 352 -1.33 4.76 -33.36
N ASP D 353 -1.16 3.71 -32.58
CA ASP D 353 -1.71 2.35 -32.80
C ASP D 353 -3.02 2.24 -32.01
N TRP D 354 -4.15 2.30 -32.73
CA TRP D 354 -5.50 2.20 -32.16
C TRP D 354 -6.17 0.91 -32.65
N SER D 355 -6.73 0.18 -31.71
CA SER D 355 -7.59 -0.98 -32.03
C SER D 355 -8.78 -0.96 -31.07
N SER D 356 -9.90 -1.50 -31.53
CA SER D 356 -11.17 -1.36 -30.82
C SER D 356 -12.02 -2.60 -31.05
N THR D 357 -12.79 -2.92 -30.05
CA THR D 357 -13.96 -3.81 -30.21
C THR D 357 -15.22 -2.94 -30.11
N ALA D 358 -16.12 -3.06 -31.07
CA ALA D 358 -17.45 -2.37 -31.06
C ALA D 358 -18.50 -3.43 -30.78
N TYR D 359 -19.45 -3.09 -29.92
CA TYR D 359 -20.53 -3.99 -29.49
C TYR D 359 -21.86 -3.30 -29.83
N TRP D 360 -22.79 -4.03 -30.46
CA TRP D 360 -24.09 -3.44 -30.80
C TRP D 360 -25.13 -4.56 -30.93
N TYR D 361 -26.39 -4.17 -30.89
CA TYR D 361 -27.51 -5.13 -31.09
C TYR D 361 -28.21 -4.67 -32.35
N GLN D 362 -28.72 -5.59 -33.14
CA GLN D 362 -29.48 -5.14 -34.32
C GLN D 362 -30.41 -6.27 -34.74
N ILE D 363 -31.47 -5.89 -35.39
CA ILE D 363 -32.40 -6.88 -36.01
C ILE D 363 -31.68 -7.54 -37.17
N LEU D 364 -31.93 -8.82 -37.42
CA LEU D 364 -31.42 -9.50 -38.65
C LEU D 364 -32.23 -9.01 -39.86
N PRO D 365 -31.72 -9.18 -41.11
CA PRO D 365 -30.37 -9.73 -41.35
C PRO D 365 -29.18 -8.83 -40.98
N THR D 366 -28.04 -9.45 -40.69
CA THR D 366 -26.73 -8.76 -40.60
C THR D 366 -26.37 -8.33 -42.04
N ALA D 367 -26.70 -7.09 -42.42
CA ALA D 367 -26.49 -6.53 -43.78
C ALA D 367 -25.00 -6.34 -44.02
N SER D 368 -24.25 -5.94 -42.99
CA SER D 368 -22.82 -5.60 -43.04
C SER D 368 -21.98 -6.88 -42.84
N ARG D 369 -21.18 -7.30 -43.84
CA ARG D 369 -20.31 -8.50 -43.79
C ARG D 369 -19.15 -8.18 -42.83
N ILE D 370 -19.12 -8.82 -41.67
CA ILE D 370 -18.10 -8.55 -40.61
C ILE D 370 -16.81 -9.25 -41.04
N THR D 371 -15.73 -8.48 -41.20
CA THR D 371 -14.40 -8.96 -41.61
C THR D 371 -13.45 -8.74 -40.45
N ILE D 372 -12.34 -9.43 -40.47
CA ILE D 372 -11.24 -9.16 -39.52
C ILE D 372 -9.91 -9.11 -40.26
N ALA D 373 -9.05 -8.22 -39.79
CA ALA D 373 -7.65 -8.14 -40.20
C ALA D 373 -7.02 -9.50 -39.99
N PRO D 374 -6.12 -9.90 -40.92
CA PRO D 374 -5.37 -11.14 -40.78
C PRO D 374 -4.42 -11.09 -39.58
N VAL D 375 -3.98 -12.25 -39.11
CA VAL D 375 -3.26 -12.38 -37.80
C VAL D 375 -2.00 -11.52 -37.79
N GLU D 376 -1.30 -11.37 -38.93
CA GLU D 376 -0.07 -10.53 -38.94
C GLU D 376 -0.39 -9.05 -38.61
N ASP D 377 -1.64 -8.63 -38.79
CA ASP D 377 -2.07 -7.23 -38.55
C ASP D 377 -2.66 -7.10 -37.12
N ARG D 378 -2.68 -8.17 -36.32
CA ARG D 378 -3.37 -8.12 -35.00
C ARG D 378 -2.36 -8.14 -33.85
N LEU D 379 -1.06 -8.19 -34.11
CA LEU D 379 -0.06 -8.44 -33.05
C LEU D 379 0.28 -7.10 -32.39
N PRO D 380 0.42 -7.04 -31.06
CA PRO D 380 0.89 -5.81 -30.42
C PRO D 380 2.23 -5.34 -31.00
N VAL D 381 2.43 -4.02 -30.97
CA VAL D 381 3.73 -3.39 -31.29
C VAL D 381 4.57 -3.36 -30.03
N VAL D 382 5.68 -4.09 -30.04
CA VAL D 382 6.57 -4.14 -28.84
C VAL D 382 8.00 -3.87 -29.30
N PRO D 383 8.80 -3.28 -28.40
CA PRO D 383 10.23 -3.12 -28.67
C PRO D 383 10.91 -4.48 -28.64
N GLN D 384 11.91 -4.65 -29.49
CA GLN D 384 12.67 -5.91 -29.63
C GLN D 384 14.12 -5.62 -29.26
N LEU D 385 14.75 -6.49 -28.48
CA LEU D 385 16.22 -6.39 -28.27
C LEU D 385 16.98 -6.54 -29.58
N PRO D 386 18.10 -5.82 -29.75
CA PRO D 386 18.89 -5.91 -30.97
C PRO D 386 19.50 -7.31 -31.00
N GLU D 387 19.82 -7.83 -32.18
CA GLU D 387 20.40 -9.20 -32.31
C GLU D 387 21.71 -9.20 -31.51
N ARG D 388 21.95 -10.29 -30.79
CA ARG D 388 23.17 -10.50 -29.96
C ARG D 388 23.79 -11.82 -30.45
N LYS D 389 24.31 -11.83 -31.67
CA LYS D 389 25.11 -12.94 -32.26
C LYS D 389 26.19 -13.28 -31.23
N LEU D 390 25.97 -14.35 -30.46
CA LEU D 390 26.91 -14.82 -29.41
C LEU D 390 27.92 -15.74 -30.09
N VAL D 391 29.20 -15.62 -29.73
CA VAL D 391 30.29 -16.54 -30.18
C VAL D 391 30.69 -17.39 -28.97
N LEU D 392 30.48 -18.70 -29.05
CA LEU D 392 30.86 -19.60 -27.93
C LEU D 392 32.33 -19.39 -27.64
N PRO D 393 32.74 -19.41 -26.35
CA PRO D 393 34.17 -19.44 -26.02
C PRO D 393 34.70 -20.82 -26.46
N GLN D 394 35.99 -21.06 -26.30
CA GLN D 394 36.58 -22.41 -26.47
C GLN D 394 36.04 -23.27 -25.32
N LEU D 395 35.43 -24.41 -25.62
CA LEU D 395 34.75 -25.28 -24.64
C LEU D 395 35.70 -26.35 -24.08
N THR D 396 35.63 -26.59 -22.77
CA THR D 396 36.21 -27.79 -22.12
C THR D 396 35.45 -29.03 -22.61
N GLU D 397 36.05 -30.23 -22.53
CA GLU D 397 35.32 -31.50 -22.82
C GLU D 397 34.06 -31.56 -21.95
N GLU D 398 34.15 -31.13 -20.70
CA GLU D 398 33.02 -31.21 -19.73
C GLU D 398 31.84 -30.33 -20.19
N GLN D 399 32.12 -29.10 -20.65
CA GLN D 399 31.13 -28.12 -21.20
C GLN D 399 30.54 -28.67 -22.50
N GLN D 400 31.36 -29.22 -23.40
CA GLN D 400 30.84 -29.85 -24.64
C GLN D 400 29.89 -31.00 -24.30
N ALA D 401 30.29 -31.88 -23.37
CA ALA D 401 29.51 -33.05 -22.92
C ALA D 401 28.17 -32.58 -22.35
N ALA D 402 28.20 -31.51 -21.55
CA ALA D 402 26.99 -30.95 -20.89
C ALA D 402 26.03 -30.49 -21.99
N ARG D 403 26.53 -29.75 -22.98
CA ARG D 403 25.74 -29.27 -24.13
C ARG D 403 25.17 -30.48 -24.89
N ASP D 404 25.96 -31.50 -25.18
CA ASP D 404 25.50 -32.69 -25.95
C ASP D 404 24.42 -33.47 -25.17
N THR D 405 24.61 -33.67 -23.87
CA THR D 405 23.66 -34.39 -22.97
C THR D 405 22.34 -33.63 -22.94
N TYR D 406 22.40 -32.30 -22.80
CA TYR D 406 21.19 -31.45 -22.79
C TYR D 406 20.48 -31.55 -24.14
N GLN D 407 21.20 -31.46 -25.26
CA GLN D 407 20.58 -31.53 -26.62
C GLN D 407 19.88 -32.89 -26.79
N LYS D 408 20.54 -33.97 -26.38
CA LYS D 408 19.99 -35.36 -26.42
C LYS D 408 18.73 -35.43 -25.54
N ARG D 409 18.73 -34.84 -24.35
CA ARG D 409 17.51 -34.86 -23.48
C ARG D 409 16.37 -34.18 -24.22
N TRP D 410 16.68 -33.07 -24.91
CA TRP D 410 15.69 -32.22 -25.62
C TRP D 410 15.13 -32.99 -26.83
N LYS D 411 16.01 -33.68 -27.54
CA LYS D 411 15.59 -34.44 -28.74
C LYS D 411 14.60 -35.54 -28.34
N ASP D 412 14.84 -36.20 -27.20
CA ASP D 412 13.97 -37.28 -26.66
C ASP D 412 12.69 -36.66 -26.06
N TYR D 413 12.78 -35.53 -25.35
CA TYR D 413 11.66 -34.99 -24.55
C TYR D 413 10.61 -34.33 -25.46
N GLU D 414 11.02 -33.48 -26.41
CA GLU D 414 10.05 -32.60 -27.11
C GLU D 414 8.99 -33.43 -27.81
N PRO D 415 9.35 -34.52 -28.54
CA PRO D 415 8.33 -35.34 -29.18
C PRO D 415 7.36 -36.02 -28.19
N ARG D 416 7.80 -36.31 -26.97
CA ARG D 416 6.93 -36.96 -25.94
C ARG D 416 5.87 -35.95 -25.47
N ARG D 417 6.24 -34.68 -25.37
CA ARG D 417 5.27 -33.58 -25.07
C ARG D 417 4.35 -33.37 -26.26
N ASP D 418 4.87 -33.40 -27.50
CA ASP D 418 4.05 -33.17 -28.72
C ASP D 418 2.93 -34.22 -28.76
N THR D 419 3.23 -35.49 -28.50
CA THR D 419 2.23 -36.59 -28.45
C THR D 419 1.13 -36.24 -27.43
N GLN D 420 1.50 -35.83 -26.22
CA GLN D 420 0.50 -35.49 -25.18
C GLN D 420 -0.40 -34.34 -25.67
N PHE D 421 0.13 -33.34 -26.40
CA PHE D 421 -0.70 -32.27 -26.99
C PHE D 421 -1.70 -32.91 -27.97
N ARG D 422 -1.24 -33.82 -28.82
CA ARG D 422 -2.10 -34.36 -29.90
C ARG D 422 -3.29 -35.09 -29.25
N ILE D 423 -3.03 -35.86 -28.19
CA ILE D 423 -4.04 -36.62 -27.43
C ILE D 423 -5.08 -35.61 -26.93
N LYS D 424 -4.68 -34.50 -26.32
CA LYS D 424 -5.66 -33.55 -25.76
C LYS D 424 -6.38 -32.87 -26.91
N GLU D 425 -5.70 -32.58 -28.00
CA GLU D 425 -6.42 -31.99 -29.16
C GLU D 425 -7.52 -32.95 -29.66
N ASP D 426 -7.24 -34.25 -29.71
CA ASP D 426 -8.24 -35.28 -30.11
C ASP D 426 -9.44 -35.22 -29.16
N LYS D 427 -9.20 -35.06 -27.85
CA LYS D 427 -10.29 -34.93 -26.87
C LYS D 427 -11.11 -33.68 -27.20
N ALA D 428 -10.46 -32.57 -27.51
CA ALA D 428 -11.18 -31.33 -27.83
C ALA D 428 -12.12 -31.54 -29.04
N ARG D 429 -11.63 -32.15 -30.12
CA ARG D 429 -12.45 -32.37 -31.34
C ARG D 429 -13.62 -33.30 -30.98
N ARG D 430 -13.37 -34.31 -30.16
CA ARG D 430 -14.40 -35.31 -29.76
C ARG D 430 -15.49 -34.57 -28.97
N GLU D 431 -15.09 -33.67 -28.05
CA GLU D 431 -16.08 -33.06 -27.11
C GLU D 431 -16.83 -31.98 -27.84
N SER D 432 -16.24 -31.35 -28.86
CA SER D 432 -16.91 -30.32 -29.69
C SER D 432 -18.17 -30.99 -30.26
N LYS D 433 -17.98 -32.16 -30.83
CA LYS D 433 -19.11 -32.90 -31.47
C LYS D 433 -20.14 -33.32 -30.40
N LEU D 434 -19.69 -33.82 -29.26
CA LEU D 434 -20.57 -34.28 -28.14
C LEU D 434 -21.37 -33.09 -27.62
N ASN D 435 -20.75 -31.91 -27.53
CA ASN D 435 -21.42 -30.71 -26.98
C ASN D 435 -22.66 -30.38 -27.82
N THR D 436 -22.52 -30.38 -29.13
CA THR D 436 -23.61 -30.03 -30.07
C THR D 436 -24.69 -31.11 -30.02
N GLU D 437 -24.27 -32.38 -29.97
CA GLU D 437 -25.22 -33.53 -29.93
C GLU D 437 -26.03 -33.45 -28.62
N PHE D 438 -25.38 -33.17 -27.48
CA PHE D 438 -26.13 -33.04 -26.21
C PHE D 438 -27.08 -31.85 -26.29
N ALA D 439 -26.64 -30.70 -26.82
CA ALA D 439 -27.50 -29.49 -26.91
C ALA D 439 -28.78 -29.81 -27.72
N LYS D 440 -28.64 -30.63 -28.74
CA LYS D 440 -29.79 -31.03 -29.61
C LYS D 440 -30.72 -31.98 -28.84
N LYS D 441 -30.18 -32.98 -28.15
CA LYS D 441 -31.00 -33.90 -27.31
C LYS D 441 -31.77 -33.07 -26.27
N LEU D 442 -31.14 -32.06 -25.66
CA LEU D 442 -31.79 -31.26 -24.60
C LEU D 442 -32.88 -30.41 -25.25
N ARG D 443 -32.62 -29.81 -26.40
CA ARG D 443 -33.62 -29.03 -27.18
C ARG D 443 -34.87 -29.92 -27.45
N ASP D 444 -34.65 -31.13 -27.97
CA ASP D 444 -35.74 -32.09 -28.36
C ASP D 444 -36.53 -32.51 -27.11
N ALA D 445 -35.85 -32.91 -26.02
CA ALA D 445 -36.46 -33.35 -24.74
C ALA D 445 -37.34 -32.21 -24.22
N PHE D 446 -36.87 -30.95 -24.33
CA PHE D 446 -37.60 -29.79 -23.79
C PHE D 446 -38.86 -29.58 -24.61
N ASP D 447 -38.73 -29.60 -25.95
CA ASP D 447 -39.83 -29.29 -26.90
C ASP D 447 -40.84 -30.46 -26.89
N ALA D 448 -40.44 -31.67 -26.59
CA ALA D 448 -41.37 -32.81 -26.41
C ALA D 448 -42.23 -32.53 -25.16
N GLU D 449 -41.60 -32.01 -24.11
CA GLU D 449 -42.19 -31.76 -22.76
C GLU D 449 -43.39 -30.79 -22.87
N GLU E 3 45.68 -5.21 15.10
CA GLU E 3 44.60 -5.75 15.94
C GLU E 3 43.21 -5.45 15.34
N ILE E 4 42.15 -5.51 16.14
CA ILE E 4 40.74 -5.46 15.68
C ILE E 4 40.46 -4.03 15.25
N THR E 5 39.90 -3.84 14.06
CA THR E 5 39.54 -2.51 13.49
C THR E 5 38.03 -2.42 13.17
N GLY E 6 37.60 -1.23 12.75
CA GLY E 6 36.22 -0.96 12.32
C GLY E 6 35.30 -0.52 13.47
N LEU E 7 34.06 -0.21 13.15
CA LEU E 7 33.17 0.51 14.08
C LEU E 7 32.68 -0.37 15.22
N PHE E 8 32.81 -1.70 15.14
CA PHE E 8 32.52 -2.56 16.31
C PHE E 8 33.75 -2.82 17.20
N LYS E 9 34.92 -2.24 16.93
CA LYS E 9 36.17 -2.78 17.53
C LYS E 9 36.18 -2.64 19.06
N ASP E 10 35.53 -1.63 19.62
CA ASP E 10 35.59 -1.35 21.08
C ASP E 10 34.79 -2.42 21.86
N LEU E 11 33.93 -3.19 21.20
CA LEU E 11 33.25 -4.30 21.89
C LEU E 11 34.26 -5.39 22.20
N THR E 12 35.45 -5.38 21.59
CA THR E 12 36.43 -6.50 21.77
C THR E 12 37.45 -6.21 22.87
N LYS E 13 37.24 -5.15 23.66
CA LYS E 13 38.12 -4.85 24.81
C LYS E 13 37.26 -4.37 25.97
N VAL E 14 37.64 -4.79 27.17
CA VAL E 14 36.89 -4.42 28.39
C VAL E 14 37.32 -3.02 28.85
N LYS E 15 36.41 -2.34 29.52
CA LYS E 15 36.63 -1.00 30.08
C LYS E 15 36.19 -1.07 31.53
N HIS E 16 36.99 -0.54 32.47
CA HIS E 16 36.70 -0.55 33.92
C HIS E 16 35.87 0.70 34.23
N ALA E 17 34.64 0.72 33.71
CA ALA E 17 33.64 1.79 33.85
C ALA E 17 32.36 1.16 34.42
N ARG E 18 31.61 1.92 35.22
CA ARG E 18 30.42 1.46 35.99
C ARG E 18 29.21 2.12 35.35
N ASN E 19 28.28 1.28 34.88
CA ASN E 19 26.97 1.75 34.39
C ASN E 19 26.15 2.37 35.50
N GLY E 20 25.41 3.40 35.12
CA GLY E 20 24.33 3.93 35.95
C GLY E 20 23.16 4.32 35.06
N ARG E 21 22.02 4.57 35.66
CA ARG E 21 20.86 4.98 34.85
C ARG E 21 19.95 5.87 35.68
N LEU E 22 19.60 7.00 35.11
CA LEU E 22 18.48 7.80 35.66
C LEU E 22 17.21 7.35 34.97
N ALA E 23 16.19 6.96 35.74
CA ALA E 23 14.92 6.50 35.15
C ALA E 23 13.76 7.00 35.97
N SER E 24 12.56 7.00 35.35
CA SER E 24 11.28 7.36 35.99
C SER E 24 10.70 6.12 36.72
N TRP E 25 11.54 5.13 37.02
CA TRP E 25 11.09 3.84 37.59
C TRP E 25 10.30 4.09 38.87
N ASP E 26 9.23 3.32 39.08
CA ASP E 26 8.34 3.51 40.24
C ASP E 26 9.11 3.09 41.49
N GLN E 27 9.49 4.06 42.32
CA GLN E 27 10.32 3.75 43.51
C GLN E 27 9.46 3.27 44.68
N ARG E 28 8.15 3.14 44.46
CA ARG E 28 7.22 2.31 45.31
C ARG E 28 7.29 0.82 44.93
N GLY E 29 8.01 0.46 43.86
CA GLY E 29 8.14 -0.90 43.32
C GLY E 29 6.91 -1.30 42.52
N LYS E 30 5.99 -0.35 42.27
CA LYS E 30 4.68 -0.60 41.59
C LYS E 30 4.83 -0.34 40.10
N ASN E 31 3.70 -0.15 39.39
CA ASN E 31 3.76 0.01 37.91
C ASN E 31 3.44 1.44 37.44
N GLN E 32 3.79 2.47 38.21
CA GLN E 32 3.77 3.88 37.71
C GLN E 32 5.20 4.27 37.41
N ASP E 33 5.80 3.71 36.36
CA ASP E 33 7.24 3.87 36.04
C ASP E 33 7.43 5.14 35.19
N TYR E 34 6.66 6.16 35.53
CA TYR E 34 6.65 7.50 34.89
C TYR E 34 6.59 8.58 35.98
N TRP E 35 6.98 9.81 35.62
CA TRP E 35 6.78 11.02 36.45
C TRP E 35 5.68 11.87 35.84
N GLU E 36 4.77 12.33 36.69
CA GLU E 36 3.82 13.44 36.39
C GLU E 36 4.58 14.74 36.61
N ILE E 37 5.05 15.34 35.52
CA ILE E 37 5.82 16.60 35.54
C ILE E 37 4.82 17.71 35.83
N PRO E 38 4.93 18.41 36.98
CA PRO E 38 3.97 19.45 37.37
C PRO E 38 3.92 20.63 36.39
N ALA E 39 2.75 21.25 36.28
CA ALA E 39 2.48 22.47 35.49
C ALA E 39 3.35 23.61 36.01
N GLY E 40 4.04 24.32 35.11
CA GLY E 40 4.72 25.57 35.48
C GLY E 40 5.84 25.36 36.47
N GLU E 41 6.54 24.21 36.43
CA GLU E 41 7.66 23.89 37.34
C GLU E 41 8.80 23.27 36.55
N SER E 42 10.01 23.36 37.10
CA SER E 42 11.17 22.59 36.62
C SER E 42 11.34 21.37 37.52
N ILE E 43 11.86 20.28 36.98
CA ILE E 43 12.09 19.05 37.78
C ILE E 43 13.38 18.46 37.26
N THR E 44 14.25 18.05 38.18
CA THR E 44 15.55 17.47 37.86
C THR E 44 15.37 15.97 37.66
N LEU E 45 15.66 15.48 36.45
CA LEU E 45 15.60 14.02 36.17
C LEU E 45 16.77 13.36 36.91
N GLY E 46 17.85 14.09 37.11
CA GLY E 46 18.97 13.59 37.90
C GLY E 46 20.18 14.50 37.82
N GLU E 47 20.97 14.48 38.89
CA GLU E 47 22.35 14.99 38.87
C GLU E 47 23.30 13.83 39.08
N ILE E 48 24.32 13.79 38.26
CA ILE E 48 25.37 12.73 38.24
C ILE E 48 26.70 13.43 38.44
N GLU E 49 27.46 12.93 39.41
CA GLU E 49 28.86 13.38 39.63
C GLU E 49 29.77 12.68 38.60
N GLY E 50 30.51 13.47 37.84
CA GLY E 50 31.53 12.99 36.88
C GLY E 50 32.76 12.48 37.62
N PRO E 51 33.76 11.90 36.90
CA PRO E 51 33.73 11.83 35.45
C PRO E 51 32.85 10.69 34.91
N GLY E 52 32.25 10.92 33.73
CA GLY E 52 31.32 9.96 33.13
C GLY E 52 30.87 10.40 31.76
N CYS E 53 29.95 9.63 31.17
CA CYS E 53 29.41 9.95 29.85
C CYS E 53 27.97 9.42 29.75
N ILE E 54 27.03 10.28 29.38
CA ILE E 54 25.68 9.83 28.90
C ILE E 54 25.89 9.05 27.61
N THR E 55 25.33 7.85 27.51
CA THR E 55 25.52 6.94 26.35
C THR E 55 24.22 6.71 25.59
N HIS E 56 23.10 6.95 26.23
CA HIS E 56 21.77 6.61 25.64
C HIS E 56 20.69 7.32 26.43
N MET E 57 19.72 7.90 25.73
CA MET E 57 18.49 8.39 26.38
C MET E 57 17.31 7.78 25.60
N TRP E 58 16.32 7.33 26.36
CA TRP E 58 14.99 6.97 25.81
C TRP E 58 13.96 7.71 26.64
N MET E 59 12.91 8.24 26.00
CA MET E 59 11.76 8.84 26.69
C MET E 59 10.48 8.56 25.92
N THR E 60 9.37 8.63 26.62
CA THR E 60 8.08 8.87 25.96
C THR E 60 7.24 9.71 26.90
N SER E 61 6.12 10.17 26.41
CA SER E 61 5.37 11.21 27.13
C SER E 61 3.91 11.18 26.69
N SER E 62 3.07 11.83 27.49
CA SER E 62 1.63 12.02 27.18
C SER E 62 1.18 13.25 27.95
N CYS E 63 0.37 14.08 27.31
CA CYS E 63 -0.25 15.25 27.97
C CYS E 63 -1.70 15.29 27.53
N ARG E 64 -2.58 14.88 28.45
CA ARG E 64 -4.05 14.83 28.28
C ARG E 64 -4.63 15.94 29.17
N LYS E 65 -5.62 16.65 28.64
CA LYS E 65 -6.46 17.60 29.39
C LYS E 65 -7.81 16.93 29.65
N VAL E 66 -8.25 16.94 30.90
CA VAL E 66 -9.58 16.39 31.25
C VAL E 66 -10.63 17.40 30.77
N VAL E 67 -11.56 17.02 29.89
CA VAL E 67 -12.50 18.02 29.30
C VAL E 67 -13.95 17.60 29.48
N ALA E 68 -14.22 16.41 30.03
CA ALA E 68 -15.59 15.92 30.26
C ALA E 68 -15.57 15.00 31.48
N PRO E 69 -16.72 14.84 32.18
CA PRO E 69 -16.80 13.91 33.30
C PRO E 69 -16.73 12.47 32.79
N SER E 70 -16.15 11.58 33.58
CA SER E 70 -16.04 10.16 33.18
C SER E 70 -16.89 9.29 34.11
N ILE E 71 -17.42 8.18 33.59
CA ILE E 71 -18.04 7.11 34.42
C ILE E 71 -16.97 6.12 34.90
N LEU E 72 -15.68 6.33 34.59
CA LEU E 72 -14.56 5.57 35.22
C LEU E 72 -14.25 6.17 36.61
N ASP E 73 -14.24 5.32 37.63
CA ASP E 73 -13.86 5.70 39.02
C ASP E 73 -12.49 6.34 38.96
N PRO E 74 -12.38 7.65 39.26
CA PRO E 74 -11.09 8.34 39.11
C PRO E 74 -9.98 7.91 40.09
N GLU E 75 -10.32 7.42 41.30
CA GLU E 75 -9.30 6.91 42.26
C GLU E 75 -8.73 5.60 41.69
N LEU E 76 -9.57 4.63 41.32
CA LEU E 76 -9.09 3.35 40.72
C LEU E 76 -8.42 3.66 39.37
N ASN E 77 -8.98 4.59 38.60
CA ASN E 77 -8.46 4.90 37.24
C ASN E 77 -7.01 5.33 37.38
N ALA E 78 -6.63 5.94 38.51
CA ALA E 78 -5.26 6.49 38.65
C ALA E 78 -4.25 5.34 38.67
N SER E 79 -4.68 4.13 39.07
CA SER E 79 -3.77 2.95 39.21
C SER E 79 -3.92 1.98 38.03
N ALA E 80 -4.78 2.28 37.06
CA ALA E 80 -4.88 1.46 35.83
C ALA E 80 -3.77 1.91 34.87
N ALA E 81 -3.90 1.66 33.56
CA ALA E 81 -2.93 2.17 32.58
C ALA E 81 -2.83 3.70 32.71
N PRO E 82 -1.67 4.31 32.37
CA PRO E 82 -1.46 5.74 32.59
C PRO E 82 -2.26 6.69 31.68
N VAL E 83 -2.71 6.21 30.52
CA VAL E 83 -3.31 7.06 29.47
C VAL E 83 -4.55 6.33 28.98
N MET E 84 -5.69 7.03 29.03
CA MET E 84 -6.96 6.41 28.64
C MET E 84 -7.13 6.61 27.14
N GLU E 85 -6.61 5.66 26.38
CA GLU E 85 -6.71 5.64 24.90
C GLU E 85 -8.10 5.16 24.56
N ILE E 86 -9.10 5.98 24.88
CA ILE E 86 -10.54 5.64 24.69
C ILE E 86 -11.17 6.75 23.86
N HIS E 87 -11.89 6.39 22.79
CA HIS E 87 -12.41 7.33 21.80
C HIS E 87 -13.53 8.11 22.48
N PRO E 88 -13.59 9.44 22.32
CA PRO E 88 -14.69 10.26 22.88
C PRO E 88 -16.08 9.81 22.45
N ALA E 89 -16.23 9.16 21.29
CA ALA E 89 -17.54 8.72 20.78
C ALA E 89 -18.16 7.68 21.72
N LEU E 90 -17.41 7.09 22.66
CA LEU E 90 -17.97 6.05 23.52
C LEU E 90 -18.77 6.67 24.68
N GLY E 91 -18.56 7.93 25.01
CA GLY E 91 -19.42 8.66 25.97
C GLY E 91 -19.01 8.43 27.40
N VAL E 92 -17.83 7.87 27.68
CA VAL E 92 -17.50 7.37 29.04
C VAL E 92 -16.34 8.12 29.66
N ILE E 93 -15.56 8.84 28.88
CA ILE E 93 -14.37 9.58 29.39
C ILE E 93 -13.97 10.55 28.28
N TRP E 94 -13.24 11.59 28.63
CA TRP E 94 -12.68 12.46 27.58
C TRP E 94 -11.46 13.16 28.10
N ASP E 95 -10.31 12.54 27.87
CA ASP E 95 -8.96 13.04 28.14
C ASP E 95 -8.42 13.47 26.77
N ALA E 96 -8.56 14.74 26.46
CA ALA E 96 -8.17 15.33 25.17
C ALA E 96 -6.64 15.43 25.07
N TYR E 97 -6.13 15.42 23.86
CA TYR E 97 -4.69 15.62 23.59
C TYR E 97 -4.36 17.09 23.71
N ASP E 98 -3.31 17.41 24.46
CA ASP E 98 -2.71 18.77 24.49
C ASP E 98 -1.77 18.90 23.29
N PRO E 99 -2.07 19.78 22.31
CA PRO E 99 -1.40 19.72 21.02
C PRO E 99 0.07 20.15 21.09
N PHE E 100 0.40 21.08 21.97
CA PHE E 100 1.67 21.83 21.86
C PHE E 100 2.58 21.55 23.04
N TYR E 101 2.35 20.50 23.83
CA TYR E 101 3.14 20.25 25.07
C TYR E 101 4.62 20.01 24.73
N TYR E 102 4.94 19.50 23.54
CA TYR E 102 6.34 19.25 23.12
C TYR E 102 7.12 20.57 22.98
N ARG E 103 6.43 21.69 22.76
CA ARG E 103 7.06 23.03 22.66
C ARG E 103 7.00 23.76 24.01
N LYS E 104 5.97 23.48 24.83
CA LYS E 104 5.77 24.16 26.12
C LYS E 104 6.75 23.64 27.16
N ALA E 105 7.29 22.44 27.01
CA ALA E 105 8.30 21.85 27.92
C ALA E 105 9.67 21.89 27.25
N LEU E 106 10.72 22.15 28.04
CA LEU E 106 12.12 22.20 27.60
C LEU E 106 12.88 21.08 28.26
N ILE E 107 13.91 20.60 27.57
CA ILE E 107 14.99 19.83 28.25
C ILE E 107 16.19 20.78 28.42
N LYS E 108 16.78 20.72 29.60
CA LYS E 108 17.85 21.64 30.01
C LYS E 108 18.96 20.81 30.62
N ILE E 109 20.16 20.93 30.09
CA ILE E 109 21.31 20.14 30.63
C ILE E 109 22.42 21.13 30.95
N THR E 110 22.97 20.99 32.15
CA THR E 110 24.09 21.82 32.66
C THR E 110 25.25 20.88 32.99
N TRP E 111 26.43 21.20 32.48
CA TRP E 111 27.65 20.43 32.76
C TRP E 111 28.50 21.19 33.78
N ASP E 112 29.15 20.42 34.65
CA ASP E 112 30.29 20.84 35.51
C ASP E 112 29.92 22.09 36.30
N ASP E 113 28.67 22.20 36.73
CA ASP E 113 28.20 23.27 37.65
C ASP E 113 28.45 24.64 37.01
N GLN E 114 28.42 24.73 35.68
CA GLN E 114 28.46 26.03 34.99
C GLN E 114 27.20 26.82 35.31
N ASP E 115 27.31 28.15 35.19
CA ASP E 115 26.27 29.20 35.40
C ASP E 115 25.23 29.20 34.30
N THR E 116 25.53 28.58 33.15
CA THR E 116 24.65 28.56 31.95
C THR E 116 24.42 27.09 31.58
N PRO E 117 23.22 26.73 31.05
CA PRO E 117 23.02 25.40 30.49
C PRO E 117 23.82 25.23 29.18
N SER E 118 24.12 24.00 28.81
CA SER E 118 24.77 23.64 27.53
C SER E 118 23.71 23.10 26.55
N VAL E 119 22.61 22.58 27.10
CA VAL E 119 21.43 22.13 26.30
C VAL E 119 20.25 22.90 26.86
N LEU E 120 19.55 23.65 26.01
CA LEU E 120 18.26 24.34 26.33
C LEU E 120 17.39 24.30 25.08
N VAL E 121 16.52 23.31 24.97
CA VAL E 121 15.76 23.05 23.71
C VAL E 121 14.37 22.64 24.11
N PRO E 122 13.31 22.98 23.33
CA PRO E 122 12.00 22.37 23.57
C PRO E 122 12.17 20.85 23.58
N PHE E 123 11.43 20.20 24.45
CA PHE E 123 11.51 18.75 24.74
C PHE E 123 11.29 18.00 23.41
N GLY E 124 10.25 18.35 22.67
CA GLY E 124 10.01 17.73 21.34
C GLY E 124 11.21 17.93 20.40
N ASP E 125 11.59 19.18 20.15
CA ASP E 125 12.60 19.52 19.12
C ASP E 125 13.91 18.84 19.46
N PHE E 126 14.28 18.79 20.74
CA PHE E 126 15.55 18.12 21.13
C PHE E 126 15.60 16.71 20.51
N PHE E 127 14.49 15.99 20.63
CA PHE E 127 14.33 14.59 20.19
C PHE E 127 13.77 14.53 18.78
N CYS E 128 13.99 15.57 17.98
CA CYS E 128 13.63 15.59 16.54
C CYS E 128 12.12 15.40 16.33
N ILE E 129 11.32 15.96 17.22
CA ILE E 129 9.87 16.25 17.02
C ILE E 129 9.79 17.75 16.76
N GLY E 130 9.58 18.12 15.51
CA GLY E 130 9.45 19.54 15.11
C GLY E 130 8.00 19.94 15.21
N ASN E 131 7.72 21.22 15.48
CA ASN E 131 6.34 21.76 15.40
C ASN E 131 5.38 21.04 16.34
N SER E 132 5.86 20.44 17.44
CA SER E 132 5.06 19.61 18.37
C SER E 132 4.26 18.58 17.56
N TYR E 133 4.84 18.05 16.47
CA TYR E 133 4.12 17.16 15.52
C TYR E 133 5.06 16.03 15.09
N PRO E 134 5.02 14.91 15.82
CA PRO E 134 5.94 13.82 15.57
C PRO E 134 5.79 13.20 14.17
N GLY E 135 6.94 12.71 13.67
CA GLY E 135 7.08 11.89 12.46
C GLY E 135 7.94 10.69 12.77
N ASN E 136 7.51 9.54 12.32
CA ASN E 136 8.23 8.27 12.52
C ASN E 136 9.54 8.30 11.70
N PHE E 137 10.69 8.04 12.30
CA PHE E 137 11.96 7.96 11.54
C PHE E 137 13.09 7.39 12.37
N SER E 138 14.11 6.90 11.66
CA SER E 138 15.37 6.45 12.26
C SER E 138 16.52 7.20 11.60
N SER E 139 17.49 7.56 12.41
CA SER E 139 18.81 8.04 11.95
C SER E 139 19.84 7.42 12.89
N LEU E 140 21.14 7.67 12.70
CA LEU E 140 22.14 6.99 13.54
C LEU E 140 22.05 7.50 14.98
N PRO E 141 22.00 8.82 15.26
CA PRO E 141 21.92 9.29 16.65
C PRO E 141 20.53 9.49 17.28
N PHE E 142 19.48 9.67 16.49
CA PHE E 142 18.13 10.00 16.99
C PHE E 142 17.10 9.17 16.25
N ASN E 143 16.09 8.72 17.00
CA ASN E 143 15.02 7.89 16.43
C ASN E 143 13.70 8.29 17.06
N VAL E 144 12.61 8.14 16.31
CA VAL E 144 11.25 8.31 16.85
C VAL E 144 10.42 7.13 16.36
N SER E 145 9.87 6.39 17.29
CA SER E 145 8.95 5.27 16.98
C SER E 145 7.54 5.72 17.27
N LEU E 146 6.77 5.97 16.21
CA LEU E 146 5.44 6.60 16.27
C LEU E 146 4.44 5.66 15.63
N LYS E 147 3.40 5.33 16.37
CA LYS E 147 2.34 4.42 15.88
C LYS E 147 1.56 5.12 14.77
N PRO E 148 1.23 4.42 13.66
CA PRO E 148 0.38 4.98 12.62
C PRO E 148 -0.96 5.49 13.14
N GLU E 149 -1.54 4.82 14.14
CA GLU E 149 -2.81 5.21 14.80
C GLU E 149 -2.71 6.60 15.42
N GLU E 150 -1.53 7.00 15.89
CA GLU E 150 -1.31 8.29 16.59
C GLU E 150 -0.78 9.35 15.63
N ALA E 151 -0.21 8.95 14.49
CA ALA E 151 0.54 9.84 13.58
C ALA E 151 -0.40 10.84 12.92
N GLY E 152 0.17 11.96 12.50
CA GLY E 152 -0.54 13.03 11.75
C GLY E 152 -1.35 13.93 12.67
N LYS E 153 -0.94 14.07 13.93
CA LYS E 153 -1.60 15.05 14.81
C LYS E 153 -0.58 15.69 15.74
N PHE E 154 -0.87 16.90 16.14
CA PHE E 154 -0.09 17.64 17.15
C PHE E 154 -0.13 16.87 18.45
N GLY E 155 1.02 16.73 19.11
CA GLY E 155 1.13 16.20 20.48
C GLY E 155 0.96 14.69 20.54
N ALA E 156 1.13 13.98 19.40
CA ALA E 156 1.07 12.50 19.33
C ALA E 156 2.13 11.92 20.26
N PRO E 157 1.77 10.90 21.05
CA PRO E 157 2.74 10.17 21.85
C PRO E 157 3.62 9.32 20.91
N CYS E 158 4.87 9.15 21.29
CA CYS E 158 5.86 8.39 20.49
C CYS E 158 7.09 8.16 21.36
N SER E 159 7.91 7.20 20.97
CA SER E 159 9.19 6.86 21.66
C SER E 159 10.32 7.70 21.03
N VAL E 160 11.13 8.32 21.87
CA VAL E 160 12.32 9.08 21.40
C VAL E 160 13.59 8.48 22.00
N SER E 161 14.67 8.47 21.23
CA SER E 161 15.97 7.88 21.64
C SER E 161 17.11 8.69 21.03
N CYS E 162 18.08 8.99 21.89
CA CYS E 162 19.26 9.81 21.57
C CYS E 162 20.51 8.99 21.92
N TYR E 163 21.39 8.79 20.94
CA TYR E 163 22.65 8.04 21.10
C TYR E 163 23.88 8.97 20.99
N PHE E 164 23.70 10.28 20.88
CA PHE E 164 24.86 11.22 20.90
C PHE E 164 25.49 11.07 22.27
N PRO E 165 26.80 10.81 22.37
CA PRO E 165 27.41 10.72 23.69
C PRO E 165 27.61 12.10 24.32
N MET E 166 27.51 12.16 25.65
CA MET E 166 27.57 13.42 26.39
C MET E 166 28.54 13.25 27.55
N PRO E 167 29.84 13.49 27.33
CA PRO E 167 30.85 13.36 28.39
C PRO E 167 30.81 14.53 29.37
N PHE E 168 31.23 14.28 30.61
CA PHE E 168 31.32 15.34 31.65
C PHE E 168 32.37 14.94 32.68
N ASN E 169 33.30 15.83 32.97
CA ASN E 169 34.37 15.54 33.98
C ASN E 169 33.85 15.69 35.41
N LYS E 170 32.91 16.60 35.68
CA LYS E 170 32.56 16.98 37.08
C LYS E 170 31.08 16.77 37.38
N LYS E 171 30.16 17.18 36.50
CA LYS E 171 28.73 17.15 36.86
C LYS E 171 27.86 17.08 35.60
N ALA E 172 26.76 16.33 35.70
CA ALA E 172 25.66 16.40 34.72
C ALA E 172 24.37 16.70 35.49
N LYS E 173 23.63 17.71 35.07
CA LYS E 173 22.32 18.03 35.67
C LYS E 173 21.33 18.16 34.52
N ILE E 174 20.38 17.25 34.50
CA ILE E 174 19.37 17.11 33.42
C ILE E 174 18.04 17.52 34.04
N GLU E 175 17.40 18.50 33.43
CA GLU E 175 16.11 18.98 33.97
C GLU E 175 15.08 19.00 32.85
N ILE E 176 13.82 18.94 33.24
CA ILE E 176 12.68 19.35 32.41
C ILE E 176 12.13 20.65 33.00
N VAL E 177 11.98 21.64 32.13
CA VAL E 177 11.29 22.91 32.44
C VAL E 177 9.91 22.85 31.80
N ASN E 178 8.86 22.79 32.61
CA ASN E 178 7.49 22.64 32.06
C ASN E 178 6.75 23.99 32.10
N ASP E 179 6.73 24.72 30.98
CA ASP E 179 6.04 26.03 30.93
C ASP E 179 4.56 25.82 30.63
N ASN E 180 4.10 24.57 30.54
CA ASN E 180 2.69 24.24 30.25
C ASN E 180 1.83 24.62 31.47
N GLU E 181 0.60 25.08 31.24
CA GLU E 181 -0.50 25.18 32.25
C GLU E 181 -0.87 23.78 32.74
N LEU E 182 -0.54 22.75 31.97
CA LEU E 182 -0.86 21.33 32.31
C LEU E 182 0.39 20.58 32.72
N PRO E 183 0.21 19.60 33.64
CA PRO E 183 1.24 18.62 33.94
C PRO E 183 1.30 17.67 32.74
N PHE E 184 2.39 16.90 32.60
CA PHE E 184 2.47 15.84 31.58
C PHE E 184 3.25 14.64 32.14
N ILE E 185 2.92 13.49 31.55
CA ILE E 185 3.56 12.20 31.84
C ILE E 185 4.87 12.10 31.04
N LEU E 186 5.95 11.79 31.76
CA LEU E 186 7.29 11.53 31.19
C LEU E 186 7.77 10.20 31.73
N TYR E 187 8.04 9.27 30.82
CA TYR E 187 8.90 8.10 31.07
C TYR E 187 10.30 8.44 30.57
N PHE E 188 11.34 8.02 31.29
CA PHE E 188 12.71 8.18 30.76
C PHE E 188 13.61 7.09 31.30
N ASN E 189 14.57 6.73 30.47
CA ASN E 189 15.77 5.90 30.82
C ASN E 189 16.98 6.65 30.27
N ILE E 190 17.81 7.20 31.15
CA ILE E 190 19.05 7.92 30.76
C ILE E 190 20.24 7.10 31.25
N ASP E 191 20.93 6.44 30.33
CA ASP E 191 22.05 5.51 30.61
C ASP E 191 23.35 6.30 30.57
N TYR E 192 24.26 5.97 31.49
CA TYR E 192 25.58 6.59 31.49
C TYR E 192 26.61 5.59 31.97
N GLU E 193 27.88 5.94 31.82
CA GLU E 193 28.92 5.20 32.55
C GLU E 193 29.75 6.18 33.37
N MET E 194 30.33 5.65 34.43
CA MET E 194 31.21 6.43 35.31
C MET E 194 32.63 5.91 35.13
N TYR E 195 33.61 6.81 35.14
CA TYR E 195 35.04 6.49 34.92
C TYR E 195 35.84 6.62 36.22
N GLY E 196 36.94 5.87 36.35
CA GLY E 196 37.80 5.87 37.56
C GLY E 196 38.91 6.90 37.46
N GLU E 197 38.99 7.63 36.35
CA GLU E 197 39.98 8.72 36.07
C GLU E 197 39.30 9.83 35.25
N PRO E 198 39.77 11.11 35.34
CA PRO E 198 39.19 12.18 34.54
C PRO E 198 39.32 11.95 33.02
N LEU E 199 38.43 12.57 32.25
CA LEU E 199 38.58 12.63 30.78
C LEU E 199 39.59 13.73 30.52
N PRO E 200 40.30 13.74 29.36
CA PRO E 200 41.21 14.84 29.02
C PRO E 200 40.48 16.19 29.07
N GLU E 201 41.15 17.30 29.39
CA GLU E 201 40.50 18.63 29.63
C GLU E 201 40.14 19.29 28.28
N ASP E 202 40.62 18.75 27.16
CA ASP E 202 40.16 19.11 25.79
C ASP E 202 39.02 18.17 25.34
N THR E 203 38.37 17.46 26.26
CA THR E 203 37.13 16.70 25.92
C THR E 203 36.06 17.68 25.48
N ALA E 204 35.38 17.40 24.37
CA ALA E 204 34.29 18.26 23.85
C ALA E 204 32.98 17.73 24.40
N TYR E 205 32.18 18.64 24.97
CA TYR E 205 30.90 18.42 25.68
C TYR E 205 29.76 18.75 24.72
N PHE E 206 28.70 17.97 24.86
CA PHE E 206 27.49 18.05 24.00
C PHE E 206 26.68 19.29 24.35
N HIS E 207 26.34 20.06 23.33
CA HIS E 207 25.53 21.29 23.45
C HIS E 207 24.41 21.22 22.42
N ALA E 208 23.30 21.87 22.73
CA ALA E 208 22.17 22.05 21.79
C ALA E 208 21.41 23.29 22.17
N ALA E 209 21.00 24.05 21.18
CA ALA E 209 20.24 25.28 21.38
C ALA E 209 19.15 25.36 20.33
N TRP E 210 18.12 26.13 20.63
CA TRP E 210 16.91 26.23 19.75
C TRP E 210 16.71 27.68 19.34
N HIS E 211 16.21 27.89 18.12
CA HIS E 211 15.99 29.24 17.58
C HIS E 211 14.75 29.24 16.70
N ARG E 212 14.11 30.41 16.59
CA ARG E 212 12.96 30.55 15.67
C ARG E 212 12.98 31.96 15.11
N GLU E 213 12.65 32.07 13.84
CA GLU E 213 12.37 33.37 13.18
C GLU E 213 10.98 33.21 12.61
N ASN E 214 10.01 33.88 13.22
CA ASN E 214 8.61 33.76 12.78
C ASN E 214 7.91 35.12 12.88
N PRO E 215 7.69 35.85 11.79
CA PRO E 215 8.18 35.52 10.45
C PRO E 215 9.68 35.81 10.23
N CYS E 216 10.29 35.10 9.28
CA CYS E 216 11.58 35.52 8.67
C CYS E 216 11.34 36.89 8.04
N ASN E 217 12.33 37.77 8.09
CA ASN E 217 12.28 39.17 7.59
C ASN E 217 12.53 39.19 6.08
N GLY E 218 11.65 38.58 5.28
CA GLY E 218 11.82 38.50 3.82
C GLY E 218 11.59 39.82 3.10
N TRP E 219 12.33 40.02 2.04
CA TRP E 219 12.19 41.24 1.22
C TRP E 219 11.10 41.04 0.16
N GLY E 220 10.69 39.79 -0.12
CA GLY E 220 9.78 39.55 -1.26
C GLY E 220 8.85 38.36 -1.01
N PRO E 221 8.17 38.30 0.15
CA PRO E 221 7.30 37.16 0.48
C PRO E 221 6.15 37.03 -0.50
N GLU E 222 5.77 38.14 -1.12
CA GLU E 222 4.62 38.13 -2.09
C GLU E 222 5.11 37.88 -3.51
N LEU E 223 6.43 37.83 -3.80
CA LEU E 223 6.91 37.50 -5.16
C LEU E 223 6.96 35.99 -5.29
N GLN E 224 6.54 35.48 -6.45
CA GLN E 224 6.60 34.02 -6.71
C GLN E 224 8.05 33.58 -6.54
N VAL E 225 8.27 32.54 -5.74
CA VAL E 225 9.55 31.82 -5.67
C VAL E 225 9.98 31.42 -7.09
N ASN E 226 11.26 31.59 -7.38
CA ASN E 226 11.96 31.19 -8.63
C ASN E 226 11.51 32.05 -9.80
N SER E 227 10.76 33.13 -9.58
CA SER E 227 10.57 34.13 -10.66
C SER E 227 11.95 34.64 -11.05
N PRO E 228 12.17 35.04 -12.32
CA PRO E 228 13.44 35.65 -12.73
C PRO E 228 13.88 36.81 -11.83
N GLU E 229 12.92 37.64 -11.40
CA GLU E 229 13.20 38.82 -10.54
C GLU E 229 13.82 38.37 -9.24
N VAL E 230 13.25 37.34 -8.56
CA VAL E 230 13.82 36.84 -7.28
C VAL E 230 15.23 36.29 -7.53
N ASN E 231 15.36 35.45 -8.53
CA ASN E 231 16.60 34.66 -8.74
C ASN E 231 17.78 35.54 -9.18
N ASN E 232 17.55 36.78 -9.63
CA ASN E 232 18.63 37.69 -10.07
C ASN E 232 19.07 38.60 -8.90
N VAL E 233 18.52 38.45 -7.70
CA VAL E 233 18.97 39.21 -6.50
C VAL E 233 20.19 38.50 -5.94
N THR E 234 21.16 39.29 -5.49
CA THR E 234 22.47 38.80 -5.03
C THR E 234 22.47 38.81 -3.51
N ASN E 235 23.18 37.84 -2.95
CA ASN E 235 23.46 37.72 -1.51
C ASN E 235 24.77 36.93 -1.36
N PHE E 236 25.86 37.61 -0.99
CA PHE E 236 27.18 37.03 -0.71
C PHE E 236 27.43 36.93 0.79
N LYS E 237 27.22 38.00 1.53
CA LYS E 237 27.70 38.05 2.93
C LYS E 237 26.66 37.46 3.91
N GLY E 238 25.40 37.31 3.50
CA GLY E 238 24.40 36.57 4.28
C GLY E 238 24.06 37.22 5.62
N GLU E 239 24.17 38.57 5.72
CA GLU E 239 23.87 39.34 6.95
C GLU E 239 22.45 38.99 7.47
N ASN E 240 21.49 38.76 6.56
CA ASN E 240 20.08 38.54 6.96
C ASN E 240 19.70 37.07 6.83
N ASN E 241 20.67 36.18 6.65
CA ASN E 241 20.36 34.73 6.62
C ASN E 241 19.73 34.27 7.94
N TYR E 242 18.92 33.23 7.87
CA TYR E 242 18.42 32.52 9.09
C TYR E 242 19.63 31.94 9.83
N THR E 243 19.72 32.22 11.12
CA THR E 243 20.85 31.76 11.93
C THR E 243 20.48 30.49 12.67
N VAL E 244 21.14 29.40 12.31
CA VAL E 244 21.00 28.08 13.00
C VAL E 244 21.81 28.10 14.29
N LEU E 245 23.04 28.60 14.22
CA LEU E 245 23.96 28.58 15.35
C LEU E 245 24.90 29.76 15.20
N ASP E 246 25.25 30.37 16.33
CA ASP E 246 26.22 31.48 16.36
C ASP E 246 26.96 31.31 17.68
N VAL E 247 28.11 30.66 17.69
CA VAL E 247 28.70 30.21 18.97
C VAL E 247 30.17 30.60 19.00
N GLU E 248 30.64 30.98 20.18
CA GLU E 248 32.06 31.26 20.47
C GLU E 248 32.65 30.05 21.19
N GLY E 249 33.79 29.56 20.73
CA GLY E 249 34.49 28.47 21.40
C GLY E 249 35.33 27.65 20.44
N THR E 250 35.81 26.49 20.93
CA THR E 250 36.59 25.47 20.19
C THR E 250 35.74 24.18 20.16
N GLY E 251 35.40 23.70 18.98
CA GLY E 251 34.58 22.48 18.90
C GLY E 251 34.12 22.16 17.50
N HIS E 252 32.94 21.56 17.38
CA HIS E 252 32.44 21.20 16.04
C HIS E 252 30.93 21.03 16.10
N TYR E 253 30.29 21.56 15.06
CA TYR E 253 28.85 21.44 14.83
C TYR E 253 28.59 20.04 14.24
N VAL E 254 27.54 19.38 14.72
CA VAL E 254 27.22 17.99 14.29
C VAL E 254 25.83 17.91 13.68
N GLY E 255 25.16 19.06 13.47
CA GLY E 255 23.95 19.08 12.66
C GLY E 255 22.78 19.75 13.33
N CYS E 256 21.60 19.55 12.75
CA CYS E 256 20.43 20.34 13.11
C CYS E 256 19.16 19.60 12.74
N ASN E 257 18.06 20.04 13.33
CA ASN E 257 16.76 19.78 12.74
C ASN E 257 16.20 21.16 12.41
N LEU E 258 15.29 21.20 11.47
CA LEU E 258 14.74 22.46 10.98
C LEU E 258 13.27 22.21 10.73
N THR E 259 12.42 23.04 11.31
CA THR E 259 10.96 23.02 11.08
C THR E 259 10.62 24.25 10.25
N VAL E 260 9.98 24.07 9.11
CA VAL E 260 9.55 25.22 8.27
C VAL E 260 8.05 25.11 8.05
N LYS E 261 7.31 26.16 8.42
CA LYS E 261 5.94 26.37 7.91
C LYS E 261 5.99 27.39 6.78
N HIS E 262 5.63 26.93 5.59
CA HIS E 262 5.74 27.69 4.32
C HIS E 262 4.37 28.27 3.98
N PHE E 263 4.29 29.56 3.68
CA PHE E 263 2.97 30.25 3.52
C PHE E 263 2.56 30.41 2.07
N GLN E 264 3.50 30.56 1.14
CA GLN E 264 3.18 30.92 -0.26
C GLN E 264 2.53 29.74 -1.00
N GLY E 265 2.91 28.50 -0.70
CA GLY E 265 2.41 27.34 -1.47
C GLY E 265 3.21 27.12 -2.76
N SER E 266 4.50 27.44 -2.72
CA SER E 266 5.44 27.19 -3.83
C SER E 266 6.58 26.30 -3.35
N TRP E 267 7.73 26.87 -2.99
CA TRP E 267 8.86 26.09 -2.42
C TRP E 267 9.64 26.99 -1.49
N TRP E 268 9.99 26.49 -0.33
CA TRP E 268 10.57 27.30 0.78
C TRP E 268 12.10 27.18 0.77
N GLY E 269 12.68 26.35 -0.09
CA GLY E 269 14.03 25.81 0.16
C GLY E 269 15.09 26.19 -0.86
N GLU E 270 14.99 27.32 -1.55
CA GLU E 270 16.04 27.69 -2.52
C GLU E 270 17.28 28.22 -1.79
N GLY E 271 17.13 28.61 -0.54
CA GLY E 271 18.18 29.26 0.25
C GLY E 271 19.40 28.38 0.45
N ASN E 272 20.61 28.95 0.39
CA ASN E 272 21.89 28.21 0.53
C ASN E 272 22.31 28.21 1.99
N ASP E 273 22.80 27.09 2.50
CA ASP E 273 23.64 27.10 3.71
C ASP E 273 24.91 27.92 3.44
N MET E 274 25.32 28.66 4.45
CA MET E 274 26.54 29.49 4.42
C MET E 274 27.13 29.40 5.81
N PHE E 275 28.34 28.82 5.90
CA PHE E 275 29.05 28.67 7.19
C PHE E 275 30.13 29.72 7.27
N PHE E 276 30.23 30.39 8.42
CA PHE E 276 31.24 31.43 8.78
C PHE E 276 32.10 30.86 9.90
N ILE E 277 33.33 30.49 9.56
CA ILE E 277 34.27 29.84 10.51
C ILE E 277 35.24 30.89 11.05
N ASP E 278 35.36 30.93 12.37
CA ASP E 278 36.39 31.72 13.11
C ASP E 278 36.37 33.19 12.68
N GLY E 279 35.20 33.80 12.50
CA GLY E 279 35.08 35.26 12.37
C GLY E 279 35.23 35.75 10.95
N GLU E 280 35.45 34.87 9.96
CA GLU E 280 35.56 35.33 8.55
C GLU E 280 34.31 36.16 8.21
N GLU E 281 34.50 37.19 7.38
CA GLU E 281 33.42 38.10 6.96
C GLU E 281 32.54 37.42 5.91
N TYR E 282 33.14 36.79 4.91
CA TYR E 282 32.37 36.06 3.86
C TYR E 282 32.39 34.58 4.21
N PRO E 283 31.30 33.83 3.97
CA PRO E 283 31.30 32.43 4.36
C PRO E 283 32.34 31.62 3.57
N SER E 284 33.08 30.73 4.21
CA SER E 284 34.06 29.87 3.50
C SER E 284 33.37 28.61 2.98
N LEU E 285 32.25 28.19 3.58
CA LEU E 285 31.49 27.02 3.05
C LEU E 285 30.19 27.55 2.49
N ASN E 286 30.02 27.40 1.18
CA ASN E 286 28.86 27.92 0.45
C ASN E 286 28.08 26.69 -0.07
N GLY E 287 26.81 26.57 0.29
CA GLY E 287 25.91 25.53 -0.22
C GLY E 287 25.13 26.01 -1.42
N THR E 288 24.11 25.26 -1.81
CA THR E 288 23.43 25.49 -3.12
C THR E 288 21.92 25.59 -2.92
N GLY E 289 21.40 25.09 -1.81
CA GLY E 289 19.97 25.08 -1.58
C GLY E 289 19.66 24.43 -0.26
N THR E 290 18.43 24.54 0.22
CA THR E 290 18.16 24.03 1.58
C THR E 290 17.93 22.51 1.55
N GLU E 291 17.18 21.98 0.59
CA GLU E 291 17.06 20.52 0.54
C GLU E 291 18.44 19.95 0.22
N ASP E 292 19.26 20.68 -0.52
CA ASP E 292 20.62 20.24 -0.91
C ASP E 292 21.47 20.09 0.35
N TYR E 293 21.38 21.05 1.27
CA TYR E 293 22.00 20.95 2.62
C TYR E 293 21.51 19.67 3.30
N PHE E 294 20.21 19.35 3.22
CA PHE E 294 19.65 18.10 3.82
C PHE E 294 19.89 16.86 2.94
N ASN E 295 20.66 16.99 1.85
CA ASN E 295 21.14 15.89 1.00
C ASN E 295 19.96 15.23 0.25
N HIS E 296 18.86 15.96 0.08
CA HIS E 296 17.82 15.61 -0.91
C HIS E 296 18.00 16.48 -2.15
N ALA E 297 17.06 16.46 -3.09
CA ALA E 297 17.20 17.21 -4.34
C ALA E 297 15.83 17.40 -4.97
N TRP E 298 15.60 18.56 -5.58
CA TRP E 298 14.33 18.85 -6.29
C TRP E 298 13.16 18.72 -5.31
N GLY E 299 13.38 19.30 -4.16
CA GLY E 299 12.48 19.25 -3.00
C GLY E 299 12.97 18.23 -1.98
N MET E 300 12.24 18.11 -0.86
CA MET E 300 12.50 17.05 0.14
C MET E 300 11.71 15.81 -0.27
N GLN E 301 12.27 14.65 0.04
CA GLN E 301 11.65 13.33 -0.23
C GLN E 301 11.24 12.72 1.11
N ARG E 302 10.38 11.72 1.04
CA ARG E 302 9.93 10.93 2.21
C ARG E 302 10.96 9.85 2.46
N ASN E 303 12.17 10.26 2.77
CA ASN E 303 13.30 9.41 3.15
C ASN E 303 13.91 9.98 4.43
N ALA E 304 14.34 9.08 5.29
CA ALA E 304 15.05 9.40 6.54
C ALA E 304 16.19 8.41 6.62
N TYR E 305 17.39 8.89 6.38
CA TYR E 305 18.60 8.07 6.23
C TYR E 305 19.49 8.31 7.44
N PRO E 306 20.59 7.54 7.61
CA PRO E 306 21.36 7.64 8.85
C PRO E 306 21.86 9.03 9.23
N PHE E 307 22.25 9.82 8.23
CA PHE E 307 22.85 11.15 8.47
C PHE E 307 21.96 12.28 7.95
N PHE E 308 20.79 12.01 7.37
CA PHE E 308 19.92 13.13 6.90
C PHE E 308 18.57 12.66 6.39
N GLY E 309 17.63 13.59 6.34
CA GLY E 309 16.38 13.46 5.62
C GLY E 309 15.20 14.15 6.27
N THR E 310 14.04 13.59 6.01
CA THR E 310 12.71 14.13 6.36
C THR E 310 12.18 13.35 7.56
N ILE E 311 11.70 14.10 8.56
CA ILE E 311 10.97 13.57 9.73
C ILE E 311 9.47 13.73 9.48
N VAL E 312 9.05 14.93 9.07
CA VAL E 312 7.67 15.26 8.64
C VAL E 312 7.73 15.92 7.27
N HIS E 313 6.97 15.36 6.33
CA HIS E 313 6.98 15.79 4.92
C HIS E 313 5.84 16.79 4.73
N GLU E 314 6.15 17.93 4.11
CA GLU E 314 5.17 18.97 3.72
C GLU E 314 3.97 18.34 3.01
N GLY E 315 4.18 17.36 2.15
CA GLY E 315 3.07 16.72 1.40
C GLY E 315 2.05 16.01 2.31
N ASP E 316 2.38 15.77 3.57
CA ASP E 316 1.50 15.04 4.52
C ASP E 316 0.85 16.02 5.49
N THR E 317 1.17 17.32 5.43
CA THR E 317 0.76 18.30 6.44
C THR E 317 0.13 19.52 5.78
N ASP E 318 -0.30 20.43 6.61
CA ASP E 318 -0.83 21.76 6.25
C ASP E 318 0.35 22.74 6.08
N GLY E 319 1.25 22.43 5.15
CA GLY E 319 2.38 23.28 4.69
C GLY E 319 3.57 23.32 5.63
N PHE E 320 3.86 22.30 6.46
CA PHE E 320 5.14 22.33 7.22
C PHE E 320 5.96 21.05 7.02
N GLN E 321 7.26 21.25 7.10
CA GLN E 321 8.30 20.23 6.88
C GLN E 321 9.17 20.17 8.13
N VAL E 322 9.61 18.98 8.55
CA VAL E 322 10.64 18.85 9.61
C VAL E 322 11.76 18.01 8.98
N SER E 323 12.99 18.49 9.02
CA SER E 323 14.16 17.88 8.32
C SER E 323 15.33 17.80 9.28
N TYR E 324 16.38 17.03 8.95
CA TYR E 324 17.55 16.89 9.81
C TYR E 324 18.74 16.54 8.96
N ARG E 325 19.89 16.98 9.44
CA ARG E 325 21.17 16.47 8.92
C ARG E 325 22.12 16.29 10.08
N TRP E 326 22.84 15.18 10.10
CA TRP E 326 23.90 14.94 11.09
C TRP E 326 25.24 15.00 10.37
N HIS E 327 26.18 15.76 10.94
CA HIS E 327 27.58 15.81 10.49
C HIS E 327 28.40 15.00 11.48
N ILE E 328 28.29 13.69 11.42
CA ILE E 328 28.93 12.79 12.38
C ILE E 328 30.35 12.45 11.88
N THR E 329 30.51 12.07 10.61
CA THR E 329 31.85 11.77 10.05
C THR E 329 32.38 13.02 9.32
N ASP E 330 31.57 14.06 9.15
CA ASP E 330 31.90 15.29 8.39
C ASP E 330 31.56 16.52 9.23
N PRO E 331 32.00 16.56 10.51
CA PRO E 331 31.67 17.68 11.39
C PRO E 331 32.21 19.01 10.85
N VAL E 332 31.54 20.12 11.18
CA VAL E 332 32.02 21.47 10.81
C VAL E 332 32.80 22.00 12.03
N ARG E 333 34.11 22.02 11.89
CA ARG E 333 35.03 22.34 13.01
C ARG E 333 35.26 23.85 13.11
N PHE E 334 35.60 24.33 14.31
CA PHE E 334 35.95 25.74 14.54
C PHE E 334 36.89 25.87 15.75
N GLU E 335 37.81 26.83 15.63
CA GLU E 335 38.81 27.11 16.71
C GLU E 335 38.32 28.25 17.61
N LYS E 336 37.60 29.24 17.06
CA LYS E 336 37.20 30.44 17.84
C LYS E 336 35.69 30.68 17.80
N HIS E 337 35.04 30.42 16.65
CA HIS E 337 33.64 30.85 16.43
C HIS E 337 33.08 30.13 15.20
N LEU E 338 31.79 29.83 15.25
CA LEU E 338 31.06 29.28 14.10
C LEU E 338 29.73 29.99 14.03
N LYS E 339 29.40 30.43 12.83
CA LYS E 339 28.02 30.84 12.48
C LYS E 339 27.52 29.91 11.37
N VAL E 340 26.49 29.13 11.69
CA VAL E 340 25.74 28.27 10.72
C VAL E 340 24.50 29.04 10.29
N THR E 341 24.36 29.30 9.01
CA THR E 341 23.24 30.10 8.47
C THR E 341 22.68 29.39 7.25
N ILE E 342 21.46 29.72 6.96
CA ILE E 342 20.78 29.30 5.71
C ILE E 342 19.98 30.52 5.25
N GLU E 343 20.13 30.89 4.00
CA GLU E 343 19.24 31.92 3.39
C GLU E 343 17.80 31.43 3.53
N HIS E 344 16.89 32.29 3.97
CA HIS E 344 15.48 31.92 4.13
C HIS E 344 14.78 32.23 2.81
N GLY E 345 14.79 31.24 1.91
CA GLY E 345 14.50 31.47 0.50
C GLY E 345 15.71 32.10 -0.15
N HIS E 346 15.76 32.10 -1.47
CA HIS E 346 16.94 32.65 -2.17
C HIS E 346 17.14 34.08 -1.68
N ALA E 347 18.37 34.41 -1.35
CA ALA E 347 18.71 35.80 -0.90
C ALA E 347 17.71 36.31 0.14
N ASN E 348 17.22 35.44 1.00
CA ASN E 348 16.30 35.80 2.12
C ASN E 348 15.03 36.44 1.59
N GLN E 349 14.53 35.92 0.47
CA GLN E 349 13.25 36.39 -0.09
C GLN E 349 12.10 36.22 0.89
N LEU E 350 12.02 35.09 1.58
CA LEU E 350 10.73 34.60 2.12
C LEU E 350 10.56 34.99 3.58
N SER E 351 9.31 34.96 4.02
CA SER E 351 8.90 35.37 5.40
C SER E 351 8.18 34.20 6.07
N ASP E 352 8.77 33.02 5.93
CA ASP E 352 8.15 31.78 6.47
C ASP E 352 8.47 31.68 7.96
N ASP E 353 7.91 30.67 8.60
CA ASP E 353 8.18 30.38 10.02
C ASP E 353 9.24 29.28 10.08
N TRP E 354 10.44 29.62 10.52
CA TRP E 354 11.57 28.68 10.64
C TRP E 354 11.90 28.50 12.10
N SER E 355 12.17 27.26 12.51
CA SER E 355 12.73 26.99 13.83
C SER E 355 13.69 25.83 13.68
N SER E 356 14.66 25.77 14.56
CA SER E 356 15.77 24.81 14.41
C SER E 356 16.35 24.49 15.76
N THR E 357 16.86 23.26 15.85
CA THR E 357 17.76 22.81 16.90
C THR E 357 19.15 22.63 16.30
N ALA E 358 20.16 23.28 16.87
CA ALA E 358 21.58 23.11 16.51
C ALA E 358 22.22 22.25 17.58
N TYR E 359 23.06 21.33 17.15
CA TYR E 359 23.76 20.40 18.02
C TYR E 359 25.25 20.53 17.71
N TRP E 360 26.03 20.67 18.77
CA TRP E 360 27.49 20.80 18.58
C TRP E 360 28.19 20.33 19.83
N TYR E 361 29.47 20.05 19.70
CA TYR E 361 30.37 19.70 20.84
C TYR E 361 31.37 20.85 20.99
N GLN E 362 31.79 21.12 22.21
CA GLN E 362 32.83 22.15 22.40
C GLN E 362 33.54 21.89 23.73
N ILE E 363 34.78 22.35 23.84
CA ILE E 363 35.51 22.30 25.12
C ILE E 363 34.86 23.36 26.02
N LEU E 364 34.92 23.15 27.33
CA LEU E 364 34.41 24.15 28.30
C LEU E 364 35.52 25.17 28.52
N PRO E 365 35.22 26.37 29.04
CA PRO E 365 33.86 26.75 29.41
C PRO E 365 32.96 27.05 28.21
N THR E 366 31.65 26.93 28.44
CA THR E 366 30.61 27.42 27.51
C THR E 366 30.61 28.94 27.59
N ALA E 367 31.21 29.63 26.62
CA ALA E 367 31.33 31.10 26.63
C ALA E 367 30.00 31.71 26.20
N SER E 368 29.28 31.09 25.25
CA SER E 368 27.98 31.60 24.74
C SER E 368 26.87 31.27 25.75
N ARG E 369 26.12 32.28 26.20
CA ARG E 369 25.05 32.11 27.20
C ARG E 369 23.80 31.74 26.39
N ILE E 370 23.33 30.51 26.50
CA ILE E 370 22.24 29.95 25.66
C ILE E 370 20.92 30.44 26.24
N THR E 371 20.09 30.98 25.39
CA THR E 371 18.80 31.60 25.76
C THR E 371 17.72 30.78 25.06
N ILE E 372 16.47 30.94 25.47
CA ILE E 372 15.32 30.34 24.75
C ILE E 372 14.24 31.39 24.59
N ALA E 373 13.59 31.45 23.42
CA ALA E 373 12.35 32.26 23.25
C ALA E 373 11.36 31.85 24.32
N PRO E 374 10.53 32.79 24.79
CA PRO E 374 9.48 32.47 25.76
C PRO E 374 8.39 31.59 25.17
N VAL E 375 7.60 30.96 26.02
CA VAL E 375 6.67 29.89 25.58
C VAL E 375 5.70 30.41 24.52
N GLU E 376 5.25 31.67 24.64
CA GLU E 376 4.25 32.24 23.70
C GLU E 376 4.86 32.34 22.30
N ASP E 377 6.18 32.31 22.18
CA ASP E 377 6.89 32.42 20.90
C ASP E 377 7.35 31.05 20.36
N ARG E 378 6.95 29.97 21.02
CA ARG E 378 7.38 28.60 20.66
C ARG E 378 6.21 27.77 20.08
N LEU E 379 5.01 28.32 19.98
CA LEU E 379 3.86 27.50 19.58
C LEU E 379 3.74 27.47 18.07
N PRO E 380 3.37 26.32 17.49
CA PRO E 380 3.12 26.25 16.07
C PRO E 380 2.08 27.28 15.64
N VAL E 381 2.22 27.74 14.40
CA VAL E 381 1.19 28.57 13.74
C VAL E 381 0.17 27.63 13.11
N VAL E 382 -1.08 27.72 13.51
CA VAL E 382 -2.11 26.79 12.99
C VAL E 382 -3.30 27.65 12.64
N PRO E 383 -4.08 27.31 11.61
CA PRO E 383 -5.30 28.04 11.32
C PRO E 383 -6.31 27.74 12.43
N GLN E 384 -7.22 28.69 12.63
CA GLN E 384 -8.20 28.61 13.74
C GLN E 384 -9.58 28.76 13.13
N LEU E 385 -10.55 27.96 13.58
CA LEU E 385 -11.93 28.15 13.10
C LEU E 385 -12.45 29.52 13.51
N PRO E 386 -13.32 30.15 12.69
CA PRO E 386 -13.95 31.43 13.05
C PRO E 386 -14.79 31.22 14.31
N GLU E 387 -15.06 32.29 15.06
CA GLU E 387 -15.91 32.19 16.27
C GLU E 387 -17.31 31.80 15.76
N ARG E 388 -17.91 30.78 16.36
CA ARG E 388 -19.29 30.36 16.04
C ARG E 388 -20.08 30.58 17.32
N LYS E 389 -20.89 31.63 17.31
CA LYS E 389 -21.59 32.14 18.50
C LYS E 389 -22.90 31.35 18.49
N LEU E 390 -22.88 30.15 19.08
CA LEU E 390 -24.06 29.26 19.13
C LEU E 390 -25.08 29.92 20.05
N VAL E 391 -26.33 30.01 19.62
CA VAL E 391 -27.44 30.33 20.56
C VAL E 391 -28.27 29.05 20.76
N LEU E 392 -28.45 28.64 22.02
CA LEU E 392 -29.30 27.47 22.37
C LEU E 392 -30.68 27.67 21.76
N PRO E 393 -31.31 26.61 21.23
CA PRO E 393 -32.73 26.66 20.97
C PRO E 393 -33.46 26.74 22.32
N GLN E 394 -34.77 26.97 22.24
CA GLN E 394 -35.70 26.77 23.37
C GLN E 394 -35.55 25.31 23.83
N LEU E 395 -35.18 25.09 25.08
CA LEU E 395 -34.90 23.76 25.66
C LEU E 395 -36.16 23.15 26.23
N THR E 396 -36.35 21.86 26.04
CA THR E 396 -37.35 21.09 26.83
C THR E 396 -36.82 20.95 28.25
N GLU E 397 -37.68 20.70 29.23
CA GLU E 397 -37.18 20.51 30.62
C GLU E 397 -36.27 19.27 30.65
N GLU E 398 -36.53 18.26 29.85
CA GLU E 398 -35.67 17.04 29.77
C GLU E 398 -34.25 17.39 29.27
N GLN E 399 -34.12 18.25 28.27
CA GLN E 399 -32.82 18.73 27.74
C GLN E 399 -32.13 19.57 28.79
N GLN E 400 -32.84 20.50 29.45
CA GLN E 400 -32.24 21.31 30.54
C GLN E 400 -31.73 20.38 31.64
N ALA E 401 -32.51 19.36 32.00
CA ALA E 401 -32.22 18.43 33.10
C ALA E 401 -30.95 17.64 32.72
N ALA E 402 -30.82 17.25 31.46
CA ALA E 402 -29.62 16.52 30.96
C ALA E 402 -28.38 17.40 31.12
N ARG E 403 -28.48 18.66 30.70
CA ARG E 403 -27.38 19.64 30.82
C ARG E 403 -26.97 19.82 32.27
N ASP E 404 -27.95 19.97 33.16
CA ASP E 404 -27.68 20.23 34.60
C ASP E 404 -27.05 18.99 35.23
N THR E 405 -27.55 17.80 34.91
CA THR E 405 -27.06 16.50 35.46
C THR E 405 -25.60 16.34 35.03
N TYR E 406 -25.33 16.62 33.75
CA TYR E 406 -23.96 16.53 33.17
C TYR E 406 -23.05 17.56 33.86
N GLN E 407 -23.48 18.81 34.00
CA GLN E 407 -22.67 19.86 34.69
C GLN E 407 -22.38 19.42 36.14
N LYS E 408 -23.34 18.82 36.83
CA LYS E 408 -23.14 18.37 38.24
C LYS E 408 -22.10 17.23 38.28
N ARG E 409 -22.17 16.26 37.36
CA ARG E 409 -21.14 15.19 37.28
C ARG E 409 -19.76 15.81 37.05
N TRP E 410 -19.66 16.83 36.20
CA TRP E 410 -18.38 17.51 35.91
C TRP E 410 -17.90 18.22 37.17
N LYS E 411 -18.80 18.92 37.86
CA LYS E 411 -18.42 19.63 39.11
C LYS E 411 -17.84 18.61 40.11
N ASP E 412 -18.39 17.40 40.23
CA ASP E 412 -17.96 16.38 41.21
C ASP E 412 -16.69 15.67 40.71
N TYR E 413 -16.55 15.43 39.42
CA TYR E 413 -15.49 14.58 38.82
C TYR E 413 -14.16 15.31 38.73
N GLU E 414 -14.18 16.54 38.21
CA GLU E 414 -12.92 17.20 37.82
C GLU E 414 -12.01 17.31 39.04
N PRO E 415 -12.52 17.73 40.22
CA PRO E 415 -11.67 17.89 41.40
C PRO E 415 -11.04 16.56 41.84
N ARG E 416 -11.76 15.45 41.61
CA ARG E 416 -11.26 14.09 41.93
C ARG E 416 -10.12 13.73 40.99
N ARG E 417 -10.19 14.07 39.70
CA ARG E 417 -9.01 13.90 38.81
C ARG E 417 -7.84 14.79 39.28
N ASP E 418 -8.10 16.04 39.68
CA ASP E 418 -7.04 17.00 40.07
C ASP E 418 -6.28 16.36 41.23
N THR E 419 -6.98 15.83 42.23
CA THR E 419 -6.35 15.20 43.42
C THR E 419 -5.39 14.11 42.94
N GLN E 420 -5.84 13.25 42.02
CA GLN E 420 -4.98 12.16 41.52
C GLN E 420 -3.75 12.75 40.82
N PHE E 421 -3.87 13.84 40.05
CA PHE E 421 -2.67 14.44 39.42
C PHE E 421 -1.72 14.94 40.53
N ARG E 422 -2.23 15.63 41.56
CA ARG E 422 -1.38 16.21 42.66
C ARG E 422 -0.59 15.07 43.32
N ILE E 423 -1.21 13.91 43.55
CA ILE E 423 -0.50 12.75 44.14
C ILE E 423 0.67 12.31 43.25
N LYS E 424 0.44 12.15 41.93
CA LYS E 424 1.54 11.73 41.02
C LYS E 424 2.63 12.80 40.98
N GLU E 425 2.28 14.08 40.95
CA GLU E 425 3.26 15.20 40.97
C GLU E 425 4.13 15.07 42.23
N ASP E 426 3.52 14.78 43.38
CA ASP E 426 4.27 14.59 44.64
C ASP E 426 5.26 13.43 44.46
N LYS E 427 4.85 12.35 43.82
CA LYS E 427 5.74 11.20 43.56
C LYS E 427 6.90 11.67 42.66
N ALA E 428 6.65 12.44 41.60
CA ALA E 428 7.70 12.97 40.69
C ALA E 428 8.78 13.71 41.49
N ARG E 429 8.35 14.65 42.33
CA ARG E 429 9.29 15.52 43.11
C ARG E 429 10.09 14.66 44.08
N ARG E 430 9.47 13.66 44.70
CA ARG E 430 10.13 12.72 45.65
C ARG E 430 11.19 11.90 44.89
N GLU E 431 10.82 11.34 43.73
CA GLU E 431 11.71 10.47 42.93
C GLU E 431 12.83 11.30 42.29
N SER E 432 12.59 12.58 42.02
CA SER E 432 13.67 13.49 41.58
C SER E 432 14.81 13.46 42.61
N LYS E 433 14.48 13.66 43.89
CA LYS E 433 15.52 13.67 44.96
C LYS E 433 16.14 12.27 45.05
N LEU E 434 15.34 11.21 45.02
CA LEU E 434 15.83 9.82 45.15
C LEU E 434 16.83 9.51 44.02
N ASN E 435 16.54 9.93 42.78
CA ASN E 435 17.41 9.64 41.61
C ASN E 435 18.82 10.15 41.90
N THR E 436 18.93 11.41 42.33
CA THR E 436 20.20 12.11 42.62
C THR E 436 20.90 11.44 43.82
N GLU E 437 20.18 11.13 44.88
CA GLU E 437 20.78 10.43 46.06
C GLU E 437 21.38 9.10 45.62
N PHE E 438 20.62 8.29 44.90
CA PHE E 438 21.08 6.97 44.44
C PHE E 438 22.29 7.16 43.50
N ALA E 439 22.21 8.10 42.56
CA ALA E 439 23.36 8.32 41.64
C ALA E 439 24.60 8.66 42.49
N LYS E 440 24.45 9.38 43.59
CA LYS E 440 25.61 9.76 44.47
C LYS E 440 26.13 8.50 45.18
N LYS E 441 25.25 7.69 45.77
CA LYS E 441 25.64 6.41 46.43
C LYS E 441 26.44 5.53 45.47
N LEU E 442 25.99 5.45 44.21
CA LEU E 442 26.59 4.54 43.20
C LEU E 442 27.98 5.06 42.83
N ARG E 443 28.08 6.37 42.60
CA ARG E 443 29.37 7.09 42.38
C ARG E 443 30.36 6.78 43.52
N ASP E 444 29.92 6.89 44.77
CA ASP E 444 30.84 6.71 45.95
C ASP E 444 31.20 5.23 46.10
N ALA E 445 30.28 4.30 45.87
CA ALA E 445 30.56 2.83 45.92
C ALA E 445 31.54 2.45 44.82
N PHE E 446 31.32 2.94 43.59
CA PHE E 446 32.27 2.70 42.47
C PHE E 446 33.65 3.26 42.86
N ASP E 447 33.74 4.51 43.32
CA ASP E 447 35.03 5.19 43.60
C ASP E 447 35.77 4.51 44.77
N ALA E 448 35.08 3.87 45.70
CA ALA E 448 35.68 3.20 46.87
C ALA E 448 36.68 2.09 46.46
N GLU E 449 36.90 1.82 45.15
CA GLU E 449 38.06 1.03 44.64
C GLU E 449 38.92 1.90 43.71
N GLU F 3 44.94 13.78 11.46
CA GLU F 3 44.56 12.34 11.61
C GLU F 3 43.08 12.13 11.23
N ILE F 4 42.75 11.03 10.54
CA ILE F 4 41.35 10.74 10.10
C ILE F 4 40.54 10.31 11.31
N THR F 5 39.31 10.83 11.45
CA THR F 5 38.36 10.47 12.54
C THR F 5 37.03 9.97 12.00
N GLY F 6 36.27 9.38 12.92
CA GLY F 6 34.91 8.86 12.72
C GLY F 6 34.88 7.39 12.37
N LEU F 7 33.67 6.90 12.10
CA LEU F 7 33.41 5.45 12.08
C LEU F 7 34.05 4.81 10.84
N PHE F 8 34.42 5.57 9.81
CA PHE F 8 35.05 5.00 8.59
C PHE F 8 36.58 5.02 8.70
N LYS F 9 37.14 5.49 9.80
CA LYS F 9 38.57 5.92 9.78
C LYS F 9 39.48 4.72 9.54
N ASP F 10 39.12 3.52 9.98
CA ASP F 10 40.03 2.35 9.79
C ASP F 10 40.13 1.98 8.30
N LEU F 11 39.23 2.43 7.44
CA LEU F 11 39.41 2.19 6.00
C LEU F 11 40.68 2.88 5.48
N THR F 12 41.22 3.91 6.16
CA THR F 12 42.29 4.76 5.60
C THR F 12 43.67 4.23 6.03
N LYS F 13 43.73 3.09 6.71
CA LYS F 13 45.04 2.53 7.17
C LYS F 13 45.08 1.05 6.81
N VAL F 14 46.19 0.58 6.27
CA VAL F 14 46.31 -0.85 5.89
C VAL F 14 46.62 -1.65 7.15
N LYS F 15 46.24 -2.91 7.13
CA LYS F 15 46.52 -3.84 8.24
C LYS F 15 47.14 -5.10 7.63
N HIS F 16 48.19 -5.61 8.26
CA HIS F 16 48.92 -6.82 7.81
C HIS F 16 48.21 -8.06 8.39
N ALA F 17 47.02 -8.35 7.88
CA ALA F 17 46.19 -9.50 8.27
C ALA F 17 45.70 -10.16 6.99
N ARG F 18 45.51 -11.47 7.05
CA ARG F 18 45.17 -12.34 5.89
C ARG F 18 43.72 -12.80 6.01
N ASN F 19 42.88 -12.48 5.04
CA ASN F 19 41.49 -12.97 4.95
C ASN F 19 41.45 -14.49 4.80
N GLY F 20 40.50 -15.13 5.49
CA GLY F 20 40.04 -16.49 5.22
C GLY F 20 38.54 -16.55 5.23
N ARG F 21 37.99 -17.63 4.71
CA ARG F 21 36.52 -17.83 4.72
C ARG F 21 36.19 -19.32 4.85
N LEU F 22 35.34 -19.67 5.81
CA LEU F 22 34.70 -21.01 5.84
C LEU F 22 33.42 -20.87 5.05
N ALA F 23 33.20 -21.71 4.04
CA ALA F 23 31.95 -21.64 3.25
C ALA F 23 31.51 -23.06 2.95
N SER F 24 30.25 -23.20 2.60
CA SER F 24 29.61 -24.43 2.08
C SER F 24 29.91 -24.58 0.61
N TRP F 25 30.95 -23.90 0.07
CA TRP F 25 31.24 -23.98 -1.38
C TRP F 25 31.41 -25.43 -1.84
N ASP F 26 30.98 -25.71 -3.06
CA ASP F 26 30.98 -27.07 -3.63
C ASP F 26 32.43 -27.42 -4.00
N GLN F 27 33.03 -28.36 -3.25
CA GLN F 27 34.48 -28.68 -3.38
C GLN F 27 34.67 -29.69 -4.50
N ARG F 28 33.60 -30.05 -5.21
CA ARG F 28 33.65 -30.73 -6.52
C ARG F 28 33.79 -29.67 -7.63
N GLY F 29 33.63 -28.38 -7.26
CA GLY F 29 33.68 -27.28 -8.23
C GLY F 29 32.39 -27.11 -9.00
N LYS F 30 31.32 -27.75 -8.53
CA LYS F 30 30.01 -27.81 -9.23
C LYS F 30 29.09 -26.84 -8.50
N ASN F 31 27.78 -26.99 -8.65
CA ASN F 31 26.86 -25.94 -8.15
C ASN F 31 26.00 -26.42 -6.98
N GLN F 32 26.49 -27.34 -6.15
CA GLN F 32 25.92 -27.63 -4.82
C GLN F 32 26.75 -26.92 -3.75
N ASP F 33 26.58 -25.59 -3.64
CA ASP F 33 27.40 -24.71 -2.78
C ASP F 33 26.74 -24.63 -1.41
N TYR F 34 26.18 -25.77 -0.99
CA TYR F 34 25.54 -25.95 0.32
C TYR F 34 25.87 -27.35 0.87
N TRP F 35 25.64 -27.49 2.17
CA TRP F 35 25.79 -28.74 2.94
C TRP F 35 24.40 -29.27 3.33
N GLU F 36 24.17 -30.56 3.09
CA GLU F 36 23.04 -31.31 3.66
C GLU F 36 23.44 -31.78 5.05
N ILE F 37 23.10 -31.00 6.06
CA ILE F 37 23.42 -31.26 7.48
C ILE F 37 22.64 -32.50 7.88
N PRO F 38 23.28 -33.63 8.23
CA PRO F 38 22.52 -34.84 8.58
C PRO F 38 21.60 -34.69 9.80
N ALA F 39 20.52 -35.48 9.83
CA ALA F 39 19.62 -35.67 10.99
C ALA F 39 20.42 -36.13 12.20
N GLY F 40 20.13 -35.59 13.38
CA GLY F 40 20.66 -36.05 14.68
C GLY F 40 22.19 -36.06 14.70
N GLU F 41 22.87 -35.20 13.94
CA GLU F 41 24.36 -35.17 13.96
C GLU F 41 24.82 -33.74 14.24
N SER F 42 26.04 -33.62 14.76
CA SER F 42 26.80 -32.35 14.82
C SER F 42 27.74 -32.30 13.63
N ILE F 43 27.92 -31.12 13.03
CA ILE F 43 28.88 -30.96 11.93
C ILE F 43 29.67 -29.67 12.14
N THR F 44 30.98 -29.78 11.93
CA THR F 44 31.90 -28.65 12.12
C THR F 44 31.94 -27.86 10.82
N LEU F 45 31.45 -26.61 10.84
CA LEU F 45 31.56 -25.71 9.68
C LEU F 45 33.06 -25.43 9.45
N GLY F 46 33.82 -25.34 10.52
CA GLY F 46 35.26 -25.25 10.40
C GLY F 46 35.92 -24.93 11.71
N GLU F 47 37.20 -25.30 11.79
CA GLU F 47 38.09 -24.87 12.89
C GLU F 47 39.17 -23.98 12.31
N ILE F 48 39.42 -22.87 12.97
CA ILE F 48 40.45 -21.89 12.54
C ILE F 48 41.43 -21.73 13.70
N GLU F 49 42.73 -21.80 13.43
CA GLU F 49 43.76 -21.46 14.43
C GLU F 49 43.91 -19.94 14.54
N GLY F 50 43.86 -19.45 15.76
CA GLY F 50 44.17 -18.05 16.09
C GLY F 50 45.65 -17.77 15.90
N PRO F 51 46.08 -16.50 16.04
CA PRO F 51 45.14 -15.42 16.36
C PRO F 51 44.37 -14.89 15.14
N GLY F 52 43.10 -14.53 15.36
CA GLY F 52 42.26 -14.00 14.27
C GLY F 52 40.96 -13.41 14.81
N CYS F 53 40.04 -13.12 13.90
CA CYS F 53 38.75 -12.50 14.25
C CYS F 53 37.71 -12.84 13.19
N ILE F 54 36.56 -13.38 13.62
CA ILE F 54 35.38 -13.52 12.72
C ILE F 54 34.85 -12.11 12.48
N THR F 55 34.72 -11.72 11.25
CA THR F 55 34.26 -10.36 10.86
C THR F 55 32.83 -10.40 10.28
N HIS F 56 32.36 -11.52 9.78
CA HIS F 56 31.09 -11.54 9.03
C HIS F 56 30.62 -12.98 8.89
N MET F 57 29.34 -13.20 9.11
CA MET F 57 28.69 -14.48 8.80
C MET F 57 27.43 -14.21 7.98
N TRP F 58 27.26 -14.98 6.92
CA TRP F 58 26.01 -15.03 6.14
C TRP F 58 25.60 -16.49 6.10
N MET F 59 24.31 -16.78 6.23
CA MET F 59 23.81 -18.15 6.01
C MET F 59 22.43 -18.06 5.39
N THR F 60 22.01 -19.15 4.77
CA THR F 60 20.60 -19.42 4.46
C THR F 60 20.42 -20.92 4.54
N SER F 61 19.17 -21.34 4.58
CA SER F 61 18.87 -22.73 4.95
C SER F 61 17.52 -23.11 4.38
N SER F 62 17.30 -24.41 4.25
CA SER F 62 16.00 -24.96 3.84
C SER F 62 15.81 -26.30 4.57
N CYS F 63 14.60 -26.61 4.99
CA CYS F 63 14.30 -27.96 5.54
C CYS F 63 12.96 -28.42 5.02
N ARG F 64 13.01 -29.27 3.99
CA ARG F 64 11.80 -29.84 3.40
C ARG F 64 11.64 -31.30 3.85
N LYS F 65 10.40 -31.73 3.98
CA LYS F 65 10.04 -33.14 4.22
C LYS F 65 9.31 -33.68 2.99
N VAL F 66 9.79 -34.79 2.44
CA VAL F 66 9.14 -35.41 1.27
C VAL F 66 7.86 -36.07 1.78
N VAL F 67 6.68 -35.67 1.31
CA VAL F 67 5.42 -36.20 1.87
C VAL F 67 4.54 -36.85 0.81
N ALA F 68 4.92 -36.77 -0.47
CA ALA F 68 4.16 -37.41 -1.58
C ALA F 68 5.12 -37.83 -2.67
N PRO F 69 4.70 -38.79 -3.54
CA PRO F 69 5.52 -39.23 -4.66
C PRO F 69 5.61 -38.08 -5.67
N SER F 70 6.70 -37.99 -6.40
CA SER F 70 6.91 -36.95 -7.41
C SER F 70 7.07 -37.60 -8.78
N ILE F 71 6.61 -36.91 -9.82
CA ILE F 71 6.85 -37.32 -11.22
C ILE F 71 8.16 -36.69 -11.75
N LEU F 72 8.91 -35.96 -10.91
CA LEU F 72 10.28 -35.49 -11.23
C LEU F 72 11.27 -36.65 -10.95
N ASP F 73 12.09 -37.01 -11.93
CA ASP F 73 13.12 -38.08 -11.79
C ASP F 73 13.96 -37.73 -10.58
N PRO F 74 13.99 -38.55 -9.50
CA PRO F 74 14.65 -38.12 -8.27
C PRO F 74 16.19 -38.05 -8.37
N GLU F 75 16.80 -38.83 -9.24
CA GLU F 75 18.28 -38.77 -9.37
C GLU F 75 18.66 -37.47 -10.08
N LEU F 76 17.99 -37.14 -11.19
CA LEU F 76 18.25 -35.86 -11.92
C LEU F 76 17.85 -34.68 -11.03
N ASN F 77 16.75 -34.80 -10.30
CA ASN F 77 16.23 -33.71 -9.46
C ASN F 77 17.33 -33.28 -8.48
N ALA F 78 18.17 -34.22 -8.02
CA ALA F 78 19.18 -33.94 -6.98
C ALA F 78 20.19 -32.90 -7.51
N SER F 79 20.37 -32.84 -8.83
CA SER F 79 21.35 -31.98 -9.53
C SER F 79 20.70 -30.72 -10.08
N ALA F 80 19.40 -30.54 -9.95
CA ALA F 80 18.71 -29.28 -10.33
C ALA F 80 18.86 -28.27 -9.19
N ALA F 81 17.98 -27.27 -9.10
CA ALA F 81 18.00 -26.31 -7.97
C ALA F 81 17.84 -27.11 -6.67
N PRO F 82 18.37 -26.62 -5.54
CA PRO F 82 18.41 -27.40 -4.31
C PRO F 82 17.04 -27.59 -3.66
N VAL F 83 16.11 -26.67 -3.92
CA VAL F 83 14.78 -26.64 -3.26
C VAL F 83 13.69 -26.54 -4.32
N MET F 84 12.74 -27.47 -4.27
CA MET F 84 11.61 -27.49 -5.23
C MET F 84 10.48 -26.59 -4.69
N GLU F 85 10.60 -25.30 -5.03
CA GLU F 85 9.58 -24.21 -4.86
C GLU F 85 8.44 -24.40 -5.87
N ILE F 86 7.68 -25.49 -5.67
CA ILE F 86 6.58 -25.90 -6.56
C ILE F 86 5.36 -26.13 -5.66
N HIS F 87 4.27 -25.49 -6.01
CA HIS F 87 3.03 -25.53 -5.20
C HIS F 87 2.46 -26.94 -5.25
N PRO F 88 2.10 -27.54 -4.09
CA PRO F 88 1.45 -28.84 -4.07
C PRO F 88 0.26 -29.00 -5.01
N ALA F 89 -0.47 -27.92 -5.29
CA ALA F 89 -1.67 -27.98 -6.13
C ALA F 89 -1.33 -28.40 -7.56
N LEU F 90 -0.06 -28.46 -7.98
CA LEU F 90 0.25 -28.87 -9.37
C LEU F 90 0.23 -30.40 -9.49
N GLY F 91 0.29 -31.11 -8.37
CA GLY F 91 0.20 -32.59 -8.34
C GLY F 91 1.48 -33.30 -8.78
N VAL F 92 2.65 -32.66 -8.74
CA VAL F 92 3.85 -33.25 -9.40
C VAL F 92 4.96 -33.55 -8.42
N ILE F 93 4.84 -33.01 -7.21
CA ILE F 93 5.85 -33.10 -6.15
C ILE F 93 5.23 -32.54 -4.87
N TRP F 94 5.71 -32.98 -3.73
CA TRP F 94 5.34 -32.31 -2.45
C TRP F 94 6.47 -32.44 -1.46
N ASP F 95 7.30 -31.40 -1.43
CA ASP F 95 8.35 -31.22 -0.42
C ASP F 95 7.81 -30.19 0.58
N ALA F 96 7.31 -30.65 1.73
CA ALA F 96 6.59 -29.79 2.70
C ALA F 96 7.64 -29.03 3.49
N TYR F 97 7.27 -27.88 4.04
CA TYR F 97 8.17 -27.10 4.91
C TYR F 97 8.20 -27.75 6.30
N ASP F 98 9.38 -27.96 6.87
CA ASP F 98 9.56 -28.38 8.27
C ASP F 98 9.47 -27.11 9.10
N PRO F 99 8.45 -26.97 9.96
CA PRO F 99 8.16 -25.68 10.59
C PRO F 99 9.19 -25.22 11.64
N PHE F 100 9.81 -26.15 12.38
CA PHE F 100 10.55 -25.78 13.60
C PHE F 100 12.04 -26.10 13.51
N TYR F 101 12.59 -26.29 12.31
CA TYR F 101 14.01 -26.68 12.13
C TYR F 101 14.95 -25.61 12.72
N TYR F 102 14.56 -24.33 12.77
CA TYR F 102 15.37 -23.21 13.32
C TYR F 102 15.59 -23.35 14.83
N ARG F 103 14.68 -24.06 15.50
CA ARG F 103 14.78 -24.37 16.93
C ARG F 103 15.41 -25.74 17.16
N LYS F 104 15.31 -26.64 16.19
CA LYS F 104 15.84 -28.03 16.37
C LYS F 104 17.34 -28.04 16.15
N ALA F 105 17.87 -27.11 15.37
CA ALA F 105 19.31 -27.03 15.08
C ALA F 105 19.90 -25.94 15.96
N LEU F 106 21.11 -26.14 16.45
CA LEU F 106 21.83 -25.15 17.27
C LEU F 106 23.06 -24.68 16.49
N ILE F 107 23.54 -23.48 16.78
CA ILE F 107 24.91 -23.07 16.38
C ILE F 107 25.72 -23.07 17.66
N LYS F 108 26.92 -23.61 17.57
CA LYS F 108 27.76 -23.83 18.76
C LYS F 108 29.16 -23.33 18.40
N ILE F 109 29.71 -22.42 19.21
CA ILE F 109 31.08 -21.93 18.93
C ILE F 109 31.91 -22.08 20.20
N THR F 110 33.10 -22.65 20.03
CA THR F 110 34.06 -22.88 21.14
C THR F 110 35.33 -22.10 20.81
N TRP F 111 35.83 -21.31 21.77
CA TRP F 111 37.09 -20.56 21.62
C TRP F 111 38.23 -21.27 22.38
N ASP F 112 39.42 -21.25 21.76
CA ASP F 112 40.73 -21.49 22.41
C ASP F 112 40.67 -22.85 23.09
N ASP F 113 39.98 -23.81 22.47
CA ASP F 113 39.91 -25.22 22.94
C ASP F 113 39.43 -25.27 24.39
N GLN F 114 38.55 -24.36 24.80
CA GLN F 114 37.91 -24.48 26.14
C GLN F 114 37.04 -25.73 26.19
N ASP F 115 36.80 -26.16 27.41
CA ASP F 115 35.94 -27.29 27.86
C ASP F 115 34.46 -27.03 27.57
N THR F 116 34.07 -25.76 27.41
CA THR F 116 32.66 -25.30 27.27
C THR F 116 32.51 -24.42 26.03
N PRO F 117 31.35 -24.45 25.33
CA PRO F 117 31.12 -23.49 24.25
C PRO F 117 30.93 -22.11 24.89
N SER F 118 31.23 -21.06 24.12
CA SER F 118 30.92 -19.64 24.42
C SER F 118 29.65 -19.20 23.69
N VAL F 119 29.28 -19.89 22.62
CA VAL F 119 28.00 -19.66 21.88
C VAL F 119 27.29 -21.00 21.82
N LEU F 120 26.07 -21.07 22.35
CA LEU F 120 25.21 -22.28 22.22
C LEU F 120 23.77 -21.76 22.14
N VAL F 121 23.25 -21.65 20.92
CA VAL F 121 21.95 -20.97 20.69
C VAL F 121 21.28 -21.70 19.55
N PRO F 122 19.93 -21.81 19.54
CA PRO F 122 19.22 -22.33 18.38
C PRO F 122 19.62 -21.48 17.17
N PHE F 123 19.78 -22.15 16.03
CA PHE F 123 20.25 -21.61 14.74
C PHE F 123 19.44 -20.36 14.41
N GLY F 124 18.13 -20.44 14.47
CA GLY F 124 17.27 -19.27 14.17
C GLY F 124 17.50 -18.15 15.15
N ASP F 125 17.36 -18.42 16.44
CA ASP F 125 17.44 -17.36 17.47
C ASP F 125 18.79 -16.64 17.38
N PHE F 126 19.88 -17.38 17.13
CA PHE F 126 21.20 -16.74 17.06
C PHE F 126 21.14 -15.59 16.03
N PHE F 127 20.50 -15.87 14.91
CA PHE F 127 20.36 -14.96 13.75
C PHE F 127 19.06 -14.16 13.83
N CYS F 128 18.46 -14.00 15.00
CA CYS F 128 17.33 -13.07 15.21
C CYS F 128 16.13 -13.59 14.41
N ILE F 129 16.00 -14.89 14.37
CA ILE F 129 14.74 -15.57 13.98
C ILE F 129 14.20 -16.14 15.28
N GLY F 130 13.15 -15.53 15.81
CA GLY F 130 12.48 -16.01 17.02
C GLY F 130 11.39 -16.96 16.67
N ASN F 131 11.11 -17.91 17.56
CA ASN F 131 9.93 -18.80 17.43
C ASN F 131 9.94 -19.58 16.11
N SER F 132 11.12 -19.86 15.54
CA SER F 132 11.25 -20.51 14.21
C SER F 132 10.35 -19.82 13.18
N TYR F 133 10.23 -18.50 13.25
CA TYR F 133 9.27 -17.71 12.43
C TYR F 133 9.94 -16.41 11.99
N PRO F 134 10.62 -16.45 10.83
CA PRO F 134 11.35 -15.30 10.34
C PRO F 134 10.51 -14.03 10.18
N GLY F 135 11.16 -12.90 10.45
CA GLY F 135 10.70 -11.54 10.13
C GLY F 135 11.80 -10.80 9.41
N ASN F 136 11.40 -10.03 8.40
CA ASN F 136 12.31 -9.23 7.55
C ASN F 136 12.74 -8.03 8.39
N PHE F 137 14.04 -7.81 8.60
CA PHE F 137 14.49 -6.57 9.28
C PHE F 137 15.98 -6.33 9.07
N SER F 138 16.38 -5.10 9.36
CA SER F 138 17.82 -4.74 9.41
C SER F 138 18.10 -4.07 10.75
N SER F 139 19.28 -4.31 11.27
CA SER F 139 19.88 -3.60 12.41
C SER F 139 21.39 -3.52 12.14
N LEU F 140 22.15 -2.86 12.99
CA LEU F 140 23.57 -2.67 12.65
C LEU F 140 24.29 -4.01 12.68
N PRO F 141 24.15 -4.90 13.69
CA PRO F 141 24.90 -6.16 13.72
C PRO F 141 24.25 -7.41 13.11
N PHE F 142 22.93 -7.42 12.98
CA PHE F 142 22.15 -8.57 12.43
C PHE F 142 21.11 -8.09 11.42
N ASN F 143 20.91 -8.89 10.39
CA ASN F 143 19.90 -8.62 9.34
C ASN F 143 19.25 -9.93 8.93
N VAL F 144 17.99 -9.85 8.56
CA VAL F 144 17.26 -10.95 7.89
C VAL F 144 16.63 -10.38 6.64
N SER F 145 16.88 -11.04 5.53
CA SER F 145 16.28 -10.72 4.21
C SER F 145 15.32 -11.86 3.83
N LEU F 146 14.04 -11.56 3.99
CA LEU F 146 12.94 -12.54 3.89
C LEU F 146 12.01 -12.11 2.76
N LYS F 147 11.83 -12.97 1.76
CA LYS F 147 10.90 -12.68 0.64
C LYS F 147 9.48 -12.61 1.16
N PRO F 148 8.66 -11.63 0.70
CA PRO F 148 7.26 -11.55 1.09
C PRO F 148 6.45 -12.80 0.70
N GLU F 149 6.90 -13.55 -0.30
CA GLU F 149 6.25 -14.80 -0.79
C GLU F 149 6.42 -15.91 0.25
N GLU F 150 7.46 -15.81 1.10
CA GLU F 150 7.82 -16.87 2.08
C GLU F 150 7.42 -16.43 3.49
N ALA F 151 7.22 -15.14 3.73
CA ALA F 151 7.00 -14.55 5.06
C ALA F 151 5.65 -14.98 5.67
N GLY F 152 5.52 -14.89 6.97
CA GLY F 152 4.28 -15.22 7.67
C GLY F 152 4.11 -16.70 7.84
N LYS F 153 5.19 -17.47 7.85
CA LYS F 153 5.05 -18.89 8.21
C LYS F 153 6.26 -19.41 8.95
N PHE F 154 6.02 -20.48 9.70
CA PHE F 154 7.07 -21.19 10.44
C PHE F 154 8.05 -21.79 9.46
N GLY F 155 9.33 -21.61 9.76
CA GLY F 155 10.43 -22.23 8.99
C GLY F 155 10.59 -21.66 7.57
N ALA F 156 10.14 -20.44 7.32
CA ALA F 156 10.39 -19.75 6.05
C ALA F 156 11.89 -19.61 5.83
N PRO F 157 12.31 -19.84 4.59
CA PRO F 157 13.69 -19.60 4.19
C PRO F 157 13.98 -18.10 4.16
N CYS F 158 15.21 -17.71 4.45
CA CYS F 158 15.61 -16.28 4.48
C CYS F 158 17.12 -16.19 4.66
N SER F 159 17.68 -15.02 4.35
CA SER F 159 19.13 -14.82 4.44
C SER F 159 19.40 -14.19 5.78
N VAL F 160 20.36 -14.70 6.51
CA VAL F 160 20.75 -14.12 7.82
C VAL F 160 22.16 -13.58 7.69
N SER F 161 22.48 -12.52 8.43
CA SER F 161 23.86 -12.00 8.46
C SER F 161 24.17 -11.45 9.84
N CYS F 162 25.42 -11.66 10.27
CA CYS F 162 25.91 -11.19 11.58
C CYS F 162 27.23 -10.47 11.37
N TYR F 163 27.33 -9.27 11.88
CA TYR F 163 28.56 -8.43 11.79
C TYR F 163 29.21 -8.22 13.15
N PHE F 164 28.75 -8.89 14.21
CA PHE F 164 29.43 -8.80 15.52
C PHE F 164 30.81 -9.42 15.32
N PRO F 165 31.91 -8.72 15.71
CA PRO F 165 33.24 -9.28 15.57
C PRO F 165 33.46 -10.36 16.64
N MET F 166 34.23 -11.39 16.33
CA MET F 166 34.46 -12.50 17.29
C MET F 166 35.96 -12.80 17.30
N PRO F 167 36.74 -12.13 18.15
CA PRO F 167 38.17 -12.39 18.22
C PRO F 167 38.49 -13.71 18.91
N PHE F 168 39.68 -14.25 18.61
CA PHE F 168 40.14 -15.51 19.25
C PHE F 168 41.67 -15.56 19.12
N ASN F 169 42.36 -15.73 20.24
CA ASN F 169 43.85 -15.79 20.19
C ASN F 169 44.35 -17.14 19.70
N LYS F 170 43.63 -18.24 19.97
CA LYS F 170 44.17 -19.62 19.76
C LYS F 170 43.30 -20.46 18.83
N LYS F 171 41.98 -20.42 18.95
CA LYS F 171 41.14 -21.36 18.15
C LYS F 171 39.70 -20.87 18.10
N ALA F 172 39.07 -21.16 16.96
CA ALA F 172 37.63 -20.97 16.73
C ALA F 172 37.13 -22.27 16.16
N LYS F 173 36.12 -22.84 16.80
CA LYS F 173 35.48 -24.04 16.27
C LYS F 173 34.00 -23.75 16.18
N ILE F 174 33.48 -23.82 14.97
CA ILE F 174 32.06 -23.48 14.66
C ILE F 174 31.35 -24.75 14.22
N GLU F 175 30.29 -25.10 14.94
CA GLU F 175 29.51 -26.34 14.67
C GLU F 175 28.03 -26.00 14.54
N ILE F 176 27.31 -26.83 13.76
CA ILE F 176 25.85 -26.96 13.81
C ILE F 176 25.52 -28.27 14.52
N VAL F 177 24.63 -28.21 15.51
CA VAL F 177 24.11 -29.39 16.24
C VAL F 177 22.68 -29.60 15.75
N ASN F 178 22.47 -30.60 14.91
CA ASN F 178 21.13 -30.82 14.31
C ASN F 178 20.37 -31.87 15.12
N ASP F 179 19.52 -31.43 16.04
CA ASP F 179 18.64 -32.30 16.88
C ASP F 179 17.37 -32.66 16.11
N ASN F 180 17.27 -32.30 14.84
CA ASN F 180 16.10 -32.65 13.99
C ASN F 180 16.20 -34.11 13.55
N GLU F 181 15.04 -34.72 13.35
CA GLU F 181 14.86 -36.05 12.69
C GLU F 181 15.16 -35.94 11.21
N LEU F 182 15.09 -34.73 10.62
CA LEU F 182 15.36 -34.47 9.19
C LEU F 182 16.72 -33.79 9.04
N PRO F 183 17.39 -33.99 7.91
CA PRO F 183 18.55 -33.19 7.55
C PRO F 183 18.01 -31.82 7.10
N PHE F 184 18.87 -30.82 7.02
CA PHE F 184 18.49 -29.53 6.39
C PHE F 184 19.67 -28.99 5.59
N ILE F 185 19.34 -28.20 4.58
CA ILE F 185 20.29 -27.53 3.66
C ILE F 185 20.80 -26.28 4.37
N LEU F 186 22.10 -26.14 4.43
CA LEU F 186 22.74 -24.95 4.97
C LEU F 186 23.72 -24.40 3.95
N TYR F 187 23.53 -23.14 3.58
CA TYR F 187 24.54 -22.34 2.87
C TYR F 187 25.23 -21.48 3.93
N PHE F 188 26.55 -21.35 3.87
CA PHE F 188 27.22 -20.39 4.76
C PHE F 188 28.48 -19.80 4.11
N ASN F 189 28.75 -18.56 4.53
CA ASN F 189 30.00 -17.82 4.28
C ASN F 189 30.40 -17.20 5.62
N ILE F 190 31.47 -17.68 6.23
CA ILE F 190 32.03 -17.12 7.50
C ILE F 190 33.40 -16.54 7.19
N ASP F 191 33.50 -15.22 7.26
CA ASP F 191 34.68 -14.44 6.87
C ASP F 191 35.44 -14.11 8.16
N TYR F 192 36.76 -14.13 8.05
CA TYR F 192 37.62 -13.88 9.22
C TYR F 192 38.93 -13.33 8.72
N GLU F 193 39.70 -12.75 9.62
CA GLU F 193 41.09 -12.36 9.31
C GLU F 193 42.00 -13.02 10.34
N MET F 194 43.22 -13.38 9.89
CA MET F 194 44.31 -13.91 10.73
C MET F 194 45.37 -12.82 10.99
N TYR F 195 45.87 -12.78 12.21
CA TYR F 195 46.84 -11.78 12.71
C TYR F 195 48.22 -12.47 12.84
N GLY F 196 49.27 -11.66 12.70
CA GLY F 196 50.67 -12.12 12.77
C GLY F 196 51.22 -12.06 14.19
N GLU F 197 50.45 -11.55 15.14
CA GLU F 197 50.82 -11.39 16.55
C GLU F 197 49.60 -11.63 17.41
N PRO F 198 49.78 -12.08 18.67
CA PRO F 198 48.68 -12.32 19.60
C PRO F 198 47.86 -11.03 19.76
N LEU F 199 46.60 -11.24 20.09
CA LEU F 199 45.72 -10.15 20.59
C LEU F 199 46.05 -9.96 22.06
N PRO F 200 45.83 -8.75 22.61
CA PRO F 200 46.00 -8.50 24.05
C PRO F 200 45.22 -9.48 24.94
N GLU F 201 45.70 -9.74 26.17
CA GLU F 201 45.07 -10.72 27.12
C GLU F 201 43.69 -10.21 27.56
N ASP F 202 43.53 -8.89 27.70
CA ASP F 202 42.25 -8.21 28.05
C ASP F 202 41.28 -8.21 26.85
N THR F 203 41.49 -9.08 25.84
CA THR F 203 40.59 -9.12 24.65
C THR F 203 39.30 -9.78 25.09
N ALA F 204 38.17 -9.17 24.75
CA ALA F 204 36.83 -9.74 25.09
C ALA F 204 36.34 -10.58 23.91
N TYR F 205 35.91 -11.78 24.23
CA TYR F 205 35.45 -12.81 23.28
C TYR F 205 33.93 -12.83 23.23
N PHE F 206 33.42 -13.11 22.05
CA PHE F 206 31.97 -13.09 21.77
C PHE F 206 31.32 -14.35 22.36
N HIS F 207 30.24 -14.14 23.10
CA HIS F 207 29.43 -15.19 23.76
C HIS F 207 27.94 -14.98 23.44
N ALA F 208 27.19 -16.06 23.40
CA ALA F 208 25.72 -16.00 23.26
C ALA F 208 25.08 -17.24 23.86
N ALA F 209 23.94 -17.07 24.49
CA ALA F 209 23.26 -18.13 25.28
C ALA F 209 21.75 -17.93 25.16
N TRP F 210 21.02 -19.03 25.21
CA TRP F 210 19.56 -19.03 24.95
C TRP F 210 18.84 -19.56 26.19
N HIS F 211 17.68 -18.98 26.46
CA HIS F 211 16.90 -19.27 27.67
C HIS F 211 15.43 -19.30 27.30
N ARG F 212 14.65 -20.11 28.01
CA ARG F 212 13.18 -20.04 27.88
C ARG F 212 12.52 -20.30 29.23
N GLU F 213 11.43 -19.60 29.50
CA GLU F 213 10.50 -19.85 30.64
C GLU F 213 9.11 -19.96 30.02
N ASN F 214 8.60 -21.18 29.95
CA ASN F 214 7.30 -21.49 29.29
C ASN F 214 6.56 -22.55 30.09
N PRO F 215 5.57 -22.20 30.95
CA PRO F 215 5.16 -20.83 31.23
C PRO F 215 6.13 -20.14 32.21
N CYS F 216 6.25 -18.81 32.11
CA CYS F 216 6.73 -17.98 33.23
C CYS F 216 5.85 -18.27 34.45
N ASN F 217 6.39 -18.11 35.66
CA ASN F 217 5.72 -18.50 36.93
C ASN F 217 4.88 -17.32 37.43
N GLY F 218 3.85 -16.93 36.69
CA GLY F 218 3.07 -15.72 37.02
C GLY F 218 2.17 -15.87 38.25
N TRP F 219 2.05 -14.83 39.09
CA TRP F 219 1.15 -14.84 40.27
C TRP F 219 -0.26 -14.49 39.85
N GLY F 220 -0.46 -13.95 38.64
CA GLY F 220 -1.77 -13.37 38.30
C GLY F 220 -2.09 -13.50 36.82
N PRO F 221 -1.90 -14.68 36.19
CA PRO F 221 -2.15 -14.79 34.74
C PRO F 221 -3.61 -14.60 34.32
N GLU F 222 -4.56 -14.83 35.23
CA GLU F 222 -6.00 -14.68 34.94
C GLU F 222 -6.49 -13.29 35.34
N LEU F 223 -5.68 -12.44 35.97
CA LEU F 223 -6.08 -11.05 36.30
C LEU F 223 -5.79 -10.19 35.08
N GLN F 224 -6.66 -9.24 34.81
CA GLN F 224 -6.45 -8.31 33.69
C GLN F 224 -5.18 -7.50 33.90
N VAL F 225 -4.33 -7.53 32.88
CA VAL F 225 -3.15 -6.63 32.81
C VAL F 225 -3.61 -5.18 33.05
N ASN F 226 -2.89 -4.45 33.91
CA ASN F 226 -3.08 -3.03 34.18
C ASN F 226 -4.34 -2.79 34.98
N SER F 227 -4.94 -3.84 35.58
CA SER F 227 -5.98 -3.63 36.60
C SER F 227 -5.28 -2.91 37.75
N PRO F 228 -6.01 -2.10 38.53
CA PRO F 228 -5.42 -1.49 39.72
C PRO F 228 -4.81 -2.51 40.69
N GLU F 229 -5.41 -3.69 40.82
CA GLU F 229 -4.88 -4.74 41.75
C GLU F 229 -3.50 -5.21 41.29
N VAL F 230 -3.32 -5.48 40.01
CA VAL F 230 -1.98 -5.86 39.45
C VAL F 230 -0.99 -4.72 39.70
N ASN F 231 -1.37 -3.47 39.38
CA ASN F 231 -0.44 -2.34 39.30
C ASN F 231 0.02 -1.93 40.68
N ASN F 232 -0.73 -2.27 41.74
CA ASN F 232 -0.31 -1.86 43.11
C ASN F 232 0.48 -2.98 43.78
N VAL F 233 0.85 -4.05 43.09
CA VAL F 233 1.78 -5.08 43.66
C VAL F 233 3.22 -4.58 43.51
N THR F 234 4.05 -4.78 44.54
CA THR F 234 5.44 -4.24 44.59
C THR F 234 6.42 -5.33 44.15
N ASN F 235 7.50 -4.92 43.51
CA ASN F 235 8.61 -5.84 43.18
C ASN F 235 9.88 -5.00 43.04
N PHE F 236 10.69 -4.94 44.10
CA PHE F 236 11.98 -4.25 44.16
C PHE F 236 13.11 -5.21 43.81
N LYS F 237 13.09 -6.41 44.39
CA LYS F 237 14.32 -7.26 44.34
C LYS F 237 14.37 -8.09 43.04
N GLY F 238 13.23 -8.34 42.40
CA GLY F 238 13.16 -9.09 41.13
C GLY F 238 13.66 -10.52 41.22
N GLU F 239 13.47 -11.23 42.35
CA GLU F 239 13.85 -12.66 42.53
C GLU F 239 13.19 -13.54 41.46
N ASN F 240 11.97 -13.21 41.06
CA ASN F 240 11.20 -14.06 40.11
C ASN F 240 11.15 -13.45 38.71
N ASN F 241 11.94 -12.42 38.45
CA ASN F 241 12.06 -11.81 37.09
C ASN F 241 12.49 -12.88 36.06
N TYR F 242 12.06 -12.73 34.80
CA TYR F 242 12.65 -13.50 33.69
C TYR F 242 14.15 -13.17 33.61
N THR F 243 14.99 -14.20 33.50
CA THR F 243 16.47 -14.07 33.44
C THR F 243 16.95 -14.16 31.98
N VAL F 244 17.35 -13.03 31.39
CA VAL F 244 18.00 -12.99 30.06
C VAL F 244 19.43 -13.59 30.13
N LEU F 245 20.16 -13.25 31.19
CA LEU F 245 21.59 -13.54 31.28
C LEU F 245 21.97 -13.56 32.76
N ASP F 246 22.74 -14.56 33.14
CA ASP F 246 23.28 -14.69 34.52
C ASP F 246 24.69 -15.22 34.34
N VAL F 247 25.68 -14.33 34.42
CA VAL F 247 27.04 -14.68 33.92
C VAL F 247 28.09 -14.14 34.89
N GLU F 248 29.07 -15.00 35.18
CA GLU F 248 30.28 -14.64 35.97
C GLU F 248 31.45 -14.30 35.03
N GLY F 249 32.14 -13.19 35.30
CA GLY F 249 33.39 -12.81 34.62
C GLY F 249 33.52 -11.31 34.47
N THR F 250 34.40 -10.87 33.56
CA THR F 250 34.63 -9.45 33.25
C THR F 250 34.26 -9.25 31.79
N GLY F 251 33.37 -8.31 31.54
CA GLY F 251 32.96 -8.08 30.15
C GLY F 251 31.80 -7.13 30.10
N HIS F 252 30.99 -7.27 29.05
CA HIS F 252 29.87 -6.35 28.82
C HIS F 252 28.82 -7.06 27.98
N TYR F 253 27.57 -6.82 28.35
CA TYR F 253 26.33 -7.28 27.67
C TYR F 253 26.05 -6.33 26.51
N VAL F 254 25.78 -6.87 25.33
CA VAL F 254 25.56 -6.03 24.11
C VAL F 254 24.14 -6.26 23.56
N GLY F 255 23.28 -6.96 24.31
CA GLY F 255 21.82 -6.98 24.04
C GLY F 255 21.23 -8.37 23.87
N CYS F 256 20.06 -8.42 23.26
CA CYS F 256 19.26 -9.65 23.28
C CYS F 256 18.23 -9.58 22.17
N ASN F 257 17.72 -10.74 21.80
CA ASN F 257 16.40 -10.83 21.17
C ASN F 257 15.49 -11.51 22.19
N LEU F 258 14.21 -11.21 22.09
CA LEU F 258 13.18 -11.76 22.99
C LEU F 258 11.97 -12.15 22.15
N THR F 259 11.57 -13.42 22.30
CA THR F 259 10.37 -14.01 21.67
C THR F 259 9.34 -14.17 22.78
N VAL F 260 8.20 -13.50 22.63
CA VAL F 260 7.10 -13.62 23.63
C VAL F 260 5.83 -14.10 22.93
N LYS F 261 5.35 -15.27 23.34
CA LYS F 261 3.96 -15.67 23.05
C LYS F 261 3.07 -15.23 24.22
N HIS F 262 2.12 -14.32 23.93
CA HIS F 262 1.21 -13.74 24.95
C HIS F 262 -0.15 -14.43 24.86
N PHE F 263 -0.69 -14.84 26.01
CA PHE F 263 -1.87 -15.71 26.08
C PHE F 263 -3.16 -14.92 26.39
N GLN F 264 -3.17 -13.87 27.22
CA GLN F 264 -4.52 -13.35 27.64
C GLN F 264 -5.06 -12.32 26.63
N GLY F 265 -4.27 -11.85 25.65
CA GLY F 265 -4.76 -10.90 24.65
C GLY F 265 -4.96 -9.50 25.19
N SER F 266 -4.07 -9.07 26.07
CA SER F 266 -4.02 -7.68 26.55
C SER F 266 -2.68 -7.10 26.15
N TRP F 267 -1.73 -7.03 27.09
CA TRP F 267 -0.36 -6.56 26.78
C TRP F 267 0.63 -7.34 27.65
N TRP F 268 1.73 -7.80 27.08
CA TRP F 268 2.69 -8.70 27.79
C TRP F 268 3.83 -7.90 28.41
N GLY F 269 3.92 -6.59 28.15
CA GLY F 269 5.15 -5.82 28.25
C GLY F 269 5.27 -4.79 29.35
N GLU F 270 4.50 -4.88 30.44
CA GLU F 270 4.56 -3.87 31.54
C GLU F 270 5.83 -4.05 32.37
N GLY F 271 6.47 -5.20 32.31
CA GLY F 271 7.60 -5.57 33.18
C GLY F 271 8.84 -4.73 32.95
N ASN F 272 9.53 -4.36 34.03
CA ASN F 272 10.76 -3.55 33.92
C ASN F 272 11.97 -4.44 33.70
N ASP F 273 12.89 -3.96 32.88
CA ASP F 273 14.29 -4.44 32.88
C ASP F 273 14.93 -3.99 34.20
N MET F 274 15.64 -4.93 34.81
CA MET F 274 16.38 -4.71 36.08
C MET F 274 17.72 -5.42 35.92
N PHE F 275 18.79 -4.65 35.94
CA PHE F 275 20.19 -5.13 35.83
C PHE F 275 20.84 -5.13 37.22
N PHE F 276 21.52 -6.24 37.51
CA PHE F 276 22.23 -6.48 38.78
C PHE F 276 23.69 -6.65 38.43
N ILE F 277 24.49 -5.66 38.80
CA ILE F 277 25.91 -5.63 38.44
C ILE F 277 26.75 -6.04 39.66
N ASP F 278 27.65 -7.00 39.44
CA ASP F 278 28.76 -7.36 40.36
C ASP F 278 28.17 -7.81 41.70
N GLY F 279 27.11 -8.61 41.66
CA GLY F 279 26.55 -9.28 42.85
C GLY F 279 25.70 -8.39 43.72
N GLU F 280 25.37 -7.15 43.33
CA GLU F 280 24.48 -6.28 44.13
C GLU F 280 23.13 -6.99 44.34
N GLU F 281 22.53 -6.74 45.51
CA GLU F 281 21.31 -7.44 45.98
C GLU F 281 20.08 -6.84 45.28
N TYR F 282 20.03 -5.51 45.19
CA TYR F 282 18.96 -4.76 44.47
C TYR F 282 19.53 -4.25 43.14
N PRO F 283 18.72 -4.18 42.07
CA PRO F 283 19.24 -3.77 40.77
C PRO F 283 19.63 -2.27 40.77
N SER F 284 20.83 -1.96 40.26
CA SER F 284 21.29 -0.56 40.13
C SER F 284 20.70 0.08 38.89
N LEU F 285 20.39 -0.70 37.84
CA LEU F 285 19.75 -0.14 36.63
C LEU F 285 18.30 -0.62 36.62
N ASN F 286 17.38 0.32 36.80
CA ASN F 286 15.91 0.08 36.86
C ASN F 286 15.31 0.70 35.59
N GLY F 287 14.66 -0.13 34.78
CA GLY F 287 13.85 0.36 33.65
C GLY F 287 12.41 0.58 34.04
N THR F 288 11.51 0.65 33.05
CA THR F 288 10.15 1.19 33.21
C THR F 288 9.12 0.31 32.54
N GLY F 289 9.54 -0.52 31.61
CA GLY F 289 8.59 -1.37 30.86
C GLY F 289 9.36 -2.14 29.82
N THR F 290 8.70 -3.10 29.17
CA THR F 290 9.43 -4.03 28.29
C THR F 290 9.59 -3.38 26.91
N GLU F 291 8.54 -2.79 26.35
CA GLU F 291 8.71 -2.05 25.08
C GLU F 291 9.69 -0.91 25.36
N ASP F 292 9.64 -0.31 26.54
CA ASP F 292 10.56 0.80 26.94
C ASP F 292 12.02 0.35 26.82
N TYR F 293 12.35 -0.81 27.36
CA TYR F 293 13.69 -1.44 27.22
C TYR F 293 14.03 -1.55 25.71
N PHE F 294 13.07 -1.98 24.90
CA PHE F 294 13.27 -2.09 23.44
C PHE F 294 13.15 -0.73 22.73
N ASN F 295 13.05 0.36 23.49
CA ASN F 295 13.04 1.76 23.00
C ASN F 295 11.83 2.02 22.08
N HIS F 296 10.76 1.24 22.21
CA HIS F 296 9.43 1.63 21.67
C HIS F 296 8.61 2.22 22.83
N ALA F 297 7.33 2.47 22.63
CA ALA F 297 6.48 3.12 23.67
C ALA F 297 5.03 2.83 23.37
N TRP F 298 4.22 2.57 24.40
CA TRP F 298 2.75 2.36 24.26
C TRP F 298 2.53 1.13 23.39
N GLY F 299 3.31 0.08 23.65
CA GLY F 299 3.34 -1.12 22.84
C GLY F 299 4.57 -1.14 21.97
N MET F 300 4.72 -2.25 21.23
CA MET F 300 5.80 -2.35 20.24
C MET F 300 5.26 -1.80 18.91
N GLN F 301 6.12 -1.15 18.13
CA GLN F 301 5.77 -0.66 16.78
C GLN F 301 6.36 -1.59 15.69
N ARG F 302 5.83 -1.45 14.46
CA ARG F 302 6.44 -2.12 13.29
C ARG F 302 7.67 -1.33 12.81
N ASN F 303 8.65 -1.13 13.65
CA ASN F 303 9.90 -0.43 13.32
C ASN F 303 11.07 -1.35 13.70
N ALA F 304 12.11 -1.38 12.89
CA ALA F 304 13.39 -2.09 13.15
C ALA F 304 14.53 -1.10 12.86
N TYR F 305 15.14 -0.58 13.90
CA TYR F 305 16.12 0.52 13.82
C TYR F 305 17.52 -0.06 14.10
N PRO F 306 18.60 0.70 13.86
CA PRO F 306 19.94 0.12 14.00
C PRO F 306 20.19 -0.57 15.34
N PHE F 307 19.65 -0.02 16.43
CA PHE F 307 19.95 -0.52 17.79
C PHE F 307 18.76 -1.16 18.50
N PHE F 308 17.60 -1.24 17.87
CA PHE F 308 16.43 -1.83 18.55
C PHE F 308 15.23 -1.95 17.63
N GLY F 309 14.30 -2.81 18.05
CA GLY F 309 12.95 -2.82 17.51
C GLY F 309 12.30 -4.16 17.43
N THR F 310 11.43 -4.25 16.43
CA THR F 310 10.52 -5.36 16.17
C THR F 310 11.03 -6.13 14.97
N ILE F 311 11.17 -7.43 15.15
CA ILE F 311 11.44 -8.40 14.05
C ILE F 311 10.13 -9.01 13.57
N VAL F 312 9.33 -9.49 14.51
CA VAL F 312 7.98 -10.06 14.20
C VAL F 312 7.02 -9.35 15.13
N HIS F 313 6.02 -8.69 14.55
CA HIS F 313 5.01 -7.94 15.31
C HIS F 313 3.82 -8.83 15.69
N GLU F 314 3.41 -8.77 16.95
CA GLU F 314 2.21 -9.44 17.53
C GLU F 314 0.98 -9.23 16.64
N GLY F 315 0.81 -8.02 16.09
CA GLY F 315 -0.34 -7.68 15.23
C GLY F 315 -0.35 -8.48 13.95
N ASP F 316 0.78 -9.07 13.56
CA ASP F 316 0.86 -9.87 12.30
C ASP F 316 0.77 -11.37 12.56
N THR F 317 0.71 -11.80 13.82
CA THR F 317 0.81 -13.23 14.19
C THR F 317 -0.38 -13.62 15.05
N ASP F 318 -0.39 -14.89 15.39
CA ASP F 318 -1.29 -15.51 16.38
C ASP F 318 -0.72 -15.28 17.80
N GLY F 319 -0.49 -14.02 18.19
CA GLY F 319 -0.17 -13.70 19.61
C GLY F 319 1.30 -13.70 19.97
N PHE F 320 2.26 -13.73 19.03
CA PHE F 320 3.69 -13.67 19.40
C PHE F 320 4.43 -12.52 18.70
N GLN F 321 5.41 -12.03 19.46
CA GLN F 321 6.27 -10.87 19.16
C GLN F 321 7.73 -11.32 19.26
N VAL F 322 8.59 -10.87 18.34
CA VAL F 322 10.07 -11.04 18.44
C VAL F 322 10.66 -9.63 18.38
N SER F 323 11.45 -9.27 19.38
CA SER F 323 12.03 -7.92 19.57
C SER F 323 13.55 -8.06 19.73
N TYR F 324 14.27 -6.95 19.60
CA TYR F 324 15.73 -6.91 19.87
C TYR F 324 16.16 -5.54 20.38
N ARG F 325 17.25 -5.56 21.14
CA ARG F 325 18.00 -4.33 21.50
C ARG F 325 19.49 -4.65 21.48
N TRP F 326 20.27 -3.83 20.78
CA TRP F 326 21.75 -3.88 20.76
C TRP F 326 22.28 -2.73 21.63
N HIS F 327 23.15 -3.08 22.57
CA HIS F 327 23.89 -2.10 23.38
C HIS F 327 25.31 -2.02 22.81
N ILE F 328 25.43 -1.39 21.66
CA ILE F 328 26.71 -1.32 20.94
C ILE F 328 27.50 -0.12 21.44
N THR F 329 26.91 1.06 21.52
CA THR F 329 27.61 2.26 22.03
C THR F 329 27.30 2.44 23.51
N ASP F 330 26.34 1.69 24.05
CA ASP F 330 25.89 1.80 25.45
C ASP F 330 25.88 0.42 26.10
N PRO F 331 26.98 -0.36 26.02
CA PRO F 331 27.00 -1.69 26.62
C PRO F 331 26.88 -1.65 28.15
N VAL F 332 26.42 -2.74 28.73
CA VAL F 332 26.24 -2.87 30.19
C VAL F 332 27.44 -3.67 30.70
N ARG F 333 28.38 -2.96 31.32
CA ARG F 333 29.69 -3.55 31.68
C ARG F 333 29.56 -4.22 33.05
N PHE F 334 30.42 -5.20 33.28
CA PHE F 334 30.52 -5.85 34.60
C PHE F 334 31.97 -6.28 34.84
N GLU F 335 32.43 -6.16 36.09
CA GLU F 335 33.79 -6.58 36.52
C GLU F 335 33.79 -8.04 37.00
N LYS F 336 32.68 -8.53 37.55
CA LYS F 336 32.62 -9.83 38.27
C LYS F 336 31.39 -10.65 37.85
N HIS F 337 30.24 -9.99 37.71
CA HIS F 337 28.97 -10.71 37.50
C HIS F 337 27.93 -9.75 36.91
N LEU F 338 27.01 -10.32 36.14
CA LEU F 338 25.90 -9.53 35.55
C LEU F 338 24.70 -10.44 35.51
N LYS F 339 23.59 -9.91 35.99
CA LYS F 339 22.28 -10.55 35.83
C LYS F 339 21.37 -9.56 35.11
N VAL F 340 20.98 -9.90 33.89
CA VAL F 340 20.04 -9.10 33.07
C VAL F 340 18.69 -9.77 33.26
N THR F 341 17.73 -9.03 33.80
CA THR F 341 16.39 -9.56 34.07
C THR F 341 15.34 -8.61 33.51
N ILE F 342 14.15 -9.14 33.32
CA ILE F 342 12.96 -8.35 32.97
C ILE F 342 11.81 -8.97 33.75
N GLU F 343 11.03 -8.15 34.42
CA GLU F 343 9.79 -8.61 35.05
C GLU F 343 8.93 -9.21 33.94
N HIS F 344 8.38 -10.39 34.14
CA HIS F 344 7.46 -11.00 33.13
C HIS F 344 6.04 -10.52 33.41
N GLY F 345 5.67 -9.39 32.81
CA GLY F 345 4.48 -8.65 33.24
C GLY F 345 4.86 -7.83 34.45
N HIS F 346 4.06 -6.84 34.82
CA HIS F 346 4.36 -6.03 36.03
C HIS F 346 4.53 -6.97 37.23
N ALA F 347 5.59 -6.77 38.03
CA ALA F 347 5.89 -7.63 39.19
C ALA F 347 5.69 -9.13 38.85
N ASN F 348 6.03 -9.60 37.65
CA ASN F 348 6.02 -11.04 37.33
C ASN F 348 4.59 -11.60 37.41
N GLN F 349 3.61 -10.78 37.05
CA GLN F 349 2.19 -11.17 36.99
C GLN F 349 1.95 -12.31 36.00
N LEU F 350 2.54 -12.28 34.81
CA LEU F 350 2.07 -13.11 33.68
C LEU F 350 2.79 -14.46 33.62
N SER F 351 2.19 -15.38 32.88
CA SER F 351 2.62 -16.78 32.68
C SER F 351 2.73 -17.04 31.17
N ASP F 352 3.34 -16.10 30.46
CA ASP F 352 3.50 -16.22 28.99
C ASP F 352 4.71 -17.09 28.67
N ASP F 353 4.96 -17.29 27.38
CA ASP F 353 6.07 -18.11 26.83
C ASP F 353 7.16 -17.14 26.37
N TRP F 354 8.20 -17.00 27.20
CA TRP F 354 9.34 -16.08 26.97
C TRP F 354 10.56 -16.90 26.62
N SER F 355 11.20 -16.55 25.50
CA SER F 355 12.53 -17.12 25.15
C SER F 355 13.42 -15.96 24.71
N SER F 356 14.74 -16.07 24.88
CA SER F 356 15.68 -14.96 24.65
C SER F 356 17.03 -15.51 24.21
N THR F 357 17.74 -14.72 23.44
CA THR F 357 19.16 -14.90 23.15
C THR F 357 19.87 -13.70 23.77
N ALA F 358 20.85 -13.96 24.62
CA ALA F 358 21.68 -12.92 25.25
C ALA F 358 23.00 -12.91 24.53
N TYR F 359 23.53 -11.73 24.26
CA TYR F 359 24.84 -11.59 23.59
C TYR F 359 25.74 -10.78 24.51
N TRP F 360 26.98 -11.22 24.69
CA TRP F 360 27.93 -10.46 25.52
C TRP F 360 29.36 -10.75 25.09
N TYR F 361 30.28 -9.91 25.54
CA TYR F 361 31.71 -10.16 25.32
C TYR F 361 32.31 -10.36 26.70
N GLN F 362 33.28 -11.26 26.87
CA GLN F 362 33.98 -11.34 28.17
C GLN F 362 35.42 -11.83 27.92
N ILE F 363 36.34 -11.46 28.79
CA ILE F 363 37.68 -12.09 28.76
C ILE F 363 37.51 -13.57 29.14
N LEU F 364 38.38 -14.39 28.58
CA LEU F 364 38.47 -15.82 28.97
C LEU F 364 39.11 -15.90 30.36
N PRO F 365 38.90 -17.02 31.11
CA PRO F 365 38.08 -18.14 30.67
C PRO F 365 36.57 -17.90 30.81
N THR F 366 35.78 -18.62 30.01
CA THR F 366 34.32 -18.73 30.21
C THR F 366 34.11 -19.46 31.55
N ALA F 367 33.84 -18.76 32.63
CA ALA F 367 33.65 -19.38 33.96
C ALA F 367 32.31 -20.10 33.99
N SER F 368 31.31 -19.50 33.35
CA SER F 368 29.91 -19.96 33.36
C SER F 368 29.75 -21.04 32.27
N ARG F 369 29.41 -22.27 32.65
CA ARG F 369 29.13 -23.41 31.73
C ARG F 369 27.82 -23.11 30.99
N ILE F 370 27.84 -22.88 29.68
CA ILE F 370 26.61 -22.49 28.92
C ILE F 370 25.83 -23.76 28.57
N THR F 371 24.61 -23.87 29.04
CA THR F 371 23.73 -25.02 28.79
C THR F 371 22.61 -24.60 27.84
N ILE F 372 21.96 -25.59 27.24
CA ILE F 372 20.75 -25.32 26.44
C ILE F 372 19.70 -26.34 26.84
N ALA F 373 18.47 -25.88 26.96
CA ALA F 373 17.28 -26.74 27.13
C ALA F 373 17.26 -27.78 26.02
N PRO F 374 16.83 -29.02 26.30
CA PRO F 374 16.76 -30.06 25.27
C PRO F 374 15.72 -29.68 24.21
N VAL F 375 15.73 -30.37 23.07
CA VAL F 375 14.93 -30.00 21.86
C VAL F 375 13.43 -29.94 22.16
N GLU F 376 12.89 -30.86 22.97
CA GLU F 376 11.45 -30.92 23.27
C GLU F 376 11.00 -29.62 23.97
N ASP F 377 11.93 -28.89 24.60
CA ASP F 377 11.65 -27.64 25.35
C ASP F 377 11.89 -26.40 24.48
N ARG F 378 12.20 -26.56 23.21
CA ARG F 378 12.58 -25.42 22.32
C ARG F 378 11.50 -25.18 21.29
N LEU F 379 10.46 -25.99 21.22
CA LEU F 379 9.52 -25.88 20.08
C LEU F 379 8.52 -24.79 20.40
N PRO F 380 8.13 -24.00 19.38
CA PRO F 380 7.03 -23.04 19.54
C PRO F 380 5.74 -23.69 20.00
N VAL F 381 4.98 -22.93 20.79
CA VAL F 381 3.62 -23.30 21.22
C VAL F 381 2.65 -22.93 20.09
N VAL F 382 1.98 -23.92 19.50
CA VAL F 382 1.07 -23.64 18.36
C VAL F 382 -0.24 -24.36 18.63
N PRO F 383 -1.38 -23.76 18.23
CA PRO F 383 -2.67 -24.43 18.35
C PRO F 383 -2.67 -25.61 17.37
N GLN F 384 -3.40 -26.67 17.70
CA GLN F 384 -3.48 -27.88 16.84
C GLN F 384 -4.94 -28.15 16.52
N LEU F 385 -5.22 -28.56 15.30
CA LEU F 385 -6.58 -28.96 14.91
C LEU F 385 -6.98 -30.19 15.69
N PRO F 386 -8.27 -30.32 16.05
CA PRO F 386 -8.76 -31.50 16.76
C PRO F 386 -8.64 -32.71 15.82
N GLU F 387 -8.42 -33.89 16.41
CA GLU F 387 -8.44 -35.18 15.68
C GLU F 387 -9.67 -35.17 14.77
N ARG F 388 -9.48 -35.51 13.49
CA ARG F 388 -10.58 -35.75 12.53
C ARG F 388 -10.38 -37.16 12.03
N LYS F 389 -10.87 -38.15 12.77
CA LYS F 389 -10.78 -39.59 12.42
C LYS F 389 -11.76 -39.81 11.26
N LEU F 390 -11.23 -39.76 10.04
CA LEU F 390 -12.02 -39.84 8.79
C LEU F 390 -12.37 -41.31 8.53
N VAL F 391 -13.60 -41.57 8.13
CA VAL F 391 -14.01 -42.93 7.72
C VAL F 391 -14.19 -42.94 6.20
N LEU F 392 -13.38 -43.72 5.49
CA LEU F 392 -13.47 -43.80 4.01
C LEU F 392 -14.90 -44.16 3.66
N PRO F 393 -15.45 -43.60 2.57
CA PRO F 393 -16.71 -44.05 2.05
C PRO F 393 -16.52 -45.41 1.36
N GLN F 394 -17.62 -46.06 0.99
CA GLN F 394 -17.55 -47.24 0.09
C GLN F 394 -16.84 -46.79 -1.20
N LEU F 395 -15.74 -47.47 -1.56
CA LEU F 395 -14.85 -47.13 -2.69
C LEU F 395 -15.30 -47.87 -3.94
N THR F 396 -15.34 -47.19 -5.07
CA THR F 396 -15.43 -47.86 -6.41
C THR F 396 -14.12 -48.62 -6.67
N GLU F 397 -14.13 -49.54 -7.63
CA GLU F 397 -12.91 -50.27 -8.07
C GLU F 397 -11.88 -49.26 -8.58
N GLU F 398 -12.35 -48.24 -9.26
CA GLU F 398 -11.50 -47.19 -9.87
C GLU F 398 -10.84 -46.33 -8.77
N GLN F 399 -11.55 -45.98 -7.69
CA GLN F 399 -10.95 -45.27 -6.51
C GLN F 399 -9.94 -46.16 -5.79
N GLN F 400 -10.24 -47.45 -5.56
CA GLN F 400 -9.31 -48.36 -4.86
C GLN F 400 -8.06 -48.48 -5.74
N ALA F 401 -8.20 -48.58 -7.05
CA ALA F 401 -7.06 -48.73 -7.98
C ALA F 401 -6.18 -47.46 -7.96
N ALA F 402 -6.79 -46.28 -7.86
CA ALA F 402 -6.07 -44.98 -7.75
C ALA F 402 -5.26 -44.97 -6.45
N ARG F 403 -5.89 -45.38 -5.36
CA ARG F 403 -5.26 -45.41 -4.00
C ARG F 403 -4.06 -46.37 -4.07
N ASP F 404 -4.26 -47.58 -4.59
CA ASP F 404 -3.19 -48.61 -4.71
C ASP F 404 -2.04 -48.11 -5.62
N THR F 405 -2.35 -47.54 -6.79
CA THR F 405 -1.35 -47.01 -7.75
C THR F 405 -0.50 -45.95 -7.04
N TYR F 406 -1.15 -45.02 -6.35
CA TYR F 406 -0.48 -43.91 -5.66
C TYR F 406 0.42 -44.49 -4.58
N GLN F 407 -0.06 -45.43 -3.76
CA GLN F 407 0.76 -46.02 -2.67
C GLN F 407 1.99 -46.70 -3.25
N LYS F 408 1.82 -47.37 -4.38
CA LYS F 408 2.90 -48.06 -5.11
C LYS F 408 3.95 -47.02 -5.56
N ARG F 409 3.53 -45.90 -6.17
CA ARG F 409 4.47 -44.84 -6.62
C ARG F 409 5.22 -44.31 -5.40
N TRP F 410 4.51 -44.15 -4.29
CA TRP F 410 5.14 -43.65 -3.03
C TRP F 410 6.18 -44.65 -2.47
N LYS F 411 5.85 -45.94 -2.40
CA LYS F 411 6.80 -46.98 -1.94
C LYS F 411 8.09 -46.96 -2.79
N ASP F 412 7.96 -46.76 -4.12
CA ASP F 412 9.11 -46.71 -5.06
C ASP F 412 9.87 -45.40 -4.89
N TYR F 413 9.15 -44.30 -4.70
CA TYR F 413 9.77 -42.95 -4.76
C TYR F 413 10.53 -42.58 -3.49
N GLU F 414 9.97 -42.79 -2.30
CA GLU F 414 10.59 -42.25 -1.05
C GLU F 414 12.02 -42.77 -0.87
N PRO F 415 12.31 -44.09 -1.01
CA PRO F 415 13.69 -44.57 -0.83
C PRO F 415 14.72 -43.95 -1.83
N ARG F 416 14.25 -43.62 -3.05
CA ARG F 416 15.11 -42.99 -4.08
C ARG F 416 15.47 -41.57 -3.63
N ARG F 417 14.53 -40.81 -3.03
CA ARG F 417 14.86 -39.47 -2.50
C ARG F 417 15.76 -39.63 -1.28
N ASP F 418 15.49 -40.63 -0.45
CA ASP F 418 16.28 -40.89 0.77
C ASP F 418 17.74 -41.02 0.34
N THR F 419 17.99 -41.83 -0.67
CA THR F 419 19.35 -42.13 -1.15
C THR F 419 20.05 -40.84 -1.55
N GLN F 420 19.36 -39.93 -2.26
CA GLN F 420 19.94 -38.63 -2.66
C GLN F 420 20.26 -37.76 -1.45
N PHE F 421 19.45 -37.77 -0.40
CA PHE F 421 19.79 -37.03 0.84
C PHE F 421 21.10 -37.60 1.41
N ARG F 422 21.21 -38.92 1.46
CA ARG F 422 22.36 -39.58 2.13
C ARG F 422 23.66 -39.19 1.39
N ILE F 423 23.61 -39.16 0.05
CA ILE F 423 24.74 -38.78 -0.85
C ILE F 423 25.17 -37.35 -0.50
N LYS F 424 24.21 -36.41 -0.43
CA LYS F 424 24.54 -35.01 -0.08
C LYS F 424 25.13 -34.95 1.32
N GLU F 425 24.62 -35.77 2.23
CA GLU F 425 25.13 -35.77 3.63
C GLU F 425 26.60 -36.20 3.63
N ASP F 426 26.97 -37.16 2.79
CA ASP F 426 28.39 -37.60 2.69
C ASP F 426 29.30 -36.44 2.24
N LYS F 427 28.86 -35.67 1.24
CA LYS F 427 29.55 -34.43 0.79
C LYS F 427 29.71 -33.48 1.97
N ALA F 428 28.68 -33.25 2.78
CA ALA F 428 28.81 -32.33 3.93
C ALA F 428 29.90 -32.83 4.87
N ARG F 429 29.92 -34.12 5.21
CA ARG F 429 30.92 -34.63 6.18
C ARG F 429 32.31 -34.48 5.56
N ARG F 430 32.45 -34.69 4.26
CA ARG F 430 33.74 -34.60 3.52
C ARG F 430 34.21 -33.13 3.56
N GLU F 431 33.33 -32.18 3.24
CA GLU F 431 33.68 -30.74 3.10
C GLU F 431 33.96 -30.15 4.49
N SER F 432 33.36 -30.70 5.54
CA SER F 432 33.63 -30.29 6.93
C SER F 432 35.14 -30.44 7.17
N LYS F 433 35.69 -31.62 6.88
CA LYS F 433 37.14 -31.88 7.11
C LYS F 433 37.99 -31.01 6.17
N LEU F 434 37.62 -30.92 4.90
CA LEU F 434 38.36 -30.12 3.90
C LEU F 434 38.43 -28.66 4.34
N ASN F 435 37.32 -28.13 4.87
CA ASN F 435 37.27 -26.73 5.33
C ASN F 435 38.36 -26.49 6.36
N THR F 436 38.45 -27.38 7.35
CA THR F 436 39.42 -27.21 8.46
C THR F 436 40.86 -27.38 7.95
N GLU F 437 41.07 -28.33 7.04
CA GLU F 437 42.42 -28.60 6.44
C GLU F 437 42.88 -27.37 5.65
N PHE F 438 41.99 -26.77 4.86
CA PHE F 438 42.37 -25.57 4.08
C PHE F 438 42.68 -24.41 5.04
N ALA F 439 41.87 -24.19 6.08
CA ALA F 439 42.09 -23.10 7.05
C ALA F 439 43.48 -23.28 7.68
N LYS F 440 43.87 -24.53 7.94
CA LYS F 440 45.20 -24.85 8.53
C LYS F 440 46.31 -24.54 7.50
N LYS F 441 46.16 -24.95 6.25
CA LYS F 441 47.15 -24.66 5.18
C LYS F 441 47.30 -23.14 5.08
N LEU F 442 46.18 -22.40 5.14
CA LEU F 442 46.19 -20.94 4.94
C LEU F 442 46.93 -20.27 6.12
N ARG F 443 46.55 -20.65 7.34
CA ARG F 443 47.22 -20.25 8.61
C ARG F 443 48.74 -20.43 8.42
N ASP F 444 49.17 -21.62 8.01
CA ASP F 444 50.60 -22.01 7.99
C ASP F 444 51.34 -21.21 6.91
N ALA F 445 50.75 -21.02 5.71
CA ALA F 445 51.35 -20.26 4.59
C ALA F 445 51.48 -18.79 5.02
N PHE F 446 50.46 -18.26 5.72
CA PHE F 446 50.51 -16.86 6.21
C PHE F 446 51.64 -16.71 7.25
N ASP F 447 51.77 -17.67 8.17
CA ASP F 447 52.76 -17.56 9.28
C ASP F 447 54.18 -17.79 8.72
N ALA F 448 54.32 -18.59 7.68
CA ALA F 448 55.61 -18.79 6.98
C ALA F 448 56.06 -17.46 6.35
N GLU F 449 55.17 -16.80 5.59
CA GLU F 449 55.38 -15.52 4.86
C GLU F 449 56.02 -14.46 5.78
CA CA G . -12.71 -30.24 -12.54
C1 FRU H . -6.30 -25.67 -12.11
C2 FRU H . -7.55 -24.90 -11.52
C3 FRU H . -8.84 -25.73 -11.45
C4 FRU H . -9.70 -25.05 -12.57
C5 FRU H . -8.67 -24.43 -13.52
C6 FRU H . -9.10 -23.28 -14.40
O1 FRU H . -5.92 -26.76 -11.30
O2 FRU H . -7.22 -24.28 -10.25
O3 FRU H . -9.60 -25.83 -10.17
O4 FRU H . -10.74 -25.88 -13.21
O5 FRU H . -7.74 -23.96 -12.60
O6 FRU H . -9.57 -22.17 -13.62
CA CA I . -29.84 6.74 17.28
C1 FRU J . -22.83 3.55 17.88
C2 FRU J . -23.00 3.89 16.38
C3 FRU J . -24.32 4.65 16.09
C4 FRU J . -25.13 3.58 15.33
C5 FRU J . -24.56 2.26 15.78
C6 FRU J . -24.76 1.05 14.88
O1 FRU J . -22.37 4.69 18.65
O2 FRU J . -21.85 4.56 15.84
O3 FRU J . -24.38 5.88 15.32
O4 FRU J . -26.59 3.65 15.49
O5 FRU J . -23.19 2.57 15.81
O6 FRU J . -24.16 1.22 13.58
CA CA K . 26.98 -21.49 -6.95
C1 FRU L . 19.29 -21.27 -5.50
C2 FRU L . 19.88 -19.83 -5.27
C3 FRU L . 21.39 -19.70 -5.61
C4 FRU L . 22.00 -19.50 -4.21
C5 FRU L . 20.98 -20.15 -3.27
C6 FRU L . 20.93 -19.78 -1.82
O1 FRU L . 18.93 -21.50 -6.87
O2 FRU L . 19.06 -18.71 -5.79
O3 FRU L . 21.87 -18.63 -6.51
O4 FRU L . 23.35 -19.98 -4.06
O5 FRU L . 19.78 -19.78 -3.85
O6 FRU L . 20.72 -18.39 -1.67
CA CA M . 20.17 28.45 -3.96
CA CA N . -11.11 17.74 -28.22
C1 FRU O . -7.00 18.35 -21.58
C2 FRU O . -7.69 16.94 -21.58
C3 FRU O . -8.48 16.67 -22.91
C4 FRU O . -9.93 16.70 -22.43
C5 FRU O . -9.90 17.57 -21.16
C6 FRU O . -11.13 17.33 -20.25
O1 FRU O . -5.78 18.35 -22.30
O2 FRU O . -6.80 15.92 -21.15
O3 FRU O . -8.33 15.44 -23.67
O4 FRU O . -10.99 17.10 -23.35
O5 FRU O . -8.71 17.16 -20.56
O6 FRU O . -11.12 16.08 -19.58
C1 FRU P . 15.35 23.57 -7.66
C2 FRU P . 15.64 22.99 -6.26
C3 FRU P . 16.51 23.92 -5.35
C4 FRU P . 17.80 23.09 -5.28
C5 FRU P . 17.81 22.26 -6.52
C6 FRU P . 18.61 20.95 -6.60
O1 FRU P . 14.43 24.65 -7.62
O2 FRU P . 14.44 22.57 -5.59
O3 FRU P . 16.15 24.29 -3.97
O4 FRU P . 19.03 23.87 -5.11
O5 FRU P . 16.45 21.89 -6.64
O6 FRU P . 18.21 19.99 -5.55
CA CA Q . 6.58 -1.15 34.44
C1 FRU R . 1.61 1.59 29.10
C2 FRU R . 2.83 0.98 28.33
C3 FRU R . 3.86 0.30 29.28
C4 FRU R . 5.06 1.27 29.19
C5 FRU R . 4.43 2.59 28.73
C6 FRU R . 5.34 3.60 28.06
O1 FRU R . 0.67 0.60 29.45
O2 FRU R . 2.43 0.15 27.21
O3 FRU R . 4.37 -1.08 28.97
O4 FRU R . 5.89 1.37 30.38
O5 FRU R . 3.44 2.20 27.80
O6 FRU R . 5.87 3.13 26.79
#